data_3M6S
#
_entry.id   3M6S
#
_cell.length_a   73.984
_cell.length_b   109.709
_cell.length_c   129.896
_cell.angle_alpha   86.25
_cell.angle_beta   74.68
_cell.angle_gamma   75.10
#
_symmetry.space_group_name_H-M   'P 1'
#
loop_
_entity.id
_entity.type
_entity.pdbx_description
1 polymer Hemagglutinin
2 polymer Hemagglutinin
3 branched 2-acetamido-2-deoxy-beta-D-glucopyranose-(1-4)-2-acetamido-2-deoxy-beta-D-glucopyranose
4 branched alpha-D-mannopyranose-(1-4)-2-acetamido-2-deoxy-beta-D-glucopyranose-(1-4)-2-acetamido-2-deoxy-beta-D-glucopyranose
5 non-polymer 2-acetamido-2-deoxy-beta-D-glucopyranose
#
loop_
_entity_poly.entity_id
_entity_poly.type
_entity_poly.pdbx_seq_one_letter_code
_entity_poly.pdbx_strand_id
1 'polypeptide(L)'
;ADPGDTLCIGYHANNSTDTVDTVLEKNVTVTHSVNLLEDKHNGKLCKLRGVAPLHLGKCNIAGWILGNPECESLSTASSW
SYIVETSSSDNGTCYPGDFIDYEELREQLSSVSSFERFEIFPKTSSWPNHDSNKGVTAACPHAGAKSFYKNLIWLVKKGN
SYPKLSKSYINDKGKEVLVLWGIHHPSTSADQQSLYQNADAYVFVGTSKYSKKFKPEIAIRPKVRDQEGRMNYYWTLVEP
GDKITFEATGNLVVPRYAFAMERNAGSGIIISDTPVHDCNTTCQTPKGAINTSLPFQNIHPITIGKCPKYVKSTKLRLAT
GLRNVPSIQSR
;
A,C,E,G,I,K
2 'polypeptide(L)'
;GLFGAIAGFIEGGWTGMVDGWYGYHHQNEQGSGYAADLKSTQNAIDEITNKVNSVIEKMNTQFTAVGKEFNHLEKRIENL
NKKIDDGFLDIWTYNAELLVLLENERTLDYHDSNVKNLYEKVRSQLKNNAKEIGNGCFEFYHKCDNTCMESVKNGTYDYP
KYSEEAKLNREEIDSGRLVPR
;
B,D,F,H,J,L
#
# COMPACT_ATOMS: atom_id res chain seq x y z
N ASP A 2 -40.66 52.43 -66.66
CA ASP A 2 -39.23 52.46 -66.29
C ASP A 2 -38.78 51.14 -65.68
N PRO A 3 -39.41 50.68 -64.56
CA PRO A 3 -38.93 49.54 -63.74
C PRO A 3 -39.16 48.12 -64.25
N GLY A 4 -38.08 47.33 -64.26
CA GLY A 4 -38.11 45.90 -64.59
C GLY A 4 -38.69 45.12 -63.43
N ASP A 5 -38.95 43.82 -63.61
CA ASP A 5 -39.66 43.03 -62.60
C ASP A 5 -38.83 42.96 -61.33
N THR A 6 -39.48 42.90 -60.15
CA THR A 6 -38.74 42.83 -58.88
C THR A 6 -38.96 41.55 -58.10
N LEU A 7 -37.87 40.87 -57.81
CA LEU A 7 -37.82 39.75 -56.84
C LEU A 7 -36.98 40.04 -55.55
N CYS A 8 -37.60 39.94 -54.37
CA CYS A 8 -36.92 40.25 -53.12
C CYS A 8 -36.71 39.03 -52.20
N ILE A 9 -35.60 39.02 -51.49
CA ILE A 9 -35.34 38.01 -50.47
C ILE A 9 -35.56 38.56 -49.06
N GLY A 10 -36.20 37.80 -48.19
CA GLY A 10 -36.51 38.30 -46.83
C GLY A 10 -36.79 37.20 -45.81
N TYR A 11 -37.33 37.58 -44.66
CA TYR A 11 -37.48 36.67 -43.55
C TYR A 11 -38.68 37.02 -42.68
N HIS A 12 -39.19 36.02 -41.94
CA HIS A 12 -40.40 36.15 -41.12
C HIS A 12 -40.27 37.21 -40.04
N ALA A 13 -41.39 37.89 -39.76
CA ALA A 13 -41.54 38.66 -38.53
C ALA A 13 -42.95 38.38 -37.99
N ASN A 14 -43.21 38.62 -36.69
CA ASN A 14 -44.57 38.34 -36.15
C ASN A 14 -45.02 39.09 -34.89
N ASN A 15 -46.16 38.63 -34.36
CA ASN A 15 -46.68 39.00 -33.03
C ASN A 15 -45.67 39.04 -31.88
N SER A 16 -44.81 38.01 -31.80
CA SER A 16 -44.02 37.65 -30.60
C SER A 16 -43.38 38.80 -29.82
N THR A 17 -43.35 38.63 -28.49
CA THR A 17 -42.65 39.58 -27.60
C THR A 17 -41.63 38.89 -26.72
N ASP A 18 -41.48 37.56 -26.87
CA ASP A 18 -40.44 36.80 -26.19
C ASP A 18 -39.07 37.41 -26.41
N THR A 19 -38.28 37.50 -25.34
CA THR A 19 -36.91 37.96 -25.47
C THR A 19 -35.93 36.88 -24.99
N VAL A 20 -34.74 36.86 -25.59
CA VAL A 20 -33.68 35.99 -25.13
C VAL A 20 -32.43 36.83 -24.94
N ASP A 21 -31.46 36.26 -24.25
CA ASP A 21 -30.16 36.89 -24.13
C ASP A 21 -29.15 36.06 -24.91
N THR A 22 -28.12 36.72 -25.41
CA THR A 22 -26.99 36.05 -26.06
C THR A 22 -25.76 36.57 -25.35
N VAL A 23 -24.57 36.07 -25.68
CA VAL A 23 -23.36 36.61 -25.04
C VAL A 23 -23.08 38.07 -25.40
N LEU A 24 -23.45 38.46 -26.63
CA LEU A 24 -23.22 39.82 -27.12
C LEU A 24 -24.34 40.82 -26.83
N GLU A 25 -25.57 40.33 -26.63
CA GLU A 25 -26.72 41.20 -26.50
C GLU A 25 -27.75 40.69 -25.49
N LYS A 26 -28.35 41.60 -24.74
CA LYS A 26 -29.44 41.25 -23.83
C LYS A 26 -30.76 41.61 -24.46
N ASN A 27 -31.80 40.84 -24.14
CA ASN A 27 -33.17 41.22 -24.45
C ASN A 27 -33.42 41.39 -25.95
N VAL A 28 -33.09 40.33 -26.71
CA VAL A 28 -33.33 40.33 -28.14
C VAL A 28 -34.66 39.64 -28.42
N THR A 29 -35.58 40.37 -29.04
CA THR A 29 -36.90 39.80 -29.39
C THR A 29 -36.71 38.77 -30.51
N VAL A 30 -37.32 37.61 -30.35
CA VAL A 30 -37.22 36.57 -31.37
C VAL A 30 -38.59 36.08 -31.79
N THR A 31 -38.67 35.45 -32.95
CA THR A 31 -39.95 35.00 -33.48
C THR A 31 -40.52 33.77 -32.78
N HIS A 32 -39.62 32.89 -32.37
CA HIS A 32 -39.95 31.60 -31.79
C HIS A 32 -38.86 31.21 -30.81
N SER A 33 -39.23 30.41 -29.82
CA SER A 33 -38.47 30.38 -28.59
C SER A 33 -39.00 29.26 -27.73
N VAL A 34 -38.12 28.64 -26.96
CA VAL A 34 -38.53 27.58 -26.04
C VAL A 34 -37.82 27.69 -24.67
N ASN A 35 -38.59 27.52 -23.58
CA ASN A 35 -38.04 27.60 -22.24
C ASN A 35 -37.41 26.27 -21.88
N LEU A 36 -36.21 26.32 -21.30
CA LEU A 36 -35.42 25.14 -20.99
C LEU A 36 -35.43 24.79 -19.48
N LEU A 37 -36.13 25.63 -18.70
CA LEU A 37 -36.10 25.58 -17.25
C LEU A 37 -37.51 25.31 -16.72
N GLU A 38 -37.67 24.20 -16.00
CA GLU A 38 -38.97 23.83 -15.49
C GLU A 38 -39.22 24.60 -14.20
N ASP A 39 -40.29 25.36 -14.15
CA ASP A 39 -40.57 26.15 -12.96
C ASP A 39 -41.95 25.89 -12.35
N LYS A 40 -42.64 24.87 -12.85
CA LYS A 40 -43.97 24.49 -12.37
C LYS A 40 -43.92 23.12 -11.68
N HIS A 41 -44.57 23.03 -10.52
CA HIS A 41 -44.81 21.75 -9.82
C HIS A 41 -46.31 21.61 -9.58
N ASN A 42 -46.79 20.42 -9.26
CA ASN A 42 -48.25 20.19 -9.11
C ASN A 42 -48.83 20.37 -7.68
N GLY A 43 -47.98 20.73 -6.71
CA GLY A 43 -48.40 20.97 -5.34
C GLY A 43 -48.86 19.75 -4.59
N LYS A 44 -48.45 18.55 -5.04
CA LYS A 44 -48.89 17.29 -4.44
C LYS A 44 -47.74 16.32 -4.12
N LEU A 45 -47.94 15.47 -3.12
CA LEU A 45 -47.02 14.36 -2.88
C LEU A 45 -47.54 13.08 -3.57
N CYS A 46 -46.77 12.52 -4.50
CA CYS A 46 -47.29 11.48 -5.39
C CYS A 46 -46.58 10.17 -5.28
N LYS A 47 -47.09 9.17 -6.00
CA LYS A 47 -46.43 7.88 -6.09
C LYS A 47 -45.19 7.99 -6.97
N LEU A 48 -44.12 7.37 -6.51
CA LEU A 48 -42.88 7.37 -7.23
C LEU A 48 -42.68 5.99 -7.80
N ARG A 49 -42.53 5.91 -9.12
CA ARG A 49 -42.48 4.63 -9.86
C ARG A 49 -43.71 3.81 -9.47
N GLY A 50 -44.87 4.47 -9.46
CA GLY A 50 -46.17 3.82 -9.23
C GLY A 50 -46.40 3.14 -7.88
N VAL A 51 -45.53 3.40 -6.90
CA VAL A 51 -45.80 2.96 -5.52
C VAL A 51 -45.82 4.16 -4.58
N ALA A 52 -46.83 4.17 -3.70
CA ALA A 52 -47.09 5.28 -2.79
C ALA A 52 -46.10 5.34 -1.62
N PRO A 53 -45.83 6.56 -1.11
CA PRO A 53 -45.01 6.73 0.07
C PRO A 53 -45.74 6.29 1.33
N LEU A 54 -44.98 6.11 2.42
CA LEU A 54 -45.55 5.83 3.72
C LEU A 54 -45.80 7.19 4.31
N HIS A 55 -47.02 7.46 4.71
CA HIS A 55 -47.28 8.76 5.30
C HIS A 55 -47.58 8.65 6.79
N LEU A 56 -46.74 9.26 7.63
CA LEU A 56 -46.79 9.05 9.08
C LEU A 56 -47.72 9.95 9.87
N GLY A 57 -48.05 11.13 9.34
CA GLY A 57 -49.04 12.00 10.00
C GLY A 57 -48.55 12.56 11.32
N LYS A 58 -49.27 12.24 12.40
CA LYS A 58 -48.89 12.60 13.77
C LYS A 58 -47.53 12.09 14.30
N CYS A 59 -46.87 11.14 13.63
CA CYS A 59 -45.76 10.41 14.24
C CYS A 59 -44.45 10.54 13.52
N ASN A 60 -43.36 10.51 14.30
CA ASN A 60 -42.03 10.10 13.93
C ASN A 60 -41.96 8.73 13.32
N ILE A 61 -40.86 8.47 12.62
CA ILE A 61 -40.44 7.09 12.39
C ILE A 61 -40.30 6.32 13.71
N ALA A 62 -39.66 6.93 14.69
CA ALA A 62 -39.47 6.33 16.00
C ALA A 62 -40.79 5.87 16.59
N GLY A 63 -41.77 6.78 16.66
CA GLY A 63 -43.07 6.41 17.19
C GLY A 63 -43.81 5.37 16.38
N TRP A 64 -43.68 5.42 15.07
CA TRP A 64 -44.24 4.39 14.23
C TRP A 64 -43.61 2.98 14.39
N ILE A 65 -42.28 2.80 14.32
CA ILE A 65 -41.77 1.42 14.51
C ILE A 65 -41.85 0.93 15.93
N LEU A 66 -41.73 1.82 16.92
CA LEU A 66 -41.83 1.34 18.28
C LEU A 66 -43.29 1.00 18.60
N GLY A 67 -44.19 1.65 17.89
CA GLY A 67 -45.59 1.45 18.18
C GLY A 67 -46.09 2.30 19.32
N ASN A 68 -45.76 3.59 19.27
CA ASN A 68 -46.38 4.57 20.14
C ASN A 68 -47.91 4.45 20.04
N PRO A 69 -48.63 4.60 21.16
CA PRO A 69 -50.09 4.39 21.13
C PRO A 69 -50.86 5.32 20.21
N GLU A 70 -50.31 6.47 19.86
CA GLU A 70 -51.01 7.39 18.98
C GLU A 70 -50.86 7.02 17.49
N CYS A 71 -50.01 6.05 17.18
CA CYS A 71 -49.56 5.82 15.82
C CYS A 71 -50.24 4.66 15.10
N GLU A 72 -51.27 4.10 15.70
CA GLU A 72 -51.94 2.98 15.03
C GLU A 72 -53.30 3.36 14.45
N SER A 73 -53.35 4.59 13.96
CA SER A 73 -54.42 5.06 13.08
C SER A 73 -53.88 4.87 11.67
N LEU A 74 -52.59 4.53 11.60
CA LEU A 74 -51.89 4.30 10.33
C LEU A 74 -52.14 2.87 9.82
N SER A 75 -52.75 2.78 8.62
CA SER A 75 -52.77 1.53 7.83
C SER A 75 -51.34 1.24 7.34
N THR A 76 -50.85 0.06 7.73
CA THR A 76 -49.45 -0.33 7.57
C THR A 76 -49.30 -1.19 6.28
N ALA A 77 -48.73 -0.58 5.23
CA ALA A 77 -48.67 -1.20 3.87
C ALA A 77 -47.40 -2.01 3.81
N SER A 78 -47.33 -2.92 2.84
CA SER A 78 -46.17 -3.78 2.78
C SER A 78 -45.12 -3.24 1.82
N SER A 79 -45.30 -2.01 1.38
CA SER A 79 -44.45 -1.46 0.34
C SER A 79 -44.51 0.06 0.37
N TRP A 80 -43.36 0.74 0.22
CA TRP A 80 -43.37 2.17 0.03
C TRP A 80 -42.14 2.65 -0.71
N SER A 81 -42.26 3.81 -1.34
CA SER A 81 -41.18 4.31 -2.20
C SER A 81 -40.36 5.42 -1.53
N TYR A 82 -40.95 6.01 -0.50
CA TYR A 82 -40.23 6.96 0.34
C TYR A 82 -41.12 7.25 1.54
N ILE A 83 -40.62 8.00 2.52
CA ILE A 83 -41.39 8.25 3.74
C ILE A 83 -41.68 9.73 3.93
N VAL A 84 -42.92 10.03 4.30
CA VAL A 84 -43.32 11.40 4.57
C VAL A 84 -43.62 11.61 6.05
N GLU A 85 -42.90 12.52 6.68
CA GLU A 85 -43.29 13.08 7.99
C GLU A 85 -43.78 14.51 7.82
N THR A 86 -44.63 14.97 8.73
CA THR A 86 -45.14 16.35 8.65
C THR A 86 -44.47 17.22 9.72
N SER A 87 -44.70 18.54 9.64
CA SER A 87 -44.17 19.50 10.64
C SER A 87 -44.83 19.27 12.00
N SER A 88 -45.91 18.48 11.97
CA SER A 88 -46.67 18.10 13.15
C SER A 88 -46.34 16.63 13.63
N SER A 89 -45.25 16.05 13.11
CA SER A 89 -44.91 14.67 13.40
C SER A 89 -44.12 14.61 14.66
N ASP A 90 -44.85 14.31 15.73
CA ASP A 90 -44.48 14.72 17.08
C ASP A 90 -44.50 13.62 18.14
N ASN A 91 -45.28 12.59 17.89
CA ASN A 91 -45.32 11.43 18.77
C ASN A 91 -44.28 10.41 18.36
N GLY A 92 -43.36 10.15 19.27
CA GLY A 92 -42.15 9.40 18.96
C GLY A 92 -41.82 8.56 20.17
N THR A 93 -40.59 8.65 20.68
CA THR A 93 -40.29 7.95 21.94
C THR A 93 -40.95 8.66 23.12
N CYS A 94 -42.06 8.14 23.64
CA CYS A 94 -42.77 8.84 24.71
C CYS A 94 -42.14 8.66 26.11
N TYR A 95 -41.45 7.54 26.32
CA TYR A 95 -40.58 7.43 27.48
C TYR A 95 -39.22 7.91 27.09
N PRO A 96 -38.72 8.99 27.72
CA PRO A 96 -37.47 9.66 27.27
C PRO A 96 -36.21 8.79 27.29
N GLY A 97 -35.32 8.97 26.32
CA GLY A 97 -34.04 8.25 26.23
C GLY A 97 -33.35 8.44 24.88
N ASP A 98 -32.17 7.85 24.65
CA ASP A 98 -31.60 7.85 23.30
C ASP A 98 -32.16 6.72 22.47
N PHE A 99 -32.35 7.04 21.20
CA PHE A 99 -32.60 6.04 20.19
C PHE A 99 -31.24 5.86 19.45
N ILE A 100 -30.55 4.74 19.64
CA ILE A 100 -29.22 4.62 19.12
C ILE A 100 -29.28 4.40 17.61
N ASP A 101 -28.42 5.08 16.87
CA ASP A 101 -28.32 4.89 15.42
C ASP A 101 -29.67 5.05 14.79
N TYR A 102 -30.41 5.98 15.37
CA TYR A 102 -31.71 6.42 14.84
C TYR A 102 -31.71 6.87 13.39
N GLU A 103 -30.82 7.80 13.01
CA GLU A 103 -30.77 8.33 11.64
C GLU A 103 -30.44 7.23 10.65
N GLU A 104 -29.54 6.31 11.03
CA GLU A 104 -29.23 5.16 10.19
C GLU A 104 -30.48 4.27 10.00
N LEU A 105 -31.28 4.13 11.05
CA LEU A 105 -32.46 3.33 10.94
C LEU A 105 -33.41 3.98 9.96
N ARG A 106 -33.49 5.31 10.00
CA ARG A 106 -34.48 5.97 9.12
C ARG A 106 -34.01 5.86 7.66
N GLU A 107 -32.69 5.90 7.47
CA GLU A 107 -32.15 5.68 6.15
C GLU A 107 -32.49 4.30 5.67
N GLN A 108 -32.36 3.31 6.55
CA GLN A 108 -32.45 1.95 6.09
C GLN A 108 -33.87 1.53 5.76
N LEU A 109 -34.83 2.31 6.25
CA LEU A 109 -36.24 1.98 6.30
C LEU A 109 -36.97 2.86 5.28
N SER A 110 -36.18 3.74 4.67
CA SER A 110 -36.56 4.66 3.59
C SER A 110 -37.53 4.13 2.57
N SER A 111 -37.30 2.89 2.17
CA SER A 111 -37.91 2.33 1.00
C SER A 111 -37.71 0.85 1.10
N VAL A 112 -38.81 0.12 1.09
CA VAL A 112 -38.76 -1.32 1.25
C VAL A 112 -39.68 -1.84 0.21
N SER A 113 -39.28 -2.94 -0.43
CA SER A 113 -40.16 -3.57 -1.41
C SER A 113 -41.08 -4.62 -0.78
N SER A 114 -40.85 -4.94 0.49
CA SER A 114 -41.70 -5.88 1.18
C SER A 114 -41.49 -5.64 2.67
N PHE A 115 -42.58 -5.62 3.43
CA PHE A 115 -42.52 -5.24 4.84
C PHE A 115 -43.65 -5.89 5.61
N GLU A 116 -43.34 -6.71 6.59
CA GLU A 116 -44.37 -7.43 7.31
C GLU A 116 -44.09 -7.47 8.81
N ARG A 117 -45.09 -7.05 9.58
CA ARG A 117 -45.01 -7.03 11.03
C ARG A 117 -45.53 -8.34 11.61
N PHE A 118 -44.81 -8.93 12.57
CA PHE A 118 -45.19 -10.21 13.14
C PHE A 118 -44.75 -10.32 14.61
N GLU A 119 -45.37 -11.24 15.34
CA GLU A 119 -45.10 -11.38 16.76
C GLU A 119 -43.93 -12.37 16.97
N ILE A 120 -42.69 -11.89 17.11
CA ILE A 120 -41.57 -12.82 17.40
C ILE A 120 -41.69 -13.53 18.73
N PHE A 121 -42.05 -12.78 19.76
CA PHE A 121 -42.24 -13.33 21.08
C PHE A 121 -43.67 -13.10 21.54
N PRO A 122 -44.57 -14.08 21.25
CA PRO A 122 -45.98 -13.94 21.63
C PRO A 122 -46.15 -13.63 23.13
N LYS A 123 -46.82 -12.53 23.44
CA LYS A 123 -46.98 -12.05 24.81
C LYS A 123 -47.61 -13.10 25.73
N THR A 124 -48.58 -13.80 25.17
CA THR A 124 -49.40 -14.71 25.93
C THR A 124 -48.60 -15.91 26.47
N SER A 125 -47.53 -16.32 25.78
CA SER A 125 -46.81 -17.57 26.14
C SER A 125 -45.29 -17.45 26.27
N SER A 126 -44.74 -16.25 26.16
CA SER A 126 -43.29 -16.10 26.10
C SER A 126 -42.60 -15.88 27.46
N TRP A 127 -43.35 -15.38 28.44
CA TRP A 127 -42.74 -14.92 29.68
C TRP A 127 -43.49 -15.44 30.92
N PRO A 128 -43.40 -16.75 31.15
CA PRO A 128 -44.20 -17.35 32.23
C PRO A 128 -43.65 -17.05 33.62
N ASN A 129 -42.41 -16.59 33.68
CA ASN A 129 -41.75 -16.25 34.95
C ASN A 129 -41.53 -14.80 35.21
N HIS A 130 -42.17 -13.95 34.41
CA HIS A 130 -42.09 -12.50 34.58
C HIS A 130 -43.44 -11.86 34.34
N ASP A 131 -43.59 -10.63 34.82
CA ASP A 131 -44.84 -9.90 34.72
C ASP A 131 -44.93 -9.07 33.42
N SER A 132 -45.84 -9.46 32.55
CA SER A 132 -45.95 -8.83 31.26
C SER A 132 -47.15 -7.88 31.15
N ASN A 133 -47.88 -7.68 32.26
CA ASN A 133 -49.05 -6.79 32.28
C ASN A 133 -48.94 -5.46 32.99
N LYS A 134 -48.08 -5.36 34.00
CA LYS A 134 -47.89 -4.09 34.70
C LYS A 134 -46.76 -3.30 34.08
N GLY A 135 -46.63 -3.21 32.76
CA GLY A 135 -45.47 -2.52 32.22
C GLY A 135 -45.94 -1.33 31.45
N VAL A 136 -46.39 -0.31 32.18
CA VAL A 136 -47.28 0.70 31.65
C VAL A 136 -46.97 2.02 32.38
N THR A 137 -47.13 3.16 31.72
CA THR A 137 -46.65 4.41 32.31
C THR A 137 -47.50 5.61 31.93
N ALA A 138 -47.46 6.64 32.75
CA ALA A 138 -48.11 7.94 32.46
C ALA A 138 -47.41 8.67 31.33
N ALA A 139 -46.18 8.27 31.01
CA ALA A 139 -45.43 8.88 29.94
C ALA A 139 -45.98 8.51 28.57
N CYS A 140 -46.66 7.36 28.49
CA CYS A 140 -47.28 6.92 27.24
C CYS A 140 -48.75 6.64 27.42
N PRO A 141 -49.59 7.70 27.48
CA PRO A 141 -51.05 7.50 27.70
C PRO A 141 -51.83 7.08 26.44
N HIS A 142 -52.82 6.21 26.62
CA HIS A 142 -53.72 5.87 25.52
C HIS A 142 -55.08 6.46 25.79
N ALA A 143 -56.11 5.64 25.92
CA ALA A 143 -57.49 6.15 26.00
C ALA A 143 -57.73 6.76 27.38
N GLY A 144 -56.90 7.74 27.73
CA GLY A 144 -56.90 8.28 29.10
C GLY A 144 -56.06 7.52 30.12
N ALA A 145 -55.83 6.23 29.90
CA ALA A 145 -55.08 5.38 30.86
C ALA A 145 -53.58 5.29 30.57
N LYS A 146 -52.82 4.90 31.59
CA LYS A 146 -51.40 4.53 31.43
C LYS A 146 -51.20 3.40 30.42
N SER A 147 -50.21 3.52 29.54
CA SER A 147 -50.06 2.56 28.46
C SER A 147 -48.56 2.42 28.11
N PHE A 148 -48.25 1.75 27.00
CA PHE A 148 -46.90 1.53 26.56
C PHE A 148 -46.87 1.31 25.06
N TYR A 149 -45.68 1.10 24.50
CA TYR A 149 -45.54 0.88 23.07
C TYR A 149 -46.23 -0.41 22.75
N LYS A 150 -46.83 -0.50 21.56
CA LYS A 150 -47.46 -1.76 21.15
C LYS A 150 -46.42 -2.85 20.82
N ASN A 151 -45.23 -2.48 20.36
CA ASN A 151 -44.34 -3.44 19.78
C ASN A 151 -43.31 -3.98 20.75
N LEU A 152 -43.28 -3.45 21.96
CA LEU A 152 -42.34 -3.89 22.99
C LEU A 152 -43.14 -4.20 24.22
N ILE A 153 -42.58 -5.01 25.11
CA ILE A 153 -43.19 -5.24 26.41
C ILE A 153 -42.17 -4.92 27.50
N TRP A 154 -42.65 -4.20 28.51
CA TRP A 154 -41.82 -3.81 29.63
C TRP A 154 -41.96 -4.86 30.73
N LEU A 155 -41.15 -5.91 30.69
CA LEU A 155 -41.24 -6.95 31.73
C LEU A 155 -40.74 -6.45 33.09
N VAL A 156 -41.43 -6.88 34.14
CA VAL A 156 -41.19 -6.44 35.52
C VAL A 156 -41.17 -7.72 36.34
N LYS A 157 -40.62 -7.69 37.56
CA LYS A 157 -40.59 -8.91 38.41
C LYS A 157 -41.99 -9.45 38.76
N LYS A 158 -42.07 -10.78 38.89
CA LYS A 158 -43.32 -11.46 39.29
C LYS A 158 -43.22 -11.75 40.78
N GLY A 159 -44.10 -11.11 41.56
CA GLY A 159 -43.99 -11.24 43.01
C GLY A 159 -42.63 -10.71 43.41
N ASN A 160 -41.79 -11.59 43.98
CA ASN A 160 -40.54 -11.18 44.61
C ASN A 160 -39.28 -11.66 43.94
N SER A 161 -39.45 -12.13 42.72
CA SER A 161 -38.37 -12.76 41.99
C SER A 161 -38.24 -12.27 40.55
N TYR A 162 -37.00 -12.08 40.13
CA TYR A 162 -36.74 -11.87 38.72
C TYR A 162 -35.72 -12.88 38.34
N PRO A 163 -36.19 -14.06 37.90
CA PRO A 163 -35.24 -15.09 37.54
C PRO A 163 -34.54 -14.72 36.24
N LYS A 164 -33.35 -15.26 36.04
CA LYS A 164 -32.62 -15.12 34.79
C LYS A 164 -33.49 -15.51 33.57
N LEU A 165 -33.69 -14.55 32.70
CA LEU A 165 -34.55 -14.71 31.53
C LEU A 165 -33.68 -15.12 30.34
N SER A 166 -34.19 -15.98 29.48
CA SER A 166 -33.42 -16.40 28.32
C SER A 166 -34.32 -16.82 27.17
N LYS A 167 -34.13 -16.21 26.02
CA LYS A 167 -35.08 -16.34 24.94
C LYS A 167 -34.46 -16.09 23.57
N SER A 168 -34.68 -17.01 22.64
CA SER A 168 -34.12 -16.86 21.28
C SER A 168 -35.15 -16.87 20.17
N TYR A 169 -34.75 -16.29 19.05
CA TYR A 169 -35.52 -16.40 17.84
C TYR A 169 -34.58 -16.74 16.66
N ILE A 170 -34.91 -17.75 15.85
CA ILE A 170 -34.17 -18.04 14.62
C ILE A 170 -34.92 -17.41 13.45
N ASN A 171 -34.23 -16.63 12.62
CA ASN A 171 -34.88 -16.00 11.46
C ASN A 171 -35.20 -16.95 10.32
N ASP A 172 -36.45 -17.41 10.31
CA ASP A 172 -36.91 -18.28 9.24
C ASP A 172 -37.67 -17.54 8.16
N LYS A 173 -37.60 -16.22 8.15
CA LYS A 173 -38.47 -15.48 7.24
C LYS A 173 -37.98 -15.36 5.79
N GLY A 174 -36.73 -15.76 5.52
CA GLY A 174 -36.20 -15.70 4.14
C GLY A 174 -35.79 -14.31 3.72
N LYS A 175 -36.23 -13.29 4.47
CA LYS A 175 -35.75 -11.91 4.32
C LYS A 175 -35.05 -11.56 5.60
N GLU A 176 -34.56 -10.33 5.72
CA GLU A 176 -34.01 -9.91 6.99
C GLU A 176 -35.07 -9.42 7.92
N VAL A 177 -34.89 -9.53 9.22
CA VAL A 177 -35.87 -9.02 10.16
C VAL A 177 -35.26 -8.03 11.12
N LEU A 178 -36.00 -6.94 11.28
CA LEU A 178 -35.63 -5.85 12.12
C LEU A 178 -36.21 -6.11 13.48
N VAL A 179 -35.37 -6.19 14.49
CA VAL A 179 -35.90 -6.34 15.83
C VAL A 179 -35.43 -5.19 16.67
N LEU A 180 -36.34 -4.62 17.47
CA LEU A 180 -36.03 -3.55 18.38
C LEU A 180 -36.28 -3.96 19.83
N TRP A 181 -35.54 -3.35 20.76
CA TRP A 181 -35.71 -3.66 22.19
C TRP A 181 -35.30 -2.42 22.93
N GLY A 182 -35.57 -2.40 24.25
CA GLY A 182 -35.19 -1.26 25.04
C GLY A 182 -34.46 -1.68 26.29
N ILE A 183 -33.59 -0.81 26.80
CA ILE A 183 -33.12 -1.02 28.17
C ILE A 183 -33.47 0.18 29.10
N HIS A 184 -34.00 -0.15 30.27
CA HIS A 184 -34.55 0.85 31.19
C HIS A 184 -33.59 1.18 32.30
N HIS A 185 -33.41 2.48 32.55
CA HIS A 185 -32.50 2.94 33.60
C HIS A 185 -33.33 3.65 34.68
N PRO A 186 -33.60 2.95 35.78
CA PRO A 186 -34.31 3.60 36.83
C PRO A 186 -33.59 4.79 37.41
N SER A 187 -34.39 5.52 38.16
CA SER A 187 -34.10 6.76 38.79
C SER A 187 -33.26 6.57 40.08
N THR A 188 -33.62 5.54 40.86
CA THR A 188 -33.08 5.27 42.21
C THR A 188 -32.95 3.77 42.49
N SER A 189 -32.09 3.41 43.44
CA SER A 189 -31.98 1.99 43.92
C SER A 189 -33.29 1.38 44.38
N ALA A 190 -34.11 2.20 45.07
CA ALA A 190 -35.43 1.81 45.51
C ALA A 190 -36.30 1.44 44.29
N ASP A 191 -36.17 2.20 43.19
CA ASP A 191 -36.96 1.94 42.01
C ASP A 191 -36.46 0.67 41.34
N GLN A 192 -35.14 0.58 41.17
CA GLN A 192 -34.53 -0.59 40.55
C GLN A 192 -35.01 -1.84 41.24
N GLN A 193 -34.90 -1.87 42.55
CA GLN A 193 -35.26 -3.06 43.31
C GLN A 193 -36.78 -3.32 43.25
N SER A 194 -37.54 -2.26 43.36
CA SER A 194 -38.96 -2.34 43.28
C SER A 194 -39.41 -2.95 41.94
N LEU A 195 -38.76 -2.60 40.83
CA LEU A 195 -39.17 -3.11 39.50
C LEU A 195 -38.61 -4.48 39.11
N TYR A 196 -37.35 -4.72 39.44
CA TYR A 196 -36.61 -5.91 38.99
C TYR A 196 -35.96 -6.77 40.10
N GLN A 197 -36.17 -6.38 41.36
CA GLN A 197 -35.61 -7.04 42.55
C GLN A 197 -34.09 -6.95 42.62
N ASN A 198 -33.42 -7.48 41.62
CA ASN A 198 -31.98 -7.55 41.65
C ASN A 198 -31.31 -6.22 41.42
N ALA A 199 -30.76 -5.62 42.47
CA ALA A 199 -29.71 -4.60 42.26
C ALA A 199 -28.68 -5.33 41.42
N ASP A 200 -27.87 -4.62 40.64
CA ASP A 200 -26.87 -5.37 39.87
C ASP A 200 -27.43 -6.35 38.79
N ALA A 201 -28.47 -5.93 38.08
CA ALA A 201 -28.98 -6.69 36.95
C ALA A 201 -28.08 -6.43 35.76
N TYR A 202 -28.20 -7.26 34.73
CA TYR A 202 -27.51 -7.04 33.43
C TYR A 202 -28.37 -7.57 32.30
N VAL A 203 -28.06 -7.12 31.10
CA VAL A 203 -28.72 -7.59 29.89
C VAL A 203 -27.68 -7.95 28.85
N PHE A 204 -27.90 -9.05 28.17
CA PHE A 204 -27.05 -9.33 27.03
C PHE A 204 -27.86 -9.65 25.75
N VAL A 205 -27.42 -9.17 24.59
CA VAL A 205 -28.15 -9.40 23.34
C VAL A 205 -27.15 -9.85 22.33
N GLY A 206 -27.48 -10.86 21.53
CA GLY A 206 -26.48 -11.47 20.65
C GLY A 206 -27.01 -12.02 19.33
N THR A 207 -26.23 -11.90 18.27
CA THR A 207 -26.50 -12.64 17.04
C THR A 207 -25.17 -13.24 16.58
N SER A 208 -25.02 -13.50 15.28
CA SER A 208 -23.75 -13.94 14.76
C SER A 208 -22.76 -12.80 14.62
N LYS A 209 -23.27 -11.57 14.49
CA LYS A 209 -22.42 -10.41 14.28
C LYS A 209 -22.54 -9.39 15.40
N TYR A 210 -23.67 -9.41 16.12
CA TYR A 210 -23.92 -8.45 17.16
C TYR A 210 -23.69 -9.10 18.50
N SER A 211 -23.14 -8.34 19.45
CA SER A 211 -22.97 -8.80 20.82
C SER A 211 -22.80 -7.57 21.70
N LYS A 212 -23.64 -7.43 22.73
CA LYS A 212 -23.54 -6.30 23.63
C LYS A 212 -24.15 -6.60 24.98
N LYS A 213 -23.43 -6.21 26.03
CA LYS A 213 -23.88 -6.31 27.42
C LYS A 213 -24.37 -4.93 27.86
N PHE A 214 -25.42 -4.88 28.66
CA PHE A 214 -25.90 -3.59 29.11
C PHE A 214 -26.07 -3.66 30.63
N LYS A 215 -25.70 -2.59 31.30
CA LYS A 215 -25.95 -2.47 32.71
C LYS A 215 -26.79 -1.24 32.99
N PRO A 216 -27.68 -1.29 34.00
CA PRO A 216 -28.47 -0.12 34.36
C PRO A 216 -27.60 1.01 34.86
N GLU A 217 -27.85 2.22 34.36
CA GLU A 217 -27.22 3.41 34.87
C GLU A 217 -28.22 4.12 35.75
N ILE A 218 -28.13 3.87 37.05
CA ILE A 218 -29.12 4.39 38.03
C ILE A 218 -28.81 5.80 38.57
N ALA A 219 -29.67 6.76 38.26
CA ALA A 219 -29.45 8.14 38.67
C ALA A 219 -30.66 8.96 38.35
N ILE A 220 -30.79 10.12 38.96
CA ILE A 220 -31.91 10.97 38.60
C ILE A 220 -31.59 12.03 37.53
N ARG A 221 -32.26 11.90 36.39
CA ARG A 221 -32.16 12.86 35.29
C ARG A 221 -33.21 13.93 35.45
N PRO A 222 -32.99 15.10 34.84
CA PRO A 222 -34.08 16.07 34.80
C PRO A 222 -35.35 15.45 34.18
N LYS A 223 -36.50 15.87 34.73
CA LYS A 223 -37.82 15.35 34.35
C LYS A 223 -38.17 15.65 32.91
N VAL A 224 -38.56 14.61 32.19
CA VAL A 224 -39.12 14.75 30.85
C VAL A 224 -40.38 13.87 30.83
N ARG A 225 -41.48 14.44 30.33
CA ARG A 225 -42.82 13.81 30.39
C ARG A 225 -42.98 13.09 31.75
N ASP A 226 -42.55 13.78 32.80
CA ASP A 226 -42.72 13.34 34.19
C ASP A 226 -41.77 12.22 34.66
N GLN A 227 -40.80 11.88 33.83
CA GLN A 227 -39.86 10.79 34.18
C GLN A 227 -38.49 11.26 34.56
N GLU A 228 -37.92 10.67 35.60
CA GLU A 228 -36.54 10.97 36.03
C GLU A 228 -35.57 9.87 35.67
N GLY A 229 -36.09 8.68 35.37
CA GLY A 229 -35.37 7.60 34.70
C GLY A 229 -35.31 7.81 33.20
N ARG A 230 -34.73 6.84 32.48
CA ARG A 230 -34.64 6.90 31.01
C ARG A 230 -34.75 5.49 30.42
N MET A 231 -35.08 5.41 29.12
CA MET A 231 -35.02 4.18 28.34
C MET A 231 -34.21 4.35 27.08
N ASN A 232 -33.25 3.48 26.83
CA ASN A 232 -32.60 3.53 25.54
C ASN A 232 -33.17 2.50 24.56
N TYR A 233 -33.23 2.88 23.29
CA TYR A 233 -33.83 2.03 22.30
C TYR A 233 -32.73 1.53 21.38
N TYR A 234 -32.77 0.25 21.09
CA TYR A 234 -31.80 -0.38 20.24
C TYR A 234 -32.49 -1.19 19.16
N TRP A 235 -31.78 -1.39 18.04
CA TRP A 235 -32.27 -2.24 16.95
C TRP A 235 -31.14 -2.96 16.24
N THR A 236 -31.45 -4.08 15.60
CA THR A 236 -30.50 -4.75 14.74
C THR A 236 -31.22 -5.49 13.63
N LEU A 237 -30.52 -5.73 12.51
CA LEU A 237 -31.10 -6.51 11.42
C LEU A 237 -30.59 -7.94 11.45
N VAL A 238 -31.47 -8.92 11.68
CA VAL A 238 -31.08 -10.33 11.75
C VAL A 238 -31.19 -10.95 10.37
N GLU A 239 -30.05 -11.38 9.82
CA GLU A 239 -30.02 -12.02 8.49
C GLU A 239 -30.76 -13.34 8.50
N PRO A 240 -31.21 -13.78 7.31
CA PRO A 240 -31.92 -15.05 7.15
C PRO A 240 -31.09 -16.19 7.64
N GLY A 241 -31.66 -17.04 8.50
CA GLY A 241 -30.94 -18.17 9.04
C GLY A 241 -30.22 -17.89 10.35
N ASP A 242 -30.01 -16.61 10.66
CA ASP A 242 -29.33 -16.25 11.87
C ASP A 242 -30.31 -16.28 13.04
N LYS A 243 -29.77 -16.25 14.26
CA LYS A 243 -30.55 -16.33 15.48
C LYS A 243 -30.24 -15.13 16.38
N ILE A 244 -31.24 -14.60 17.09
CA ILE A 244 -30.98 -13.52 18.08
C ILE A 244 -31.35 -13.97 19.50
N THR A 245 -30.44 -13.82 20.47
CA THR A 245 -30.82 -14.26 21.82
C THR A 245 -30.75 -13.11 22.81
N PHE A 246 -31.67 -13.14 23.75
CA PHE A 246 -31.76 -12.16 24.80
C PHE A 246 -31.46 -12.87 26.11
N GLU A 247 -30.76 -12.20 27.00
CA GLU A 247 -30.52 -12.77 28.31
C GLU A 247 -30.60 -11.61 29.28
N ALA A 248 -31.22 -11.79 30.44
CA ALA A 248 -31.45 -10.67 31.32
C ALA A 248 -31.80 -11.08 32.75
N THR A 249 -31.30 -10.29 33.70
CA THR A 249 -31.76 -10.30 35.11
C THR A 249 -32.43 -8.99 35.60
N GLY A 250 -32.78 -8.10 34.67
CA GLY A 250 -33.62 -6.94 34.97
C GLY A 250 -33.46 -5.96 33.83
N ASN A 251 -34.28 -4.91 33.83
CA ASN A 251 -34.10 -3.78 32.97
C ASN A 251 -34.31 -3.98 31.45
N LEU A 252 -34.69 -5.17 31.02
CA LEU A 252 -34.89 -5.39 29.59
C LEU A 252 -36.32 -5.18 29.19
N VAL A 253 -36.54 -4.26 28.25
CA VAL A 253 -37.82 -4.04 27.59
C VAL A 253 -37.73 -4.86 26.32
N VAL A 254 -38.58 -5.87 26.26
CA VAL A 254 -38.40 -7.01 25.39
C VAL A 254 -39.15 -6.78 24.09
N PRO A 255 -38.68 -7.37 22.99
CA PRO A 255 -39.48 -7.27 21.75
C PRO A 255 -40.79 -8.05 21.84
N ARG A 256 -41.82 -7.50 21.21
CA ARG A 256 -43.07 -8.25 21.01
C ARG A 256 -43.35 -8.47 19.52
N TYR A 257 -43.32 -7.39 18.73
CA TYR A 257 -43.42 -7.49 17.29
C TYR A 257 -42.10 -7.13 16.64
N ALA A 258 -41.71 -7.81 15.57
CA ALA A 258 -40.56 -7.42 14.76
C ALA A 258 -40.99 -7.23 13.33
N PHE A 259 -40.05 -6.96 12.42
CA PHE A 259 -40.44 -6.70 11.01
C PHE A 259 -39.63 -7.43 9.98
N ALA A 260 -40.28 -8.30 9.21
CA ALA A 260 -39.61 -8.95 8.07
C ALA A 260 -39.61 -7.97 6.92
N MET A 261 -38.49 -7.79 6.24
CA MET A 261 -38.44 -6.79 5.18
C MET A 261 -37.37 -7.01 4.17
N GLU A 262 -37.54 -6.37 3.01
CA GLU A 262 -36.57 -6.41 1.93
C GLU A 262 -36.23 -4.94 1.63
N ARG A 263 -35.04 -4.46 1.99
CA ARG A 263 -34.64 -3.07 1.72
C ARG A 263 -34.50 -2.81 0.22
N ASN A 264 -34.59 -1.54 -0.15
CA ASN A 264 -34.63 -1.22 -1.56
C ASN A 264 -33.32 -0.80 -2.17
N ALA A 265 -32.91 0.43 -1.85
CA ALA A 265 -31.82 1.14 -2.50
C ALA A 265 -32.03 2.54 -1.96
N GLY A 266 -31.44 3.52 -2.64
CA GLY A 266 -31.45 4.91 -2.13
C GLY A 266 -32.80 5.61 -2.26
N SER A 267 -33.60 5.56 -1.18
CA SER A 267 -34.72 6.54 -1.11
C SER A 267 -34.49 7.53 0.00
N GLY A 268 -35.52 8.26 0.37
CA GLY A 268 -35.34 9.29 1.38
C GLY A 268 -36.60 9.65 2.14
N ILE A 269 -36.45 10.55 3.10
CA ILE A 269 -37.56 10.90 3.92
C ILE A 269 -37.83 12.36 3.61
N ILE A 270 -39.07 12.71 3.25
CA ILE A 270 -39.34 14.16 3.15
C ILE A 270 -40.26 14.63 4.28
N ILE A 271 -39.93 15.76 4.89
CA ILE A 271 -40.80 16.32 5.94
C ILE A 271 -41.57 17.44 5.26
N SER A 272 -42.87 17.33 5.19
CA SER A 272 -43.63 18.30 4.42
C SER A 272 -45.10 18.28 4.75
N ASP A 273 -45.76 19.43 4.59
CA ASP A 273 -47.20 19.50 4.81
C ASP A 273 -48.03 19.49 3.54
N THR A 274 -47.36 19.33 2.41
CA THR A 274 -48.04 19.13 1.13
C THR A 274 -48.89 17.85 1.21
N PRO A 275 -50.14 17.89 0.73
CA PRO A 275 -51.00 16.70 0.86
C PRO A 275 -50.59 15.57 -0.06
N VAL A 276 -50.87 14.34 0.33
CA VAL A 276 -50.50 13.19 -0.51
C VAL A 276 -51.68 12.80 -1.40
N HIS A 277 -51.39 12.58 -2.69
CA HIS A 277 -52.41 12.21 -3.68
C HIS A 277 -52.20 10.90 -4.45
N ASP A 278 -53.31 10.32 -4.89
CA ASP A 278 -53.27 9.24 -5.88
C ASP A 278 -52.87 9.92 -7.19
N CYS A 279 -51.69 9.59 -7.71
CA CYS A 279 -50.98 10.54 -8.54
C CYS A 279 -49.62 9.92 -8.86
N ASN A 280 -49.24 9.95 -10.13
CA ASN A 280 -47.99 9.33 -10.59
C ASN A 280 -46.85 10.33 -10.94
N THR A 281 -45.63 10.12 -10.46
CA THR A 281 -44.51 11.01 -10.82
C THR A 281 -43.17 10.27 -10.90
N THR A 282 -42.18 10.92 -11.50
CA THR A 282 -40.86 10.31 -11.60
C THR A 282 -39.83 11.17 -10.87
N CYS A 283 -40.29 12.36 -10.45
CA CYS A 283 -39.50 13.29 -9.65
C CYS A 283 -40.38 13.98 -8.58
N GLN A 284 -39.96 13.88 -7.33
CA GLN A 284 -40.73 14.39 -6.20
C GLN A 284 -39.94 15.37 -5.34
N THR A 285 -40.58 16.47 -4.93
CA THR A 285 -39.93 17.47 -4.09
C THR A 285 -40.86 17.77 -2.92
N PRO A 286 -40.35 18.40 -1.85
CA PRO A 286 -41.22 18.67 -0.71
C PRO A 286 -42.38 19.64 -1.00
N LYS A 287 -42.29 20.38 -2.10
CA LYS A 287 -43.32 21.32 -2.49
C LYS A 287 -44.36 20.69 -3.39
N GLY A 288 -43.96 19.66 -4.14
CA GLY A 288 -44.83 19.05 -5.15
C GLY A 288 -44.03 18.28 -6.17
N ALA A 289 -44.72 17.56 -7.04
CA ALA A 289 -44.07 16.74 -8.05
C ALA A 289 -43.77 17.55 -9.33
N ILE A 290 -42.77 17.12 -10.06
CA ILE A 290 -42.36 17.71 -11.30
C ILE A 290 -42.51 16.65 -12.40
N ASN A 291 -43.39 16.94 -13.36
CA ASN A 291 -43.51 16.11 -14.55
C ASN A 291 -42.88 16.85 -15.72
N THR A 292 -41.62 16.53 -16.01
CA THR A 292 -40.93 17.26 -17.09
C THR A 292 -39.90 16.53 -17.93
N SER A 293 -39.83 16.99 -19.15
CA SER A 293 -38.87 16.55 -20.10
C SER A 293 -37.57 17.36 -19.96
N LEU A 294 -37.66 18.55 -19.35
CA LEU A 294 -36.61 19.56 -19.41
C LEU A 294 -35.43 19.26 -18.51
N PRO A 295 -34.23 19.76 -18.87
CA PRO A 295 -33.03 19.40 -18.11
C PRO A 295 -32.84 20.17 -16.80
N PHE A 296 -33.48 21.31 -16.63
CA PHE A 296 -33.19 22.09 -15.42
C PHE A 296 -34.44 22.46 -14.67
N GLN A 297 -34.33 22.62 -13.36
CA GLN A 297 -35.48 23.10 -12.56
C GLN A 297 -35.02 24.02 -11.42
N ASN A 298 -35.89 24.95 -11.01
CA ASN A 298 -35.56 25.87 -9.91
C ASN A 298 -36.60 25.83 -8.80
N ILE A 299 -37.25 24.68 -8.69
CA ILE A 299 -38.29 24.47 -7.70
C ILE A 299 -37.71 24.15 -6.34
N HIS A 300 -36.77 23.23 -6.27
CA HIS A 300 -36.23 22.79 -4.98
C HIS A 300 -34.93 21.99 -5.15
N PRO A 301 -33.91 22.27 -4.29
CA PRO A 301 -32.65 21.53 -4.38
C PRO A 301 -32.76 20.08 -3.93
N ILE A 302 -33.69 19.77 -3.03
CA ILE A 302 -33.72 18.40 -2.51
C ILE A 302 -34.90 17.55 -3.01
N THR A 303 -34.62 16.74 -4.02
CA THR A 303 -35.59 15.99 -4.79
C THR A 303 -35.39 14.49 -4.60
N ILE A 304 -36.37 13.70 -5.00
CA ILE A 304 -36.21 12.25 -4.96
C ILE A 304 -36.72 11.70 -6.27
N GLY A 305 -35.94 10.85 -6.92
CA GLY A 305 -36.40 10.28 -8.15
C GLY A 305 -35.39 10.60 -9.20
N LYS A 306 -35.84 10.69 -10.43
CA LYS A 306 -35.00 10.84 -11.59
C LYS A 306 -35.23 12.26 -12.12
N CYS A 307 -34.45 13.22 -11.64
CA CYS A 307 -34.81 14.64 -11.70
C CYS A 307 -34.00 15.56 -12.64
N PRO A 308 -34.60 16.70 -13.03
CA PRO A 308 -33.81 17.75 -13.65
C PRO A 308 -32.81 18.34 -12.65
N LYS A 309 -31.68 18.83 -13.15
CA LYS A 309 -30.68 19.38 -12.28
C LYS A 309 -31.19 20.71 -11.70
N TYR A 310 -31.03 20.87 -10.40
CA TYR A 310 -31.45 22.11 -9.76
C TYR A 310 -30.55 23.30 -10.10
N VAL A 311 -31.13 24.43 -10.48
CA VAL A 311 -30.34 25.66 -10.77
C VAL A 311 -30.95 26.86 -10.10
N LYS A 312 -30.18 27.94 -10.07
CA LYS A 312 -30.55 29.16 -9.35
C LYS A 312 -31.22 30.17 -10.29
N SER A 313 -31.20 29.91 -11.59
CA SER A 313 -31.77 30.85 -12.56
C SER A 313 -33.30 30.98 -12.54
N THR A 314 -33.79 32.08 -13.11
CA THR A 314 -35.21 32.35 -13.15
C THR A 314 -35.79 32.15 -14.54
N LYS A 315 -34.98 32.35 -15.57
CA LYS A 315 -35.40 32.03 -16.94
C LYS A 315 -34.23 31.46 -17.74
N LEU A 316 -34.50 30.46 -18.59
CA LEU A 316 -33.47 29.93 -19.51
C LEU A 316 -34.10 29.73 -20.88
N ARG A 317 -34.29 30.83 -21.60
CA ARG A 317 -35.05 30.80 -22.83
C ARG A 317 -34.10 30.62 -23.98
N LEU A 318 -34.34 29.56 -24.74
CA LEU A 318 -33.58 29.22 -25.94
C LEU A 318 -34.30 29.80 -27.16
N ALA A 319 -33.57 30.53 -27.99
CA ALA A 319 -34.10 31.04 -29.27
C ALA A 319 -34.24 29.90 -30.29
N THR A 320 -35.39 29.80 -30.97
CA THR A 320 -35.49 28.83 -32.07
C THR A 320 -35.70 29.53 -33.38
N GLY A 321 -36.43 30.64 -33.34
CA GLY A 321 -36.65 31.44 -34.52
C GLY A 321 -35.55 32.46 -34.67
N LEU A 322 -35.85 33.52 -35.41
CA LEU A 322 -34.83 34.52 -35.72
C LEU A 322 -35.15 35.82 -35.04
N ARG A 323 -34.21 36.76 -35.13
CA ARG A 323 -34.43 38.09 -34.59
C ARG A 323 -35.71 38.65 -35.20
N ASN A 324 -36.57 39.24 -34.37
CA ASN A 324 -37.88 39.69 -34.82
C ASN A 324 -37.84 41.19 -35.10
N VAL A 325 -37.94 41.53 -36.37
CA VAL A 325 -37.87 42.94 -36.77
C VAL A 325 -39.10 43.39 -37.56
N PRO A 326 -40.21 43.73 -36.87
CA PRO A 326 -41.27 44.36 -37.69
C PRO A 326 -41.08 45.86 -37.86
N LEU B 2 -21.19 36.57 -37.32
CA LEU B 2 -22.27 37.31 -38.06
C LEU B 2 -21.96 37.47 -39.55
N PHE B 3 -23.00 37.30 -40.36
CA PHE B 3 -22.88 37.18 -41.81
C PHE B 3 -23.35 38.42 -42.59
N GLY B 4 -23.90 39.40 -41.85
CA GLY B 4 -24.19 40.73 -42.38
C GLY B 4 -25.52 40.93 -43.09
N ALA B 5 -26.36 39.91 -43.07
CA ALA B 5 -27.66 39.95 -43.79
C ALA B 5 -28.84 40.44 -42.96
N ILE B 6 -29.26 39.64 -42.00
CA ILE B 6 -30.37 39.97 -41.11
C ILE B 6 -30.04 41.19 -40.26
N ALA B 7 -30.94 42.18 -40.29
CA ALA B 7 -30.69 43.53 -39.74
C ALA B 7 -29.36 44.09 -40.21
N GLY B 8 -29.02 43.79 -41.46
CA GLY B 8 -27.76 44.19 -42.06
C GLY B 8 -28.05 44.88 -43.38
N PHE B 9 -27.66 44.23 -44.47
CA PHE B 9 -27.92 44.79 -45.78
C PHE B 9 -29.34 44.48 -46.22
N ILE B 10 -30.00 43.55 -45.56
CA ILE B 10 -31.44 43.38 -45.66
C ILE B 10 -32.01 43.82 -44.33
N GLU B 11 -32.38 45.10 -44.24
CA GLU B 11 -32.60 45.78 -42.94
C GLU B 11 -33.80 45.36 -42.09
N GLY B 12 -34.82 44.77 -42.69
CA GLY B 12 -36.04 44.44 -41.96
C GLY B 12 -36.60 43.08 -42.28
N GLY B 13 -37.52 42.62 -41.44
CA GLY B 13 -38.20 41.36 -41.64
C GLY B 13 -39.56 41.56 -42.30
N TRP B 14 -40.21 40.47 -42.67
CA TRP B 14 -41.51 40.50 -43.34
C TRP B 14 -42.63 39.86 -42.54
N THR B 15 -43.52 40.65 -41.97
CA THR B 15 -44.67 40.06 -41.27
C THR B 15 -45.63 39.42 -42.27
N GLY B 16 -45.47 39.83 -43.53
CA GLY B 16 -46.29 39.35 -44.64
C GLY B 16 -46.05 37.91 -45.06
N MET B 17 -44.84 37.39 -44.80
CA MET B 17 -44.51 36.01 -45.16
C MET B 17 -44.76 35.10 -43.95
N VAL B 18 -45.81 34.28 -44.03
CA VAL B 18 -46.29 33.55 -42.86
C VAL B 18 -46.03 32.05 -42.89
N ASP B 19 -45.66 31.51 -44.05
CA ASP B 19 -45.49 30.06 -44.20
C ASP B 19 -44.04 29.58 -44.21
N GLY B 20 -43.12 30.37 -43.65
CA GLY B 20 -41.74 29.96 -43.56
C GLY B 20 -40.84 30.98 -42.92
N TRP B 21 -39.60 30.59 -42.69
CA TRP B 21 -38.61 31.42 -42.03
C TRP B 21 -37.90 32.33 -43.00
N TYR B 22 -37.58 31.80 -44.19
CA TYR B 22 -36.94 32.57 -45.25
C TYR B 22 -37.73 32.46 -46.56
N GLY B 23 -37.63 33.48 -47.40
CA GLY B 23 -38.30 33.41 -48.69
C GLY B 23 -38.13 34.59 -49.62
N TYR B 24 -39.12 34.78 -50.47
CA TYR B 24 -39.03 35.73 -51.56
C TYR B 24 -40.24 36.63 -51.65
N HIS B 25 -40.03 37.81 -52.21
CA HIS B 25 -41.13 38.67 -52.64
C HIS B 25 -40.93 39.07 -54.09
N HIS B 26 -41.77 38.56 -54.97
CA HIS B 26 -41.67 38.96 -56.35
C HIS B 26 -42.66 40.07 -56.64
N GLN B 27 -42.45 40.74 -57.77
CA GLN B 27 -43.35 41.74 -58.30
C GLN B 27 -43.07 41.77 -59.79
N ASN B 28 -44.01 41.26 -60.56
CA ASN B 28 -43.92 41.35 -62.00
C ASN B 28 -45.20 41.92 -62.63
N GLU B 29 -45.56 41.42 -63.79
CA GLU B 29 -46.71 41.89 -64.52
C GLU B 29 -47.99 41.21 -64.09
N GLN B 30 -47.86 39.98 -63.60
CA GLN B 30 -49.02 39.17 -63.28
C GLN B 30 -49.48 39.35 -61.84
N GLY B 31 -48.68 40.03 -61.03
CA GLY B 31 -49.03 40.30 -59.66
C GLY B 31 -47.81 40.29 -58.77
N SER B 32 -48.05 40.42 -57.47
CA SER B 32 -46.98 40.40 -56.50
C SER B 32 -47.40 39.54 -55.33
N GLY B 33 -46.42 39.12 -54.54
CA GLY B 33 -46.69 38.31 -53.36
C GLY B 33 -45.46 37.72 -52.70
N TYR B 34 -45.69 37.07 -51.57
CA TYR B 34 -44.66 36.40 -50.81
C TYR B 34 -44.74 34.90 -50.99
N ALA B 35 -43.59 34.24 -51.02
CA ALA B 35 -43.53 32.78 -50.99
C ALA B 35 -42.32 32.36 -50.17
N ALA B 36 -42.52 31.49 -49.18
CA ALA B 36 -41.41 31.01 -48.38
C ALA B 36 -40.59 30.02 -49.21
N ASP B 37 -39.27 30.04 -49.04
CA ASP B 37 -38.42 28.98 -49.61
C ASP B 37 -38.66 27.73 -48.79
N LEU B 38 -39.33 26.74 -49.36
CA LEU B 38 -39.66 25.55 -48.59
C LEU B 38 -38.46 24.72 -48.18
N LYS B 39 -37.55 24.44 -49.11
CA LYS B 39 -36.43 23.53 -48.90
C LYS B 39 -35.49 24.02 -47.79
N SER B 40 -35.12 25.29 -47.82
CA SER B 40 -34.16 25.78 -46.84
C SER B 40 -34.83 26.09 -45.50
N THR B 41 -36.12 26.38 -45.54
CA THR B 41 -36.89 26.53 -44.32
C THR B 41 -36.99 25.16 -43.66
N GLN B 42 -37.38 24.15 -44.41
CA GLN B 42 -37.57 22.83 -43.85
C GLN B 42 -36.26 22.34 -43.25
N ASN B 43 -35.17 22.55 -43.99
CA ASN B 43 -33.87 22.12 -43.54
C ASN B 43 -33.52 22.77 -42.20
N ALA B 44 -33.84 24.04 -42.06
CA ALA B 44 -33.50 24.77 -40.85
C ALA B 44 -34.31 24.29 -39.66
N ILE B 45 -35.60 24.05 -39.85
CA ILE B 45 -36.41 23.56 -38.73
C ILE B 45 -35.96 22.15 -38.28
N ASP B 46 -35.49 21.35 -39.23
CA ASP B 46 -34.89 20.08 -38.88
C ASP B 46 -33.67 20.26 -37.96
N GLU B 47 -32.74 21.11 -38.38
CA GLU B 47 -31.49 21.27 -37.68
C GLU B 47 -31.71 21.91 -36.31
N ILE B 48 -32.61 22.88 -36.22
CA ILE B 48 -32.88 23.53 -34.96
C ILE B 48 -33.65 22.61 -33.98
N THR B 49 -34.56 21.79 -34.49
CA THR B 49 -35.15 20.73 -33.67
C THR B 49 -34.05 19.83 -33.11
N ASN B 50 -33.13 19.41 -33.96
CA ASN B 50 -32.01 18.61 -33.48
C ASN B 50 -31.26 19.29 -32.34
N LYS B 51 -30.97 20.58 -32.51
CA LYS B 51 -30.26 21.33 -31.50
C LYS B 51 -30.97 21.30 -30.16
N VAL B 52 -32.25 21.56 -30.18
CA VAL B 52 -33.05 21.50 -28.97
C VAL B 52 -33.07 20.10 -28.36
N ASN B 53 -33.37 19.10 -29.16
CA ASN B 53 -33.34 17.71 -28.65
C ASN B 53 -31.99 17.27 -28.05
N SER B 54 -30.88 17.77 -28.61
CA SER B 54 -29.57 17.43 -28.13
C SER B 54 -29.37 17.99 -26.75
N VAL B 55 -29.57 19.29 -26.61
CA VAL B 55 -29.47 19.95 -25.32
C VAL B 55 -30.34 19.31 -24.20
N ILE B 56 -31.49 18.77 -24.60
CA ILE B 56 -32.38 18.04 -23.68
C ILE B 56 -32.02 16.58 -23.41
N GLU B 57 -31.84 15.80 -24.48
CA GLU B 57 -31.66 14.34 -24.39
C GLU B 57 -30.29 13.81 -23.91
N LYS B 58 -29.25 14.65 -23.93
CA LYS B 58 -27.92 14.28 -23.52
C LYS B 58 -27.79 14.23 -22.02
N MET B 59 -28.75 14.87 -21.34
CA MET B 59 -28.82 14.89 -19.88
C MET B 59 -29.15 13.50 -19.34
N ASN B 60 -28.11 12.78 -18.89
CA ASN B 60 -28.24 11.43 -18.32
C ASN B 60 -28.70 11.63 -16.90
N THR B 61 -29.76 10.95 -16.49
CA THR B 61 -30.21 11.25 -15.11
C THR B 61 -30.44 10.07 -14.16
N GLN B 62 -29.68 10.06 -13.08
CA GLN B 62 -29.67 8.94 -12.09
C GLN B 62 -30.87 8.99 -11.15
N PHE B 63 -31.46 7.85 -10.81
CA PHE B 63 -32.38 7.93 -9.69
C PHE B 63 -31.60 8.23 -8.41
N THR B 64 -31.88 9.36 -7.77
CA THR B 64 -31.24 9.62 -6.49
C THR B 64 -32.15 10.34 -5.50
N ALA B 65 -31.85 10.23 -4.21
CA ALA B 65 -32.49 10.99 -3.17
C ALA B 65 -31.53 11.99 -2.52
N VAL B 66 -31.60 13.25 -2.92
CA VAL B 66 -30.69 14.28 -2.45
C VAL B 66 -30.58 14.41 -0.94
N GLY B 67 -31.71 14.44 -0.23
CA GLY B 67 -31.74 14.77 1.18
C GLY B 67 -31.08 13.76 2.07
N LYS B 68 -30.46 14.26 3.14
CA LYS B 68 -29.82 13.42 4.16
C LYS B 68 -30.10 13.98 5.55
N GLU B 69 -30.31 13.13 6.55
CA GLU B 69 -30.56 13.67 7.91
C GLU B 69 -29.39 13.46 8.88
N PHE B 70 -29.00 14.53 9.56
CA PHE B 70 -27.92 14.41 10.55
C PHE B 70 -28.26 14.87 11.94
N ASN B 71 -27.61 14.20 12.85
CA ASN B 71 -27.89 14.30 14.24
C ASN B 71 -27.08 15.49 14.85
N HIS B 72 -27.42 15.94 16.05
CA HIS B 72 -26.79 17.16 16.59
C HIS B 72 -25.26 17.09 16.79
N LEU B 73 -24.69 15.88 16.72
CA LEU B 73 -23.24 15.69 16.89
C LEU B 73 -22.60 15.32 15.56
N GLU B 74 -23.26 15.65 14.46
CA GLU B 74 -22.74 15.35 13.15
C GLU B 74 -22.73 16.59 12.28
N LYS B 75 -22.47 17.76 12.87
CA LYS B 75 -22.54 19.01 12.09
C LYS B 75 -21.52 19.01 10.95
N ARG B 76 -20.36 18.40 11.20
CA ARG B 76 -19.31 18.36 10.19
C ARG B 76 -19.75 17.66 8.93
N ILE B 77 -20.26 16.43 9.03
CA ILE B 77 -20.73 15.72 7.83
C ILE B 77 -21.98 16.35 7.25
N GLU B 78 -22.85 16.91 8.12
CA GLU B 78 -23.97 17.73 7.62
C GLU B 78 -23.45 18.80 6.68
N ASN B 79 -22.38 19.46 7.11
CA ASN B 79 -21.76 20.54 6.35
C ASN B 79 -21.00 20.11 5.11
N LEU B 80 -20.33 18.98 5.22
CA LEU B 80 -19.81 18.28 4.05
C LEU B 80 -20.91 18.07 3.01
N ASN B 81 -22.01 17.49 3.45
CA ASN B 81 -23.13 17.28 2.58
C ASN B 81 -23.63 18.54 1.92
N LYS B 82 -23.79 19.61 2.71
CA LYS B 82 -24.19 20.92 2.20
C LYS B 82 -23.22 21.40 1.13
N LYS B 83 -21.93 21.19 1.37
CA LYS B 83 -20.88 21.55 0.40
C LYS B 83 -21.03 20.84 -0.93
N ILE B 84 -21.40 19.55 -0.91
CA ILE B 84 -21.56 18.92 -2.21
C ILE B 84 -22.80 19.37 -2.96
N ASP B 85 -23.89 19.66 -2.23
CA ASP B 85 -25.09 20.22 -2.87
C ASP B 85 -24.79 21.57 -3.49
N ASP B 86 -24.11 22.42 -2.72
CA ASP B 86 -23.83 23.78 -3.17
C ASP B 86 -22.86 23.81 -4.31
N GLY B 87 -21.90 22.89 -4.27
CA GLY B 87 -20.92 22.72 -5.36
C GLY B 87 -21.61 22.43 -6.69
N PHE B 88 -22.54 21.48 -6.68
CA PHE B 88 -23.28 21.10 -7.87
C PHE B 88 -24.15 22.25 -8.35
N LEU B 89 -24.75 22.97 -7.40
CA LEU B 89 -25.60 24.07 -7.74
C LEU B 89 -24.78 25.07 -8.48
N ASP B 90 -23.58 25.36 -8.01
CA ASP B 90 -22.76 26.36 -8.71
C ASP B 90 -22.31 25.87 -10.08
N ILE B 91 -21.98 24.59 -10.24
CA ILE B 91 -21.61 24.23 -11.60
C ILE B 91 -22.78 24.06 -12.57
N TRP B 92 -23.87 23.49 -12.13
CA TRP B 92 -25.00 23.47 -13.03
C TRP B 92 -25.56 24.85 -13.37
N THR B 93 -25.57 25.78 -12.42
CA THR B 93 -26.10 27.09 -12.74
C THR B 93 -25.20 27.75 -13.80
N TYR B 94 -23.91 27.79 -13.54
CA TYR B 94 -22.97 28.42 -14.48
C TYR B 94 -23.03 27.83 -15.89
N ASN B 95 -22.95 26.52 -16.00
CA ASN B 95 -23.01 25.88 -17.31
C ASN B 95 -24.30 26.13 -18.03
N ALA B 96 -25.42 26.04 -17.31
CA ALA B 96 -26.71 26.25 -17.96
C ALA B 96 -26.84 27.66 -18.54
N GLU B 97 -26.46 28.67 -17.76
CA GLU B 97 -26.50 30.04 -18.21
C GLU B 97 -25.61 30.26 -19.41
N LEU B 98 -24.38 29.76 -19.33
CA LEU B 98 -23.47 29.98 -20.43
C LEU B 98 -23.84 29.18 -21.66
N LEU B 99 -24.40 27.99 -21.45
CA LEU B 99 -24.86 27.18 -22.56
C LEU B 99 -25.88 27.92 -23.38
N VAL B 100 -26.86 28.46 -22.69
CA VAL B 100 -27.93 29.24 -23.32
C VAL B 100 -27.37 30.45 -24.05
N LEU B 101 -26.51 31.23 -23.38
CA LEU B 101 -25.90 32.37 -24.04
C LEU B 101 -25.15 31.97 -25.31
N LEU B 102 -24.29 30.95 -25.25
CA LEU B 102 -23.48 30.56 -26.42
C LEU B 102 -24.34 30.02 -27.54
N GLU B 103 -25.25 29.14 -27.23
CA GLU B 103 -26.15 28.64 -28.28
C GLU B 103 -27.06 29.65 -28.93
N ASN B 104 -27.53 30.63 -28.18
CA ASN B 104 -28.37 31.69 -28.76
C ASN B 104 -27.63 32.57 -29.79
N GLU B 105 -26.48 33.02 -29.38
CA GLU B 105 -25.57 33.68 -30.26
C GLU B 105 -25.38 32.89 -31.57
N ARG B 106 -25.29 31.57 -31.47
CA ARG B 106 -24.97 30.77 -32.64
C ARG B 106 -26.19 30.48 -33.51
N THR B 107 -27.33 30.36 -32.85
CA THR B 107 -28.60 30.19 -33.54
C THR B 107 -28.98 31.44 -34.36
N LEU B 108 -28.74 32.61 -33.79
CA LEU B 108 -28.98 33.82 -34.54
C LEU B 108 -28.04 33.94 -35.73
N ASP B 109 -26.78 33.57 -35.54
CA ASP B 109 -25.81 33.58 -36.63
C ASP B 109 -26.07 32.53 -37.68
N TYR B 110 -26.70 31.44 -37.26
CA TYR B 110 -27.08 30.36 -38.17
C TYR B 110 -28.08 30.86 -39.17
N HIS B 111 -29.08 31.57 -38.66
CA HIS B 111 -30.14 32.15 -39.49
C HIS B 111 -29.62 33.23 -40.44
N ASP B 112 -28.76 34.11 -39.91
CA ASP B 112 -28.08 35.11 -40.70
C ASP B 112 -27.38 34.40 -41.89
N SER B 113 -26.68 33.32 -41.59
CA SER B 113 -25.97 32.55 -42.60
C SER B 113 -26.89 31.98 -43.68
N ASN B 114 -28.05 31.49 -43.26
CA ASN B 114 -28.98 30.89 -44.22
C ASN B 114 -29.51 31.91 -45.18
N VAL B 115 -29.86 33.08 -44.64
CA VAL B 115 -30.36 34.21 -45.46
C VAL B 115 -29.29 34.70 -46.47
N LYS B 116 -28.08 34.93 -45.98
CA LYS B 116 -26.99 35.31 -46.83
C LYS B 116 -26.74 34.29 -47.96
N ASN B 117 -26.93 33.01 -47.67
CA ASN B 117 -26.68 31.99 -48.67
C ASN B 117 -27.78 31.92 -49.69
N LEU B 118 -28.97 32.31 -49.27
CA LEU B 118 -30.12 32.30 -50.15
C LEU B 118 -30.00 33.45 -51.14
N TYR B 119 -29.56 34.57 -50.62
CA TYR B 119 -29.24 35.72 -51.42
C TYR B 119 -28.14 35.39 -52.44
N GLU B 120 -27.05 34.78 -52.00
CA GLU B 120 -25.96 34.49 -52.94
C GLU B 120 -26.31 33.43 -53.96
N LYS B 121 -27.18 32.50 -53.57
CA LYS B 121 -27.70 31.47 -54.47
C LYS B 121 -28.38 32.12 -55.67
N VAL B 122 -29.01 33.27 -55.42
CA VAL B 122 -29.72 34.02 -56.46
C VAL B 122 -28.80 34.91 -57.28
N ARG B 123 -27.94 35.70 -56.62
CA ARG B 123 -27.02 36.56 -57.33
C ARG B 123 -26.17 35.73 -58.29
N SER B 124 -25.84 34.53 -57.84
CA SER B 124 -25.01 33.58 -58.58
C SER B 124 -25.63 33.25 -59.96
N GLN B 125 -26.95 33.13 -59.97
CA GLN B 125 -27.72 32.64 -61.08
C GLN B 125 -27.97 33.75 -62.12
N LEU B 126 -28.36 34.92 -61.66
CA LEU B 126 -28.79 35.98 -62.54
C LEU B 126 -27.61 36.72 -63.16
N LYS B 127 -26.54 36.88 -62.37
CA LYS B 127 -25.37 37.66 -62.78
C LYS B 127 -25.76 39.06 -63.26
N ASN B 128 -25.33 39.43 -64.46
CA ASN B 128 -25.68 40.76 -64.98
C ASN B 128 -26.98 40.84 -65.80
N ASN B 129 -27.85 39.85 -65.65
CA ASN B 129 -29.21 39.95 -66.16
C ASN B 129 -30.12 40.73 -65.22
N ALA B 130 -29.61 41.02 -64.02
CA ALA B 130 -30.35 41.79 -63.01
C ALA B 130 -29.45 42.82 -62.30
N LYS B 131 -30.05 43.90 -61.82
CA LYS B 131 -29.35 44.93 -61.09
C LYS B 131 -29.48 44.68 -59.60
N GLU B 132 -28.35 44.56 -58.90
CA GLU B 132 -28.42 44.52 -57.42
C GLU B 132 -28.80 45.89 -56.88
N ILE B 133 -30.01 46.00 -56.36
CA ILE B 133 -30.49 47.26 -55.79
C ILE B 133 -29.98 47.48 -54.37
N GLY B 134 -29.61 46.39 -53.70
CA GLY B 134 -29.31 46.44 -52.27
C GLY B 134 -30.60 46.24 -51.52
N ASN B 135 -30.53 45.97 -50.23
CA ASN B 135 -31.70 45.54 -49.47
C ASN B 135 -32.19 44.10 -49.84
N GLY B 136 -31.31 43.31 -50.46
CA GLY B 136 -31.68 41.97 -50.90
C GLY B 136 -32.63 41.91 -52.10
N CYS B 137 -32.74 42.99 -52.86
CA CYS B 137 -33.58 42.96 -54.05
C CYS B 137 -32.77 42.96 -55.35
N PHE B 138 -33.31 42.27 -56.34
CA PHE B 138 -32.78 42.30 -57.69
C PHE B 138 -33.80 42.89 -58.66
N GLU B 139 -33.35 43.82 -59.49
CA GLU B 139 -34.20 44.34 -60.55
C GLU B 139 -33.77 43.68 -61.84
N PHE B 140 -34.70 42.94 -62.46
CA PHE B 140 -34.43 42.29 -63.74
C PHE B 140 -34.32 43.28 -64.91
N TYR B 141 -33.34 43.06 -65.75
CA TYR B 141 -33.18 43.82 -67.00
C TYR B 141 -34.07 43.28 -68.12
N HIS B 142 -34.95 42.34 -67.79
CA HIS B 142 -35.87 41.74 -68.75
C HIS B 142 -37.18 41.31 -68.11
N LYS B 143 -38.16 40.96 -68.95
CA LYS B 143 -39.42 40.45 -68.45
C LYS B 143 -39.20 39.11 -67.72
N CYS B 144 -39.68 39.02 -66.48
CA CYS B 144 -39.63 37.75 -65.73
C CYS B 144 -40.97 37.35 -65.13
N ASP B 145 -41.66 36.46 -65.83
CA ASP B 145 -43.02 36.06 -65.50
C ASP B 145 -43.00 35.02 -64.41
N ASN B 146 -44.17 34.51 -64.03
CA ASN B 146 -44.29 33.54 -62.95
C ASN B 146 -43.48 32.26 -63.16
N THR B 147 -43.39 31.79 -64.41
CA THR B 147 -42.56 30.61 -64.72
C THR B 147 -41.06 30.93 -64.67
N CYS B 148 -40.66 32.10 -65.16
CA CYS B 148 -39.30 32.57 -64.99
C CYS B 148 -38.94 32.73 -63.51
N MET B 149 -39.83 33.36 -62.73
CA MET B 149 -39.62 33.55 -61.28
C MET B 149 -39.33 32.25 -60.59
N GLU B 150 -40.04 31.19 -60.98
CA GLU B 150 -39.90 29.91 -60.28
C GLU B 150 -38.64 29.15 -60.67
N SER B 151 -38.20 29.39 -61.90
CA SER B 151 -36.93 28.86 -62.37
C SER B 151 -35.79 29.44 -61.53
N VAL B 152 -35.96 30.63 -61.02
CA VAL B 152 -34.95 31.21 -60.14
C VAL B 152 -35.04 30.56 -58.77
N LYS B 153 -36.27 30.38 -58.29
CA LYS B 153 -36.52 29.89 -56.94
C LYS B 153 -35.97 28.48 -56.69
N ASN B 154 -35.92 27.65 -57.73
CA ASN B 154 -35.35 26.31 -57.54
C ASN B 154 -34.07 26.08 -58.35
N GLY B 155 -33.32 27.14 -58.59
CA GLY B 155 -31.98 27.02 -59.14
C GLY B 155 -31.85 26.70 -60.60
N THR B 156 -32.94 26.74 -61.36
CA THR B 156 -32.89 26.39 -62.79
C THR B 156 -33.06 27.58 -63.72
N TYR B 157 -32.55 28.75 -63.31
CA TYR B 157 -32.64 29.94 -64.15
C TYR B 157 -31.77 29.76 -65.41
N ASP B 158 -32.29 30.16 -66.57
CA ASP B 158 -31.58 30.01 -67.82
C ASP B 158 -30.97 31.35 -68.17
N TYR B 159 -29.69 31.51 -67.83
CA TYR B 159 -29.00 32.78 -68.10
C TYR B 159 -28.95 33.21 -69.61
N PRO B 160 -28.48 32.31 -70.52
CA PRO B 160 -28.33 32.70 -71.95
C PRO B 160 -29.65 33.13 -72.60
N LYS B 161 -30.73 32.41 -72.26
CA LYS B 161 -32.08 32.68 -72.76
C LYS B 161 -32.44 34.17 -72.78
N TYR B 162 -31.99 34.88 -71.74
CA TYR B 162 -32.38 36.28 -71.55
C TYR B 162 -31.27 37.33 -71.76
N SER B 163 -30.04 36.88 -71.99
CA SER B 163 -28.89 37.79 -72.04
C SER B 163 -28.99 38.95 -73.03
N GLU B 164 -29.51 38.71 -74.24
CA GLU B 164 -29.64 39.76 -75.25
C GLU B 164 -30.62 40.84 -74.81
N GLU B 165 -31.80 40.40 -74.36
CA GLU B 165 -32.87 41.29 -73.96
C GLU B 165 -32.33 42.20 -72.85
N ALA B 166 -31.66 41.56 -71.89
CA ALA B 166 -31.13 42.21 -70.69
C ALA B 166 -30.08 43.26 -71.07
N LYS B 167 -29.14 42.85 -71.92
CA LYS B 167 -28.03 43.73 -72.28
C LYS B 167 -28.45 44.96 -73.07
N LEU B 168 -29.53 44.82 -73.84
CA LEU B 168 -30.15 45.97 -74.52
C LEU B 168 -30.63 47.02 -73.51
N ASN B 169 -31.34 46.56 -72.48
CA ASN B 169 -31.90 47.46 -71.43
C ASN B 169 -30.85 48.02 -70.49
N ARG B 170 -29.65 47.45 -70.55
CA ARG B 170 -28.60 47.76 -69.60
C ARG B 170 -27.78 48.97 -70.07
N GLY C 4 -13.60 25.85 -73.61
CA GLY C 4 -12.60 26.78 -72.97
C GLY C 4 -11.81 26.08 -71.87
N ASP C 5 -10.65 26.62 -71.51
CA ASP C 5 -9.89 26.03 -70.38
C ASP C 5 -10.48 26.44 -69.02
N THR C 6 -10.62 25.47 -68.13
CA THR C 6 -11.38 25.62 -66.89
C THR C 6 -10.55 25.28 -65.64
N LEU C 7 -10.71 26.05 -64.57
CA LEU C 7 -10.12 25.76 -63.24
C LEU C 7 -11.23 25.59 -62.23
N CYS C 8 -11.16 24.52 -61.46
CA CYS C 8 -12.22 24.26 -60.47
C CYS C 8 -11.71 24.13 -59.04
N ILE C 9 -12.46 24.70 -58.08
CA ILE C 9 -12.15 24.58 -56.66
C ILE C 9 -13.00 23.45 -56.11
N GLY C 10 -12.40 22.62 -55.27
CA GLY C 10 -13.08 21.47 -54.67
C GLY C 10 -12.44 20.96 -53.40
N TYR C 11 -12.92 19.83 -52.92
CA TYR C 11 -12.51 19.32 -51.63
C TYR C 11 -12.50 17.78 -51.62
N HIS C 12 -11.73 17.21 -50.70
CA HIS C 12 -11.50 15.77 -50.60
C HIS C 12 -12.77 14.99 -50.28
N ALA C 13 -12.84 13.78 -50.84
CA ALA C 13 -13.83 12.76 -50.46
C ALA C 13 -13.11 11.40 -50.47
N ASN C 14 -13.60 10.44 -49.70
CA ASN C 14 -12.90 9.16 -49.65
C ASN C 14 -13.70 7.91 -49.26
N ASN C 15 -12.94 6.83 -49.05
CA ASN C 15 -13.43 5.54 -48.55
C ASN C 15 -14.36 5.63 -47.35
N SER C 16 -14.01 6.48 -46.39
CA SER C 16 -14.50 6.51 -44.99
C SER C 16 -15.99 6.28 -44.74
N THR C 17 -16.32 5.58 -43.66
CA THR C 17 -17.73 5.38 -43.28
C THR C 17 -17.99 5.77 -41.83
N ASP C 18 -16.98 6.30 -41.17
CA ASP C 18 -17.16 6.92 -39.86
C ASP C 18 -18.27 7.98 -39.89
N THR C 19 -19.10 7.99 -38.86
CA THR C 19 -20.09 9.04 -38.73
C THR C 19 -19.84 9.79 -37.44
N VAL C 20 -20.23 11.06 -37.43
CA VAL C 20 -20.25 11.81 -36.20
C VAL C 20 -21.61 12.47 -36.04
N ASP C 21 -21.89 12.93 -34.83
CA ASP C 21 -23.07 13.77 -34.60
C ASP C 21 -22.65 15.24 -34.39
N THR C 22 -23.52 16.16 -34.77
CA THR C 22 -23.34 17.57 -34.44
C THR C 22 -24.63 18.01 -33.75
N VAL C 23 -24.72 19.26 -33.26
CA VAL C 23 -25.98 19.69 -32.63
C VAL C 23 -27.13 19.76 -33.62
N LEU C 24 -26.81 20.08 -34.87
CA LEU C 24 -27.83 20.23 -35.89
C LEU C 24 -28.18 18.94 -36.67
N GLU C 25 -27.22 18.02 -36.75
CA GLU C 25 -27.42 16.83 -37.56
C GLU C 25 -26.83 15.56 -36.91
N LYS C 26 -27.54 14.45 -37.02
CA LYS C 26 -27.04 13.15 -36.58
C LYS C 26 -26.44 12.36 -37.74
N ASN C 27 -25.41 11.56 -37.47
CA ASN C 27 -24.96 10.57 -38.46
C ASN C 27 -24.42 11.21 -39.72
N VAL C 28 -23.51 12.16 -39.54
CA VAL C 28 -22.88 12.79 -40.68
C VAL C 28 -21.56 12.06 -40.96
N THR C 29 -21.43 11.49 -42.17
CA THR C 29 -20.20 10.81 -42.59
C THR C 29 -19.08 11.84 -42.83
N VAL C 30 -17.92 11.57 -42.25
CA VAL C 30 -16.79 12.46 -42.36
C VAL C 30 -15.58 11.71 -42.96
N THR C 31 -14.61 12.45 -43.53
CA THR C 31 -13.43 11.87 -44.20
C THR C 31 -12.40 11.36 -43.21
N HIS C 32 -12.35 11.99 -42.05
CA HIS C 32 -11.37 11.73 -41.00
C HIS C 32 -12.01 12.08 -39.64
N SER C 33 -11.50 11.47 -38.59
CA SER C 33 -12.25 11.39 -37.39
C SER C 33 -11.37 10.76 -36.33
N VAL C 34 -11.62 11.09 -35.07
CA VAL C 34 -10.86 10.51 -33.97
C VAL C 34 -11.74 10.25 -32.75
N ASN C 35 -11.56 9.11 -32.11
CA ASN C 35 -12.40 8.76 -30.96
C ASN C 35 -11.80 9.34 -29.69
N LEU C 36 -12.65 9.91 -28.85
CA LEU C 36 -12.21 10.64 -27.69
C LEU C 36 -12.50 9.86 -26.39
N LEU C 37 -13.09 8.68 -26.55
CA LEU C 37 -13.55 7.88 -25.44
C LEU C 37 -12.77 6.59 -25.41
N GLU C 38 -12.06 6.34 -24.32
CA GLU C 38 -11.31 5.09 -24.20
C GLU C 38 -12.26 3.97 -23.80
N ASP C 39 -12.35 2.92 -24.61
CA ASP C 39 -13.25 1.80 -24.24
C ASP C 39 -12.54 0.46 -24.12
N LYS C 40 -11.22 0.45 -24.24
CA LYS C 40 -10.41 -0.77 -24.18
C LYS C 40 -9.60 -0.84 -22.87
N HIS C 41 -9.68 -1.96 -22.17
CA HIS C 41 -8.73 -2.29 -21.09
C HIS C 41 -7.97 -3.61 -21.40
N ASN C 42 -6.90 -3.88 -20.65
CA ASN C 42 -6.01 -5.02 -20.91
C ASN C 42 -6.32 -6.33 -20.15
N GLY C 43 -7.39 -6.32 -19.38
CA GLY C 43 -7.86 -7.52 -18.67
C GLY C 43 -6.92 -8.03 -17.58
N LYS C 44 -6.03 -7.18 -17.08
CA LYS C 44 -5.00 -7.54 -16.08
C LYS C 44 -4.92 -6.54 -14.91
N LEU C 45 -4.55 -7.03 -13.73
CA LEU C 45 -4.21 -6.15 -12.60
C LEU C 45 -2.71 -5.86 -12.56
N CYS C 46 -2.34 -4.58 -12.62
CA CYS C 46 -0.96 -4.25 -12.94
C CYS C 46 -0.26 -3.47 -11.82
N LYS C 47 1.02 -3.16 -12.03
CA LYS C 47 1.76 -2.35 -11.11
C LYS C 47 1.39 -0.91 -11.37
N LEU C 48 1.24 -0.17 -10.28
CA LEU C 48 0.82 1.19 -10.37
C LEU C 48 2.00 2.05 -9.95
N ARG C 49 2.46 2.92 -10.86
CA ARG C 49 3.70 3.69 -10.65
C ARG C 49 4.80 2.70 -10.33
N GLY C 50 4.84 1.63 -11.11
CA GLY C 50 5.93 0.67 -11.08
C GLY C 50 6.10 -0.15 -9.83
N VAL C 51 5.11 -0.11 -8.94
CA VAL C 51 5.12 -1.00 -7.77
C VAL C 51 3.86 -1.85 -7.71
N ALA C 52 4.07 -3.16 -7.52
CA ALA C 52 2.99 -4.15 -7.51
C ALA C 52 2.01 -4.00 -6.34
N PRO C 53 0.74 -4.46 -6.53
CA PRO C 53 -0.23 -4.53 -5.44
C PRO C 53 0.05 -5.69 -4.50
N LEU C 54 -0.55 -5.66 -3.32
CA LEU C 54 -0.46 -6.76 -2.41
C LEU C 54 -1.61 -7.66 -2.79
N HIS C 55 -1.36 -8.93 -3.13
CA HIS C 55 -2.49 -9.79 -3.54
C HIS C 55 -2.81 -10.83 -2.48
N LEU C 56 -4.04 -10.85 -1.98
CA LEU C 56 -4.31 -11.67 -0.80
C LEU C 56 -4.80 -13.10 -1.08
N GLY C 57 -5.38 -13.34 -2.27
CA GLY C 57 -5.83 -14.68 -2.64
C GLY C 57 -6.95 -15.20 -1.76
N LYS C 58 -6.69 -16.31 -1.07
CA LYS C 58 -7.63 -16.90 -0.09
C LYS C 58 -8.12 -16.02 1.10
N CYS C 59 -7.45 -14.89 1.38
CA CYS C 59 -7.64 -14.17 2.64
C CYS C 59 -8.15 -12.76 2.53
N ASN C 60 -8.91 -12.38 3.57
CA ASN C 60 -9.14 -11.01 4.02
C ASN C 60 -7.88 -10.24 4.38
N ILE C 61 -8.02 -8.93 4.49
CA ILE C 61 -7.01 -8.18 5.19
C ILE C 61 -6.91 -8.64 6.67
N ALA C 62 -8.05 -8.81 7.32
CA ALA C 62 -8.06 -9.32 8.68
C ALA C 62 -7.26 -10.60 8.80
N GLY C 63 -7.57 -11.61 7.98
CA GLY C 63 -6.82 -12.85 7.98
C GLY C 63 -5.33 -12.63 7.82
N TRP C 64 -4.98 -11.77 6.88
CA TRP C 64 -3.60 -11.49 6.61
C TRP C 64 -2.83 -10.77 7.74
N ILE C 65 -3.32 -9.66 8.34
CA ILE C 65 -2.56 -9.06 9.47
C ILE C 65 -2.65 -9.80 10.79
N LEU C 66 -3.75 -10.48 11.06
CA LEU C 66 -3.78 -11.32 12.27
C LEU C 66 -2.89 -12.54 12.10
N GLY C 67 -2.76 -13.02 10.87
CA GLY C 67 -1.93 -14.17 10.63
C GLY C 67 -2.72 -15.45 10.75
N ASN C 68 -3.91 -15.47 10.15
CA ASN C 68 -4.73 -16.66 10.04
C ASN C 68 -3.82 -17.77 9.48
N PRO C 69 -3.95 -19.03 9.97
CA PRO C 69 -3.04 -20.09 9.50
C PRO C 69 -3.05 -20.36 7.98
N GLU C 70 -4.13 -20.02 7.30
CA GLU C 70 -4.22 -20.26 5.88
C GLU C 70 -3.52 -19.19 5.04
N CYS C 71 -3.10 -18.10 5.68
CA CYS C 71 -2.62 -16.92 4.99
C CYS C 71 -1.11 -16.78 4.93
N GLU C 72 -0.37 -17.81 5.30
CA GLU C 72 1.08 -17.72 5.18
C GLU C 72 1.65 -18.50 3.98
N SER C 73 0.87 -18.54 2.90
CA SER C 73 1.37 -18.99 1.60
C SER C 73 1.75 -17.71 0.87
N LEU C 74 1.39 -16.58 1.49
CA LEU C 74 1.66 -15.25 0.92
C LEU C 74 3.07 -14.78 1.26
N SER C 75 3.89 -14.57 0.21
CA SER C 75 5.19 -13.86 0.33
C SER C 75 4.84 -12.41 0.67
N THR C 76 5.46 -11.94 1.76
CA THR C 76 5.10 -10.68 2.41
C THR C 76 6.16 -9.64 1.94
N ALA C 77 5.73 -8.68 1.09
CA ALA C 77 6.66 -7.70 0.47
C ALA C 77 6.70 -6.47 1.34
N SER C 78 7.72 -5.65 1.20
CA SER C 78 7.83 -4.49 2.07
C SER C 78 7.18 -3.23 1.47
N SER C 79 6.45 -3.41 0.37
CA SER C 79 5.96 -2.29 -0.42
C SER C 79 4.78 -2.71 -1.25
N TRP C 80 3.74 -1.89 -1.30
CA TRP C 80 2.67 -2.12 -2.27
C TRP C 80 1.93 -0.84 -2.64
N SER C 81 1.33 -0.81 -3.82
CA SER C 81 0.63 0.40 -4.29
C SER C 81 -0.88 0.37 -4.09
N TYR C 82 -1.45 -0.82 -3.92
CA TYR C 82 -2.84 -0.99 -3.53
C TYR C 82 -3.01 -2.45 -3.12
N ILE C 83 -4.18 -2.84 -2.63
CA ILE C 83 -4.41 -4.21 -2.17
C ILE C 83 -5.50 -4.88 -2.98
N VAL C 84 -5.30 -6.14 -3.30
CA VAL C 84 -6.30 -6.90 -4.07
C VAL C 84 -6.87 -8.05 -3.25
N GLU C 85 -8.19 -8.06 -3.04
CA GLU C 85 -8.90 -9.23 -2.51
C GLU C 85 -9.72 -9.87 -3.64
N THR C 86 -9.97 -11.16 -3.54
CA THR C 86 -10.73 -11.85 -4.56
C THR C 86 -12.11 -12.15 -3.99
N SER C 87 -13.00 -12.66 -4.83
CA SER C 87 -14.37 -13.05 -4.41
C SER C 87 -14.33 -14.29 -3.50
N SER C 88 -13.17 -14.94 -3.49
CA SER C 88 -12.92 -16.13 -2.70
C SER C 88 -12.10 -15.83 -1.41
N SER C 89 -11.99 -14.55 -1.07
CA SER C 89 -11.16 -14.08 0.05
C SER C 89 -11.93 -14.18 1.35
N ASP C 90 -11.76 -15.31 1.98
CA ASP C 90 -12.72 -15.87 2.90
C ASP C 90 -12.14 -16.18 4.28
N ASN C 91 -10.86 -16.42 4.34
CA ASN C 91 -10.19 -16.67 5.58
C ASN C 91 -9.79 -15.32 6.24
N GLY C 92 -10.43 -15.05 7.38
CA GLY C 92 -10.28 -13.80 8.10
C GLY C 92 -10.17 -14.11 9.57
N THR C 93 -11.08 -13.55 10.36
CA THR C 93 -11.09 -13.85 11.77
C THR C 93 -11.72 -15.23 12.00
N CYS C 94 -10.92 -16.25 12.25
CA CYS C 94 -11.45 -17.60 12.41
C CYS C 94 -12.06 -17.86 13.79
N TYR C 95 -11.62 -17.15 14.82
CA TYR C 95 -12.39 -17.11 16.04
C TYR C 95 -13.39 -15.91 15.97
N PRO C 96 -14.72 -16.18 16.04
CA PRO C 96 -15.72 -15.11 15.84
C PRO C 96 -15.59 -13.93 16.83
N GLY C 97 -15.79 -12.70 16.35
CA GLY C 97 -15.81 -11.49 17.21
C GLY C 97 -15.81 -10.24 16.35
N ASP C 98 -15.96 -9.06 16.94
CA ASP C 98 -15.81 -7.82 16.15
C ASP C 98 -14.33 -7.50 15.94
N PHE C 99 -14.03 -7.01 14.75
CA PHE C 99 -12.78 -6.35 14.49
C PHE C 99 -13.03 -4.82 14.50
N ILE C 100 -12.59 -4.13 15.56
CA ILE C 100 -12.98 -2.77 15.80
C ILE C 100 -12.26 -1.84 14.84
N ASP C 101 -12.97 -0.87 14.28
CA ASP C 101 -12.42 0.05 13.29
C ASP C 101 -11.66 -0.67 12.18
N TYR C 102 -12.23 -1.81 11.76
CA TYR C 102 -11.72 -2.59 10.68
C TYR C 102 -11.58 -1.84 9.39
N GLU C 103 -12.60 -1.08 9.01
CA GLU C 103 -12.59 -0.40 7.70
C GLU C 103 -11.52 0.66 7.67
N GLU C 104 -11.31 1.25 8.82
CA GLU C 104 -10.31 2.29 8.91
C GLU C 104 -8.94 1.67 8.83
N LEU C 105 -8.77 0.50 9.41
CA LEU C 105 -7.54 -0.23 9.25
C LEU C 105 -7.26 -0.53 7.77
N ARG C 106 -8.28 -0.98 7.03
CA ARG C 106 -8.02 -1.38 5.65
C ARG C 106 -7.65 -0.12 4.84
N GLU C 107 -8.29 1.01 5.16
CA GLU C 107 -7.92 2.24 4.51
C GLU C 107 -6.48 2.61 4.75
N GLN C 108 -6.04 2.48 6.02
CA GLN C 108 -4.73 2.96 6.43
C GLN C 108 -3.60 2.11 5.90
N LEU C 109 -3.93 0.90 5.49
CA LEU C 109 -2.99 -0.15 5.16
C LEU C 109 -2.96 -0.31 3.65
N SER C 110 -3.82 0.46 2.98
CA SER C 110 -3.98 0.52 1.52
C SER C 110 -2.73 0.49 0.68
N SER C 111 -1.72 1.18 1.18
CA SER C 111 -0.56 1.52 0.42
C SER C 111 0.49 1.98 1.40
N VAL C 112 1.63 1.31 1.39
CA VAL C 112 2.69 1.60 2.33
C VAL C 112 3.95 1.57 1.51
N SER C 113 4.87 2.48 1.83
CA SER C 113 6.14 2.50 1.09
C SER C 113 7.18 1.62 1.78
N SER C 114 6.87 1.18 2.99
CA SER C 114 7.80 0.40 3.75
C SER C 114 6.97 -0.31 4.76
N PHE C 115 7.23 -1.60 4.95
CA PHE C 115 6.42 -2.44 5.81
C PHE C 115 7.22 -3.63 6.26
N GLU C 116 7.48 -3.73 7.57
CA GLU C 116 8.31 -4.79 8.14
C GLU C 116 7.68 -5.48 9.35
N ARG C 117 7.53 -6.81 9.29
CA ARG C 117 6.98 -7.58 10.38
C ARG C 117 8.08 -7.99 11.35
N PHE C 118 7.84 -7.81 12.65
CA PHE C 118 8.90 -8.13 13.66
C PHE C 118 8.26 -8.59 14.98
N GLU C 119 9.02 -9.32 15.79
CA GLU C 119 8.48 -9.93 17.01
C GLU C 119 8.57 -8.94 18.14
N ILE C 120 7.51 -8.21 18.47
CA ILE C 120 7.61 -7.25 19.59
C ILE C 120 7.78 -7.93 20.93
N PHE C 121 7.03 -9.02 21.13
CA PHE C 121 7.09 -9.76 22.37
C PHE C 121 7.44 -11.19 22.05
N PRO C 122 8.76 -11.50 22.02
CA PRO C 122 9.23 -12.85 21.63
C PRO C 122 8.61 -13.93 22.51
N LYS C 123 8.03 -14.94 21.87
CA LYS C 123 7.22 -15.95 22.56
C LYS C 123 8.03 -16.66 23.62
N THR C 124 9.27 -16.92 23.23
CA THR C 124 10.16 -17.76 24.00
C THR C 124 10.54 -17.16 25.38
N SER C 125 10.56 -15.84 25.48
CA SER C 125 11.01 -15.20 26.71
C SER C 125 10.08 -14.13 27.33
N SER C 126 8.90 -13.93 26.75
CA SER C 126 8.08 -12.85 27.18
C SER C 126 7.11 -13.17 28.29
N TRP C 127 6.76 -14.43 28.44
CA TRP C 127 5.65 -14.78 29.33
C TRP C 127 6.02 -15.96 30.23
N PRO C 128 6.93 -15.75 31.19
CA PRO C 128 7.38 -16.86 32.02
C PRO C 128 6.33 -17.30 33.08
N ASN C 129 5.34 -16.47 33.37
CA ASN C 129 4.40 -16.81 34.42
C ASN C 129 3.05 -17.17 33.88
N HIS C 130 2.95 -17.34 32.56
CA HIS C 130 1.68 -17.67 31.90
C HIS C 130 1.93 -18.72 30.81
N ASP C 131 0.87 -19.47 30.47
CA ASP C 131 0.96 -20.56 29.50
C ASP C 131 0.76 -20.06 28.07
N SER C 132 1.83 -20.19 27.27
CA SER C 132 1.85 -19.67 25.90
C SER C 132 1.73 -20.75 24.86
N ASN C 133 1.50 -21.97 25.30
CA ASN C 133 1.42 -23.11 24.39
C ASN C 133 0.05 -23.75 24.18
N LYS C 134 -0.80 -23.73 25.19
CA LYS C 134 -2.12 -24.31 25.07
C LYS C 134 -3.13 -23.28 24.56
N GLY C 135 -2.82 -22.46 23.57
CA GLY C 135 -3.75 -21.37 23.29
C GLY C 135 -4.22 -21.53 21.89
N VAL C 136 -5.08 -22.51 21.67
CA VAL C 136 -5.19 -23.12 20.37
C VAL C 136 -6.63 -23.61 20.30
N THR C 137 -7.24 -23.64 19.13
CA THR C 137 -8.69 -23.88 19.03
C THR C 137 -9.09 -24.62 17.77
N ALA C 138 -10.20 -25.33 17.84
CA ALA C 138 -10.77 -26.00 16.64
C ALA C 138 -11.30 -25.00 15.62
N ALA C 139 -11.53 -23.76 16.05
CA ALA C 139 -12.00 -22.71 15.19
C ALA C 139 -10.94 -22.22 14.18
N CYS C 140 -9.64 -22.41 14.49
CA CYS C 140 -8.52 -22.06 13.60
C CYS C 140 -7.63 -23.26 13.31
N PRO C 141 -8.09 -24.20 12.48
CA PRO C 141 -7.31 -25.40 12.26
C PRO C 141 -6.16 -25.18 11.26
N HIS C 142 -5.03 -25.85 11.48
CA HIS C 142 -3.94 -25.81 10.51
C HIS C 142 -3.78 -27.19 9.89
N ALA C 143 -2.65 -27.83 10.07
CA ALA C 143 -2.42 -29.07 9.33
C ALA C 143 -3.28 -30.23 9.89
N GLY C 144 -4.60 -30.02 9.93
CA GLY C 144 -5.49 -30.93 10.66
C GLY C 144 -5.64 -30.66 12.16
N ALA C 145 -4.66 -30.01 12.77
CA ALA C 145 -4.66 -29.83 14.22
C ALA C 145 -5.23 -28.49 14.65
N LYS C 146 -5.70 -28.38 15.90
CA LYS C 146 -6.11 -27.13 16.48
C LYS C 146 -4.93 -26.14 16.38
N SER C 147 -5.21 -24.90 16.04
CA SER C 147 -4.16 -23.88 15.88
C SER C 147 -4.66 -22.52 16.31
N PHE C 148 -3.90 -21.48 15.97
CA PHE C 148 -4.28 -20.09 16.26
C PHE C 148 -3.59 -19.17 15.30
N TYR C 149 -3.92 -17.90 15.36
CA TYR C 149 -3.25 -16.88 14.54
C TYR C 149 -1.76 -16.85 14.79
N LYS C 150 -0.96 -16.63 13.75
CA LYS C 150 0.49 -16.54 13.91
C LYS C 150 0.96 -15.27 14.61
N ASN C 151 0.21 -14.18 14.52
CA ASN C 151 0.69 -12.92 15.04
C ASN C 151 0.25 -12.56 16.45
N LEU C 152 -0.62 -13.39 17.04
CA LEU C 152 -1.05 -13.20 18.41
C LEU C 152 -0.79 -14.46 19.17
N ILE C 153 -0.75 -14.37 20.50
CA ILE C 153 -0.73 -15.56 21.31
C ILE C 153 -1.85 -15.50 22.28
N TRP C 154 -2.59 -16.59 22.40
CA TRP C 154 -3.64 -16.67 23.41
C TRP C 154 -3.09 -17.18 24.79
N LEU C 155 -2.67 -16.27 25.67
CA LEU C 155 -2.20 -16.69 26.99
C LEU C 155 -3.31 -17.27 27.85
N VAL C 156 -2.97 -18.29 28.62
CA VAL C 156 -3.88 -19.00 29.50
C VAL C 156 -3.17 -19.21 30.85
N LYS C 157 -3.89 -19.52 31.91
CA LYS C 157 -3.24 -19.71 33.20
C LYS C 157 -2.18 -20.84 33.22
N LYS C 158 -1.16 -20.70 34.07
CA LYS C 158 -0.18 -21.75 34.28
C LYS C 158 -0.49 -22.38 35.61
N GLY C 159 -0.76 -23.69 35.59
CA GLY C 159 -1.25 -24.38 36.79
C GLY C 159 -2.53 -23.75 37.31
N ASN C 160 -2.49 -23.15 38.50
CA ASN C 160 -3.69 -22.59 39.12
C ASN C 160 -3.69 -21.07 39.31
N SER C 161 -2.79 -20.41 38.59
CA SER C 161 -2.52 -19.01 38.87
C SER C 161 -2.53 -18.20 37.57
N TYR C 162 -3.14 -17.02 37.62
CA TYR C 162 -2.93 -16.07 36.56
C TYR C 162 -2.50 -14.82 37.24
N PRO C 163 -1.19 -14.66 37.43
CA PRO C 163 -0.71 -13.43 38.09
C PRO C 163 -0.86 -12.24 37.16
N LYS C 164 -1.06 -11.06 37.76
CA LYS C 164 -1.07 -9.77 37.06
C LYS C 164 0.09 -9.74 36.06
N LEU C 165 -0.25 -9.56 34.80
CA LEU C 165 0.71 -9.49 33.71
C LEU C 165 1.01 -8.00 33.40
N SER C 166 2.26 -7.69 33.11
CA SER C 166 2.61 -6.30 32.81
C SER C 166 3.76 -6.22 31.82
N LYS C 167 3.55 -5.58 30.68
CA LYS C 167 4.54 -5.69 29.61
C LYS C 167 4.53 -4.48 28.70
N SER C 168 5.70 -3.90 28.41
CA SER C 168 5.80 -2.72 27.58
C SER C 168 6.69 -2.85 26.35
N TYR C 169 6.41 -2.01 25.37
CA TYR C 169 7.29 -1.89 24.24
C TYR C 169 7.49 -0.40 23.91
N ILE C 170 8.74 0.04 23.73
CA ILE C 170 9.02 1.41 23.25
C ILE C 170 9.34 1.40 21.76
N ASN C 171 8.69 2.26 20.99
CA ASN C 171 8.87 2.27 19.56
C ASN C 171 10.16 2.94 19.15
N ASP C 172 11.19 2.12 18.97
CA ASP C 172 12.46 2.59 18.47
C ASP C 172 12.62 2.46 16.95
N LYS C 173 11.58 2.05 16.23
CA LYS C 173 11.73 1.76 14.82
C LYS C 173 11.91 3.00 13.93
N GLY C 174 11.66 4.19 14.46
CA GLY C 174 11.74 5.37 13.61
C GLY C 174 10.58 5.61 12.65
N LYS C 175 9.76 4.59 12.40
CA LYS C 175 8.49 4.75 11.68
C LYS C 175 7.41 4.47 12.72
N GLU C 176 6.14 4.50 12.32
CA GLU C 176 5.08 4.08 13.25
C GLU C 176 4.87 2.58 13.21
N VAL C 177 4.51 1.98 14.33
CA VAL C 177 4.29 0.55 14.33
C VAL C 177 2.88 0.20 14.68
N LEU C 178 2.30 -0.70 13.88
CA LEU C 178 0.95 -1.19 14.05
C LEU C 178 0.93 -2.37 14.98
N VAL C 179 0.28 -2.23 16.12
CA VAL C 179 0.14 -3.38 17.01
C VAL C 179 -1.31 -3.79 17.19
N LEU C 180 -1.57 -5.10 17.08
CA LEU C 180 -2.92 -5.65 17.22
C LEU C 180 -2.96 -6.59 18.39
N TRP C 181 -4.10 -6.65 19.06
CA TRP C 181 -4.29 -7.55 20.20
C TRP C 181 -5.73 -7.94 20.23
N GLY C 182 -6.09 -8.90 21.06
CA GLY C 182 -7.48 -9.33 21.15
C GLY C 182 -7.96 -9.51 22.56
N ILE C 183 -9.25 -9.31 22.77
CA ILE C 183 -9.74 -9.71 24.08
C ILE C 183 -10.80 -10.80 23.99
N HIS C 184 -10.69 -11.81 24.83
CA HIS C 184 -11.55 -12.98 24.72
C HIS C 184 -12.67 -12.99 25.73
N HIS C 185 -13.87 -13.23 25.25
CA HIS C 185 -15.06 -13.32 26.10
C HIS C 185 -15.59 -14.74 26.24
N PRO C 186 -15.30 -15.40 27.36
CA PRO C 186 -15.78 -16.75 27.49
C PRO C 186 -17.30 -16.85 27.49
N SER C 187 -17.75 -18.07 27.27
CA SER C 187 -19.10 -18.50 27.20
C SER C 187 -19.80 -18.51 28.58
N THR C 188 -19.09 -19.04 29.59
CA THR C 188 -19.64 -19.31 30.92
C THR C 188 -18.60 -19.00 32.01
N SER C 189 -19.05 -18.81 33.25
CA SER C 189 -18.17 -18.68 34.42
C SER C 189 -17.17 -19.82 34.57
N ALA C 190 -17.66 -21.04 34.31
CA ALA C 190 -16.83 -22.24 34.35
C ALA C 190 -15.71 -22.14 33.34
N ASP C 191 -15.98 -21.61 32.15
CA ASP C 191 -14.92 -21.42 31.15
C ASP C 191 -13.94 -20.31 31.51
N GLN C 192 -14.44 -19.17 32.00
CA GLN C 192 -13.58 -18.06 32.44
C GLN C 192 -12.59 -18.58 33.48
N GLN C 193 -13.11 -19.30 34.47
CA GLN C 193 -12.30 -19.73 35.58
C GLN C 193 -11.33 -20.79 35.11
N SER C 194 -11.82 -21.59 34.19
CA SER C 194 -11.01 -22.68 33.66
C SER C 194 -9.81 -22.19 32.84
N LEU C 195 -9.98 -21.11 32.11
CA LEU C 195 -8.90 -20.56 31.29
C LEU C 195 -7.97 -19.55 31.98
N TYR C 196 -8.50 -18.76 32.94
CA TYR C 196 -7.81 -17.60 33.52
C TYR C 196 -7.83 -17.56 35.06
N GLN C 197 -8.52 -18.53 35.67
CA GLN C 197 -8.68 -18.59 37.12
C GLN C 197 -9.55 -17.47 37.67
N ASN C 198 -9.13 -16.23 37.47
CA ASN C 198 -9.77 -15.11 38.13
C ASN C 198 -11.08 -14.78 37.49
N ALA C 199 -12.19 -15.08 38.17
CA ALA C 199 -13.44 -14.36 37.82
C ALA C 199 -13.11 -12.88 37.99
N ASP C 200 -13.85 -11.97 37.37
CA ASP C 200 -13.45 -10.57 37.59
C ASP C 200 -12.00 -10.25 37.16
N ALA C 201 -11.64 -10.63 35.93
CA ALA C 201 -10.37 -10.25 35.34
C ALA C 201 -10.59 -8.90 34.70
N TYR C 202 -9.50 -8.23 34.33
CA TYR C 202 -9.55 -7.00 33.52
C TYR C 202 -8.30 -6.92 32.63
N VAL C 203 -8.39 -6.10 31.58
CA VAL C 203 -7.25 -5.79 30.71
C VAL C 203 -7.19 -4.26 30.59
N PHE C 204 -5.96 -3.74 30.56
CA PHE C 204 -5.78 -2.34 30.23
C PHE C 204 -4.69 -2.23 29.18
N VAL C 205 -4.86 -1.38 28.18
CA VAL C 205 -3.86 -1.12 27.12
C VAL C 205 -3.65 0.39 27.02
N GLY C 206 -2.42 0.89 26.97
CA GLY C 206 -2.19 2.32 26.97
C GLY C 206 -1.04 2.78 26.11
N THR C 207 -1.14 4.00 25.56
CA THR C 207 0.00 4.70 24.96
C THR C 207 -0.02 6.17 25.38
N SER C 208 0.59 7.04 24.62
CA SER C 208 0.44 8.46 24.95
C SER C 208 -0.96 8.98 24.64
N LYS C 209 -1.62 8.36 23.67
CA LYS C 209 -2.86 8.89 23.16
C LYS C 209 -3.98 7.87 23.36
N TYR C 210 -3.63 6.62 23.53
CA TYR C 210 -4.60 5.55 23.64
C TYR C 210 -4.70 5.10 25.09
N SER C 211 -5.91 4.84 25.55
CA SER C 211 -6.15 4.32 26.91
C SER C 211 -7.52 3.67 26.94
N LYS C 212 -7.56 2.38 27.26
CA LYS C 212 -8.83 1.67 27.35
C LYS C 212 -8.74 0.48 28.29
N LYS C 213 -9.74 0.36 29.15
CA LYS C 213 -9.92 -0.80 30.04
C LYS C 213 -10.96 -1.77 29.47
N PHE C 214 -10.69 -3.06 29.58
CA PHE C 214 -11.59 -4.02 29.00
C PHE C 214 -11.95 -4.95 30.10
N LYS C 215 -13.22 -5.30 30.20
CA LYS C 215 -13.67 -6.43 31.06
C LYS C 215 -14.39 -7.53 30.28
N PRO C 216 -14.26 -8.78 30.69
CA PRO C 216 -14.92 -9.90 29.99
C PRO C 216 -16.42 -9.79 30.03
N GLU C 217 -17.05 -9.98 28.87
CA GLU C 217 -18.48 -10.06 28.78
C GLU C 217 -18.95 -11.52 28.65
N ILE C 218 -19.16 -12.15 29.80
CA ILE C 218 -19.43 -13.60 29.85
C ILE C 218 -20.89 -13.97 29.56
N ALA C 219 -21.10 -14.63 28.43
CA ALA C 219 -22.44 -15.06 28.06
C ALA C 219 -22.38 -16.01 26.89
N ILE C 220 -23.44 -16.78 26.68
CA ILE C 220 -23.44 -17.63 25.50
C ILE C 220 -24.06 -17.00 24.25
N ARG C 221 -23.24 -16.79 23.23
CA ARG C 221 -23.71 -16.30 21.93
C ARG C 221 -24.08 -17.48 21.06
N PRO C 222 -24.84 -17.25 19.96
CA PRO C 222 -25.03 -18.30 18.95
C PRO C 222 -23.74 -18.83 18.36
N LYS C 223 -23.64 -20.17 18.24
CA LYS C 223 -22.47 -20.89 17.74
C LYS C 223 -22.00 -20.39 16.39
N VAL C 224 -20.73 -20.01 16.32
CA VAL C 224 -20.11 -19.68 15.04
C VAL C 224 -18.78 -20.40 15.01
N ARG C 225 -18.51 -21.10 13.90
CA ARG C 225 -17.37 -22.07 13.79
C ARG C 225 -17.18 -22.85 15.12
N ASP C 226 -18.31 -23.32 15.66
CA ASP C 226 -18.36 -24.12 16.88
C ASP C 226 -18.09 -23.36 18.21
N GLN C 227 -18.03 -22.03 18.18
CA GLN C 227 -17.76 -21.24 19.39
C GLN C 227 -18.97 -20.46 19.90
N GLU C 228 -19.18 -20.48 21.21
CA GLU C 228 -20.28 -19.73 21.83
C GLU C 228 -19.73 -18.49 22.51
N GLY C 229 -18.43 -18.51 22.79
CA GLY C 229 -17.68 -17.30 23.15
C GLY C 229 -17.32 -16.40 21.96
N ARG C 230 -16.59 -15.31 22.22
CA ARG C 230 -16.18 -14.36 21.18
C ARG C 230 -14.89 -13.70 21.54
N MET C 231 -14.17 -13.23 20.52
CA MET C 231 -12.93 -12.45 20.63
C MET C 231 -13.03 -11.17 19.86
N ASN C 232 -12.76 -10.06 20.51
CA ASN C 232 -12.71 -8.80 19.78
C ASN C 232 -11.29 -8.40 19.48
N TYR C 233 -11.08 -7.87 18.29
CA TYR C 233 -9.78 -7.56 17.81
C TYR C 233 -9.59 -6.06 17.77
N TYR C 234 -8.44 -5.61 18.25
CA TYR C 234 -8.12 -4.20 18.39
C TYR C 234 -6.73 -3.90 17.85
N TRP C 235 -6.51 -2.64 17.46
CA TRP C 235 -5.25 -2.24 16.89
C TRP C 235 -4.98 -0.78 17.19
N THR C 236 -3.70 -0.39 17.19
CA THR C 236 -3.37 1.02 17.30
C THR C 236 -2.10 1.29 16.64
N LEU C 237 -1.87 2.53 16.22
CA LEU C 237 -0.57 2.92 15.65
C LEU C 237 0.27 3.62 16.70
N VAL C 238 1.38 3.00 17.11
CA VAL C 238 2.29 3.64 18.04
C VAL C 238 3.30 4.52 17.30
N GLU C 239 3.27 5.82 17.57
CA GLU C 239 4.25 6.77 17.04
C GLU C 239 5.71 6.52 17.47
N PRO C 240 6.66 6.98 16.63
CA PRO C 240 8.06 6.85 16.94
C PRO C 240 8.35 7.44 18.27
N GLY C 241 8.97 6.68 19.19
CA GLY C 241 9.35 7.23 20.47
C GLY C 241 8.34 6.98 21.58
N ASP C 242 7.14 6.58 21.18
CA ASP C 242 6.08 6.35 22.14
C ASP C 242 6.17 4.92 22.63
N LYS C 243 5.42 4.60 23.67
CA LYS C 243 5.50 3.33 24.32
C LYS C 243 4.09 2.74 24.43
N ILE C 244 3.93 1.43 24.31
CA ILE C 244 2.58 0.80 24.52
C ILE C 244 2.64 -0.22 25.64
N THR C 245 1.73 -0.14 26.60
CA THR C 245 1.82 -1.09 27.72
C THR C 245 0.54 -1.91 27.88
N PHE C 246 0.70 -3.20 28.17
CA PHE C 246 -0.39 -4.12 28.39
C PHE C 246 -0.38 -4.50 29.86
N GLU C 247 -1.54 -4.57 30.47
CA GLU C 247 -1.67 -5.02 31.84
C GLU C 247 -2.92 -5.91 31.83
N ALA C 248 -2.86 -7.04 32.53
CA ALA C 248 -3.99 -7.98 32.46
C ALA C 248 -4.00 -9.00 33.56
N THR C 249 -5.20 -9.39 34.00
CA THR C 249 -5.40 -10.52 34.94
C THR C 249 -6.19 -11.66 34.32
N GLY C 250 -6.35 -11.58 33.00
CA GLY C 250 -6.91 -12.68 32.20
C GLY C 250 -7.52 -12.12 30.94
N ASN C 251 -7.87 -13.01 30.01
CA ASN C 251 -8.62 -12.65 28.80
C ASN C 251 -7.84 -11.88 27.73
N LEU C 252 -6.58 -11.58 27.95
CA LEU C 252 -5.84 -10.83 26.93
C LEU C 252 -5.14 -11.81 25.96
N VAL C 253 -5.45 -11.68 24.67
CA VAL C 253 -4.75 -12.37 23.60
C VAL C 253 -3.70 -11.39 23.14
N VAL C 254 -2.47 -11.75 23.34
CA VAL C 254 -1.37 -10.83 23.40
C VAL C 254 -0.71 -10.68 22.04
N PRO C 255 -0.06 -9.52 21.75
CA PRO C 255 0.60 -9.45 20.46
C PRO C 255 1.80 -10.37 20.44
N ARG C 256 2.11 -10.93 19.27
CA ARG C 256 3.41 -11.61 19.11
C ARG C 256 4.30 -10.92 18.07
N TYR C 257 3.73 -10.67 16.89
CA TYR C 257 4.38 -9.86 15.86
C TYR C 257 3.61 -8.53 15.68
N ALA C 258 4.34 -7.45 15.38
CA ALA C 258 3.71 -6.18 15.04
C ALA C 258 4.31 -5.71 13.76
N PHE C 259 3.92 -4.52 13.29
CA PHE C 259 4.37 -4.07 11.97
C PHE C 259 4.90 -2.68 11.94
N ALA C 260 6.17 -2.54 11.58
CA ALA C 260 6.76 -1.21 11.35
C ALA C 260 6.43 -0.73 9.95
N MET C 261 5.88 0.47 9.82
CA MET C 261 5.47 0.91 8.48
C MET C 261 5.47 2.40 8.24
N GLU C 262 5.45 2.75 6.95
CA GLU C 262 5.38 4.15 6.49
C GLU C 262 4.18 4.27 5.54
N ARG C 263 3.08 4.85 6.02
CA ARG C 263 1.84 4.96 5.20
C ARG C 263 2.10 5.83 4.00
N ASN C 264 1.31 5.64 2.95
CA ASN C 264 1.51 6.42 1.75
C ASN C 264 0.67 7.67 1.60
N ALA C 265 -0.59 7.47 1.24
CA ALA C 265 -1.50 8.51 0.76
C ALA C 265 -2.69 7.70 0.24
N GLY C 266 -3.56 8.36 -0.51
CA GLY C 266 -4.80 7.71 -0.93
C GLY C 266 -4.57 6.57 -1.91
N SER C 267 -4.51 5.33 -1.44
CA SER C 267 -4.81 4.25 -2.38
C SER C 267 -6.08 3.53 -2.01
N GLY C 268 -6.32 2.36 -2.57
CA GLY C 268 -7.53 1.66 -2.22
C GLY C 268 -7.39 0.16 -2.23
N ILE C 269 -8.53 -0.51 -2.11
CA ILE C 269 -8.60 -1.95 -2.12
C ILE C 269 -9.45 -2.32 -3.29
N ILE C 270 -8.99 -3.14 -4.21
CA ILE C 270 -9.95 -3.60 -5.21
C ILE C 270 -10.34 -5.07 -4.95
N ILE C 271 -11.62 -5.41 -5.06
CA ILE C 271 -11.97 -6.84 -4.93
C ILE C 271 -12.26 -7.38 -6.33
N SER C 272 -11.53 -8.39 -6.80
CA SER C 272 -11.61 -8.79 -8.20
C SER C 272 -10.95 -10.15 -8.43
N ASP C 273 -11.43 -10.84 -9.46
CA ASP C 273 -10.81 -12.08 -9.87
C ASP C 273 -9.94 -11.96 -11.12
N THR C 274 -9.77 -10.75 -11.63
CA THR C 274 -8.81 -10.48 -12.70
C THR C 274 -7.43 -10.92 -12.22
N PRO C 275 -6.66 -11.66 -13.06
CA PRO C 275 -5.32 -12.10 -12.64
C PRO C 275 -4.32 -10.92 -12.57
N VAL C 276 -3.36 -11.01 -11.65
CA VAL C 276 -2.32 -10.00 -11.51
C VAL C 276 -1.14 -10.32 -12.41
N HIS C 277 -0.60 -9.31 -13.08
CA HIS C 277 0.53 -9.45 -14.00
C HIS C 277 1.72 -8.52 -13.76
N ASP C 278 2.91 -8.98 -14.13
CA ASP C 278 4.08 -8.12 -14.28
C ASP C 278 3.75 -7.21 -15.47
N CYS C 279 3.63 -5.91 -15.24
CA CYS C 279 2.78 -5.11 -16.10
C CYS C 279 2.67 -3.72 -15.50
N ASN C 280 2.84 -2.68 -16.31
CA ASN C 280 2.94 -1.32 -15.79
C ASN C 280 1.71 -0.52 -16.22
N THR C 281 1.07 0.19 -15.29
CA THR C 281 -0.06 1.08 -15.64
C THR C 281 -0.08 2.34 -14.79
N THR C 282 -0.87 3.33 -15.21
CA THR C 282 -1.04 4.57 -14.42
C THR C 282 -2.50 4.75 -14.03
N CYS C 283 -3.34 3.84 -14.50
CA CYS C 283 -4.77 3.84 -14.13
C CYS C 283 -5.28 2.41 -14.10
N GLN C 284 -5.82 2.00 -12.95
CA GLN C 284 -6.21 0.63 -12.71
C GLN C 284 -7.69 0.50 -12.33
N THR C 285 -8.38 -0.48 -12.89
CA THR C 285 -9.78 -0.75 -12.56
C THR C 285 -9.92 -2.24 -12.22
N PRO C 286 -11.05 -2.64 -11.60
CA PRO C 286 -11.26 -4.05 -11.25
C PRO C 286 -11.36 -5.00 -12.44
N LYS C 287 -11.65 -4.45 -13.63
CA LYS C 287 -11.70 -5.23 -14.87
C LYS C 287 -10.36 -5.40 -15.56
N GLY C 288 -9.49 -4.40 -15.41
CA GLY C 288 -8.22 -4.35 -16.12
C GLY C 288 -7.67 -2.93 -16.13
N ALA C 289 -6.45 -2.77 -16.67
CA ALA C 289 -5.78 -1.47 -16.66
C ALA C 289 -6.14 -0.69 -17.91
N ILE C 290 -6.09 0.62 -17.80
CA ILE C 290 -6.26 1.52 -18.91
C ILE C 290 -4.96 2.27 -19.22
N ASN C 291 -4.40 2.03 -20.40
CA ASN C 291 -3.28 2.80 -20.91
C ASN C 291 -3.83 3.77 -21.95
N THR C 292 -4.08 5.01 -21.53
CA THR C 292 -4.59 6.01 -22.47
C THR C 292 -4.20 7.48 -22.27
N SER C 293 -4.14 8.13 -23.43
CA SER C 293 -4.05 9.55 -23.56
C SER C 293 -5.40 10.26 -23.38
N LEU C 294 -6.50 9.55 -23.57
CA LEU C 294 -7.82 10.16 -23.81
C LEU C 294 -8.48 10.63 -22.54
N PRO C 295 -9.33 11.68 -22.62
CA PRO C 295 -9.87 12.28 -21.40
C PRO C 295 -11.03 11.54 -20.81
N PHE C 296 -11.66 10.62 -21.54
CA PHE C 296 -12.86 9.92 -21.02
C PHE C 296 -12.82 8.42 -21.18
N GLN C 297 -13.43 7.71 -20.24
CA GLN C 297 -13.53 6.26 -20.37
C GLN C 297 -14.90 5.77 -19.92
N ASN C 298 -15.34 4.63 -20.45
CA ASN C 298 -16.60 4.03 -19.98
C ASN C 298 -16.43 2.61 -19.49
N ILE C 299 -15.22 2.29 -19.03
CA ILE C 299 -14.90 0.96 -18.60
C ILE C 299 -15.38 0.71 -17.19
N HIS C 300 -15.11 1.61 -16.25
CA HIS C 300 -15.52 1.39 -14.86
C HIS C 300 -15.50 2.67 -14.02
N PRO C 301 -16.52 2.88 -13.17
CA PRO C 301 -16.55 4.10 -12.36
C PRO C 301 -15.51 4.09 -11.24
N ILE C 302 -15.09 2.91 -10.80
CA ILE C 302 -14.18 2.93 -9.67
C ILE C 302 -12.76 2.53 -10.03
N THR C 303 -11.92 3.54 -10.20
CA THR C 303 -10.57 3.38 -10.68
C THR C 303 -9.54 3.78 -9.61
N ILE C 304 -8.26 3.44 -9.81
CA ILE C 304 -7.20 3.93 -8.91
C ILE C 304 -6.05 4.40 -9.77
N GLY C 305 -5.54 5.58 -9.47
CA GLY C 305 -4.41 6.13 -10.22
C GLY C 305 -4.77 7.48 -10.82
N LYS C 306 -4.18 7.79 -11.97
CA LYS C 306 -4.39 9.07 -12.60
C LYS C 306 -5.26 8.86 -13.85
N CYS C 307 -6.58 8.98 -13.71
CA CYS C 307 -7.51 8.32 -14.64
C CYS C 307 -8.33 9.23 -15.54
N PRO C 308 -8.76 8.71 -16.72
CA PRO C 308 -9.71 9.47 -17.52
C PRO C 308 -11.00 9.59 -16.75
N LYS C 309 -11.79 10.63 -16.99
CA LYS C 309 -13.09 10.74 -16.34
C LYS C 309 -14.10 9.67 -16.81
N TYR C 310 -14.72 8.96 -15.85
CA TYR C 310 -15.72 7.97 -16.20
C TYR C 310 -16.97 8.60 -16.77
N VAL C 311 -17.49 8.12 -17.92
CA VAL C 311 -18.77 8.63 -18.51
C VAL C 311 -19.69 7.50 -18.93
N LYS C 312 -20.95 7.82 -19.21
CA LYS C 312 -21.93 6.80 -19.55
C LYS C 312 -22.08 6.59 -21.06
N SER C 313 -21.39 7.38 -21.88
CA SER C 313 -21.55 7.27 -23.34
C SER C 313 -20.91 6.04 -23.95
N THR C 314 -21.35 5.71 -25.16
CA THR C 314 -20.84 4.56 -25.88
C THR C 314 -19.91 4.96 -27.03
N LYS C 315 -20.08 6.19 -27.53
CA LYS C 315 -19.15 6.74 -28.54
C LYS C 315 -19.00 8.26 -28.38
N LEU C 316 -17.78 8.76 -28.58
CA LEU C 316 -17.53 10.20 -28.53
C LEU C 316 -16.60 10.54 -29.68
N ARG C 317 -17.13 10.50 -30.89
CA ARG C 317 -16.31 10.66 -32.08
C ARG C 317 -16.23 12.11 -32.52
N LEU C 318 -15.01 12.64 -32.53
CA LEU C 318 -14.70 14.01 -32.93
C LEU C 318 -14.37 14.04 -34.40
N ALA C 319 -15.02 14.90 -35.17
CA ALA C 319 -14.70 15.10 -36.57
C ALA C 319 -13.35 15.81 -36.69
N THR C 320 -12.49 15.33 -37.59
CA THR C 320 -11.28 16.08 -37.97
C THR C 320 -11.27 16.48 -39.43
N GLY C 321 -11.79 15.61 -40.26
CA GLY C 321 -11.95 15.90 -41.66
C GLY C 321 -13.24 16.62 -41.99
N LEU C 322 -13.62 16.66 -43.25
CA LEU C 322 -14.81 17.38 -43.63
C LEU C 322 -15.96 16.41 -43.95
N ARG C 323 -17.16 16.97 -44.15
CA ARG C 323 -18.28 16.15 -44.57
C ARG C 323 -17.84 15.37 -45.82
N ASN C 324 -18.25 14.11 -45.90
CA ASN C 324 -17.74 13.25 -46.96
C ASN C 324 -18.82 13.06 -47.99
N VAL C 325 -18.63 13.62 -49.18
CA VAL C 325 -19.65 13.56 -50.23
C VAL C 325 -19.07 12.93 -51.53
N PRO C 326 -18.88 11.57 -51.58
CA PRO C 326 -18.29 10.91 -52.79
C PRO C 326 -18.98 11.14 -54.13
N LEU D 2 -22.37 28.30 -41.10
CA LEU D 2 -22.13 27.60 -42.43
C LEU D 2 -21.86 28.63 -43.51
N PHE D 3 -20.96 28.31 -44.44
CA PHE D 3 -20.46 29.27 -45.39
C PHE D 3 -20.96 29.02 -46.81
N GLY D 4 -21.76 27.98 -47.00
CA GLY D 4 -22.41 27.67 -48.29
C GLY D 4 -21.62 26.95 -49.41
N ALA D 5 -20.39 26.50 -49.15
CA ALA D 5 -19.55 25.88 -50.19
C ALA D 5 -19.66 24.35 -50.26
N ILE D 6 -19.20 23.67 -49.20
CA ILE D 6 -19.24 22.21 -49.10
C ILE D 6 -20.70 21.75 -49.05
N ALA D 7 -21.01 20.80 -49.93
CA ALA D 7 -22.38 20.37 -50.18
C ALA D 7 -23.31 21.59 -50.38
N GLY D 8 -22.78 22.62 -51.04
CA GLY D 8 -23.51 23.86 -51.24
C GLY D 8 -23.38 24.21 -52.70
N PHE D 9 -22.60 25.23 -53.04
CA PHE D 9 -22.51 25.60 -54.45
C PHE D 9 -21.47 24.79 -55.15
N ILE D 10 -20.63 24.13 -54.36
CA ILE D 10 -19.75 23.06 -54.83
C ILE D 10 -20.32 21.76 -54.31
N GLU D 11 -21.20 21.13 -55.09
CA GLU D 11 -22.10 20.08 -54.55
C GLU D 11 -21.51 18.74 -54.14
N GLY D 12 -20.33 18.40 -54.62
CA GLY D 12 -19.70 17.13 -54.25
C GLY D 12 -18.21 17.16 -53.95
N GLY D 13 -17.71 16.11 -53.31
CA GLY D 13 -16.27 15.96 -53.06
C GLY D 13 -15.58 15.16 -54.14
N TRP D 14 -14.26 15.07 -54.06
CA TRP D 14 -13.45 14.37 -55.05
C TRP D 14 -12.71 13.18 -54.46
N THR D 15 -13.15 11.97 -54.76
CA THR D 15 -12.37 10.81 -54.37
C THR D 15 -11.02 10.76 -55.10
N GLY D 16 -10.94 11.47 -56.22
CA GLY D 16 -9.73 11.54 -57.05
C GLY D 16 -8.54 12.32 -56.47
N MET D 17 -8.83 13.27 -55.59
CA MET D 17 -7.77 14.07 -54.99
C MET D 17 -7.34 13.48 -53.67
N VAL D 18 -6.17 12.83 -53.66
CA VAL D 18 -5.80 11.95 -52.53
C VAL D 18 -4.74 12.52 -51.61
N ASP D 19 -4.04 13.56 -52.06
CA ASP D 19 -2.89 14.09 -51.32
C ASP D 19 -3.19 15.36 -50.49
N GLY D 20 -4.47 15.57 -50.18
CA GLY D 20 -4.84 16.71 -49.37
C GLY D 20 -6.33 16.90 -49.17
N TRP D 21 -6.69 17.90 -48.38
CA TRP D 21 -8.06 18.10 -48.00
C TRP D 21 -8.77 19.02 -48.97
N TYR D 22 -8.05 20.03 -49.43
CA TYR D 22 -8.59 20.95 -50.43
C TYR D 22 -7.66 21.03 -51.66
N GLY D 23 -8.23 21.30 -52.83
CA GLY D 23 -7.38 21.53 -54.00
C GLY D 23 -8.09 21.93 -55.27
N TYR D 24 -7.48 21.57 -56.40
CA TYR D 24 -7.90 22.04 -57.69
C TYR D 24 -8.02 20.89 -58.65
N HIS D 25 -8.88 21.06 -59.64
CA HIS D 25 -8.85 20.26 -60.84
C HIS D 25 -8.71 21.15 -62.07
N HIS D 26 -7.58 21.04 -62.77
CA HIS D 26 -7.41 21.78 -64.02
C HIS D 26 -7.72 20.92 -65.23
N GLN D 27 -7.97 21.57 -66.36
CA GLN D 27 -8.12 20.93 -67.65
C GLN D 27 -7.72 21.96 -68.68
N ASN D 28 -6.58 21.73 -69.31
CA ASN D 28 -6.15 22.56 -70.42
C ASN D 28 -5.77 21.74 -71.63
N GLU D 29 -4.82 22.25 -72.39
CA GLU D 29 -4.40 21.60 -73.59
C GLU D 29 -3.39 20.47 -73.35
N GLN D 30 -2.61 20.61 -72.29
CA GLN D 30 -1.52 19.70 -72.00
C GLN D 30 -1.98 18.49 -71.21
N GLY D 31 -3.22 18.52 -70.73
CA GLY D 31 -3.76 17.42 -69.93
C GLY D 31 -4.68 17.90 -68.83
N SER D 32 -5.15 16.96 -68.01
CA SER D 32 -5.97 17.29 -66.88
C SER D 32 -5.50 16.52 -65.64
N GLY D 33 -5.94 16.95 -64.47
CA GLY D 33 -5.58 16.28 -63.20
C GLY D 33 -5.95 17.04 -61.94
N TYR D 34 -5.72 16.39 -60.79
CA TYR D 34 -5.98 16.96 -59.47
C TYR D 34 -4.68 17.35 -58.80
N ALA D 35 -4.70 18.43 -58.04
CA ALA D 35 -3.56 18.81 -57.20
C ALA D 35 -4.10 19.43 -55.93
N ALA D 36 -3.67 18.95 -54.78
CA ALA D 36 -4.14 19.48 -53.52
C ALA D 36 -3.41 20.80 -53.28
N ASP D 37 -4.10 21.75 -52.64
CA ASP D 37 -3.45 22.99 -52.23
C ASP D 37 -2.63 22.65 -51.00
N LEU D 38 -1.31 22.65 -51.13
CA LEU D 38 -0.49 22.22 -50.03
C LEU D 38 -0.54 23.16 -48.82
N LYS D 39 -0.47 24.47 -49.06
CA LYS D 39 -0.37 25.45 -47.98
C LYS D 39 -1.59 25.47 -47.04
N SER D 40 -2.78 25.50 -47.62
CA SER D 40 -3.98 25.60 -46.81
C SER D 40 -4.39 24.25 -46.23
N THR D 41 -4.02 23.17 -46.91
CA THR D 41 -4.20 21.84 -46.34
C THR D 41 -3.29 21.70 -45.13
N GLN D 42 -2.02 22.07 -45.28
CA GLN D 42 -1.07 21.91 -44.18
C GLN D 42 -1.51 22.75 -42.97
N ASN D 43 -1.94 23.97 -43.24
CA ASN D 43 -2.41 24.87 -42.19
C ASN D 43 -3.56 24.24 -41.43
N ALA D 44 -4.51 23.66 -42.16
CA ALA D 44 -5.68 23.07 -41.55
C ALA D 44 -5.29 21.87 -40.68
N ILE D 45 -4.40 21.01 -41.16
CA ILE D 45 -4.05 19.85 -40.35
C ILE D 45 -3.35 20.31 -39.08
N ASP D 46 -2.63 21.42 -39.17
CA ASP D 46 -2.01 21.96 -37.96
C ASP D 46 -3.08 22.38 -36.94
N GLU D 47 -4.03 23.17 -37.40
CA GLU D 47 -5.01 23.72 -36.51
C GLU D 47 -5.93 22.66 -35.89
N ILE D 48 -6.40 21.71 -36.70
CA ILE D 48 -7.19 20.58 -36.21
C ILE D 48 -6.40 19.69 -35.25
N THR D 49 -5.13 19.42 -35.55
CA THR D 49 -4.28 18.76 -34.56
C THR D 49 -4.30 19.53 -33.22
N ASN D 50 -4.13 20.85 -33.27
CA ASN D 50 -4.22 21.65 -32.07
C ASN D 50 -5.54 21.53 -31.31
N LYS D 51 -6.66 21.56 -32.01
CA LYS D 51 -7.94 21.36 -31.38
C LYS D 51 -8.03 20.04 -30.61
N VAL D 52 -7.73 18.92 -31.27
CA VAL D 52 -7.70 17.61 -30.62
C VAL D 52 -6.76 17.61 -29.39
N ASN D 53 -5.51 18.02 -29.57
CA ASN D 53 -4.58 18.06 -28.45
C ASN D 53 -5.08 18.90 -27.29
N SER D 54 -5.84 19.95 -27.57
CA SER D 54 -6.35 20.83 -26.51
C SER D 54 -7.38 20.13 -25.68
N VAL D 55 -8.41 19.64 -26.36
CA VAL D 55 -9.46 18.88 -25.71
C VAL D 55 -8.86 17.74 -24.85
N ILE D 56 -7.74 17.13 -25.27
CA ILE D 56 -7.13 16.02 -24.55
C ILE D 56 -6.25 16.49 -23.41
N GLU D 57 -5.36 17.44 -23.71
CA GLU D 57 -4.29 17.85 -22.78
C GLU D 57 -4.67 18.81 -21.65
N LYS D 58 -5.83 19.46 -21.75
CA LYS D 58 -6.34 20.36 -20.68
C LYS D 58 -6.95 19.61 -19.52
N MET D 59 -7.25 18.32 -19.73
CA MET D 59 -7.73 17.44 -18.68
C MET D 59 -6.62 17.21 -17.63
N ASN D 60 -6.68 18.00 -16.54
CA ASN D 60 -5.78 17.86 -15.37
C ASN D 60 -6.25 16.64 -14.62
N THR D 61 -5.37 15.70 -14.31
CA THR D 61 -5.88 14.51 -13.60
C THR D 61 -5.16 14.10 -12.31
N GLN D 62 -5.91 14.06 -11.23
CA GLN D 62 -5.35 13.80 -9.88
C GLN D 62 -5.19 12.32 -9.61
N PHE D 63 -4.11 11.92 -8.96
CA PHE D 63 -4.10 10.56 -8.44
C PHE D 63 -5.14 10.42 -7.35
N THR D 64 -6.19 9.62 -7.60
CA THR D 64 -7.19 9.34 -6.58
C THR D 64 -7.70 7.91 -6.60
N ALA D 65 -8.22 7.46 -5.45
CA ALA D 65 -8.89 6.17 -5.36
C ALA D 65 -10.35 6.40 -5.08
N VAL D 66 -11.15 6.21 -6.13
CA VAL D 66 -12.60 6.38 -6.06
C VAL D 66 -13.29 5.60 -4.92
N GLY D 67 -13.00 4.30 -4.80
CA GLY D 67 -13.77 3.42 -3.94
C GLY D 67 -13.66 3.73 -2.46
N LYS D 68 -14.70 3.42 -1.68
CA LYS D 68 -14.69 3.60 -0.24
C LYS D 68 -15.50 2.50 0.36
N GLU D 69 -15.13 2.02 1.54
CA GLU D 69 -15.91 0.94 2.13
C GLU D 69 -16.65 1.36 3.39
N PHE D 70 -17.95 1.02 3.47
CA PHE D 70 -18.75 1.33 4.63
C PHE D 70 -19.45 0.18 5.30
N ASN D 71 -19.60 0.37 6.57
CA ASN D 71 -20.08 -0.63 7.50
C ASN D 71 -21.64 -0.59 7.51
N HIS D 72 -22.28 -1.65 7.98
CA HIS D 72 -23.75 -1.74 7.97
C HIS D 72 -24.49 -0.60 8.72
N LEU D 73 -23.78 0.17 9.54
CA LEU D 73 -24.34 1.27 10.32
C LEU D 73 -23.88 2.62 9.76
N GLU D 74 -23.52 2.60 8.48
CA GLU D 74 -22.98 3.79 7.85
C GLU D 74 -23.61 3.97 6.47
N LYS D 75 -24.89 3.59 6.35
CA LYS D 75 -25.60 3.76 5.07
C LYS D 75 -25.66 5.20 4.59
N ARG D 76 -25.82 6.15 5.50
CA ARG D 76 -25.95 7.57 5.20
C ARG D 76 -24.71 8.03 4.50
N ILE D 77 -23.55 7.84 5.11
CA ILE D 77 -22.31 8.31 4.44
C ILE D 77 -22.02 7.48 3.20
N GLU D 78 -22.35 6.19 3.23
CA GLU D 78 -22.27 5.39 2.01
C GLU D 78 -23.09 6.00 0.90
N ASN D 79 -24.31 6.45 1.22
CA ASN D 79 -25.16 7.15 0.26
C ASN D 79 -24.68 8.54 -0.10
N LEU D 80 -24.11 9.24 0.86
CA LEU D 80 -23.44 10.51 0.57
C LEU D 80 -22.36 10.29 -0.49
N ASN D 81 -21.55 9.28 -0.25
CA ASN D 81 -20.51 8.96 -1.19
C ASN D 81 -21.04 8.60 -2.59
N LYS D 82 -22.13 7.83 -2.61
CA LYS D 82 -22.75 7.48 -3.90
C LYS D 82 -23.20 8.76 -4.61
N LYS D 83 -23.74 9.73 -3.85
CA LYS D 83 -24.24 11.02 -4.41
C LYS D 83 -23.16 11.79 -5.10
N ILE D 84 -21.99 11.87 -4.48
CA ILE D 84 -20.88 12.53 -5.16
C ILE D 84 -20.42 11.79 -6.44
N ASP D 85 -20.35 10.45 -6.40
CA ASP D 85 -19.93 9.73 -7.64
C ASP D 85 -20.91 9.92 -8.78
N ASP D 86 -22.22 9.83 -8.47
CA ASP D 86 -23.25 10.07 -9.48
C ASP D 86 -23.27 11.49 -9.98
N GLY D 87 -23.07 12.46 -9.08
CA GLY D 87 -23.08 13.87 -9.45
C GLY D 87 -21.99 14.15 -10.48
N PHE D 88 -20.80 13.56 -10.27
CA PHE D 88 -19.66 13.77 -11.17
C PHE D 88 -19.97 13.10 -12.48
N LEU D 89 -20.60 11.92 -12.39
CA LEU D 89 -21.03 11.17 -13.58
C LEU D 89 -21.95 12.01 -14.42
N ASP D 90 -22.86 12.72 -13.78
CA ASP D 90 -23.82 13.45 -14.57
C ASP D 90 -23.17 14.66 -15.16
N ILE D 91 -22.23 15.30 -14.46
CA ILE D 91 -21.66 16.46 -15.12
C ILE D 91 -20.66 16.10 -16.18
N TRP D 92 -19.82 15.10 -15.96
CA TRP D 92 -18.86 14.74 -16.99
C TRP D 92 -19.56 14.15 -18.22
N THR D 93 -20.65 13.40 -18.03
CA THR D 93 -21.34 12.82 -19.17
C THR D 93 -21.92 13.94 -20.04
N TYR D 94 -22.67 14.84 -19.41
CA TYR D 94 -23.29 15.96 -20.11
C TYR D 94 -22.28 16.84 -20.81
N ASN D 95 -21.23 17.22 -20.11
CA ASN D 95 -20.21 18.06 -20.73
C ASN D 95 -19.52 17.41 -21.93
N ALA D 96 -19.17 16.15 -21.80
CA ALA D 96 -18.43 15.49 -22.86
C ALA D 96 -19.32 15.37 -24.09
N GLU D 97 -20.58 15.02 -23.89
CA GLU D 97 -21.46 14.89 -25.01
C GLU D 97 -21.64 16.23 -25.73
N LEU D 98 -21.87 17.29 -24.97
CA LEU D 98 -22.09 18.56 -25.61
C LEU D 98 -20.84 19.13 -26.23
N LEU D 99 -19.70 18.87 -25.61
CA LEU D 99 -18.45 19.34 -26.16
C LEU D 99 -18.28 18.74 -27.53
N VAL D 100 -18.46 17.45 -27.65
CA VAL D 100 -18.30 16.80 -28.92
C VAL D 100 -19.31 17.38 -29.93
N LEU D 101 -20.57 17.50 -29.55
CA LEU D 101 -21.54 18.04 -30.48
C LEU D 101 -21.17 19.41 -30.99
N LEU D 102 -20.79 20.35 -30.09
CA LEU D 102 -20.42 21.74 -30.47
C LEU D 102 -19.17 21.80 -31.37
N GLU D 103 -18.12 21.10 -30.97
CA GLU D 103 -16.89 21.13 -31.74
C GLU D 103 -17.01 20.53 -33.13
N ASN D 104 -17.83 19.50 -33.27
CA ASN D 104 -18.03 18.88 -34.55
C ASN D 104 -18.71 19.83 -35.52
N GLU D 105 -19.78 20.42 -35.03
CA GLU D 105 -20.47 21.46 -35.74
C GLU D 105 -19.51 22.54 -36.26
N ARG D 106 -18.53 22.92 -35.43
CA ARG D 106 -17.60 23.99 -35.74
C ARG D 106 -16.46 23.53 -36.66
N THR D 107 -16.04 22.28 -36.51
CA THR D 107 -15.01 21.72 -37.38
C THR D 107 -15.54 21.63 -38.80
N LEU D 108 -16.76 21.13 -38.93
CA LEU D 108 -17.37 21.07 -40.27
C LEU D 108 -17.48 22.46 -40.92
N ASP D 109 -17.82 23.47 -40.11
CA ASP D 109 -17.95 24.83 -40.61
C ASP D 109 -16.61 25.44 -40.89
N TYR D 110 -15.61 25.02 -40.12
CA TYR D 110 -14.23 25.46 -40.35
C TYR D 110 -13.79 25.06 -41.75
N HIS D 111 -14.01 23.78 -42.10
CA HIS D 111 -13.66 23.31 -43.42
C HIS D 111 -14.41 24.03 -44.55
N ASP D 112 -15.71 24.25 -44.33
CA ASP D 112 -16.55 24.97 -45.27
C ASP D 112 -15.92 26.32 -45.54
N SER D 113 -15.60 27.02 -44.46
CA SER D 113 -14.92 28.31 -44.52
C SER D 113 -13.61 28.32 -45.34
N ASN D 114 -12.77 27.29 -45.16
CA ASN D 114 -11.52 27.16 -45.90
C ASN D 114 -11.75 27.00 -47.39
N VAL D 115 -12.67 26.13 -47.76
CA VAL D 115 -13.01 25.91 -49.15
C VAL D 115 -13.54 27.18 -49.80
N LYS D 116 -14.45 27.88 -49.12
CA LYS D 116 -14.99 29.12 -49.61
C LYS D 116 -13.91 30.18 -49.76
N ASN D 117 -12.93 30.24 -48.87
CA ASN D 117 -11.88 31.21 -48.98
C ASN D 117 -10.91 30.91 -50.12
N LEU D 118 -10.77 29.62 -50.45
CA LEU D 118 -9.91 29.18 -51.51
C LEU D 118 -10.53 29.58 -52.83
N TYR D 119 -11.83 29.37 -52.94
CA TYR D 119 -12.61 29.82 -54.08
C TYR D 119 -12.52 31.33 -54.29
N GLU D 120 -12.71 32.10 -53.23
CA GLU D 120 -12.65 33.56 -53.36
C GLU D 120 -11.26 34.08 -53.65
N LYS D 121 -10.26 33.36 -53.18
CA LYS D 121 -8.87 33.69 -53.44
C LYS D 121 -8.62 33.66 -54.95
N VAL D 122 -9.29 32.73 -55.63
CA VAL D 122 -9.16 32.56 -57.07
C VAL D 122 -10.03 33.53 -57.87
N ARG D 123 -11.29 33.67 -57.51
CA ARG D 123 -12.16 34.62 -58.19
C ARG D 123 -11.55 36.02 -58.15
N SER D 124 -10.92 36.32 -57.01
CA SER D 124 -10.30 37.60 -56.74
C SER D 124 -9.21 37.95 -57.74
N GLN D 125 -8.52 36.92 -58.19
CA GLN D 125 -7.35 37.03 -59.01
C GLN D 125 -7.68 37.15 -60.51
N LEU D 126 -8.62 36.32 -60.97
CA LEU D 126 -8.96 36.23 -62.38
C LEU D 126 -9.88 37.34 -62.86
N LYS D 127 -10.79 37.74 -61.98
CA LYS D 127 -11.78 38.74 -62.31
C LYS D 127 -12.53 38.36 -63.55
N ASN D 128 -12.55 39.26 -64.54
CA ASN D 128 -13.27 39.00 -65.79
C ASN D 128 -12.40 38.44 -66.92
N ASN D 129 -11.28 37.83 -66.54
CA ASN D 129 -10.54 36.96 -67.47
C ASN D 129 -11.09 35.51 -67.52
N ALA D 130 -12.03 35.21 -66.61
CA ALA D 130 -12.66 33.90 -66.56
C ALA D 130 -14.13 34.05 -66.29
N LYS D 131 -14.90 33.04 -66.71
CA LYS D 131 -16.36 32.96 -66.50
C LYS D 131 -16.64 32.07 -65.30
N GLU D 132 -17.36 32.59 -64.30
CA GLU D 132 -17.80 31.75 -63.19
C GLU D 132 -18.90 30.84 -63.69
N ILE D 133 -18.58 29.57 -63.93
CA ILE D 133 -19.59 28.56 -64.29
C ILE D 133 -20.48 28.13 -63.11
N GLY D 134 -20.05 28.33 -61.87
CA GLY D 134 -20.76 27.76 -60.71
C GLY D 134 -20.22 26.36 -60.51
N ASN D 135 -20.50 25.77 -59.35
CA ASN D 135 -19.91 24.47 -59.00
C ASN D 135 -18.39 24.57 -58.71
N GLY D 136 -17.97 25.79 -58.38
CA GLY D 136 -16.61 26.03 -58.03
C GLY D 136 -15.69 26.06 -59.23
N CYS D 137 -16.23 26.09 -60.45
CA CYS D 137 -15.37 26.12 -61.63
C CYS D 137 -15.26 27.46 -62.33
N PHE D 138 -14.10 27.72 -62.92
CA PHE D 138 -13.84 28.91 -63.72
C PHE D 138 -13.47 28.49 -65.14
N GLU D 139 -14.09 29.10 -66.13
CA GLU D 139 -13.72 28.87 -67.51
C GLU D 139 -12.94 30.07 -67.97
N PHE D 140 -11.68 29.88 -68.30
CA PHE D 140 -10.84 30.96 -68.81
C PHE D 140 -11.26 31.45 -70.21
N TYR D 141 -11.24 32.77 -70.37
CA TYR D 141 -11.49 33.37 -71.67
C TYR D 141 -10.22 33.39 -72.52
N HIS D 142 -9.18 32.70 -72.06
CA HIS D 142 -7.91 32.65 -72.76
C HIS D 142 -7.24 31.29 -72.55
N LYS D 143 -6.19 31.00 -73.33
CA LYS D 143 -5.39 29.81 -73.06
C LYS D 143 -4.63 29.92 -71.73
N CYS D 144 -4.74 28.88 -70.93
CA CYS D 144 -4.03 28.85 -69.68
C CYS D 144 -3.29 27.53 -69.55
N ASP D 145 -1.98 27.59 -69.78
CA ASP D 145 -1.12 26.41 -69.75
C ASP D 145 -0.71 26.05 -68.32
N ASN D 146 0.12 25.03 -68.18
CA ASN D 146 0.57 24.59 -66.86
C ASN D 146 1.28 25.64 -66.03
N THR D 147 2.05 26.51 -66.67
CA THR D 147 2.70 27.60 -65.95
C THR D 147 1.67 28.66 -65.54
N CYS D 148 0.77 28.99 -66.45
CA CYS D 148 -0.34 29.87 -66.12
C CYS D 148 -1.16 29.32 -64.93
N MET D 149 -1.51 28.04 -65.00
CA MET D 149 -2.28 27.36 -63.97
C MET D 149 -1.65 27.49 -62.62
N GLU D 150 -0.33 27.39 -62.56
CA GLU D 150 0.34 27.43 -61.28
C GLU D 150 0.48 28.83 -60.76
N SER D 151 0.55 29.80 -61.68
CA SER D 151 0.55 31.21 -61.28
C SER D 151 -0.75 31.54 -60.51
N VAL D 152 -1.81 30.81 -60.83
CA VAL D 152 -3.09 30.96 -60.16
C VAL D 152 -3.09 30.28 -58.80
N LYS D 153 -2.54 29.08 -58.77
CA LYS D 153 -2.50 28.29 -57.55
C LYS D 153 -1.68 28.93 -56.40
N ASN D 154 -0.64 29.72 -56.71
CA ASN D 154 0.07 30.41 -55.63
C ASN D 154 -0.06 31.95 -55.63
N GLY D 155 -1.16 32.44 -56.17
CA GLY D 155 -1.50 33.83 -56.01
C GLY D 155 -0.78 34.81 -56.89
N THR D 156 -0.06 34.33 -57.88
CA THR D 156 0.72 35.23 -58.71
C THR D 156 0.20 35.31 -60.15
N TYR D 157 -1.12 35.22 -60.32
CA TYR D 157 -1.71 35.38 -61.64
C TYR D 157 -1.53 36.81 -62.17
N ASP D 158 -1.17 36.93 -63.44
CA ASP D 158 -0.97 38.22 -64.03
C ASP D 158 -2.23 38.58 -64.78
N TYR D 159 -3.09 39.39 -64.16
CA TYR D 159 -4.31 39.83 -64.82
C TYR D 159 -4.07 40.61 -66.16
N PRO D 160 -3.26 41.71 -66.13
CA PRO D 160 -3.13 42.54 -67.37
C PRO D 160 -2.59 41.76 -68.59
N LYS D 161 -1.69 40.82 -68.31
CA LYS D 161 -1.06 39.93 -69.29
C LYS D 161 -2.05 39.30 -70.24
N TYR D 162 -3.23 38.96 -69.74
CA TYR D 162 -4.20 38.25 -70.54
C TYR D 162 -5.50 39.00 -70.89
N SER D 163 -5.61 40.26 -70.45
CA SER D 163 -6.88 40.99 -70.55
C SER D 163 -7.39 41.18 -72.00
N GLU D 164 -6.50 41.49 -72.94
CA GLU D 164 -6.91 41.67 -74.33
C GLU D 164 -7.47 40.39 -74.95
N GLU D 165 -6.67 39.33 -74.85
CA GLU D 165 -7.08 38.03 -75.35
C GLU D 165 -8.45 37.62 -74.80
N ALA D 166 -8.58 37.80 -73.49
CA ALA D 166 -9.79 37.47 -72.78
C ALA D 166 -10.99 38.28 -73.26
N LYS D 167 -10.78 39.60 -73.39
CA LYS D 167 -11.90 40.49 -73.72
C LYS D 167 -12.41 40.31 -75.16
N LEU D 168 -11.49 39.90 -76.04
CA LEU D 168 -11.86 39.49 -77.42
C LEU D 168 -12.86 38.32 -77.41
N ASN D 169 -12.54 37.29 -76.64
CA ASN D 169 -13.34 36.08 -76.62
C ASN D 169 -14.63 36.28 -75.88
N ARG D 170 -14.72 37.39 -75.14
CA ARG D 170 -15.83 37.59 -74.20
C ARG D 170 -16.99 38.28 -74.86
N GLU D 171 -16.63 39.07 -75.87
CA GLU D 171 -17.46 40.16 -76.36
C GLU D 171 -17.79 40.00 -77.84
N GLU D 172 -16.80 40.34 -78.68
CA GLU D 172 -17.01 40.71 -80.09
C GLU D 172 -18.18 40.03 -80.80
N GLY E 4 -4.56 58.30 -59.17
CA GLY E 4 -5.99 58.11 -58.80
C GLY E 4 -6.21 57.88 -57.31
N ASP E 5 -6.99 58.75 -56.68
CA ASP E 5 -7.15 58.70 -55.23
C ASP E 5 -7.91 57.43 -54.75
N THR E 6 -7.93 57.23 -53.45
CA THR E 6 -8.12 55.89 -52.88
C THR E 6 -8.70 55.89 -51.45
N LEU E 7 -9.66 55.00 -51.20
CA LEU E 7 -10.21 54.77 -49.86
C LEU E 7 -9.85 53.36 -49.46
N CYS E 8 -9.28 53.20 -48.28
CA CYS E 8 -8.95 51.85 -47.78
C CYS E 8 -9.63 51.44 -46.48
N ILE E 9 -10.03 50.17 -46.38
CA ILE E 9 -10.59 49.61 -45.14
C ILE E 9 -9.46 48.92 -44.39
N GLY E 10 -9.43 49.07 -43.06
CA GLY E 10 -8.38 48.47 -42.23
C GLY E 10 -8.77 48.34 -40.76
N TYR E 11 -7.78 48.02 -39.93
CA TYR E 11 -8.02 47.71 -38.53
C TYR E 11 -6.80 48.02 -37.68
N HIS E 12 -7.06 48.24 -36.39
CA HIS E 12 -6.07 48.68 -35.41
C HIS E 12 -4.94 47.68 -35.21
N ALA E 13 -3.75 48.20 -34.99
CA ALA E 13 -2.61 47.43 -34.50
C ALA E 13 -1.89 48.32 -33.48
N ASN E 14 -1.11 47.73 -32.57
CA ASN E 14 -0.46 48.56 -31.54
C ASN E 14 0.80 47.99 -30.86
N ASN E 15 1.22 48.69 -29.79
CA ASN E 15 2.28 48.29 -28.85
C ASN E 15 2.21 46.83 -28.34
N SER E 16 1.00 46.38 -27.99
CA SER E 16 0.74 45.19 -27.16
C SER E 16 1.58 43.95 -27.45
N THR E 17 1.93 43.24 -26.38
CA THR E 17 2.64 41.95 -26.49
C THR E 17 1.91 40.79 -25.78
N ASP E 18 0.73 41.08 -25.21
CA ASP E 18 -0.14 40.06 -24.62
C ASP E 18 -0.44 38.97 -25.64
N THR E 19 -0.39 37.73 -25.18
CA THR E 19 -0.78 36.61 -26.03
C THR E 19 -1.96 35.86 -25.41
N VAL E 20 -2.79 35.28 -26.26
CA VAL E 20 -3.85 34.40 -25.83
C VAL E 20 -3.75 33.11 -26.61
N ASP E 21 -4.41 32.08 -26.10
CA ASP E 21 -4.57 30.82 -26.82
C ASP E 21 -5.99 30.68 -27.30
N THR E 22 -6.17 30.04 -28.45
CA THR E 22 -7.48 29.68 -28.97
C THR E 22 -7.46 28.17 -29.16
N VAL E 23 -8.59 27.55 -29.47
CA VAL E 23 -8.56 26.10 -29.74
C VAL E 23 -7.67 25.75 -30.94
N LEU E 24 -7.61 26.65 -31.93
CA LEU E 24 -6.90 26.36 -33.17
C LEU E 24 -5.46 26.82 -33.15
N GLU E 25 -5.14 27.78 -32.30
CA GLU E 25 -3.82 28.38 -32.31
C GLU E 25 -3.35 28.78 -30.93
N LYS E 26 -2.08 28.55 -30.67
CA LYS E 26 -1.46 29.00 -29.42
C LYS E 26 -0.71 30.32 -29.63
N ASN E 27 -0.61 31.12 -28.58
CA ASN E 27 0.27 32.28 -28.59
C ASN E 27 -0.06 33.31 -29.68
N VAL E 28 -1.31 33.73 -29.74
CA VAL E 28 -1.72 34.74 -30.70
C VAL E 28 -1.69 36.09 -30.03
N THR E 29 -0.89 37.01 -30.55
CA THR E 29 -0.79 38.37 -30.01
C THR E 29 -2.06 39.13 -30.35
N VAL E 30 -2.62 39.79 -29.35
CA VAL E 30 -3.85 40.56 -29.52
C VAL E 30 -3.66 42.01 -29.06
N THR E 31 -4.54 42.88 -29.53
CA THR E 31 -4.40 44.32 -29.25
C THR E 31 -4.82 44.67 -27.83
N HIS E 32 -5.83 43.95 -27.34
CA HIS E 32 -6.43 44.18 -26.04
C HIS E 32 -6.91 42.86 -25.47
N SER E 33 -7.03 42.80 -24.15
CA SER E 33 -7.03 41.53 -23.48
C SER E 33 -7.27 41.71 -21.99
N VAL E 34 -7.96 40.74 -21.39
CA VAL E 34 -8.23 40.81 -19.95
C VAL E 34 -8.01 39.44 -19.29
N ASN E 35 -7.35 39.43 -18.12
CA ASN E 35 -7.10 38.20 -17.37
C ASN E 35 -8.30 37.85 -16.54
N LEU E 36 -8.68 36.58 -16.57
CA LEU E 36 -9.90 36.12 -15.94
C LEU E 36 -9.65 35.36 -14.62
N LEU E 37 -8.37 35.24 -14.26
CA LEU E 37 -7.88 34.44 -13.15
C LEU E 37 -7.19 35.31 -12.12
N GLU E 38 -7.74 35.32 -10.91
CA GLU E 38 -7.14 36.10 -9.84
C GLU E 38 -5.93 35.37 -9.27
N ASP E 39 -4.76 35.99 -9.33
CA ASP E 39 -3.57 35.36 -8.79
C ASP E 39 -2.85 36.18 -7.72
N LYS E 40 -3.50 37.24 -7.24
CA LYS E 40 -2.93 38.11 -6.21
C LYS E 40 -3.75 38.06 -4.88
N HIS E 41 -3.04 37.93 -3.75
CA HIS E 41 -3.68 38.06 -2.45
C HIS E 41 -2.91 39.12 -1.67
N ASN E 42 -3.47 39.59 -0.55
CA ASN E 42 -2.87 40.71 0.18
C ASN E 42 -1.96 40.32 1.34
N GLY E 43 -1.73 39.02 1.52
CA GLY E 43 -0.81 38.50 2.53
C GLY E 43 -1.23 38.76 3.96
N LYS E 44 -2.52 38.95 4.19
CA LYS E 44 -3.10 39.26 5.52
C LYS E 44 -4.34 38.43 5.89
N LEU E 45 -4.55 38.16 7.17
CA LEU E 45 -5.83 37.62 7.64
C LEU E 45 -6.76 38.75 8.08
N CYS E 46 -7.95 38.80 7.50
CA CYS E 46 -8.79 40.00 7.61
C CYS E 46 -10.15 39.70 8.20
N LYS E 47 -10.95 40.76 8.34
CA LYS E 47 -12.31 40.65 8.85
C LYS E 47 -13.21 40.21 7.75
N LEU E 48 -14.04 39.24 8.06
CA LEU E 48 -14.95 38.64 7.09
C LEU E 48 -16.36 39.16 7.37
N ARG E 49 -16.95 39.81 6.39
CA ARG E 49 -18.22 40.51 6.58
C ARG E 49 -18.06 41.44 7.78
N GLY E 50 -16.95 42.17 7.79
CA GLY E 50 -16.72 43.23 8.80
C GLY E 50 -16.63 42.84 10.27
N VAL E 51 -16.48 41.55 10.56
CA VAL E 51 -16.20 41.11 11.93
C VAL E 51 -14.93 40.27 11.97
N ALA E 52 -14.06 40.61 12.93
CA ALA E 52 -12.76 39.97 13.07
C ALA E 52 -12.77 38.49 13.51
N PRO E 53 -11.74 37.70 13.12
CA PRO E 53 -11.64 36.32 13.57
C PRO E 53 -11.17 36.29 15.00
N LEU E 54 -11.38 35.18 15.67
CA LEU E 54 -10.79 34.94 16.98
C LEU E 54 -9.40 34.37 16.75
N HIS E 55 -8.40 35.07 17.26
CA HIS E 55 -7.02 34.63 17.06
C HIS E 55 -6.43 34.03 18.33
N LEU E 56 -6.07 32.75 18.28
CA LEU E 56 -5.64 32.03 19.49
C LEU E 56 -4.16 32.16 19.86
N GLY E 57 -3.27 32.37 18.89
CA GLY E 57 -1.84 32.50 19.18
C GLY E 57 -1.16 31.24 19.71
N LYS E 58 -0.73 31.27 20.97
CA LYS E 58 -0.13 30.13 21.69
C LYS E 58 -1.00 28.88 21.88
N CYS E 59 -2.31 29.01 21.69
CA CYS E 59 -3.23 27.96 22.11
C CYS E 59 -4.07 27.28 21.03
N ASN E 60 -4.39 26.02 21.30
CA ASN E 60 -5.54 25.29 20.81
C ASN E 60 -6.86 25.94 21.16
N ILE E 61 -7.90 25.56 20.43
CA ILE E 61 -9.26 25.73 20.92
C ILE E 61 -9.42 25.02 22.28
N ALA E 62 -8.90 23.79 22.39
CA ALA E 62 -9.02 23.04 23.65
C ALA E 62 -8.51 23.91 24.76
N GLY E 63 -7.29 24.42 24.61
CA GLY E 63 -6.66 25.20 25.69
C GLY E 63 -7.43 26.48 25.96
N TRP E 64 -7.97 27.07 24.91
CA TRP E 64 -8.76 28.26 25.10
C TRP E 64 -10.09 28.02 25.81
N ILE E 65 -10.95 27.07 25.41
CA ILE E 65 -12.22 26.92 26.16
C ILE E 65 -12.06 26.29 27.53
N LEU E 66 -11.08 25.41 27.71
CA LEU E 66 -10.85 24.84 29.03
C LEU E 66 -10.25 25.89 29.98
N GLY E 67 -9.46 26.78 29.44
CA GLY E 67 -8.87 27.81 30.24
C GLY E 67 -7.49 27.41 30.71
N ASN E 68 -6.69 26.86 29.81
CA ASN E 68 -5.32 26.58 30.10
C ASN E 68 -4.65 27.86 30.62
N PRO E 69 -3.79 27.77 31.66
CA PRO E 69 -3.20 28.99 32.25
C PRO E 69 -2.41 29.88 31.29
N GLU E 70 -1.97 29.32 30.18
CA GLU E 70 -1.21 30.11 29.21
C GLU E 70 -2.10 30.91 28.27
N CYS E 71 -3.41 30.72 28.36
CA CYS E 71 -4.32 31.21 27.32
C CYS E 71 -5.14 32.44 27.74
N GLU E 72 -4.83 33.02 28.88
CA GLU E 72 -5.58 34.23 29.25
C GLU E 72 -4.77 35.51 29.03
N SER E 73 -3.97 35.52 27.97
CA SER E 73 -3.39 36.73 27.44
C SER E 73 -4.35 37.17 26.34
N LEU E 74 -5.32 36.31 26.06
CA LEU E 74 -6.30 36.53 24.99
C LEU E 74 -7.49 37.35 25.49
N SER E 75 -7.66 38.53 24.89
CA SER E 75 -8.89 39.32 25.04
C SER E 75 -10.03 38.56 24.32
N THR E 76 -11.07 38.30 25.12
CA THR E 76 -12.16 37.38 24.76
C THR E 76 -13.33 38.25 24.24
N ALA E 77 -13.52 38.25 22.92
CA ALA E 77 -14.55 39.07 22.26
C ALA E 77 -15.87 38.31 22.25
N SER E 78 -16.97 38.99 22.05
CA SER E 78 -18.26 38.31 22.08
C SER E 78 -18.73 37.90 20.70
N SER E 79 -17.85 38.02 19.70
CA SER E 79 -18.22 37.83 18.31
C SER E 79 -16.99 37.42 17.49
N TRP E 80 -17.12 36.43 16.62
CA TRP E 80 -16.09 36.20 15.61
C TRP E 80 -16.66 35.58 14.35
N SER E 81 -15.91 35.68 13.25
CA SER E 81 -16.37 35.19 11.95
C SER E 81 -15.69 33.88 11.54
N TYR E 82 -14.57 33.59 12.17
CA TYR E 82 -13.89 32.34 11.98
C TYR E 82 -12.81 32.30 13.02
N ILE E 83 -12.08 31.20 13.11
CA ILE E 83 -11.04 31.04 14.12
C ILE E 83 -9.67 30.79 13.45
N VAL E 84 -8.65 31.44 14.02
CA VAL E 84 -7.28 31.28 13.57
C VAL E 84 -6.39 30.62 14.64
N GLU E 85 -5.80 29.47 14.28
CA GLU E 85 -4.72 28.87 15.06
C GLU E 85 -3.41 29.02 14.30
N THR E 86 -2.29 29.06 15.01
CA THR E 86 -0.96 29.14 14.37
C THR E 86 -0.22 27.80 14.47
N SER E 87 0.90 27.68 13.76
CA SER E 87 1.69 26.44 13.75
C SER E 87 2.34 26.27 15.14
N SER E 88 2.26 27.30 15.94
CA SER E 88 2.84 27.31 17.26
C SER E 88 1.72 27.20 18.33
N SER E 89 0.51 26.81 17.90
CA SER E 89 -0.66 26.68 18.79
C SER E 89 -0.68 25.32 19.48
N ASP E 90 -0.17 25.32 20.70
CA ASP E 90 0.45 24.16 21.28
C ASP E 90 -0.06 23.87 22.68
N ASN E 91 -0.51 24.92 23.38
CA ASN E 91 -1.05 24.78 24.70
C ASN E 91 -2.52 24.43 24.59
N GLY E 92 -2.83 23.22 25.03
CA GLY E 92 -4.18 22.63 24.89
C GLY E 92 -4.54 21.94 26.19
N THR E 93 -4.92 20.67 26.12
CA THR E 93 -5.17 19.93 27.38
C THR E 93 -3.81 19.63 28.07
N CYS E 94 -3.50 20.33 29.16
CA CYS E 94 -2.19 20.10 29.80
C CYS E 94 -2.15 18.86 30.71
N TYR E 95 -3.32 18.41 31.19
CA TYR E 95 -3.41 17.14 31.85
C TYR E 95 -3.92 16.14 30.83
N PRO E 96 -3.11 15.10 30.50
CA PRO E 96 -3.36 14.22 29.36
C PRO E 96 -4.67 13.45 29.42
N GLY E 97 -5.35 13.29 28.28
CA GLY E 97 -6.58 12.52 28.22
C GLY E 97 -7.26 12.72 26.90
N ASP E 98 -8.38 12.05 26.63
CA ASP E 98 -9.19 12.33 25.43
C ASP E 98 -10.12 13.51 25.63
N PHE E 99 -10.30 14.27 24.56
CA PHE E 99 -11.27 15.34 24.54
C PHE E 99 -12.36 14.82 23.61
N ILE E 100 -13.49 14.37 24.16
CA ILE E 100 -14.49 13.68 23.39
C ILE E 100 -15.22 14.61 22.45
N ASP E 101 -15.36 14.16 21.18
CA ASP E 101 -16.07 14.94 20.14
C ASP E 101 -15.47 16.33 20.01
N TYR E 102 -14.15 16.39 20.13
CA TYR E 102 -13.40 17.61 20.01
C TYR E 102 -13.60 18.32 18.67
N GLU E 103 -13.48 17.60 17.57
CA GLU E 103 -13.52 18.23 16.24
C GLU E 103 -14.88 18.81 16.00
N GLU E 104 -15.92 18.19 16.59
CA GLU E 104 -17.28 18.68 16.45
C GLU E 104 -17.45 19.94 17.26
N LEU E 105 -16.84 19.99 18.44
CA LEU E 105 -16.80 21.19 19.21
C LEU E 105 -16.19 22.30 18.36
N ARG E 106 -15.02 22.06 17.77
CA ARG E 106 -14.35 23.13 17.07
C ARG E 106 -15.25 23.59 15.91
N GLU E 107 -15.99 22.67 15.31
CA GLU E 107 -16.86 23.07 14.22
C GLU E 107 -17.97 23.96 14.74
N GLN E 108 -18.53 23.61 15.90
CA GLN E 108 -19.68 24.32 16.39
C GLN E 108 -19.33 25.67 16.93
N LEU E 109 -18.05 25.89 17.17
CA LEU E 109 -17.58 27.06 17.86
C LEU E 109 -16.96 28.01 16.85
N SER E 110 -16.88 27.53 15.60
CA SER E 110 -16.35 28.23 14.40
C SER E 110 -16.64 29.70 14.29
N SER E 111 -17.86 30.06 14.65
CA SER E 111 -18.41 31.36 14.32
C SER E 111 -19.62 31.53 15.18
N VAL E 112 -19.62 32.59 15.96
CA VAL E 112 -20.68 32.78 16.88
C VAL E 112 -20.99 34.24 16.79
N SER E 113 -22.26 34.60 16.85
CA SER E 113 -22.65 36.01 16.76
C SER E 113 -22.73 36.61 18.14
N SER E 114 -22.65 35.77 19.17
CA SER E 114 -22.80 36.24 20.52
C SER E 114 -22.19 35.16 21.41
N PHE E 115 -21.35 35.57 22.38
CA PHE E 115 -20.55 34.63 23.19
C PHE E 115 -20.17 35.30 24.48
N GLU E 116 -20.60 34.72 25.60
CA GLU E 116 -20.39 35.31 26.90
C GLU E 116 -19.98 34.23 27.89
N ARG E 117 -18.88 34.48 28.60
CA ARG E 117 -18.38 33.56 29.62
C ARG E 117 -18.91 33.98 30.99
N PHE E 118 -19.43 33.04 31.77
CA PHE E 118 -20.00 33.37 33.10
C PHE E 118 -19.75 32.21 34.08
N GLU E 119 -19.90 32.48 35.36
CA GLU E 119 -19.60 31.50 36.39
C GLU E 119 -20.87 30.71 36.74
N ILE E 120 -21.05 29.50 36.16
CA ILE E 120 -22.26 28.70 36.48
C ILE E 120 -22.26 28.23 37.89
N PHE E 121 -21.11 27.76 38.34
CA PHE E 121 -20.96 27.28 39.69
C PHE E 121 -19.88 28.11 40.41
N PRO E 122 -20.29 29.23 41.06
CA PRO E 122 -19.32 30.09 41.74
C PRO E 122 -18.48 29.28 42.73
N LYS E 123 -17.16 29.38 42.59
CA LYS E 123 -16.21 28.63 43.40
C LYS E 123 -16.39 28.84 44.89
N THR E 124 -16.67 30.08 45.23
CA THR E 124 -16.66 30.53 46.59
C THR E 124 -17.81 29.90 47.37
N SER E 125 -18.92 29.56 46.73
CA SER E 125 -20.11 29.11 47.46
C SER E 125 -20.72 27.79 47.00
N SER E 126 -20.14 27.17 45.99
CA SER E 126 -20.78 26.01 45.37
C SER E 126 -20.47 24.67 46.00
N TRP E 127 -19.34 24.55 46.68
CA TRP E 127 -18.81 23.26 47.15
C TRP E 127 -18.39 23.28 48.64
N PRO E 128 -19.37 23.41 49.54
CA PRO E 128 -19.03 23.54 50.94
C PRO E 128 -18.53 22.26 51.58
N ASN E 129 -18.84 21.11 50.96
CA ASN E 129 -18.44 19.80 51.51
C ASN E 129 -17.28 19.11 50.79
N HIS E 130 -16.63 19.85 49.90
CA HIS E 130 -15.50 19.32 49.14
C HIS E 130 -14.41 20.35 49.03
N ASP E 131 -13.18 19.89 48.77
CA ASP E 131 -12.03 20.78 48.74
C ASP E 131 -11.81 21.35 47.35
N SER E 132 -11.92 22.66 47.23
CA SER E 132 -11.84 23.31 45.94
C SER E 132 -10.52 24.06 45.71
N ASN E 133 -9.59 23.91 46.65
CA ASN E 133 -8.31 24.64 46.55
C ASN E 133 -7.09 23.78 46.23
N LYS E 134 -7.07 22.53 46.68
CA LYS E 134 -5.94 21.65 46.40
C LYS E 134 -6.23 20.87 45.12
N GLY E 135 -6.37 21.47 43.95
CA GLY E 135 -6.80 20.64 42.81
C GLY E 135 -5.98 21.15 41.68
N VAL E 136 -4.70 20.92 41.81
CA VAL E 136 -3.68 21.70 41.15
C VAL E 136 -2.61 20.67 40.81
N THR E 137 -1.83 20.90 39.76
CA THR E 137 -0.89 19.86 39.28
C THR E 137 0.34 20.46 38.61
N ALA E 138 1.45 19.72 38.62
CA ALA E 138 2.66 20.13 37.91
C ALA E 138 2.48 20.06 36.39
N ALA E 139 1.47 19.31 35.94
CA ALA E 139 1.16 19.22 34.52
C ALA E 139 0.62 20.51 33.92
N CYS E 140 0.04 21.38 34.76
CA CYS E 140 -0.48 22.68 34.34
C CYS E 140 0.15 23.81 35.17
N PRO E 141 1.43 24.17 34.90
CA PRO E 141 2.06 25.22 35.69
C PRO E 141 1.65 26.63 35.28
N HIS E 142 1.53 27.51 36.26
CA HIS E 142 1.37 28.95 35.96
C HIS E 142 2.66 29.72 36.28
N ALA E 143 2.59 30.71 37.17
CA ALA E 143 3.72 31.58 37.42
C ALA E 143 4.83 30.81 38.17
N GLY E 144 5.24 29.69 37.57
CA GLY E 144 6.18 28.77 38.22
C GLY E 144 5.51 27.70 39.07
N ALA E 145 4.30 27.96 39.56
CA ALA E 145 3.64 27.09 40.53
C ALA E 145 2.69 26.11 39.87
N LYS E 146 2.38 25.05 40.59
CA LYS E 146 1.34 24.12 40.17
C LYS E 146 0.01 24.86 40.06
N SER E 147 -0.76 24.55 39.03
CA SER E 147 -2.00 25.26 38.77
C SER E 147 -3.00 24.33 38.12
N PHE E 148 -4.06 24.89 37.55
CA PHE E 148 -5.08 24.12 36.83
C PHE E 148 -5.82 25.00 35.86
N TYR E 149 -6.74 24.44 35.09
CA TYR E 149 -7.53 25.21 34.15
C TYR E 149 -8.35 26.27 34.88
N LYS E 150 -8.55 27.42 34.27
CA LYS E 150 -9.35 28.44 34.89
C LYS E 150 -10.84 28.08 34.89
N ASN E 151 -11.30 27.35 33.89
CA ASN E 151 -12.72 27.16 33.72
C ASN E 151 -13.29 25.92 34.41
N LEU E 152 -12.42 25.12 35.00
CA LEU E 152 -12.83 23.93 35.71
C LEU E 152 -12.24 23.95 37.09
N ILE E 153 -12.83 23.21 38.01
CA ILE E 153 -12.26 23.01 39.32
C ILE E 153 -12.12 21.51 39.57
N TRP E 154 -10.96 21.12 40.08
CA TRP E 154 -10.71 19.71 40.36
C TRP E 154 -11.03 19.38 41.84
N LEU E 155 -12.29 19.02 42.15
CA LEU E 155 -12.69 18.84 43.54
C LEU E 155 -12.06 17.59 44.08
N VAL E 156 -11.64 17.65 45.34
CA VAL E 156 -10.91 16.61 46.05
C VAL E 156 -11.55 16.47 47.43
N LYS E 157 -11.38 15.33 48.10
CA LYS E 157 -11.99 15.13 49.41
C LYS E 157 -11.57 16.15 50.49
N LYS E 158 -12.50 16.42 51.40
CA LYS E 158 -12.27 17.33 52.53
C LYS E 158 -12.08 16.46 53.74
N GLY E 159 -10.89 16.57 54.34
CA GLY E 159 -10.50 15.72 55.44
C GLY E 159 -10.58 14.29 55.00
N ASN E 160 -11.50 13.53 55.58
CA ASN E 160 -11.58 12.10 55.26
C ASN E 160 -12.86 11.64 54.57
N SER E 161 -13.59 12.60 54.01
CA SER E 161 -14.89 12.31 53.49
C SER E 161 -15.10 12.92 52.12
N TYR E 162 -15.68 12.13 51.22
CA TYR E 162 -16.20 12.68 49.97
C TYR E 162 -17.68 12.31 49.99
N PRO E 163 -18.52 13.23 50.45
CA PRO E 163 -19.94 12.92 50.45
C PRO E 163 -20.51 13.03 49.03
N LYS E 164 -21.61 12.33 48.77
CA LYS E 164 -22.31 12.42 47.49
C LYS E 164 -22.57 13.89 47.16
N LEU E 165 -22.10 14.30 45.98
CA LEU E 165 -22.20 15.69 45.56
C LEU E 165 -23.36 15.77 44.60
N SER E 166 -24.16 16.84 44.67
CA SER E 166 -25.28 16.98 43.75
C SER E 166 -25.57 18.45 43.45
N LYS E 167 -25.59 18.82 42.17
CA LYS E 167 -25.60 20.23 41.80
C LYS E 167 -26.21 20.43 40.43
N SER E 168 -27.13 21.39 40.33
CA SER E 168 -27.85 21.68 39.09
C SER E 168 -27.69 23.10 38.60
N TYR E 169 -27.83 23.29 37.29
CA TYR E 169 -27.95 24.62 36.75
C TYR E 169 -29.14 24.67 35.76
N ILE E 170 -30.06 25.63 35.90
CA ILE E 170 -31.10 25.84 34.87
C ILE E 170 -30.64 26.91 33.88
N ASN E 171 -30.77 26.67 32.58
CA ASN E 171 -30.40 27.67 31.56
C ASN E 171 -31.43 28.75 31.41
N ASP E 172 -31.20 29.87 32.09
CA ASP E 172 -32.04 31.06 31.94
C ASP E 172 -31.47 32.10 30.99
N LYS E 173 -30.43 31.77 30.23
CA LYS E 173 -29.75 32.78 29.47
C LYS E 173 -30.50 33.17 28.19
N GLY E 174 -31.50 32.38 27.79
CA GLY E 174 -32.19 32.63 26.51
C GLY E 174 -31.44 32.20 25.26
N LYS E 175 -30.14 31.92 25.37
CA LYS E 175 -29.36 31.33 24.27
C LYS E 175 -29.02 29.95 24.76
N GLU E 176 -28.30 29.17 23.95
CA GLU E 176 -27.75 27.92 24.47
C GLU E 176 -26.50 28.19 25.26
N VAL E 177 -26.23 27.37 26.28
CA VAL E 177 -24.94 27.44 26.96
C VAL E 177 -24.07 26.18 26.90
N LEU E 178 -22.81 26.43 26.60
CA LEU E 178 -21.85 25.37 26.47
C LEU E 178 -21.30 25.09 27.84
N VAL E 179 -21.41 23.83 28.31
CA VAL E 179 -20.73 23.47 29.55
C VAL E 179 -19.78 22.32 29.36
N LEU E 180 -18.60 22.45 29.95
CA LEU E 180 -17.58 21.42 29.86
C LEU E 180 -17.28 20.91 31.27
N TRP E 181 -16.80 19.67 31.35
CA TRP E 181 -16.45 19.07 32.61
C TRP E 181 -15.46 17.97 32.28
N GLY E 182 -14.80 17.41 33.28
CA GLY E 182 -13.86 16.35 33.01
C GLY E 182 -14.02 15.24 34.00
N ILE E 183 -13.53 14.06 33.63
CA ILE E 183 -13.50 13.03 34.65
C ILE E 183 -12.11 12.44 34.79
N HIS E 184 -11.66 12.35 36.04
CA HIS E 184 -10.27 12.00 36.33
C HIS E 184 -10.10 10.51 36.56
N HIS E 185 -9.10 9.90 35.91
CA HIS E 185 -8.79 8.52 36.15
C HIS E 185 -7.44 8.37 36.85
N PRO E 186 -7.45 8.05 38.16
CA PRO E 186 -6.18 7.85 38.82
C PRO E 186 -5.35 6.68 38.32
N SER E 187 -4.10 6.76 38.70
CA SER E 187 -3.04 5.84 38.39
C SER E 187 -3.17 4.51 39.13
N THR E 188 -3.46 4.60 40.44
CA THR E 188 -3.45 3.45 41.36
C THR E 188 -4.57 3.57 42.37
N SER E 189 -5.01 2.45 42.96
CA SER E 189 -5.95 2.47 44.13
C SER E 189 -5.58 3.42 45.25
N ALA E 190 -4.29 3.47 45.55
CA ALA E 190 -3.74 4.33 46.57
C ALA E 190 -4.01 5.79 46.21
N ASP E 191 -3.88 6.15 44.94
CA ASP E 191 -4.19 7.52 44.52
C ASP E 191 -5.70 7.82 44.55
N GLN E 192 -6.51 6.91 44.01
CA GLN E 192 -7.97 7.04 44.05
C GLN E 192 -8.41 7.36 45.46
N GLN E 193 -7.95 6.55 46.41
CA GLN E 193 -8.42 6.65 47.79
C GLN E 193 -7.88 7.92 48.42
N SER E 194 -6.63 8.20 48.10
CA SER E 194 -5.98 9.41 48.54
C SER E 194 -6.67 10.72 48.11
N LEU E 195 -7.17 10.76 46.88
CA LEU E 195 -7.84 11.94 46.33
C LEU E 195 -9.34 12.02 46.65
N TYR E 196 -10.04 10.87 46.62
CA TYR E 196 -11.50 10.86 46.71
C TYR E 196 -12.06 10.01 47.86
N GLN E 197 -11.17 9.32 48.59
CA GLN E 197 -11.58 8.39 49.65
C GLN E 197 -12.26 7.10 49.16
N ASN E 198 -13.43 7.25 48.48
CA ASN E 198 -14.24 6.12 48.04
C ASN E 198 -13.61 5.38 46.85
N ALA E 199 -13.08 4.18 47.08
CA ALA E 199 -12.87 3.28 45.94
C ALA E 199 -14.29 3.10 45.42
N ASP E 200 -14.48 2.68 44.17
CA ASP E 200 -15.87 2.58 43.66
C ASP E 200 -16.69 3.89 43.65
N ALA E 201 -16.08 4.98 43.23
CA ALA E 201 -16.82 6.19 42.99
C ALA E 201 -17.55 6.08 41.65
N TYR E 202 -18.48 6.98 41.38
CA TYR E 202 -19.12 7.12 40.06
C TYR E 202 -19.44 8.59 39.83
N VAL E 203 -19.72 8.92 38.58
CA VAL E 203 -20.22 10.24 38.21
C VAL E 203 -21.40 10.10 37.26
N PHE E 204 -22.41 10.95 37.44
CA PHE E 204 -23.47 11.04 36.47
C PHE E 204 -23.66 12.49 36.02
N VAL E 205 -23.90 12.69 34.73
CA VAL E 205 -24.25 14.00 34.19
C VAL E 205 -25.50 13.82 33.30
N GLY E 206 -26.51 14.71 33.44
CA GLY E 206 -27.79 14.60 32.75
C GLY E 206 -28.42 15.93 32.37
N THR E 207 -29.14 15.93 31.24
CA THR E 207 -30.02 17.03 30.86
C THR E 207 -31.32 16.42 30.40
N SER E 208 -32.02 17.09 29.50
CA SER E 208 -33.21 16.51 28.88
C SER E 208 -32.88 15.52 27.80
N LYS E 209 -31.72 15.69 27.16
CA LYS E 209 -31.31 14.84 26.04
C LYS E 209 -30.02 14.05 26.37
N TYR E 210 -29.27 14.51 27.35
CA TYR E 210 -27.98 13.94 27.64
C TYR E 210 -28.08 13.12 28.92
N SER E 211 -27.47 11.93 28.93
CA SER E 211 -27.41 11.11 30.13
C SER E 211 -26.23 10.19 30.03
N LYS E 212 -25.33 10.26 31.00
CA LYS E 212 -24.20 9.36 30.99
C LYS E 212 -23.60 9.17 32.37
N LYS E 213 -23.33 7.90 32.69
CA LYS E 213 -22.64 7.50 33.92
C LYS E 213 -21.21 7.25 33.57
N PHE E 214 -20.32 7.63 34.46
CA PHE E 214 -18.89 7.44 34.27
C PHE E 214 -18.34 6.75 35.51
N LYS E 215 -17.48 5.76 35.30
CA LYS E 215 -16.70 5.14 36.38
C LYS E 215 -15.19 5.28 36.15
N PRO E 216 -14.43 5.50 37.23
CA PRO E 216 -12.98 5.64 37.08
C PRO E 216 -12.34 4.37 36.47
N GLU E 217 -11.45 4.55 35.51
CA GLU E 217 -10.65 3.44 34.99
C GLU E 217 -9.21 3.50 35.54
N ILE E 218 -9.00 2.84 36.68
CA ILE E 218 -7.75 2.93 37.43
C ILE E 218 -6.61 1.98 36.93
N ALA E 219 -5.53 2.58 36.45
CA ALA E 219 -4.43 1.84 35.85
C ALA E 219 -3.28 2.81 35.54
N ILE E 220 -2.09 2.28 35.35
CA ILE E 220 -1.02 3.18 35.00
C ILE E 220 -0.77 3.23 33.50
N ARG E 221 -0.94 4.44 32.94
CA ARG E 221 -0.62 4.70 31.53
C ARG E 221 0.79 5.22 31.40
N PRO E 222 1.35 5.16 30.19
CA PRO E 222 2.68 5.76 29.99
C PRO E 222 2.66 7.24 30.31
N LYS E 223 3.73 7.72 30.98
CA LYS E 223 3.90 9.13 31.41
C LYS E 223 3.74 10.13 30.28
N VAL E 224 2.90 11.12 30.53
CA VAL E 224 2.81 12.27 29.65
C VAL E 224 2.76 13.45 30.57
N ARG E 225 3.58 14.46 30.26
CA ARG E 225 3.78 15.64 31.12
C ARG E 225 3.79 15.16 32.57
N ASP E 226 4.47 14.04 32.81
CA ASP E 226 4.74 13.51 34.16
C ASP E 226 3.54 12.83 34.86
N GLN E 227 2.47 12.58 34.12
CA GLN E 227 1.27 11.94 34.65
C GLN E 227 1.08 10.53 34.14
N GLU E 228 0.75 9.63 35.06
CA GLU E 228 0.43 8.24 34.72
C GLU E 228 -1.06 7.93 34.76
N GLY E 229 -1.85 8.84 35.35
CA GLY E 229 -3.31 8.83 35.22
C GLY E 229 -3.73 9.58 33.97
N ARG E 230 -5.05 9.76 33.80
CA ARG E 230 -5.59 10.56 32.71
C ARG E 230 -6.84 11.35 33.08
N MET E 231 -7.16 12.38 32.30
CA MET E 231 -8.41 13.08 32.43
C MET E 231 -9.16 13.13 31.12
N ASN E 232 -10.46 12.80 31.12
CA ASN E 232 -11.22 12.95 29.88
C ASN E 232 -12.10 14.15 29.90
N TYR E 233 -12.14 14.87 28.81
CA TYR E 233 -12.90 16.10 28.79
C TYR E 233 -14.17 15.89 27.99
N TYR E 234 -15.27 16.39 28.52
CA TYR E 234 -16.59 16.31 27.92
C TYR E 234 -17.33 17.65 27.87
N TRP E 235 -18.25 17.76 26.91
CA TRP E 235 -19.08 18.97 26.73
C TRP E 235 -20.48 18.72 26.16
N THR E 236 -21.39 19.63 26.47
CA THR E 236 -22.73 19.55 25.98
C THR E 236 -23.34 20.93 25.90
N LEU E 237 -24.29 21.09 24.99
CA LEU E 237 -24.95 22.37 24.81
C LEU E 237 -26.29 22.26 25.46
N VAL E 238 -26.50 23.01 26.53
CA VAL E 238 -27.79 23.03 27.21
C VAL E 238 -28.73 24.08 26.58
N GLU E 239 -29.88 23.62 26.07
CA GLU E 239 -30.89 24.47 25.43
C GLU E 239 -31.55 25.40 26.42
N PRO E 240 -32.11 26.52 25.94
CA PRO E 240 -32.79 27.49 26.79
C PRO E 240 -33.92 26.85 27.57
N GLY E 241 -33.92 27.00 28.88
CA GLY E 241 -34.98 26.41 29.68
C GLY E 241 -34.64 25.06 30.27
N ASP E 242 -33.63 24.39 29.70
CA ASP E 242 -33.28 23.05 30.14
C ASP E 242 -32.36 23.15 31.34
N LYS E 243 -32.22 22.05 32.07
CA LYS E 243 -31.37 21.99 33.25
C LYS E 243 -30.26 20.92 33.08
N ILE E 244 -29.08 21.15 33.67
CA ILE E 244 -28.04 20.14 33.70
C ILE E 244 -27.69 19.80 35.15
N THR E 245 -27.67 18.51 35.48
CA THR E 245 -27.31 18.13 36.85
C THR E 245 -26.10 17.21 36.90
N PHE E 246 -25.26 17.44 37.90
CA PHE E 246 -24.05 16.67 38.15
C PHE E 246 -24.23 15.93 39.46
N GLU E 247 -23.89 14.65 39.46
CA GLU E 247 -23.95 13.86 40.67
C GLU E 247 -22.64 13.09 40.71
N ALA E 248 -22.05 12.92 41.89
CA ALA E 248 -20.73 12.33 41.99
C ALA E 248 -20.32 11.93 43.41
N THR E 249 -19.52 10.85 43.48
CA THR E 249 -18.85 10.42 44.73
C THR E 249 -17.35 10.40 44.60
N GLY E 250 -16.84 11.05 43.55
CA GLY E 250 -15.40 11.23 43.30
C GLY E 250 -15.10 11.38 41.82
N ASN E 251 -13.85 11.74 41.50
CA ASN E 251 -13.39 11.78 40.12
C ASN E 251 -14.00 12.85 39.17
N LEU E 252 -14.90 13.67 39.66
CA LEU E 252 -15.51 14.69 38.78
C LEU E 252 -14.70 16.00 38.83
N VAL E 253 -14.23 16.44 37.67
CA VAL E 253 -13.72 17.78 37.58
C VAL E 253 -14.79 18.69 37.11
N VAL E 254 -15.15 19.59 37.99
CA VAL E 254 -16.41 20.29 37.96
C VAL E 254 -16.38 21.56 37.12
N PRO E 255 -17.49 21.90 36.42
CA PRO E 255 -17.45 23.17 35.72
C PRO E 255 -17.31 24.38 36.66
N ARG E 256 -16.56 25.39 36.27
CA ARG E 256 -16.58 26.66 36.98
C ARG E 256 -17.18 27.76 36.12
N TYR E 257 -16.66 27.92 34.90
CA TYR E 257 -17.21 28.88 33.92
C TYR E 257 -17.85 28.13 32.79
N ALA E 258 -18.94 28.62 32.24
CA ALA E 258 -19.55 28.03 31.05
C ALA E 258 -19.71 29.13 30.02
N PHE E 259 -20.36 28.85 28.89
CA PHE E 259 -20.46 29.84 27.83
C PHE E 259 -21.83 29.97 27.23
N ALA E 260 -22.45 31.16 27.39
CA ALA E 260 -23.69 31.49 26.69
C ALA E 260 -23.40 31.91 25.24
N MET E 261 -24.06 31.31 24.26
CA MET E 261 -23.71 31.63 22.89
C MET E 261 -24.81 31.42 21.87
N GLU E 262 -24.64 32.08 20.72
CA GLU E 262 -25.53 31.97 19.57
C GLU E 262 -24.70 31.51 18.36
N ARG E 263 -24.79 30.23 17.97
CA ARG E 263 -24.00 29.74 16.84
C ARG E 263 -24.44 30.43 15.56
N ASN E 264 -23.55 30.40 14.57
CA ASN E 264 -23.78 31.13 13.35
C ASN E 264 -24.31 30.30 12.20
N ALA E 265 -23.41 29.56 11.57
CA ALA E 265 -23.63 28.92 10.29
C ALA E 265 -22.24 28.41 9.95
N GLY E 266 -22.02 28.09 8.68
CA GLY E 266 -20.78 27.40 8.29
C GLY E 266 -19.60 28.37 8.21
N SER E 267 -18.80 28.43 9.28
CA SER E 267 -17.50 29.04 9.15
C SER E 267 -16.46 27.96 9.34
N GLY E 268 -15.22 28.36 9.59
CA GLY E 268 -14.20 27.35 9.79
C GLY E 268 -13.04 27.81 10.64
N ILE E 269 -12.03 26.96 10.71
CA ILE E 269 -10.80 27.25 11.42
C ILE E 269 -9.67 27.24 10.39
N ILE E 270 -8.88 28.30 10.35
CA ILE E 270 -7.68 28.25 9.53
C ILE E 270 -6.44 28.20 10.45
N ILE E 271 -5.48 27.35 10.13
CA ILE E 271 -4.23 27.32 10.86
C ILE E 271 -3.25 28.04 9.96
N SER E 272 -2.64 29.10 10.45
CA SER E 272 -1.76 29.88 9.61
C SER E 272 -0.90 30.81 10.42
N ASP E 273 0.25 31.19 9.88
CA ASP E 273 1.13 32.17 10.53
C ASP E 273 1.10 33.57 9.89
N THR E 274 0.27 33.73 8.87
CA THR E 274 -0.04 35.04 8.27
C THR E 274 -0.59 35.95 9.37
N PRO E 275 -0.11 37.21 9.46
CA PRO E 275 -0.55 38.10 10.53
C PRO E 275 -1.98 38.59 10.34
N VAL E 276 -2.66 38.85 11.44
CA VAL E 276 -4.03 39.34 11.36
C VAL E 276 -4.01 40.86 11.29
N HIS E 277 -4.87 41.45 10.45
CA HIS E 277 -4.96 42.90 10.25
C HIS E 277 -6.37 43.50 10.32
N ASP E 278 -6.44 44.76 10.74
CA ASP E 278 -7.65 45.56 10.63
C ASP E 278 -7.78 45.83 9.14
N CYS E 279 -8.83 45.31 8.52
CA CYS E 279 -8.78 44.97 7.12
C CYS E 279 -10.08 44.26 6.79
N ASN E 280 -10.69 44.62 5.67
CA ASN E 280 -11.98 44.04 5.29
C ASN E 280 -11.92 43.12 4.05
N THR E 281 -12.55 41.95 4.10
CA THR E 281 -12.57 41.05 2.95
C THR E 281 -13.87 40.27 2.83
N THR E 282 -14.11 39.67 1.67
CA THR E 282 -15.27 38.79 1.48
C THR E 282 -14.85 37.36 1.15
N CYS E 283 -13.55 37.19 0.94
CA CYS E 283 -12.94 35.88 0.68
C CYS E 283 -11.57 35.79 1.39
N GLN E 284 -11.42 34.81 2.27
CA GLN E 284 -10.20 34.62 3.07
C GLN E 284 -9.50 33.25 2.82
N THR E 285 -8.17 33.26 2.67
CA THR E 285 -7.39 32.03 2.51
C THR E 285 -6.26 32.03 3.54
N PRO E 286 -5.65 30.86 3.81
CA PRO E 286 -4.57 30.83 4.80
C PRO E 286 -3.34 31.67 4.45
N LYS E 287 -3.23 32.07 3.18
CA LYS E 287 -2.10 32.83 2.71
C LYS E 287 -2.38 34.34 2.78
N GLY E 288 -3.66 34.69 2.66
CA GLY E 288 -4.07 36.07 2.56
C GLY E 288 -5.45 36.22 1.98
N ALA E 289 -5.97 37.43 1.99
CA ALA E 289 -7.32 37.71 1.48
C ALA E 289 -7.32 38.03 -0.02
N ILE E 290 -8.44 37.72 -0.66
CA ILE E 290 -8.65 37.92 -2.09
C ILE E 290 -9.80 38.93 -2.29
N ASN E 291 -9.48 40.13 -2.76
CA ASN E 291 -10.48 41.11 -3.13
C ASN E 291 -10.62 41.08 -4.63
N THR E 292 -11.63 40.37 -5.14
CA THR E 292 -11.78 40.25 -6.59
C THR E 292 -13.20 40.09 -7.12
N SER E 293 -13.36 40.63 -8.31
CA SER E 293 -14.53 40.50 -9.14
C SER E 293 -14.51 39.21 -10.02
N LEU E 294 -13.31 38.66 -10.24
CA LEU E 294 -13.08 37.55 -11.18
C LEU E 294 -13.62 36.21 -10.73
N PRO E 295 -13.96 35.31 -11.67
CA PRO E 295 -14.59 34.05 -11.32
C PRO E 295 -13.63 32.93 -10.90
N PHE E 296 -12.34 33.08 -11.16
CA PHE E 296 -11.39 32.03 -10.82
C PHE E 296 -10.16 32.51 -10.05
N GLN E 297 -9.62 31.66 -9.20
CA GLN E 297 -8.38 31.98 -8.54
C GLN E 297 -7.49 30.74 -8.42
N ASN E 298 -6.17 30.94 -8.42
CA ASN E 298 -5.25 29.82 -8.16
C ASN E 298 -4.37 30.02 -6.92
N ILE E 299 -4.91 30.76 -5.96
CA ILE E 299 -4.19 31.06 -4.73
C ILE E 299 -4.21 29.89 -3.75
N HIS E 300 -5.38 29.31 -3.51
CA HIS E 300 -5.50 28.27 -2.47
C HIS E 300 -6.84 27.55 -2.55
N PRO E 301 -6.83 26.21 -2.43
CA PRO E 301 -8.07 25.46 -2.57
C PRO E 301 -8.98 25.64 -1.37
N ILE E 302 -8.42 25.97 -0.21
CA ILE E 302 -9.27 26.03 0.98
C ILE E 302 -9.49 27.45 1.45
N THR E 303 -10.65 28.00 1.12
CA THR E 303 -10.99 29.40 1.34
C THR E 303 -12.20 29.48 2.29
N ILE E 304 -12.49 30.66 2.83
CA ILE E 304 -13.70 30.88 3.60
C ILE E 304 -14.36 32.17 3.11
N GLY E 305 -15.65 32.12 2.87
CA GLY E 305 -16.34 33.29 2.44
C GLY E 305 -17.01 33.05 1.13
N LYS E 306 -17.12 34.11 0.35
CA LYS E 306 -17.82 34.07 -0.92
C LYS E 306 -16.76 34.18 -2.02
N CYS E 307 -16.28 33.03 -2.50
CA CYS E 307 -14.98 33.00 -3.21
C CYS E 307 -15.02 32.69 -4.70
N PRO E 308 -13.97 33.11 -5.44
CA PRO E 308 -13.82 32.59 -6.80
C PRO E 308 -13.51 31.07 -6.78
N LYS E 309 -13.86 30.36 -7.85
CA LYS E 309 -13.60 28.95 -7.90
C LYS E 309 -12.12 28.66 -8.04
N TYR E 310 -11.62 27.75 -7.21
CA TYR E 310 -10.21 27.40 -7.28
C TYR E 310 -9.87 26.57 -8.54
N VAL E 311 -8.86 27.00 -9.30
CA VAL E 311 -8.37 26.23 -10.46
C VAL E 311 -6.86 26.01 -10.46
N LYS E 312 -6.43 25.09 -11.31
CA LYS E 312 -5.04 24.71 -11.37
C LYS E 312 -4.24 25.52 -12.38
N SER E 313 -4.90 26.33 -13.19
CA SER E 313 -4.21 27.05 -14.28
C SER E 313 -3.32 28.21 -13.82
N THR E 314 -2.43 28.64 -14.70
CA THR E 314 -1.50 29.72 -14.36
C THR E 314 -1.87 31.04 -15.06
N LYS E 315 -2.60 30.94 -16.18
CA LYS E 315 -3.11 32.12 -16.89
C LYS E 315 -4.44 31.78 -17.56
N LEU E 316 -5.38 32.72 -17.55
CA LEU E 316 -6.66 32.57 -18.27
C LEU E 316 -7.01 33.87 -18.96
N ARG E 317 -6.26 34.17 -20.02
CA ARG E 317 -6.34 35.45 -20.67
C ARG E 317 -7.38 35.41 -21.80
N LEU E 318 -8.40 36.26 -21.65
CA LEU E 318 -9.48 36.46 -22.60
C LEU E 318 -9.13 37.57 -23.57
N ALA E 319 -9.20 37.27 -24.86
CA ALA E 319 -9.00 38.28 -25.90
C ALA E 319 -10.19 39.25 -25.94
N THR E 320 -9.93 40.55 -26.02
CA THR E 320 -11.01 41.49 -26.21
C THR E 320 -10.82 42.21 -27.52
N GLY E 321 -9.56 42.51 -27.84
CA GLY E 321 -9.19 43.19 -29.09
C GLY E 321 -9.02 42.18 -30.21
N LEU E 322 -8.40 42.60 -31.29
CA LEU E 322 -8.28 41.71 -32.44
C LEU E 322 -6.86 41.18 -32.56
N ARG E 323 -6.64 40.26 -33.50
CA ARG E 323 -5.29 39.80 -33.79
C ARG E 323 -4.41 41.00 -34.09
N ASN E 324 -3.20 41.04 -33.52
CA ASN E 324 -2.35 42.21 -33.64
C ASN E 324 -1.31 42.01 -34.73
N VAL E 325 -1.43 42.76 -35.84
CA VAL E 325 -0.52 42.53 -36.96
C VAL E 325 0.27 43.78 -37.38
N PRO E 326 1.45 44.00 -36.77
CA PRO E 326 2.34 45.06 -37.28
C PRO E 326 3.04 44.62 -38.58
N LEU F 2 -13.94 31.79 -39.62
CA LEU F 2 -13.03 32.86 -40.16
C LEU F 2 -13.59 33.41 -41.46
N PHE F 3 -13.44 34.73 -41.62
CA PHE F 3 -14.13 35.49 -42.66
C PHE F 3 -13.18 36.01 -43.71
N GLY F 4 -11.89 35.75 -43.52
CA GLY F 4 -10.88 35.95 -44.56
C GLY F 4 -10.31 37.36 -44.74
N ALA F 5 -10.62 38.27 -43.82
CA ALA F 5 -10.17 39.66 -43.92
C ALA F 5 -8.88 39.95 -43.14
N ILE F 6 -8.95 39.83 -41.81
CA ILE F 6 -7.83 40.09 -40.93
C ILE F 6 -6.75 39.06 -41.17
N ALA F 7 -5.52 39.54 -41.38
CA ALA F 7 -4.39 38.70 -41.82
C ALA F 7 -4.79 37.80 -42.98
N GLY F 8 -5.63 38.34 -43.87
CA GLY F 8 -6.16 37.62 -45.03
C GLY F 8 -5.96 38.45 -46.28
N PHE F 9 -7.04 39.01 -46.81
CA PHE F 9 -6.93 39.78 -48.03
C PHE F 9 -6.54 41.20 -47.69
N ILE F 10 -6.72 41.57 -46.42
CA ILE F 10 -6.12 42.78 -45.87
C ILE F 10 -5.02 42.29 -44.95
N GLU F 11 -3.81 42.22 -45.48
CA GLU F 11 -2.74 41.45 -44.85
C GLU F 11 -2.11 41.99 -43.57
N GLY F 12 -2.26 43.29 -43.28
CA GLY F 12 -1.65 43.88 -42.08
C GLY F 12 -2.55 44.83 -41.32
N GLY F 13 -2.17 45.12 -40.08
CA GLY F 13 -2.83 46.15 -39.26
C GLY F 13 -2.16 47.52 -39.36
N TRP F 14 -2.78 48.52 -38.74
CA TRP F 14 -2.28 49.87 -38.79
C TRP F 14 -1.92 50.44 -37.43
N THR F 15 -0.64 50.50 -37.09
CA THR F 15 -0.21 51.20 -35.88
C THR F 15 -0.54 52.71 -35.92
N GLY F 16 -0.76 53.23 -37.11
CA GLY F 16 -1.10 54.63 -37.32
C GLY F 16 -2.50 55.03 -36.87
N MET F 17 -3.44 54.08 -36.87
CA MET F 17 -4.80 54.39 -36.47
C MET F 17 -4.98 54.14 -34.99
N VAL F 18 -5.09 55.21 -34.21
CA VAL F 18 -4.98 55.08 -32.76
C VAL F 18 -6.31 55.27 -32.03
N ASP F 19 -7.31 55.82 -32.70
CA ASP F 19 -8.56 56.19 -32.03
C ASP F 19 -9.72 55.19 -32.25
N GLY F 20 -9.36 53.95 -32.54
CA GLY F 20 -10.37 52.91 -32.74
C GLY F 20 -9.87 51.56 -33.22
N TRP F 21 -10.77 50.59 -33.32
CA TRP F 21 -10.42 49.24 -33.71
C TRP F 21 -10.44 49.00 -35.22
N TYR F 22 -11.39 49.64 -35.91
CA TYR F 22 -11.51 49.55 -37.36
C TYR F 22 -11.68 50.94 -37.94
N GLY F 23 -11.22 51.13 -39.18
CA GLY F 23 -11.36 52.42 -39.83
C GLY F 23 -10.84 52.50 -41.24
N TYR F 24 -10.42 53.70 -41.63
CA TYR F 24 -10.12 54.01 -43.00
C TYR F 24 -8.78 54.70 -43.11
N HIS F 25 -8.20 54.62 -44.30
CA HIS F 25 -7.11 55.50 -44.71
C HIS F 25 -7.44 56.07 -46.08
N HIS F 26 -7.65 57.38 -46.13
CA HIS F 26 -7.88 58.04 -47.40
C HIS F 26 -6.60 58.67 -47.91
N GLN F 27 -6.58 58.94 -49.21
CA GLN F 27 -5.53 59.70 -49.86
C GLN F 27 -6.12 60.37 -51.07
N ASN F 28 -6.30 61.69 -50.98
CA ASN F 28 -6.78 62.47 -52.11
C ASN F 28 -5.87 63.65 -52.40
N GLU F 29 -6.46 64.73 -52.91
CA GLU F 29 -5.72 65.92 -53.28
C GLU F 29 -5.43 66.81 -52.08
N GLN F 30 -6.30 66.78 -51.08
CA GLN F 30 -6.24 67.70 -49.94
C GLN F 30 -5.33 67.17 -48.85
N GLY F 31 -4.92 65.92 -48.97
CA GLY F 31 -4.05 65.30 -47.99
C GLY F 31 -4.42 63.86 -47.78
N SER F 32 -3.76 63.22 -46.82
CA SER F 32 -4.01 61.83 -46.46
C SER F 32 -4.05 61.66 -44.94
N GLY F 33 -4.63 60.55 -44.48
CA GLY F 33 -4.70 60.27 -43.06
C GLY F 33 -5.58 59.10 -42.66
N TYR F 34 -5.57 58.80 -41.35
CA TYR F 34 -6.38 57.72 -40.78
C TYR F 34 -7.56 58.27 -40.02
N ALA F 35 -8.68 57.56 -40.08
CA ALA F 35 -9.84 57.88 -39.24
C ALA F 35 -10.52 56.58 -38.86
N ALA F 36 -10.74 56.39 -37.56
CA ALA F 36 -11.43 55.19 -37.12
C ALA F 36 -12.91 55.31 -37.44
N ASP F 37 -13.54 54.19 -37.79
CA ASP F 37 -14.99 54.15 -37.93
C ASP F 37 -15.59 54.18 -36.54
N LEU F 38 -16.17 55.31 -36.14
CA LEU F 38 -16.66 55.44 -34.76
C LEU F 38 -17.82 54.48 -34.43
N LYS F 39 -18.81 54.38 -35.31
CA LYS F 39 -20.05 53.63 -35.02
C LYS F 39 -19.83 52.12 -34.80
N SER F 40 -19.07 51.50 -35.69
CA SER F 40 -18.81 50.07 -35.59
C SER F 40 -17.75 49.73 -34.54
N THR F 41 -16.83 50.66 -34.28
CA THR F 41 -15.88 50.49 -33.18
C THR F 41 -16.67 50.53 -31.89
N GLN F 42 -17.52 51.54 -31.74
CA GLN F 42 -18.26 51.75 -30.50
C GLN F 42 -19.10 50.51 -30.23
N ASN F 43 -19.78 50.05 -31.28
CA ASN F 43 -20.63 48.89 -31.17
C ASN F 43 -19.86 47.65 -30.69
N ALA F 44 -18.66 47.46 -31.24
CA ALA F 44 -17.84 46.32 -30.87
C ALA F 44 -17.38 46.39 -29.43
N ILE F 45 -16.89 47.57 -28.99
CA ILE F 45 -16.49 47.68 -27.59
C ILE F 45 -17.67 47.41 -26.65
N ASP F 46 -18.88 47.77 -27.07
CA ASP F 46 -20.07 47.45 -26.29
C ASP F 46 -20.29 45.96 -26.15
N GLU F 47 -20.26 45.26 -27.27
CA GLU F 47 -20.52 43.81 -27.26
C GLU F 47 -19.43 42.96 -26.58
N ILE F 48 -18.17 43.30 -26.80
CA ILE F 48 -17.08 42.66 -26.08
C ILE F 48 -17.10 42.94 -24.56
N THR F 49 -17.41 44.19 -24.15
CA THR F 49 -17.63 44.47 -22.75
C THR F 49 -18.69 43.51 -22.19
N ASN F 50 -19.80 43.39 -22.91
CA ASN F 50 -20.84 42.47 -22.53
C ASN F 50 -20.35 41.03 -22.40
N LYS F 51 -19.59 40.56 -23.37
CA LYS F 51 -19.07 39.21 -23.26
C LYS F 51 -18.24 38.97 -21.98
N VAL F 52 -17.30 39.88 -21.70
CA VAL F 52 -16.49 39.83 -20.47
C VAL F 52 -17.38 39.85 -19.22
N ASN F 53 -18.29 40.83 -19.13
CA ASN F 53 -19.16 40.94 -17.98
C ASN F 53 -20.01 39.68 -17.77
N SER F 54 -20.40 39.03 -18.87
CA SER F 54 -21.18 37.78 -18.79
C SER F 54 -20.42 36.67 -18.14
N VAL F 55 -19.26 36.38 -18.71
CA VAL F 55 -18.36 35.37 -18.18
C VAL F 55 -18.03 35.62 -16.70
N ILE F 56 -17.97 36.87 -16.26
CA ILE F 56 -17.71 37.21 -14.85
C ILE F 56 -18.94 37.11 -13.95
N GLU F 57 -20.05 37.69 -14.42
CA GLU F 57 -21.17 37.96 -13.53
C GLU F 57 -22.11 36.79 -13.34
N LYS F 58 -22.03 35.80 -14.22
CA LYS F 58 -22.92 34.63 -14.14
C LYS F 58 -22.48 33.64 -13.08
N MET F 59 -21.23 33.78 -12.63
CA MET F 59 -20.69 33.02 -11.52
C MET F 59 -21.41 33.38 -10.22
N ASN F 60 -22.42 32.57 -9.89
CA ASN F 60 -23.12 32.60 -8.60
C ASN F 60 -22.19 32.09 -7.51
N THR F 61 -22.00 32.86 -6.44
CA THR F 61 -21.08 32.32 -5.43
C THR F 61 -21.58 32.28 -3.97
N GLN F 62 -21.56 31.07 -3.42
CA GLN F 62 -22.08 30.77 -2.06
C GLN F 62 -21.04 31.12 -0.99
N PHE F 63 -21.49 31.65 0.14
CA PHE F 63 -20.59 31.68 1.30
C PHE F 63 -20.41 30.28 1.82
N THR F 64 -19.17 29.79 1.80
CA THR F 64 -18.86 28.46 2.32
C THR F 64 -17.45 28.43 2.91
N ALA F 65 -17.25 27.50 3.84
CA ALA F 65 -15.92 27.20 4.36
C ALA F 65 -15.43 25.82 3.86
N VAL F 66 -14.57 25.81 2.84
CA VAL F 66 -14.04 24.56 2.29
C VAL F 66 -13.44 23.59 3.32
N GLY F 67 -12.56 24.07 4.19
CA GLY F 67 -11.82 23.17 5.10
C GLY F 67 -12.64 22.38 6.09
N LYS F 68 -12.22 21.16 6.41
CA LYS F 68 -12.88 20.33 7.43
C LYS F 68 -11.78 19.59 8.18
N GLU F 69 -12.01 19.29 9.45
CA GLU F 69 -10.98 18.59 10.19
C GLU F 69 -11.40 17.20 10.68
N PHE F 70 -10.53 16.21 10.43
CA PHE F 70 -10.84 14.84 10.79
C PHE F 70 -9.83 14.17 11.65
N ASN F 71 -10.34 13.35 12.54
CA ASN F 71 -9.60 12.70 13.58
C ASN F 71 -8.88 11.46 12.98
N HIS F 72 -7.92 10.87 13.68
CA HIS F 72 -7.14 9.71 13.18
C HIS F 72 -7.92 8.40 12.85
N LEU F 73 -9.18 8.28 13.28
CA LEU F 73 -10.03 7.12 12.97
C LEU F 73 -11.13 7.49 11.96
N GLU F 74 -10.86 8.55 11.19
CA GLU F 74 -11.85 9.09 10.28
C GLU F 74 -11.19 9.37 8.92
N LYS F 75 -10.23 8.53 8.56
CA LYS F 75 -9.54 8.68 7.30
C LYS F 75 -10.49 8.48 6.11
N ARG F 76 -11.43 7.54 6.21
CA ARG F 76 -12.41 7.35 5.14
C ARG F 76 -13.14 8.66 4.80
N ILE F 77 -13.80 9.27 5.77
CA ILE F 77 -14.52 10.49 5.43
C ILE F 77 -13.56 11.63 5.08
N GLU F 78 -12.39 11.67 5.71
CA GLU F 78 -11.38 12.64 5.31
C GLU F 78 -11.05 12.50 3.82
N ASN F 79 -10.88 11.26 3.36
CA ASN F 79 -10.69 10.96 1.95
C ASN F 79 -11.87 11.22 1.04
N LEU F 80 -13.10 10.97 1.55
CA LEU F 80 -14.34 11.36 0.86
C LEU F 80 -14.27 12.87 0.61
N ASN F 81 -14.01 13.61 1.65
CA ASN F 81 -13.92 15.02 1.53
C ASN F 81 -12.89 15.46 0.51
N LYS F 82 -11.73 14.80 0.51
CA LYS F 82 -10.67 15.12 -0.46
C LYS F 82 -11.13 14.81 -1.87
N LYS F 83 -11.89 13.73 -2.02
CA LYS F 83 -12.52 13.39 -3.33
C LYS F 83 -13.42 14.53 -3.87
N ILE F 84 -14.24 15.11 -3.00
CA ILE F 84 -15.12 16.14 -3.52
C ILE F 84 -14.31 17.38 -3.94
N ASP F 85 -13.35 17.81 -3.11
CA ASP F 85 -12.54 18.97 -3.46
C ASP F 85 -11.79 18.79 -4.78
N ASP F 86 -11.18 17.61 -4.96
CA ASP F 86 -10.50 17.24 -6.21
C ASP F 86 -11.45 17.13 -7.40
N GLY F 87 -12.66 16.63 -7.16
CA GLY F 87 -13.67 16.55 -8.20
C GLY F 87 -14.08 17.91 -8.73
N PHE F 88 -14.25 18.85 -7.82
CA PHE F 88 -14.58 20.20 -8.24
C PHE F 88 -13.42 20.88 -8.94
N LEU F 89 -12.20 20.66 -8.42
CA LEU F 89 -10.99 21.18 -9.05
C LEU F 89 -10.94 20.75 -10.49
N ASP F 90 -11.20 19.48 -10.74
CA ASP F 90 -11.03 18.99 -12.07
C ASP F 90 -12.07 19.53 -13.03
N ILE F 91 -13.30 19.71 -12.57
CA ILE F 91 -14.27 20.29 -13.51
C ILE F 91 -14.11 21.77 -13.66
N TRP F 92 -13.79 22.52 -12.59
CA TRP F 92 -13.60 23.94 -12.80
C TRP F 92 -12.34 24.25 -13.62
N THR F 93 -11.28 23.47 -13.45
CA THR F 93 -10.09 23.69 -14.26
C THR F 93 -10.42 23.43 -15.76
N TYR F 94 -11.06 22.30 -16.06
CA TYR F 94 -11.32 21.92 -17.43
C TYR F 94 -12.28 22.89 -18.12
N ASN F 95 -13.37 23.24 -17.46
CA ASN F 95 -14.28 24.24 -18.02
C ASN F 95 -13.66 25.63 -18.21
N ALA F 96 -12.88 26.11 -17.27
CA ALA F 96 -12.29 27.41 -17.42
C ALA F 96 -11.36 27.42 -18.62
N GLU F 97 -10.56 26.36 -18.76
CA GLU F 97 -9.55 26.34 -19.82
C GLU F 97 -10.22 26.36 -21.17
N LEU F 98 -11.26 25.54 -21.31
CA LEU F 98 -11.95 25.41 -22.58
C LEU F 98 -12.80 26.61 -22.88
N LEU F 99 -13.37 27.20 -21.83
CA LEU F 99 -14.19 28.38 -22.01
C LEU F 99 -13.29 29.46 -22.62
N VAL F 100 -12.14 29.68 -22.01
CA VAL F 100 -11.22 30.64 -22.57
C VAL F 100 -10.85 30.31 -24.03
N LEU F 101 -10.49 29.05 -24.29
CA LEU F 101 -10.11 28.65 -25.64
C LEU F 101 -11.21 28.94 -26.66
N LEU F 102 -12.45 28.55 -26.35
CA LEU F 102 -13.57 28.72 -27.31
C LEU F 102 -13.94 30.15 -27.52
N GLU F 103 -14.03 30.91 -26.44
CA GLU F 103 -14.35 32.33 -26.58
C GLU F 103 -13.31 33.15 -27.34
N ASN F 104 -12.04 32.82 -27.19
CA ASN F 104 -11.00 33.57 -27.82
C ASN F 104 -11.11 33.43 -29.34
N GLU F 105 -11.25 32.17 -29.70
CA GLU F 105 -11.42 31.75 -31.07
C GLU F 105 -12.57 32.54 -31.73
N ARG F 106 -13.64 32.72 -30.96
CA ARG F 106 -14.82 33.38 -31.49
C ARG F 106 -14.67 34.91 -31.49
N THR F 107 -13.97 35.46 -30.48
CA THR F 107 -13.66 36.90 -30.42
C THR F 107 -12.85 37.34 -31.64
N LEU F 108 -11.81 36.57 -31.94
CA LEU F 108 -10.99 36.85 -33.11
C LEU F 108 -11.80 36.79 -34.42
N ASP F 109 -12.73 35.84 -34.50
CA ASP F 109 -13.56 35.72 -35.71
C ASP F 109 -14.63 36.77 -35.75
N TYR F 110 -15.02 37.26 -34.57
CA TYR F 110 -15.97 38.36 -34.44
C TYR F 110 -15.39 39.61 -35.11
N HIS F 111 -14.10 39.85 -34.82
CA HIS F 111 -13.38 40.99 -35.34
C HIS F 111 -13.22 40.89 -36.84
N ASP F 112 -12.80 39.71 -37.29
CA ASP F 112 -12.65 39.41 -38.70
C ASP F 112 -13.94 39.73 -39.45
N SER F 113 -15.05 39.25 -38.92
CA SER F 113 -16.40 39.55 -39.45
C SER F 113 -16.73 41.06 -39.55
N ASN F 114 -16.38 41.84 -38.52
CA ASN F 114 -16.65 43.28 -38.54
C ASN F 114 -15.90 43.96 -39.66
N VAL F 115 -14.63 43.61 -39.79
CA VAL F 115 -13.75 44.19 -40.79
C VAL F 115 -14.27 43.90 -42.19
N LYS F 116 -14.56 42.62 -42.43
CA LYS F 116 -15.16 42.15 -43.69
C LYS F 116 -16.48 42.87 -44.03
N ASN F 117 -17.35 43.09 -43.05
CA ASN F 117 -18.60 43.82 -43.26
C ASN F 117 -18.40 45.31 -43.52
N LEU F 118 -17.31 45.86 -43.00
CA LEU F 118 -16.99 47.23 -43.23
C LEU F 118 -16.52 47.39 -44.66
N TYR F 119 -15.67 46.47 -45.10
CA TYR F 119 -15.26 46.42 -46.47
C TYR F 119 -16.44 46.29 -47.44
N GLU F 120 -17.34 45.36 -47.18
CA GLU F 120 -18.46 45.14 -48.08
C GLU F 120 -19.47 46.27 -48.09
N LYS F 121 -19.56 46.99 -46.97
CA LYS F 121 -20.45 48.14 -46.86
C LYS F 121 -19.99 49.22 -47.86
N VAL F 122 -18.68 49.26 -48.09
CA VAL F 122 -18.06 50.23 -49.01
C VAL F 122 -18.13 49.77 -50.47
N ARG F 123 -17.72 48.54 -50.77
CA ARG F 123 -17.81 48.01 -52.13
C ARG F 123 -19.23 48.12 -52.65
N SER F 124 -20.19 47.90 -51.75
CA SER F 124 -21.61 47.95 -52.06
C SER F 124 -22.06 49.32 -52.61
N GLN F 125 -21.41 50.36 -52.12
CA GLN F 125 -21.78 51.75 -52.34
C GLN F 125 -21.17 52.30 -53.64
N LEU F 126 -19.87 52.08 -53.81
CA LEU F 126 -19.15 52.63 -54.93
C LEU F 126 -19.40 51.88 -56.24
N LYS F 127 -19.57 50.55 -56.15
CA LYS F 127 -19.73 49.69 -57.32
C LYS F 127 -18.61 49.94 -58.33
N ASN F 128 -18.97 50.18 -59.57
CA ASN F 128 -17.94 50.39 -60.58
C ASN F 128 -17.49 51.87 -60.78
N ASN F 129 -17.70 52.70 -59.76
CA ASN F 129 -17.08 54.02 -59.70
C ASN F 129 -15.68 53.96 -59.10
N ALA F 130 -15.33 52.78 -58.55
CA ALA F 130 -13.99 52.55 -58.01
C ALA F 130 -13.44 51.19 -58.42
N LYS F 131 -12.10 51.09 -58.48
CA LYS F 131 -11.41 49.85 -58.80
C LYS F 131 -11.04 49.12 -57.50
N GLU F 132 -11.43 47.85 -57.36
CA GLU F 132 -10.96 47.06 -56.23
C GLU F 132 -9.50 46.68 -56.48
N ILE F 133 -8.60 47.32 -55.76
CA ILE F 133 -7.17 47.01 -55.86
C ILE F 133 -6.80 45.75 -55.10
N GLY F 134 -7.62 45.36 -54.12
CA GLY F 134 -7.25 44.28 -53.20
C GLY F 134 -6.46 44.90 -52.07
N ASN F 135 -6.27 44.14 -50.99
CA ASN F 135 -5.67 44.70 -49.78
C ASN F 135 -6.63 45.70 -49.09
N GLY F 136 -7.90 45.60 -49.44
CA GLY F 136 -8.93 46.39 -48.81
C GLY F 136 -8.95 47.82 -49.29
N CYS F 137 -8.33 48.07 -50.44
CA CYS F 137 -8.28 49.41 -50.98
C CYS F 137 -9.14 49.57 -52.22
N PHE F 138 -9.74 50.75 -52.36
CA PHE F 138 -10.47 51.12 -53.57
C PHE F 138 -9.79 52.31 -54.22
N GLU F 139 -9.60 52.26 -55.53
CA GLU F 139 -9.11 53.41 -56.26
C GLU F 139 -10.28 54.01 -57.00
N PHE F 140 -10.55 55.28 -56.75
CA PHE F 140 -11.66 55.98 -57.40
C PHE F 140 -11.35 56.32 -58.85
N TYR F 141 -12.36 56.14 -59.69
CA TYR F 141 -12.28 56.51 -61.11
C TYR F 141 -12.63 57.98 -61.28
N HIS F 142 -12.76 58.70 -60.19
CA HIS F 142 -13.08 60.11 -60.23
C HIS F 142 -12.44 60.82 -59.06
N LYS F 143 -12.49 62.14 -59.06
CA LYS F 143 -12.00 62.89 -57.91
C LYS F 143 -12.93 62.78 -56.70
N CYS F 144 -12.33 62.49 -55.57
CA CYS F 144 -13.10 62.31 -54.34
C CYS F 144 -12.47 63.10 -53.19
N ASP F 145 -13.04 64.28 -52.96
CA ASP F 145 -12.55 65.20 -51.94
C ASP F 145 -13.00 64.78 -50.56
N ASN F 146 -12.64 65.56 -49.55
CA ASN F 146 -12.99 65.26 -48.15
C ASN F 146 -14.49 65.11 -47.86
N THR F 147 -15.33 65.94 -48.49
CA THR F 147 -16.79 65.78 -48.37
C THR F 147 -17.30 64.50 -49.07
N CYS F 148 -16.75 64.18 -50.24
CA CYS F 148 -17.04 62.92 -50.92
C CYS F 148 -16.62 61.71 -50.07
N MET F 149 -15.39 61.77 -49.54
CA MET F 149 -14.85 60.74 -48.66
C MET F 149 -15.76 60.44 -47.50
N GLU F 150 -16.32 61.47 -46.88
CA GLU F 150 -17.17 61.28 -45.71
C GLU F 150 -18.57 60.77 -46.06
N SER F 151 -19.06 61.09 -47.26
CA SER F 151 -20.32 60.54 -47.78
C SER F 151 -20.21 59.00 -47.84
N VAL F 152 -19.00 58.53 -48.14
CA VAL F 152 -18.74 57.10 -48.19
C VAL F 152 -18.71 56.55 -46.77
N LYS F 153 -18.05 57.27 -45.86
CA LYS F 153 -17.84 56.78 -44.50
C LYS F 153 -19.13 56.60 -43.70
N ASN F 154 -20.16 57.38 -44.00
CA ASN F 154 -21.45 57.17 -43.31
C ASN F 154 -22.57 56.69 -44.22
N GLY F 155 -22.21 56.01 -45.31
CA GLY F 155 -23.20 55.35 -46.13
C GLY F 155 -24.03 56.19 -47.09
N THR F 156 -23.66 57.45 -47.29
CA THR F 156 -24.48 58.33 -48.11
C THR F 156 -23.79 58.73 -49.43
N TYR F 157 -23.01 57.80 -49.99
CA TYR F 157 -22.33 58.06 -51.25
C TYR F 157 -23.35 58.16 -52.38
N ASP F 158 -23.18 59.17 -53.22
CA ASP F 158 -24.06 59.37 -54.35
C ASP F 158 -23.47 58.74 -55.61
N TYR F 159 -23.89 57.51 -55.90
CA TYR F 159 -23.41 56.79 -57.10
C TYR F 159 -23.65 57.53 -58.44
N PRO F 160 -24.93 57.94 -58.75
CA PRO F 160 -25.21 58.54 -60.06
C PRO F 160 -24.42 59.82 -60.31
N LYS F 161 -24.29 60.63 -59.26
CA LYS F 161 -23.53 61.88 -59.28
C LYS F 161 -22.19 61.82 -60.02
N TYR F 162 -21.49 60.70 -59.90
CA TYR F 162 -20.13 60.57 -60.44
C TYR F 162 -19.98 59.59 -61.60
N SER F 163 -21.07 58.91 -61.97
CA SER F 163 -21.00 57.78 -62.91
C SER F 163 -20.37 58.11 -64.27
N GLU F 164 -20.71 59.27 -64.83
CA GLU F 164 -20.16 59.69 -66.13
C GLU F 164 -18.65 59.92 -66.11
N GLU F 165 -18.21 60.68 -65.10
CA GLU F 165 -16.79 60.97 -64.90
C GLU F 165 -16.00 59.67 -64.74
N ALA F 166 -16.51 58.79 -63.89
CA ALA F 166 -15.91 57.51 -63.63
C ALA F 166 -15.80 56.68 -64.91
N LYS F 167 -16.90 56.55 -65.63
CA LYS F 167 -16.94 55.64 -66.78
C LYS F 167 -16.05 56.12 -67.94
N LEU F 168 -15.84 57.43 -68.01
CA LEU F 168 -14.88 58.02 -68.94
C LEU F 168 -13.47 57.54 -68.66
N ASN F 169 -13.07 57.63 -67.39
CA ASN F 169 -11.74 57.21 -66.96
C ASN F 169 -11.52 55.69 -67.01
N ARG F 170 -12.62 54.95 -67.07
CA ARG F 170 -12.59 53.49 -66.96
C ARG F 170 -12.24 52.90 -68.32
N GLU F 171 -12.52 53.72 -69.35
CA GLU F 171 -12.23 53.45 -70.76
C GLU F 171 -10.76 53.75 -70.99
N GLU F 172 -10.38 54.98 -70.66
CA GLU F 172 -9.00 55.42 -70.62
C GLU F 172 -8.33 54.83 -69.37
N ASP G 5 3.19 -26.19 -63.18
CA ASP G 5 3.94 -26.49 -61.92
C ASP G 5 3.05 -26.80 -60.66
N THR G 6 3.61 -27.54 -59.67
CA THR G 6 2.78 -28.30 -58.67
C THR G 6 2.92 -27.89 -57.20
N LEU G 7 1.77 -27.74 -56.53
CA LEU G 7 1.69 -27.58 -55.05
C LEU G 7 0.91 -28.73 -54.44
N CYS G 8 1.47 -29.37 -53.41
CA CYS G 8 0.80 -30.51 -52.76
C CYS G 8 0.51 -30.30 -51.28
N ILE G 9 -0.63 -30.81 -50.83
CA ILE G 9 -0.96 -30.80 -49.39
C ILE G 9 -0.66 -32.18 -48.79
N GLY G 10 -0.12 -32.20 -47.56
CA GLY G 10 0.28 -33.45 -46.89
C GLY G 10 0.42 -33.32 -45.39
N TYR G 11 1.01 -34.34 -44.77
CA TYR G 11 1.08 -34.44 -43.33
C TYR G 11 2.29 -35.23 -42.88
N HIS G 12 2.72 -34.98 -41.65
CA HIS G 12 3.94 -35.56 -41.06
C HIS G 12 3.88 -37.08 -41.01
N ALA G 13 5.02 -37.73 -41.19
CA ALA G 13 5.25 -39.14 -40.82
C ALA G 13 6.63 -39.26 -40.18
N ASN G 14 6.88 -40.28 -39.36
CA ASN G 14 8.20 -40.36 -38.73
C ASN G 14 8.71 -41.75 -38.31
N ASN G 15 9.82 -41.75 -37.56
CA ASN G 15 10.36 -42.90 -36.80
C ASN G 15 9.34 -43.77 -36.03
N SER G 16 8.42 -43.11 -35.31
CA SER G 16 7.61 -43.69 -34.22
C SER G 16 7.04 -45.09 -34.43
N THR G 17 7.04 -45.89 -33.37
CA THR G 17 6.41 -47.22 -33.40
C THR G 17 5.36 -47.39 -32.33
N ASP G 18 5.08 -46.31 -31.58
CA ASP G 18 3.97 -46.28 -30.62
C ASP G 18 2.66 -46.69 -31.28
N THR G 19 1.89 -47.54 -30.61
CA THR G 19 0.56 -47.85 -31.10
C THR G 19 -0.47 -47.39 -30.07
N VAL G 20 -1.64 -46.98 -30.56
CA VAL G 20 -2.77 -46.76 -29.71
C VAL G 20 -3.97 -47.57 -30.21
N ASP G 21 -4.96 -47.76 -29.34
CA ASP G 21 -6.21 -48.34 -29.76
C ASP G 21 -7.28 -47.24 -29.89
N THR G 22 -8.26 -47.45 -30.76
CA THR G 22 -9.45 -46.63 -30.82
C THR G 22 -10.63 -47.58 -30.75
N VAL G 23 -11.85 -47.07 -30.58
CA VAL G 23 -13.02 -47.96 -30.56
C VAL G 23 -13.18 -48.74 -31.84
N LEU G 24 -12.77 -48.15 -32.96
CA LEU G 24 -12.95 -48.78 -34.27
C LEU G 24 -11.77 -49.61 -34.71
N GLU G 25 -10.59 -49.33 -34.15
CA GLU G 25 -9.36 -50.00 -34.60
C GLU G 25 -8.35 -50.22 -33.50
N LYS G 26 -7.72 -51.40 -33.53
CA LYS G 26 -6.69 -51.75 -32.57
C LYS G 26 -5.33 -51.52 -33.20
N ASN G 27 -4.36 -51.09 -32.39
CA ASN G 27 -2.97 -51.15 -32.78
C ASN G 27 -2.67 -50.23 -33.98
N VAL G 28 -3.07 -48.97 -33.86
CA VAL G 28 -2.83 -47.94 -34.88
C VAL G 28 -1.57 -47.14 -34.54
N THR G 29 -0.62 -47.16 -35.48
CA THR G 29 0.66 -46.47 -35.27
C THR G 29 0.49 -44.96 -35.44
N VAL G 30 0.95 -44.21 -34.44
CA VAL G 30 0.78 -42.76 -34.44
C VAL G 30 2.16 -42.07 -34.37
N THR G 31 2.19 -40.81 -34.79
CA THR G 31 3.42 -40.04 -34.80
C THR G 31 3.84 -39.58 -33.41
N HIS G 32 2.85 -39.26 -32.56
CA HIS G 32 3.08 -38.74 -31.23
C HIS G 32 2.01 -39.25 -30.26
N SER G 33 2.32 -39.30 -28.98
CA SER G 33 1.56 -40.12 -28.11
C SER G 33 2.02 -39.87 -26.68
N VAL G 34 1.11 -40.00 -25.72
CA VAL G 34 1.44 -39.84 -24.31
C VAL G 34 0.71 -40.90 -23.42
N ASN G 35 1.42 -41.45 -22.43
CA ASN G 35 0.86 -42.48 -21.59
C ASN G 35 0.16 -41.80 -20.48
N LEU G 36 -1.05 -42.30 -20.19
CA LEU G 36 -1.89 -41.73 -19.16
C LEU G 36 -1.88 -42.54 -17.86
N LEU G 37 -1.15 -43.63 -17.85
CA LEU G 37 -1.13 -44.54 -16.73
C LEU G 37 0.25 -44.57 -16.06
N GLU G 38 0.29 -44.30 -14.77
CA GLU G 38 1.54 -44.32 -14.02
C GLU G 38 1.82 -45.77 -13.64
N ASP G 39 2.96 -46.30 -14.06
CA ASP G 39 3.33 -47.67 -13.72
C ASP G 39 4.70 -47.82 -13.07
N LYS G 40 5.28 -46.69 -12.65
CA LYS G 40 6.59 -46.66 -11.98
C LYS G 40 6.49 -46.15 -10.53
N HIS G 41 7.11 -46.85 -9.61
CA HIS G 41 7.29 -46.36 -8.24
C HIS G 41 8.76 -46.33 -7.92
N ASN G 42 9.13 -45.73 -6.80
CA ASN G 42 10.55 -45.58 -6.43
C ASN G 42 11.09 -46.61 -5.45
N GLY G 43 10.32 -47.61 -5.10
CA GLY G 43 10.79 -48.68 -4.23
C GLY G 43 11.22 -48.30 -2.83
N LYS G 44 10.72 -47.15 -2.34
CA LYS G 44 11.01 -46.63 -1.00
C LYS G 44 9.77 -46.18 -0.23
N LEU G 45 9.86 -46.24 1.11
CA LEU G 45 8.84 -45.66 2.02
C LEU G 45 9.29 -44.28 2.43
N CYS G 46 8.45 -43.27 2.17
CA CYS G 46 8.91 -41.88 2.20
C CYS G 46 8.10 -41.05 3.13
N LYS G 47 8.52 -39.79 3.27
CA LYS G 47 7.79 -38.83 4.09
C LYS G 47 6.56 -38.39 3.34
N LEU G 48 5.47 -38.31 4.06
CA LEU G 48 4.22 -37.89 3.49
C LEU G 48 3.89 -36.51 4.01
N ARG G 49 3.78 -35.55 3.09
CA ARG G 49 3.61 -34.15 3.51
C ARG G 49 4.78 -33.76 4.40
N GLY G 50 5.97 -34.16 3.98
CA GLY G 50 7.21 -33.75 4.63
C GLY G 50 7.40 -34.17 6.08
N VAL G 51 6.57 -35.07 6.57
CA VAL G 51 6.84 -35.67 7.87
C VAL G 51 6.94 -37.19 7.74
N ALA G 52 7.97 -37.76 8.40
CA ALA G 52 8.30 -39.19 8.31
C ALA G 52 7.31 -40.09 9.02
N PRO G 53 7.19 -41.35 8.57
CA PRO G 53 6.34 -42.29 9.26
C PRO G 53 7.00 -42.77 10.56
N LEU G 54 6.22 -43.41 11.42
CA LEU G 54 6.74 -44.12 12.60
C LEU G 54 7.08 -45.54 12.19
N HIS G 55 8.33 -45.96 12.31
CA HIS G 55 8.68 -47.30 11.80
C HIS G 55 8.99 -48.23 12.94
N LEU G 56 8.21 -49.30 13.09
CA LEU G 56 8.27 -50.10 14.30
C LEU G 56 9.29 -51.24 14.30
N GLY G 57 9.66 -51.75 13.12
CA GLY G 57 10.70 -52.79 13.04
C GLY G 57 10.28 -54.14 13.60
N LYS G 58 10.94 -54.54 14.69
CA LYS G 58 10.59 -55.76 15.42
C LYS G 58 9.21 -55.83 16.05
N CYS G 59 8.50 -54.71 16.17
CA CYS G 59 7.29 -54.66 17.01
C CYS G 59 6.00 -54.30 16.32
N ASN G 60 4.91 -54.85 16.86
CA ASN G 60 3.55 -54.39 16.81
C ASN G 60 3.39 -53.00 17.36
N ILE G 61 2.23 -52.41 17.08
CA ILE G 61 1.77 -51.23 17.81
C ILE G 61 1.56 -51.58 19.29
N ALA G 62 0.94 -52.73 19.57
CA ALA G 62 0.71 -53.16 20.95
C ALA G 62 2.03 -53.20 21.70
N GLY G 63 3.08 -53.78 21.10
CA GLY G 63 4.33 -53.90 21.81
C GLY G 63 4.95 -52.53 22.03
N TRP G 64 4.74 -51.65 21.06
CA TRP G 64 5.33 -50.36 21.15
C TRP G 64 4.63 -49.50 22.19
N ILE G 65 3.29 -49.39 22.19
CA ILE G 65 2.69 -48.52 23.25
C ILE G 65 2.71 -49.12 24.64
N LEU G 66 2.67 -50.44 24.77
CA LEU G 66 2.73 -51.04 26.08
C LEU G 66 4.14 -50.91 26.62
N GLY G 67 5.13 -50.93 25.72
CA GLY G 67 6.53 -50.87 26.13
C GLY G 67 7.14 -52.25 26.34
N ASN G 68 6.83 -53.16 25.43
CA ASN G 68 7.51 -54.45 25.42
C ASN G 68 9.02 -54.21 25.50
N PRO G 69 9.74 -55.06 26.25
CA PRO G 69 11.17 -54.82 26.42
C PRO G 69 12.01 -54.80 25.16
N GLU G 70 11.53 -55.42 24.09
CA GLU G 70 12.25 -55.46 22.83
C GLU G 70 12.06 -54.21 21.98
N CYS G 71 11.19 -53.31 22.41
CA CYS G 71 10.76 -52.19 21.55
C CYS G 71 11.36 -50.84 21.92
N GLU G 72 12.34 -50.80 22.79
CA GLU G 72 12.93 -49.50 23.09
C GLU G 72 14.32 -49.30 22.44
N SER G 73 14.47 -49.88 21.25
CA SER G 73 15.59 -49.54 20.35
C SER G 73 15.04 -48.42 19.45
N LEU G 74 13.73 -48.20 19.57
CA LEU G 74 13.01 -47.21 18.77
C LEU G 74 13.15 -45.81 19.40
N SER G 75 13.81 -44.91 18.65
CA SER G 75 13.72 -43.46 18.91
C SER G 75 12.25 -43.01 18.70
N THR G 76 11.69 -42.42 19.76
CA THR G 76 10.27 -42.09 19.78
C THR G 76 10.11 -40.58 19.37
N ALA G 77 9.56 -40.34 18.17
CA ALA G 77 9.42 -38.97 17.63
C ALA G 77 8.07 -38.38 18.09
N SER G 78 7.92 -37.07 18.06
CA SER G 78 6.68 -36.51 18.56
C SER G 78 5.65 -36.32 17.47
N SER G 79 5.86 -36.90 16.30
CA SER G 79 5.08 -36.59 15.12
C SER G 79 5.25 -37.71 14.11
N TRP G 80 4.15 -38.10 13.46
CA TRP G 80 4.30 -38.99 12.32
C TRP G 80 3.13 -38.92 11.37
N SER G 81 3.33 -39.32 10.12
CA SER G 81 2.28 -39.18 9.11
C SER G 81 1.56 -40.49 8.82
N TYR G 82 2.17 -41.62 9.20
CA TYR G 82 1.53 -42.91 9.10
C TYR G 82 2.48 -43.88 9.82
N ILE G 83 2.06 -45.13 9.99
CA ILE G 83 2.82 -46.07 10.76
C ILE G 83 3.20 -47.22 9.87
N VAL G 84 4.42 -47.70 10.01
CA VAL G 84 4.91 -48.88 9.25
C VAL G 84 5.29 -50.08 10.14
N GLU G 85 4.63 -51.20 9.92
CA GLU G 85 5.02 -52.45 10.56
C GLU G 85 5.67 -53.31 9.48
N THR G 86 6.53 -54.26 9.87
CA THR G 86 7.14 -55.17 8.88
C THR G 86 6.58 -56.56 9.06
N SER G 87 6.87 -57.46 8.12
CA SER G 87 6.39 -58.86 8.20
C SER G 87 7.01 -59.60 9.41
N SER G 88 8.00 -58.95 9.98
CA SER G 88 8.75 -59.48 11.08
C SER G 88 8.34 -58.78 12.43
N SER G 89 7.22 -58.04 12.39
CA SER G 89 6.78 -57.23 13.52
C SER G 89 5.96 -58.06 14.50
N ASP G 90 6.63 -58.56 15.51
CA ASP G 90 6.25 -59.80 16.13
C ASP G 90 6.15 -59.67 17.62
N ASN G 91 6.89 -58.73 18.18
CA ASN G 91 6.88 -58.50 19.61
C ASN G 91 5.78 -57.54 19.93
N GLY G 92 4.79 -58.06 20.65
CA GLY G 92 3.55 -57.35 20.99
C GLY G 92 3.21 -57.54 22.43
N THR G 93 2.02 -58.10 22.71
CA THR G 93 1.67 -58.46 24.10
C THR G 93 2.39 -59.75 24.50
N CYS G 94 3.43 -59.63 25.32
CA CYS G 94 4.22 -60.80 25.70
C CYS G 94 3.58 -61.63 26.82
N TYR G 95 2.78 -61.02 27.66
CA TYR G 95 1.90 -61.80 28.50
C TYR G 95 0.55 -61.96 27.81
N PRO G 96 0.12 -63.21 27.56
CA PRO G 96 -1.05 -63.48 26.70
C PRO G 96 -2.36 -62.95 27.27
N GLY G 97 -3.22 -62.43 26.38
CA GLY G 97 -4.51 -61.84 26.76
C GLY G 97 -5.18 -61.09 25.64
N ASP G 98 -6.39 -60.56 25.84
CA ASP G 98 -7.02 -59.73 24.81
C ASP G 98 -6.59 -58.31 24.98
N PHE G 99 -6.39 -57.63 23.88
CA PHE G 99 -6.16 -56.22 23.90
C PHE G 99 -7.49 -55.67 23.38
N ILE G 100 -8.27 -55.03 24.23
CA ILE G 100 -9.64 -54.65 23.85
C ILE G 100 -9.64 -53.44 22.90
N ASP G 101 -10.49 -53.47 21.85
CA ASP G 101 -10.58 -52.39 20.87
C ASP G 101 -9.18 -52.03 20.33
N TYR G 102 -8.37 -53.07 20.12
CA TYR G 102 -7.00 -52.93 19.58
C TYR G 102 -6.94 -52.27 18.22
N GLU G 103 -7.80 -52.69 17.30
CA GLU G 103 -7.77 -52.13 15.97
C GLU G 103 -8.21 -50.67 16.03
N GLU G 104 -9.13 -50.34 16.94
CA GLU G 104 -9.56 -48.96 17.04
C GLU G 104 -8.41 -48.11 17.58
N LEU G 105 -7.68 -48.63 18.54
CA LEU G 105 -6.47 -47.94 18.97
C LEU G 105 -5.47 -47.75 17.82
N ARG G 106 -5.35 -48.73 16.92
CA ARG G 106 -4.31 -48.53 15.92
C ARG G 106 -4.75 -47.46 14.95
N GLU G 107 -6.06 -47.37 14.74
CA GLU G 107 -6.61 -46.36 13.83
C GLU G 107 -6.37 -45.02 14.42
N GLN G 108 -6.65 -44.90 15.71
CA GLN G 108 -6.53 -43.61 16.33
C GLN G 108 -5.11 -43.07 16.45
N LEU G 109 -4.13 -43.96 16.30
CA LEU G 109 -2.76 -43.69 16.62
C LEU G 109 -1.98 -43.58 15.29
N SER G 110 -2.74 -43.74 14.21
CA SER G 110 -2.28 -43.68 12.84
C SER G 110 -1.33 -42.55 12.49
N SER G 111 -1.67 -41.35 12.98
CA SER G 111 -1.00 -40.13 12.61
C SER G 111 -1.32 -39.20 13.72
N VAL G 112 -0.30 -38.59 14.28
CA VAL G 112 -0.48 -37.63 15.37
C VAL G 112 0.38 -36.48 15.02
N SER G 113 -0.04 -35.27 15.34
CA SER G 113 0.78 -34.10 15.04
C SER G 113 1.66 -33.74 16.23
N SER G 114 1.43 -34.41 17.34
CA SER G 114 2.07 -34.09 18.57
C SER G 114 1.88 -35.32 19.47
N PHE G 115 2.98 -35.80 20.08
CA PHE G 115 2.98 -37.04 20.87
C PHE G 115 4.10 -37.03 21.92
N GLU G 116 3.71 -37.10 23.20
CA GLU G 116 4.67 -37.01 24.27
C GLU G 116 4.40 -38.05 25.38
N ARG G 117 5.40 -38.85 25.69
CA ARG G 117 5.25 -39.85 26.71
C ARG G 117 5.73 -39.30 28.06
N PHE G 118 4.97 -39.55 29.12
CA PHE G 118 5.27 -38.95 30.42
C PHE G 118 4.82 -39.88 31.52
N GLU G 119 5.31 -39.67 32.74
CA GLU G 119 5.08 -40.58 33.85
C GLU G 119 3.86 -40.12 34.66
N ILE G 120 2.66 -40.67 34.42
CA ILE G 120 1.48 -40.23 35.19
C ILE G 120 1.55 -40.58 36.64
N PHE G 121 2.05 -41.77 36.91
CA PHE G 121 2.10 -42.29 38.27
C PHE G 121 3.54 -42.74 38.50
N PRO G 122 4.40 -41.79 38.92
CA PRO G 122 5.82 -42.05 39.18
C PRO G 122 6.01 -43.28 40.06
N LYS G 123 6.82 -44.24 39.61
CA LYS G 123 6.99 -45.54 40.27
C LYS G 123 7.53 -45.38 41.68
N THR G 124 8.45 -44.46 41.78
CA THR G 124 9.17 -44.23 43.01
C THR G 124 8.27 -43.79 44.18
N SER G 125 7.19 -43.07 43.90
CA SER G 125 6.37 -42.47 44.96
C SER G 125 4.89 -42.76 44.92
N SER G 126 4.43 -43.53 43.97
CA SER G 126 2.97 -43.67 43.78
C SER G 126 2.32 -44.77 44.62
N TRP G 127 3.11 -45.78 45.00
CA TRP G 127 2.56 -47.02 45.54
C TRP G 127 3.32 -47.45 46.80
N PRO G 128 3.11 -46.69 47.89
CA PRO G 128 3.84 -46.97 49.12
C PRO G 128 3.35 -48.22 49.87
N ASN G 129 2.13 -48.68 49.58
CA ASN G 129 1.55 -49.81 50.31
C ASN G 129 1.46 -51.09 49.49
N HIS G 130 2.10 -51.07 48.33
CA HIS G 130 2.09 -52.21 47.42
C HIS G 130 3.46 -52.44 46.82
N ASP G 131 3.71 -53.67 46.39
CA ASP G 131 5.00 -54.02 45.88
C ASP G 131 5.07 -53.74 44.39
N SER G 132 5.97 -52.82 44.03
CA SER G 132 6.14 -52.42 42.65
C SER G 132 7.38 -53.00 41.98
N ASN G 133 8.09 -53.87 42.69
CA ASN G 133 9.34 -54.45 42.18
C ASN G 133 9.35 -55.91 41.77
N LYS G 134 8.57 -56.74 42.44
CA LYS G 134 8.43 -58.13 42.01
C LYS G 134 7.27 -58.26 41.02
N GLY G 135 7.32 -57.72 39.81
CA GLY G 135 6.09 -57.78 39.00
C GLY G 135 6.61 -58.05 37.63
N VAL G 136 7.21 -59.22 37.51
CA VAL G 136 8.17 -59.49 36.49
C VAL G 136 7.92 -60.94 36.12
N THR G 137 8.17 -61.33 34.87
CA THR G 137 7.74 -62.66 34.40
C THR G 137 8.65 -63.22 33.34
N ALA G 138 8.69 -64.55 33.23
CA ALA G 138 9.46 -65.22 32.18
C ALA G 138 8.82 -65.03 30.79
N ALA G 139 7.57 -64.57 30.77
CA ALA G 139 6.87 -64.32 29.53
C ALA G 139 7.37 -63.07 28.82
N CYS G 140 8.01 -62.17 29.57
CA CYS G 140 8.59 -60.95 29.04
C CYS G 140 10.06 -60.80 29.41
N PRO G 141 10.96 -61.56 28.77
CA PRO G 141 12.36 -61.47 29.14
C PRO G 141 13.08 -60.25 28.57
N HIS G 142 13.99 -59.70 29.36
CA HIS G 142 14.90 -58.69 28.83
C HIS G 142 16.31 -59.24 28.67
N ALA G 143 17.28 -58.69 29.39
CA ALA G 143 18.68 -59.03 29.14
C ALA G 143 18.97 -60.44 29.66
N GLY G 144 18.18 -61.41 29.20
CA GLY G 144 18.11 -62.74 29.80
C GLY G 144 17.20 -62.89 31.02
N ALA G 145 16.96 -61.81 31.77
CA ALA G 145 16.23 -61.90 33.04
C ALA G 145 14.74 -61.73 32.86
N LYS G 146 13.95 -62.26 33.78
CA LYS G 146 12.52 -61.95 33.84
C LYS G 146 12.30 -60.43 33.89
N SER G 147 11.30 -59.95 33.17
CA SER G 147 11.05 -58.51 33.08
C SER G 147 9.56 -58.25 32.86
N PHE G 148 9.22 -57.02 32.47
CA PHE G 148 7.82 -56.64 32.19
C PHE G 148 7.80 -55.45 31.21
N TYR G 149 6.60 -55.04 30.77
CA TYR G 149 6.40 -53.82 29.98
C TYR G 149 6.96 -52.61 30.70
N LYS G 150 7.55 -51.67 29.96
CA LYS G 150 8.12 -50.48 30.58
C LYS G 150 7.01 -49.51 31.02
N ASN G 151 5.85 -49.52 30.35
CA ASN G 151 4.85 -48.48 30.55
C ASN G 151 3.79 -48.83 31.57
N LEU G 152 3.81 -50.07 32.03
CA LEU G 152 2.88 -50.49 33.08
C LEU G 152 3.66 -51.01 34.26
N ILE G 153 3.06 -51.03 35.45
CA ILE G 153 3.62 -51.77 36.57
C ILE G 153 2.66 -52.81 37.08
N TRP G 154 3.17 -54.02 37.31
CA TRP G 154 2.37 -55.10 37.83
C TRP G 154 2.38 -55.13 39.37
N LEU G 155 1.47 -54.40 40.03
CA LEU G 155 1.49 -54.35 41.49
C LEU G 155 1.11 -55.66 42.17
N VAL G 156 1.80 -55.98 43.25
CA VAL G 156 1.62 -57.26 43.93
C VAL G 156 1.53 -56.93 45.43
N LYS G 157 1.04 -57.85 46.25
CA LYS G 157 0.88 -57.53 47.66
C LYS G 157 2.22 -57.30 48.36
N LYS G 158 2.20 -56.42 49.36
CA LYS G 158 3.37 -56.15 50.19
C LYS G 158 3.18 -56.93 51.49
N GLY G 159 4.12 -57.82 51.78
CA GLY G 159 3.95 -58.72 52.91
C GLY G 159 2.65 -59.47 52.75
N ASN G 160 1.76 -59.31 53.71
CA ASN G 160 0.53 -60.11 53.75
C ASN G 160 -0.77 -59.37 53.50
N SER G 161 -0.65 -58.21 52.86
CA SER G 161 -1.74 -57.29 52.73
C SER G 161 -1.79 -56.64 51.37
N TYR G 162 -3.01 -56.53 50.86
CA TYR G 162 -3.27 -55.72 49.69
C TYR G 162 -4.37 -54.76 50.07
N PRO G 163 -4.00 -53.64 50.69
CA PRO G 163 -5.02 -52.65 51.05
C PRO G 163 -5.64 -52.04 49.81
N LYS G 164 -6.87 -51.56 49.94
CA LYS G 164 -7.60 -50.90 48.84
C LYS G 164 -6.79 -49.71 48.29
N LEU G 165 -6.45 -49.82 47.01
CA LEU G 165 -5.59 -48.85 46.35
C LEU G 165 -6.48 -47.88 45.63
N SER G 166 -6.14 -46.60 45.72
CA SER G 166 -6.95 -45.58 45.06
C SER G 166 -6.08 -44.45 44.55
N LYS G 167 -6.20 -44.12 43.27
CA LYS G 167 -5.25 -43.20 42.68
C LYS G 167 -5.85 -42.42 41.50
N SER G 168 -5.67 -41.11 41.45
CA SER G 168 -6.24 -40.26 40.38
C SER G 168 -5.24 -39.43 39.60
N TYR G 169 -5.61 -39.06 38.40
CA TYR G 169 -4.80 -38.13 37.63
C TYR G 169 -5.75 -37.16 36.92
N ILE G 170 -5.52 -35.85 37.06
CA ILE G 170 -6.25 -34.83 36.32
C ILE G 170 -5.48 -34.43 35.10
N ASN G 171 -6.15 -34.42 33.93
CA ASN G 171 -5.48 -34.10 32.65
C ASN G 171 -5.23 -32.63 32.51
N ASP G 172 -4.03 -32.18 32.87
CA ASP G 172 -3.64 -30.78 32.70
C ASP G 172 -2.78 -30.55 31.45
N LYS G 173 -2.72 -31.53 30.56
CA LYS G 173 -1.86 -31.41 29.42
C LYS G 173 -2.36 -30.50 28.27
N GLY G 174 -3.64 -30.21 28.22
CA GLY G 174 -4.15 -29.37 27.14
C GLY G 174 -4.44 -30.12 25.85
N LYS G 175 -3.94 -31.33 25.73
CA LYS G 175 -4.29 -32.23 24.64
C LYS G 175 -4.98 -33.41 25.32
N GLU G 176 -5.42 -34.39 24.55
CA GLU G 176 -5.94 -35.58 25.21
C GLU G 176 -4.84 -36.49 25.62
N VAL G 177 -5.04 -37.31 26.66
CA VAL G 177 -4.01 -38.27 27.02
C VAL G 177 -4.48 -39.70 27.01
N LEU G 178 -3.66 -40.55 26.38
CA LEU G 178 -3.95 -41.94 26.21
C LEU G 178 -3.41 -42.64 27.40
N VAL G 179 -4.26 -43.37 28.12
CA VAL G 179 -3.75 -44.14 29.23
C VAL G 179 -4.16 -45.57 29.04
N LEU G 180 -3.23 -46.48 29.27
CA LEU G 180 -3.49 -47.92 29.18
C LEU G 180 -3.23 -48.60 30.54
N TRP G 181 -3.94 -49.70 30.77
CA TRP G 181 -3.77 -50.47 32.01
C TRP G 181 -4.05 -51.92 31.71
N GLY G 182 -3.69 -52.81 32.62
CA GLY G 182 -4.11 -54.19 32.41
C GLY G 182 -4.84 -54.81 33.58
N ILE G 183 -5.65 -55.81 33.31
CA ILE G 183 -6.08 -56.56 34.45
C ILE G 183 -5.64 -58.02 34.37
N HIS G 184 -5.09 -58.54 35.47
CA HIS G 184 -4.52 -59.88 35.46
C HIS G 184 -5.46 -60.95 35.97
N HIS G 185 -5.60 -62.06 35.25
CA HIS G 185 -6.44 -63.17 35.66
C HIS G 185 -5.63 -64.40 36.00
N PRO G 186 -5.41 -64.65 37.31
CA PRO G 186 -4.64 -65.82 37.69
C PRO G 186 -5.23 -67.15 37.24
N SER G 187 -4.35 -68.14 37.33
CA SER G 187 -4.56 -69.48 36.92
C SER G 187 -5.42 -70.26 37.92
N THR G 188 -5.15 -70.06 39.22
CA THR G 188 -5.75 -70.81 40.34
C THR G 188 -5.98 -69.90 41.54
N SER G 189 -6.87 -70.30 42.44
CA SER G 189 -7.05 -69.61 43.74
C SER G 189 -5.80 -69.43 44.58
N ALA G 190 -4.98 -70.50 44.64
CA ALA G 190 -3.63 -70.46 45.22
C ALA G 190 -2.78 -69.32 44.63
N ASP G 191 -2.85 -69.11 43.30
CA ASP G 191 -2.11 -68.05 42.66
C ASP G 191 -2.70 -66.70 43.01
N GLN G 192 -4.03 -66.57 42.94
CA GLN G 192 -4.71 -65.32 43.27
C GLN G 192 -4.33 -64.86 44.66
N GLN G 193 -4.43 -65.76 45.61
CA GLN G 193 -4.14 -65.42 46.98
C GLN G 193 -2.65 -65.13 47.22
N SER G 194 -1.80 -65.93 46.58
CA SER G 194 -0.37 -65.74 46.61
C SER G 194 0.05 -64.35 46.06
N LEU G 195 -0.60 -63.87 45.00
CA LEU G 195 -0.24 -62.58 44.41
C LEU G 195 -0.90 -61.37 45.08
N TYR G 196 -2.16 -61.48 45.48
CA TYR G 196 -2.97 -60.32 45.85
C TYR G 196 -3.66 -60.48 47.20
N GLN G 197 -3.43 -61.61 47.85
CA GLN G 197 -4.07 -61.93 49.14
C GLN G 197 -5.57 -62.12 49.03
N ASN G 198 -6.29 -61.07 48.66
CA ASN G 198 -7.73 -61.12 48.67
C ASN G 198 -8.31 -61.98 47.56
N ALA G 199 -8.87 -63.14 47.91
CA ALA G 199 -9.79 -63.82 46.97
C ALA G 199 -10.87 -62.79 46.78
N ASP G 200 -11.65 -62.83 45.72
CA ASP G 200 -12.70 -61.79 45.61
C ASP G 200 -12.21 -60.31 45.57
N ALA G 201 -11.15 -60.04 44.80
CA ALA G 201 -10.68 -58.69 44.52
C ALA G 201 -11.56 -58.09 43.43
N TYR G 202 -11.48 -56.78 43.26
CA TYR G 202 -12.13 -56.10 42.15
C TYR G 202 -11.29 -54.91 41.70
N VAL G 203 -11.52 -54.44 40.47
CA VAL G 203 -10.90 -53.24 39.96
C VAL G 203 -11.97 -52.28 39.43
N PHE G 204 -11.78 -50.99 39.65
CA PHE G 204 -12.67 -50.03 39.05
C PHE G 204 -11.89 -48.88 38.40
N VAL G 205 -12.28 -48.50 37.19
CA VAL G 205 -11.60 -47.43 36.45
C VAL G 205 -12.67 -46.49 35.96
N GLY G 206 -12.47 -45.18 36.17
CA GLY G 206 -13.50 -44.16 35.84
C GLY G 206 -12.99 -42.82 35.32
N THR G 207 -13.76 -42.18 34.44
CA THR G 207 -13.52 -40.82 34.00
C THR G 207 -14.88 -40.12 33.97
N SER G 208 -15.03 -39.05 33.21
CA SER G 208 -16.35 -38.49 33.02
C SER G 208 -17.26 -39.30 32.07
N LYS G 209 -16.66 -40.11 31.20
CA LYS G 209 -17.41 -40.83 30.20
C LYS G 209 -17.18 -42.33 30.28
N TYR G 210 -16.11 -42.75 30.95
CA TYR G 210 -15.78 -44.13 31.06
C TYR G 210 -16.03 -44.63 32.48
N SER G 211 -16.62 -45.80 32.62
CA SER G 211 -16.83 -46.43 33.91
C SER G 211 -16.93 -47.94 33.72
N LYS G 212 -16.01 -48.68 34.34
CA LYS G 212 -16.05 -50.12 34.26
C LYS G 212 -15.46 -50.79 35.52
N LYS G 213 -16.18 -51.82 36.02
CA LYS G 213 -15.69 -52.69 37.09
C LYS G 213 -15.13 -53.93 36.47
N PHE G 214 -14.02 -54.41 36.99
CA PHE G 214 -13.46 -55.67 36.54
C PHE G 214 -13.31 -56.64 37.71
N LYS G 215 -13.60 -57.91 37.44
CA LYS G 215 -13.35 -58.96 38.43
C LYS G 215 -12.46 -60.06 37.81
N PRO G 216 -11.56 -60.65 38.61
CA PRO G 216 -10.71 -61.70 38.11
C PRO G 216 -11.50 -62.94 37.67
N GLU G 217 -11.20 -63.43 36.47
CA GLU G 217 -11.70 -64.69 35.97
C GLU G 217 -10.65 -65.79 36.17
N ILE G 218 -10.71 -66.46 37.32
CA ILE G 218 -9.71 -67.48 37.70
C ILE G 218 -9.95 -68.90 37.12
N ALA G 219 -9.01 -69.36 36.30
CA ALA G 219 -9.14 -70.64 35.63
C ALA G 219 -7.87 -70.91 34.84
N ILE G 220 -7.62 -72.17 34.52
CA ILE G 220 -6.45 -72.48 33.73
C ILE G 220 -6.72 -72.57 32.24
N ARG G 221 -6.06 -71.69 31.50
CA ARG G 221 -6.12 -71.63 30.03
C ARG G 221 -4.98 -72.46 29.49
N PRO G 222 -5.06 -72.89 28.22
CA PRO G 222 -3.91 -73.48 27.55
C PRO G 222 -2.69 -72.55 27.54
N LYS G 223 -1.53 -73.16 27.77
CA LYS G 223 -0.28 -72.45 27.95
C LYS G 223 0.08 -71.63 26.73
N VAL G 224 0.41 -70.35 26.96
CA VAL G 224 0.97 -69.51 25.92
C VAL G 224 2.17 -68.81 26.53
N ARG G 225 3.26 -68.79 25.80
CA ARG G 225 4.54 -68.31 26.34
C ARG G 225 4.69 -68.73 27.79
N ASP G 226 4.42 -70.02 28.06
CA ASP G 226 4.51 -70.66 29.39
C ASP G 226 3.48 -70.22 30.45
N GLN G 227 2.45 -69.47 30.07
CA GLN G 227 1.46 -68.94 31.01
C GLN G 227 0.08 -69.58 30.89
N GLU G 228 -0.50 -69.99 32.03
CA GLU G 228 -1.86 -70.50 32.05
C GLU G 228 -2.89 -69.48 32.55
N GLY G 229 -2.41 -68.38 33.16
CA GLY G 229 -3.20 -67.19 33.41
C GLY G 229 -3.32 -66.33 32.17
N ARG G 230 -3.95 -65.14 32.29
CA ARG G 230 -4.06 -64.19 31.18
C ARG G 230 -4.05 -62.77 31.71
N MET G 231 -3.79 -61.77 30.84
CA MET G 231 -3.90 -60.36 31.16
C MET G 231 -4.66 -59.72 30.05
N ASN G 232 -5.64 -58.91 30.39
CA ASN G 232 -6.31 -58.17 29.38
C ASN G 232 -5.82 -56.76 29.44
N TYR G 233 -5.67 -56.18 28.25
CA TYR G 233 -5.21 -54.80 28.11
C TYR G 233 -6.36 -53.87 27.73
N TYR G 234 -6.41 -52.73 28.42
CA TYR G 234 -7.41 -51.66 28.22
C TYR G 234 -6.80 -50.28 28.02
N TRP G 235 -7.58 -49.41 27.35
CA TRP G 235 -7.16 -48.04 27.15
C TRP G 235 -8.31 -47.05 27.05
N THR G 236 -8.03 -45.79 27.34
CA THR G 236 -9.01 -44.75 27.16
C THR G 236 -8.34 -43.40 26.89
N LEU G 237 -9.03 -42.50 26.24
CA LEU G 237 -8.48 -41.17 25.99
C LEU G 237 -9.13 -40.24 26.99
N VAL G 238 -8.31 -39.64 27.86
CA VAL G 238 -8.83 -38.68 28.83
C VAL G 238 -8.83 -37.25 28.24
N GLU G 239 -9.99 -36.59 28.22
CA GLU G 239 -10.09 -35.23 27.66
C GLU G 239 -9.39 -34.24 28.52
N PRO G 240 -8.95 -33.11 27.96
CA PRO G 240 -8.33 -32.04 28.74
C PRO G 240 -9.26 -31.63 29.84
N GLY G 241 -8.76 -31.58 31.07
CA GLY G 241 -9.53 -31.13 32.22
C GLY G 241 -10.21 -32.26 32.95
N ASP G 242 -10.36 -33.40 32.29
CA ASP G 242 -10.99 -34.54 32.92
C ASP G 242 -10.01 -35.30 33.82
N LYS G 243 -10.56 -36.18 34.66
CA LYS G 243 -9.74 -36.93 35.59
C LYS G 243 -10.01 -38.44 35.46
N ILE G 244 -8.98 -39.26 35.65
CA ILE G 244 -9.16 -40.71 35.62
C ILE G 244 -8.83 -41.24 36.99
N THR G 245 -9.66 -42.09 37.54
CA THR G 245 -9.28 -42.70 38.82
C THR G 245 -9.27 -44.22 38.74
N PHE G 246 -8.34 -44.82 39.48
CA PHE G 246 -8.21 -46.23 39.55
C PHE G 246 -8.50 -46.63 40.98
N GLU G 247 -9.21 -47.71 41.15
CA GLU G 247 -9.49 -48.26 42.47
C GLU G 247 -9.33 -49.79 42.35
N ALA G 248 -8.72 -50.43 43.34
CA ALA G 248 -8.41 -51.84 43.23
C ALA G 248 -8.11 -52.53 44.55
N THR G 249 -8.57 -53.79 44.66
CA THR G 249 -8.11 -54.68 45.73
C THR G 249 -7.31 -55.91 45.24
N GLY G 250 -6.81 -55.83 44.02
CA GLY G 250 -5.92 -56.84 43.46
C GLY G 250 -6.04 -56.81 41.95
N ASN G 251 -5.14 -57.51 41.27
CA ASN G 251 -5.32 -57.80 39.86
C ASN G 251 -5.13 -56.65 38.90
N LEU G 252 -4.78 -55.47 39.42
CA LEU G 252 -4.63 -54.30 38.56
C LEU G 252 -3.20 -54.17 38.12
N VAL G 253 -2.98 -54.17 36.80
CA VAL G 253 -1.68 -53.73 36.34
C VAL G 253 -1.76 -52.31 35.95
N VAL G 254 -0.99 -51.51 36.66
CA VAL G 254 -1.19 -50.09 36.81
C VAL G 254 -0.42 -49.28 35.76
N PRO G 255 -0.96 -48.13 35.34
CA PRO G 255 -0.17 -47.37 34.35
C PRO G 255 1.09 -46.80 35.02
N ARG G 256 2.16 -46.65 34.24
CA ARG G 256 3.31 -45.92 34.71
C ARG G 256 3.58 -44.75 33.78
N TYR G 257 3.56 -44.98 32.48
CA TYR G 257 3.68 -43.91 31.49
C TYR G 257 2.37 -43.80 30.70
N ALA G 258 1.92 -42.59 30.42
CA ALA G 258 0.79 -42.38 29.49
C ALA G 258 1.23 -41.50 28.33
N PHE G 259 0.31 -41.13 27.44
CA PHE G 259 0.70 -40.35 26.28
C PHE G 259 -0.12 -39.12 26.03
N ALA G 260 0.49 -37.93 26.03
CA ALA G 260 -0.21 -36.70 25.60
C ALA G 260 -0.15 -36.60 24.06
N MET G 261 -1.28 -36.38 23.40
CA MET G 261 -1.32 -36.35 21.94
C MET G 261 -2.47 -35.59 21.28
N GLU G 262 -2.25 -35.23 20.02
CA GLU G 262 -3.20 -34.51 19.18
C GLU G 262 -3.30 -35.42 17.97
N ARG G 263 -4.42 -36.14 17.82
CA ARG G 263 -4.63 -36.98 16.60
C ARG G 263 -4.79 -36.14 15.37
N ASN G 264 -4.57 -36.75 14.24
CA ASN G 264 -4.57 -36.00 13.02
C ASN G 264 -5.87 -35.99 12.28
N ALA G 265 -6.13 -37.10 11.60
CA ALA G 265 -7.17 -37.19 10.55
C ALA G 265 -6.83 -38.50 9.92
N GLY G 266 -7.32 -38.71 8.71
CA GLY G 266 -7.29 -40.07 8.17
C GLY G 266 -5.91 -40.43 7.65
N SER G 267 -5.11 -41.15 8.45
CA SER G 267 -3.97 -41.86 7.85
C SER G 267 -4.11 -43.35 8.03
N GLY G 268 -3.03 -44.10 7.92
CA GLY G 268 -3.14 -45.55 8.01
C GLY G 268 -1.88 -46.27 8.43
N ILE G 269 -1.91 -47.57 8.42
CA ILE G 269 -0.78 -48.32 8.82
C ILE G 269 -0.38 -49.08 7.60
N ILE G 270 0.86 -49.08 7.18
CA ILE G 270 1.19 -50.04 6.15
C ILE G 270 2.14 -51.15 6.71
N ILE G 271 1.88 -52.41 6.37
CA ILE G 271 2.78 -53.50 6.72
C ILE G 271 3.64 -53.81 5.49
N SER G 272 4.93 -53.56 5.58
CA SER G 272 5.79 -53.71 4.42
C SER G 272 7.25 -53.82 4.80
N ASP G 273 8.03 -54.49 3.96
CA ASP G 273 9.47 -54.64 4.19
C ASP G 273 10.28 -53.74 3.28
N THR G 274 9.62 -52.90 2.51
CA THR G 274 10.30 -51.85 1.73
C THR G 274 11.05 -50.95 2.72
N PRO G 275 12.30 -50.59 2.42
CA PRO G 275 13.06 -49.75 3.37
C PRO G 275 12.54 -48.33 3.42
N VAL G 276 12.71 -47.67 4.57
CA VAL G 276 12.27 -46.28 4.72
C VAL G 276 13.41 -45.32 4.40
N HIS G 277 13.11 -44.24 3.68
CA HIS G 277 14.13 -43.28 3.22
C HIS G 277 13.80 -41.82 3.50
N ASP G 278 14.85 -41.01 3.60
CA ASP G 278 14.72 -39.57 3.66
C ASP G 278 14.38 -39.19 2.25
N CYS G 279 13.19 -38.68 2.04
CA CYS G 279 12.55 -38.85 0.75
C CYS G 279 11.17 -38.24 0.88
N ASN G 280 10.78 -37.44 -0.10
CA ASN G 280 9.50 -36.72 -0.05
C ASN G 280 8.47 -37.26 -1.06
N THR G 281 7.25 -37.57 -0.61
CA THR G 281 6.18 -37.98 -1.53
C THR G 281 4.80 -37.43 -1.18
N THR G 282 3.86 -37.53 -2.13
CA THR G 282 2.44 -37.14 -1.86
C THR G 282 1.48 -38.31 -2.05
N CYS G 283 2.02 -39.45 -2.47
CA CYS G 283 1.29 -40.69 -2.55
C CYS G 283 2.20 -41.85 -2.23
N GLN G 284 1.81 -42.69 -1.30
CA GLN G 284 2.65 -43.78 -0.81
C GLN G 284 1.90 -45.12 -0.84
N THR G 285 2.60 -46.17 -1.30
CA THR G 285 2.01 -47.53 -1.39
C THR G 285 2.96 -48.43 -0.65
N PRO G 286 2.53 -49.67 -0.31
CA PRO G 286 3.43 -50.65 0.35
C PRO G 286 4.67 -51.06 -0.47
N LYS G 287 4.64 -50.85 -1.79
CA LYS G 287 5.80 -51.19 -2.67
C LYS G 287 6.80 -50.04 -2.86
N GLY G 288 6.33 -48.81 -2.67
CA GLY G 288 7.14 -47.64 -2.95
C GLY G 288 6.23 -46.46 -3.21
N ALA G 289 6.83 -45.28 -3.33
CA ALA G 289 6.11 -44.03 -3.51
C ALA G 289 5.88 -43.73 -5.00
N ILE G 290 4.82 -42.96 -5.27
CA ILE G 290 4.44 -42.56 -6.61
C ILE G 290 4.50 -41.04 -6.70
N ASN G 291 5.38 -40.53 -7.56
CA ASN G 291 5.47 -39.10 -7.83
C ASN G 291 4.92 -38.93 -9.21
N THR G 292 3.66 -38.54 -9.29
CA THR G 292 3.03 -38.38 -10.61
C THR G 292 1.94 -37.34 -10.77
N SER G 293 1.86 -36.89 -12.01
CA SER G 293 0.90 -35.92 -12.43
C SER G 293 -0.34 -36.64 -13.01
N LEU G 294 -0.18 -37.93 -13.31
CA LEU G 294 -1.13 -38.68 -14.12
C LEU G 294 -2.30 -39.18 -13.30
N PRO G 295 -3.48 -39.39 -13.94
CA PRO G 295 -4.72 -39.70 -13.21
C PRO G 295 -4.89 -41.15 -12.78
N PHE G 296 -4.17 -42.07 -13.41
CA PHE G 296 -4.37 -43.49 -13.11
C PHE G 296 -3.07 -44.21 -12.84
N GLN G 297 -3.11 -45.23 -11.99
CA GLN G 297 -1.94 -46.02 -11.68
C GLN G 297 -2.33 -47.49 -11.53
N ASN G 298 -1.39 -48.39 -11.77
CA ASN G 298 -1.67 -49.82 -11.57
C ASN G 298 -0.58 -50.49 -10.71
N ILE G 299 -0.03 -49.73 -9.77
CA ILE G 299 0.97 -50.21 -8.88
C ILE G 299 0.35 -50.94 -7.69
N HIS G 300 -0.69 -50.38 -7.07
CA HIS G 300 -1.27 -50.98 -5.86
C HIS G 300 -2.61 -50.37 -5.52
N PRO G 301 -3.58 -51.21 -5.14
CA PRO G 301 -4.88 -50.69 -4.72
C PRO G 301 -4.89 -50.00 -3.38
N ILE G 302 -3.96 -50.33 -2.50
CA ILE G 302 -4.02 -49.65 -1.21
C ILE G 302 -2.92 -48.63 -0.99
N THR G 303 -3.27 -47.35 -1.12
CA THR G 303 -2.34 -46.23 -1.11
C THR G 303 -2.67 -45.33 0.08
N ILE G 304 -1.76 -44.39 0.41
CA ILE G 304 -2.06 -43.34 1.37
C ILE G 304 -1.58 -42.03 0.77
N GLY G 305 -2.41 -41.01 0.85
CA GLY G 305 -2.06 -39.68 0.41
C GLY G 305 -3.03 -39.26 -0.66
N LYS G 306 -2.52 -38.50 -1.62
CA LYS G 306 -3.33 -37.84 -2.59
C LYS G 306 -2.99 -38.49 -3.89
N CYS G 307 -3.73 -39.55 -4.23
CA CYS G 307 -3.25 -40.58 -5.18
C CYS G 307 -3.98 -40.68 -6.52
N PRO G 308 -3.27 -41.17 -7.55
CA PRO G 308 -3.97 -41.44 -8.80
C PRO G 308 -4.93 -42.61 -8.57
N LYS G 309 -6.02 -42.69 -9.35
CA LYS G 309 -6.99 -43.77 -9.17
C LYS G 309 -6.42 -45.13 -9.61
N TYR G 310 -6.53 -46.13 -8.78
CA TYR G 310 -6.03 -47.43 -9.13
C TYR G 310 -6.90 -48.14 -10.16
N VAL G 311 -6.24 -48.64 -11.20
CA VAL G 311 -6.90 -49.38 -12.29
C VAL G 311 -6.19 -50.70 -12.62
N LYS G 312 -6.89 -51.56 -13.33
CA LYS G 312 -6.41 -52.86 -13.68
C LYS G 312 -5.70 -52.92 -15.06
N SER G 313 -5.70 -51.82 -15.80
CA SER G 313 -5.10 -51.84 -17.13
C SER G 313 -3.58 -51.87 -17.12
N THR G 314 -2.99 -52.25 -18.24
CA THR G 314 -1.51 -52.33 -18.39
C THR G 314 -0.93 -51.20 -19.26
N LYS G 315 -1.74 -50.64 -20.15
CA LYS G 315 -1.36 -49.47 -20.90
C LYS G 315 -2.60 -48.58 -21.15
N LEU G 316 -2.41 -47.26 -21.13
CA LEU G 316 -3.48 -46.28 -21.44
C LEU G 316 -2.84 -45.15 -22.25
N ARG G 317 -2.55 -45.47 -23.50
CA ARG G 317 -1.82 -44.57 -24.38
C ARG G 317 -2.76 -43.67 -25.18
N LEU G 318 -2.63 -42.38 -24.96
CA LEU G 318 -3.40 -41.37 -25.64
C LEU G 318 -2.66 -40.89 -26.86
N ALA G 319 -3.33 -40.91 -28.01
CA ALA G 319 -2.79 -40.38 -29.27
C ALA G 319 -2.76 -38.86 -29.25
N THR G 320 -1.62 -38.24 -29.57
CA THR G 320 -1.57 -36.78 -29.69
C THR G 320 -1.33 -36.40 -31.13
N GLY G 321 -0.47 -37.15 -31.81
CA GLY G 321 -0.15 -36.93 -33.23
C GLY G 321 -1.19 -37.58 -34.12
N LEU G 322 -0.84 -37.80 -35.39
CA LEU G 322 -1.78 -38.37 -36.31
C LEU G 322 -1.39 -39.79 -36.70
N ARG G 323 -2.21 -40.43 -37.53
CA ARG G 323 -1.92 -41.77 -38.00
C ARG G 323 -0.59 -41.73 -38.74
N ASN G 324 0.32 -42.66 -38.43
CA ASN G 324 1.66 -42.62 -38.99
C ASN G 324 1.77 -43.51 -40.25
N VAL G 325 1.91 -42.88 -41.42
CA VAL G 325 1.91 -43.63 -42.68
C VAL G 325 3.17 -43.31 -43.50
N PRO G 326 4.30 -43.96 -43.20
CA PRO G 326 5.51 -43.53 -43.92
C PRO G 326 5.66 -44.19 -45.29
N LEU H 2 -15.04 -39.61 -39.80
CA LEU H 2 -13.88 -39.55 -40.78
C LEU H 2 -14.18 -38.63 -41.98
N PHE H 3 -13.16 -37.88 -42.39
CA PHE H 3 -13.32 -36.82 -43.37
C PHE H 3 -12.73 -37.15 -44.75
N GLY H 4 -12.11 -38.32 -44.84
CA GLY H 4 -11.66 -38.88 -46.12
C GLY H 4 -10.33 -38.39 -46.69
N ALA H 5 -9.54 -37.65 -45.89
CA ALA H 5 -8.28 -37.07 -46.38
C ALA H 5 -7.03 -37.91 -46.04
N ILE H 6 -6.72 -37.99 -44.75
CA ILE H 6 -5.58 -38.78 -44.25
C ILE H 6 -5.79 -40.27 -44.53
N ALA H 7 -4.81 -40.88 -45.19
CA ALA H 7 -4.91 -42.25 -45.71
C ALA H 7 -6.19 -42.40 -46.54
N GLY H 8 -6.56 -41.34 -47.23
CA GLY H 8 -7.78 -41.33 -48.03
C GLY H 8 -7.45 -40.90 -49.45
N PHE H 9 -7.86 -39.69 -49.82
CA PHE H 9 -7.54 -39.17 -51.14
C PHE H 9 -6.14 -38.56 -51.17
N ILE H 10 -5.59 -38.29 -49.99
CA ILE H 10 -4.18 -38.01 -49.86
C ILE H 10 -3.59 -39.23 -49.18
N GLU H 11 -3.08 -40.17 -49.97
CA GLU H 11 -2.83 -41.52 -49.46
C GLU H 11 -1.62 -41.74 -48.55
N GLY H 12 -0.70 -40.77 -48.47
CA GLY H 12 0.49 -40.96 -47.66
C GLY H 12 0.94 -39.72 -46.93
N GLY H 13 1.76 -39.91 -45.89
CA GLY H 13 2.40 -38.81 -45.14
C GLY H 13 3.78 -38.43 -45.66
N TRP H 14 4.33 -37.34 -45.16
CA TRP H 14 5.64 -36.87 -45.58
C TRP H 14 6.66 -36.88 -44.46
N THR H 15 7.62 -37.80 -44.54
CA THR H 15 8.74 -37.79 -43.56
C THR H 15 9.65 -36.57 -43.79
N GLY H 16 9.51 -35.97 -44.96
CA GLY H 16 10.29 -34.81 -45.37
C GLY H 16 9.88 -33.50 -44.73
N MET H 17 8.63 -33.40 -44.28
CA MET H 17 8.16 -32.19 -43.60
C MET H 17 8.29 -32.33 -42.08
N VAL H 18 9.29 -31.65 -41.52
CA VAL H 18 9.70 -31.90 -40.13
C VAL H 18 9.33 -30.80 -39.16
N ASP H 19 8.88 -29.64 -39.65
CA ASP H 19 8.61 -28.50 -38.76
C ASP H 19 7.12 -28.21 -38.48
N GLY H 20 6.28 -29.24 -38.65
CA GLY H 20 4.86 -29.12 -38.36
C GLY H 20 4.05 -30.35 -38.71
N TRP H 21 2.74 -30.28 -38.45
CA TRP H 21 1.86 -31.43 -38.56
C TRP H 21 1.23 -31.45 -39.93
N TYR H 22 0.92 -30.27 -40.45
CA TYR H 22 0.30 -30.12 -41.78
C TYR H 22 1.07 -29.09 -42.59
N GLY H 23 1.08 -29.25 -43.89
CA GLY H 23 1.74 -28.27 -44.76
C GLY H 23 1.66 -28.45 -46.27
N TYR H 24 2.67 -27.95 -46.95
CA TYR H 24 2.68 -27.90 -48.39
C TYR H 24 3.97 -28.45 -48.95
N HIS H 25 3.88 -28.92 -50.19
CA HIS H 25 5.04 -29.16 -51.02
C HIS H 25 4.89 -28.45 -52.36
N HIS H 26 5.68 -27.42 -52.60
CA HIS H 26 5.65 -26.74 -53.88
C HIS H 26 6.75 -27.27 -54.81
N GLN H 27 6.56 -27.00 -56.09
CA GLN H 27 7.54 -27.30 -57.13
C GLN H 27 7.29 -26.33 -58.25
N ASN H 28 8.16 -25.35 -58.37
CA ASN H 28 8.08 -24.41 -59.48
C ASN H 28 9.41 -24.31 -60.19
N GLU H 29 9.73 -23.12 -60.68
CA GLU H 29 10.92 -22.92 -61.48
C GLU H 29 12.15 -22.65 -60.63
N GLN H 30 11.92 -22.10 -59.45
CA GLN H 30 12.99 -21.63 -58.59
C GLN H 30 13.49 -22.72 -57.69
N GLY H 31 12.75 -23.82 -57.62
CA GLY H 31 13.11 -24.97 -56.79
C GLY H 31 11.87 -25.64 -56.20
N SER H 32 12.10 -26.63 -55.35
CA SER H 32 11.01 -27.35 -54.68
C SER H 32 11.34 -27.51 -53.21
N GLY H 33 10.34 -27.81 -52.39
CA GLY H 33 10.55 -28.08 -50.98
C GLY H 33 9.30 -28.15 -50.14
N TYR H 34 9.48 -28.42 -48.85
CA TYR H 34 8.37 -28.55 -47.93
C TYR H 34 8.31 -27.34 -47.03
N ALA H 35 7.11 -26.94 -46.65
CA ALA H 35 6.92 -25.92 -45.61
C ALA H 35 5.66 -26.24 -44.83
N ALA H 36 5.77 -26.30 -43.50
CA ALA H 36 4.62 -26.58 -42.67
C ALA H 36 3.72 -25.36 -42.60
N ASP H 37 2.41 -25.58 -42.57
CA ASP H 37 1.48 -24.47 -42.34
C ASP H 37 1.59 -24.13 -40.87
N LEU H 38 2.18 -22.99 -40.57
CA LEU H 38 2.40 -22.60 -39.17
C LEU H 38 1.12 -22.35 -38.37
N LYS H 39 0.18 -21.60 -38.93
CA LYS H 39 -1.04 -21.15 -38.21
C LYS H 39 -1.95 -22.30 -37.75
N SER H 40 -2.22 -23.24 -38.65
CA SER H 40 -3.10 -24.35 -38.35
C SER H 40 -2.39 -25.48 -37.61
N THR H 41 -1.07 -25.58 -37.76
CA THR H 41 -0.29 -26.46 -36.91
C THR H 41 -0.31 -25.94 -35.48
N GLN H 42 -0.02 -24.64 -35.32
CA GLN H 42 0.05 -24.05 -33.99
C GLN H 42 -1.29 -24.21 -33.29
N ASN H 43 -2.35 -23.94 -34.03
CA ASN H 43 -3.70 -24.03 -33.51
C ASN H 43 -4.02 -25.43 -33.02
N ALA H 44 -3.62 -26.44 -33.81
CA ALA H 44 -3.84 -27.83 -33.45
C ALA H 44 -3.06 -28.22 -32.19
N ILE H 45 -1.79 -27.84 -32.09
CA ILE H 45 -1.03 -28.21 -30.90
C ILE H 45 -1.58 -27.54 -29.65
N ASP H 46 -2.19 -26.36 -29.80
CA ASP H 46 -2.86 -25.70 -28.66
C ASP H 46 -4.08 -26.51 -28.19
N GLU H 47 -4.93 -26.89 -29.15
CA GLU H 47 -6.15 -27.62 -28.83
C GLU H 47 -5.88 -29.02 -28.28
N ILE H 48 -4.96 -29.76 -28.88
CA ILE H 48 -4.59 -31.07 -28.36
C ILE H 48 -3.93 -31.01 -26.97
N THR H 49 -3.08 -29.99 -26.73
CA THR H 49 -2.57 -29.75 -25.38
C THR H 49 -3.75 -29.58 -24.41
N ASN H 50 -4.72 -28.78 -24.80
CA ASN H 50 -5.87 -28.57 -23.97
C ASN H 50 -6.60 -29.88 -23.68
N LYS H 51 -6.72 -30.74 -24.68
CA LYS H 51 -7.37 -32.01 -24.49
C LYS H 51 -6.70 -32.90 -23.45
N VAL H 52 -5.38 -32.98 -23.55
CA VAL H 52 -4.58 -33.72 -22.58
C VAL H 52 -4.70 -33.10 -21.17
N ASN H 53 -4.51 -31.80 -21.07
CA ASN H 53 -4.62 -31.14 -19.78
C ASN H 53 -5.95 -31.32 -19.14
N SER H 54 -6.99 -31.46 -19.95
CA SER H 54 -8.36 -31.60 -19.44
C SER H 54 -8.54 -32.95 -18.82
N VAL H 55 -8.24 -33.97 -19.61
CA VAL H 55 -8.29 -35.33 -19.13
C VAL H 55 -7.49 -35.52 -17.83
N ILE H 56 -6.37 -34.81 -17.68
CA ILE H 56 -5.55 -34.92 -16.46
C ILE H 56 -6.07 -34.07 -15.29
N GLU H 57 -6.37 -32.79 -15.56
CA GLU H 57 -6.62 -31.83 -14.50
C GLU H 57 -8.00 -31.92 -13.88
N LYS H 58 -8.92 -32.62 -14.53
CA LYS H 58 -10.29 -32.66 -14.02
C LYS H 58 -10.45 -33.66 -12.89
N MET H 59 -9.45 -34.53 -12.77
CA MET H 59 -9.36 -35.53 -11.70
C MET H 59 -9.14 -34.86 -10.37
N ASN H 60 -10.24 -34.69 -9.63
CA ASN H 60 -10.23 -34.13 -8.26
C ASN H 60 -9.75 -35.24 -7.35
N THR H 61 -8.79 -34.95 -6.48
CA THR H 61 -8.29 -36.07 -5.70
C THR H 61 -8.11 -35.84 -4.20
N GLN H 62 -8.85 -36.64 -3.45
CA GLN H 62 -8.96 -36.50 -1.99
C GLN H 62 -7.74 -37.13 -1.33
N PHE H 63 -7.24 -36.54 -0.26
CA PHE H 63 -6.33 -37.31 0.61
C PHE H 63 -7.05 -38.40 1.38
N THR H 64 -6.71 -39.65 1.08
CA THR H 64 -7.37 -40.78 1.74
C THR H 64 -6.38 -41.90 2.02
N ALA H 65 -6.71 -42.74 3.02
CA ALA H 65 -6.00 -44.00 3.27
C ALA H 65 -6.86 -45.22 2.98
N VAL H 66 -6.61 -45.87 1.84
CA VAL H 66 -7.43 -46.99 1.36
C VAL H 66 -7.55 -48.12 2.38
N GLY H 67 -6.43 -48.57 2.91
CA GLY H 67 -6.41 -49.78 3.75
C GLY H 67 -7.18 -49.74 5.08
N LYS H 68 -7.65 -50.89 5.52
CA LYS H 68 -8.38 -50.99 6.76
C LYS H 68 -7.99 -52.29 7.43
N GLU H 69 -7.92 -52.31 8.75
CA GLU H 69 -7.66 -53.58 9.39
C GLU H 69 -8.82 -54.21 10.18
N PHE H 70 -9.11 -55.49 9.92
CA PHE H 70 -10.19 -56.19 10.59
C PHE H 70 -9.84 -57.46 11.30
N ASN H 71 -10.54 -57.62 12.39
CA ASN H 71 -10.32 -58.68 13.31
C ASN H 71 -11.00 -60.00 12.86
N HIS H 72 -10.55 -61.15 13.38
CA HIS H 72 -11.07 -62.46 12.93
C HIS H 72 -12.60 -62.69 13.10
N LEU H 73 -13.25 -61.82 13.88
CA LEU H 73 -14.73 -61.81 14.01
C LEU H 73 -15.38 -60.63 13.33
N GLU H 74 -14.74 -60.11 12.28
CA GLU H 74 -15.29 -59.03 11.50
C GLU H 74 -15.18 -59.32 10.01
N LYS H 75 -15.38 -60.60 9.62
CA LYS H 75 -15.14 -60.97 8.21
C LYS H 75 -16.16 -60.25 7.33
N ARG H 76 -17.38 -60.08 7.86
CA ARG H 76 -18.43 -59.39 7.12
C ARG H 76 -18.08 -57.98 6.70
N ILE H 77 -17.64 -57.13 7.62
CA ILE H 77 -17.24 -55.78 7.23
C ILE H 77 -15.95 -55.79 6.47
N GLU H 78 -15.02 -56.70 6.78
CA GLU H 78 -13.83 -56.80 5.95
C GLU H 78 -14.25 -57.01 4.49
N ASN H 79 -15.28 -57.84 4.30
CA ASN H 79 -15.80 -58.17 2.98
C ASN H 79 -16.56 -57.03 2.33
N LEU H 80 -17.33 -56.34 3.16
CA LEU H 80 -17.90 -55.06 2.78
C LEU H 80 -16.85 -54.12 2.19
N ASN H 81 -15.80 -53.90 2.95
CA ASN H 81 -14.68 -53.11 2.51
C ASN H 81 -14.04 -53.57 1.19
N LYS H 82 -13.80 -54.89 1.06
CA LYS H 82 -13.29 -55.43 -0.17
C LYS H 82 -14.24 -55.15 -1.33
N LYS H 83 -15.55 -55.24 -1.09
CA LYS H 83 -16.58 -54.89 -2.10
C LYS H 83 -16.48 -53.46 -2.62
N ILE H 84 -16.30 -52.49 -1.72
CA ILE H 84 -16.18 -51.14 -2.21
C ILE H 84 -14.87 -50.91 -3.01
N ASP H 85 -13.76 -51.53 -2.58
CA ASP H 85 -12.51 -51.36 -3.33
C ASP H 85 -12.63 -51.93 -4.75
N ASP H 86 -13.26 -53.09 -4.81
CA ASP H 86 -13.46 -53.77 -6.08
C ASP H 86 -14.42 -53.03 -7.01
N GLY H 87 -15.45 -52.45 -6.42
CA GLY H 87 -16.41 -51.70 -7.16
C GLY H 87 -15.73 -50.54 -7.82
N PHE H 88 -14.90 -49.81 -7.07
CA PHE H 88 -14.21 -48.65 -7.61
C PHE H 88 -13.21 -49.04 -8.70
N LEU H 89 -12.59 -50.21 -8.52
CA LEU H 89 -11.67 -50.76 -9.48
C LEU H 89 -12.39 -51.03 -10.79
N ASP H 90 -13.57 -51.60 -10.69
CA ASP H 90 -14.29 -51.87 -11.90
C ASP H 90 -14.79 -50.65 -12.60
N ILE H 91 -15.18 -49.60 -11.86
CA ILE H 91 -15.61 -48.41 -12.60
C ILE H 91 -14.47 -47.60 -13.14
N TRP H 92 -13.43 -47.38 -12.35
CA TRP H 92 -12.33 -46.67 -12.92
C TRP H 92 -11.66 -47.40 -14.09
N THR H 93 -11.56 -48.73 -14.03
CA THR H 93 -10.89 -49.43 -15.13
C THR H 93 -11.68 -49.28 -16.45
N TYR H 94 -12.99 -49.51 -16.39
CA TYR H 94 -13.86 -49.39 -17.56
C TYR H 94 -13.91 -47.98 -18.09
N ASN H 95 -14.01 -46.98 -17.24
CA ASN H 95 -14.09 -45.62 -17.73
C ASN H 95 -12.80 -45.18 -18.37
N ALA H 96 -11.68 -45.50 -17.74
CA ALA H 96 -10.40 -45.11 -18.30
C ALA H 96 -10.16 -45.73 -19.70
N GLU H 97 -10.47 -47.02 -19.82
CA GLU H 97 -10.26 -47.72 -21.07
C GLU H 97 -11.10 -47.12 -22.17
N LEU H 98 -12.37 -46.90 -21.87
CA LEU H 98 -13.26 -46.36 -22.88
C LEU H 98 -12.97 -44.91 -23.18
N LEU H 99 -12.51 -44.15 -22.19
CA LEU H 99 -12.20 -42.74 -22.41
C LEU H 99 -11.11 -42.66 -23.46
N VAL H 100 -10.06 -43.46 -23.26
CA VAL H 100 -8.93 -43.52 -24.17
C VAL H 100 -9.38 -43.92 -25.58
N LEU H 101 -10.18 -45.00 -25.68
CA LEU H 101 -10.72 -45.44 -26.98
C LEU H 101 -11.50 -44.36 -27.70
N LEU H 102 -12.45 -43.73 -27.02
CA LEU H 102 -13.24 -42.65 -27.63
C LEU H 102 -12.37 -41.45 -27.99
N GLU H 103 -11.51 -40.98 -27.09
CA GLU H 103 -10.76 -39.80 -27.43
C GLU H 103 -9.78 -40.02 -28.58
N ASN H 104 -9.22 -41.20 -28.68
CA ASN H 104 -8.26 -41.47 -29.76
C ASN H 104 -8.92 -41.40 -31.14
N GLU H 105 -9.99 -42.16 -31.25
CA GLU H 105 -10.87 -42.10 -32.36
C GLU H 105 -11.12 -40.64 -32.79
N ARG H 106 -11.46 -39.77 -31.84
CA ARG H 106 -11.81 -38.41 -32.16
C ARG H 106 -10.61 -37.55 -32.54
N THR H 107 -9.45 -37.83 -31.93
CA THR H 107 -8.23 -37.09 -32.20
C THR H 107 -7.79 -37.34 -33.63
N LEU H 108 -7.76 -38.61 -34.01
CA LEU H 108 -7.45 -38.96 -35.39
C LEU H 108 -8.40 -38.30 -36.43
N ASP H 109 -9.70 -38.25 -36.12
CA ASP H 109 -10.67 -37.58 -36.98
C ASP H 109 -10.51 -36.09 -36.97
N TYR H 110 -10.07 -35.54 -35.84
CA TYR H 110 -9.74 -34.12 -35.72
C TYR H 110 -8.68 -33.75 -36.76
N HIS H 111 -7.58 -34.52 -36.79
CA HIS H 111 -6.47 -34.28 -37.70
C HIS H 111 -6.90 -34.39 -39.16
N ASP H 112 -7.68 -35.43 -39.45
CA ASP H 112 -8.25 -35.65 -40.77
C ASP H 112 -9.01 -34.40 -41.19
N SER H 113 -9.85 -33.88 -40.29
CA SER H 113 -10.62 -32.68 -40.54
C SER H 113 -9.76 -31.45 -40.83
N ASN H 114 -8.68 -31.28 -40.08
CA ASN H 114 -7.75 -30.18 -40.34
C ASN H 114 -7.14 -30.22 -41.74
N VAL H 115 -6.68 -31.42 -42.12
CA VAL H 115 -6.05 -31.62 -43.42
C VAL H 115 -7.03 -31.30 -44.56
N LYS H 116 -8.23 -31.87 -44.44
CA LYS H 116 -9.30 -31.65 -45.40
C LYS H 116 -9.65 -30.18 -45.51
N ASN H 117 -9.69 -29.47 -44.40
CA ASN H 117 -9.98 -28.04 -44.44
C ASN H 117 -8.85 -27.20 -45.05
N LEU H 118 -7.61 -27.69 -44.92
CA LEU H 118 -6.48 -27.01 -45.50
C LEU H 118 -6.51 -27.16 -47.01
N TYR H 119 -6.82 -28.37 -47.46
CA TYR H 119 -7.06 -28.63 -48.87
C TYR H 119 -8.17 -27.76 -49.46
N GLU H 120 -9.32 -27.70 -48.81
CA GLU H 120 -10.45 -26.92 -49.33
C GLU H 120 -10.21 -25.41 -49.30
N LYS H 121 -9.41 -24.96 -48.34
CA LYS H 121 -9.02 -23.56 -48.25
C LYS H 121 -8.27 -23.15 -49.52
N VAL H 122 -7.51 -24.10 -50.09
CA VAL H 122 -6.72 -23.87 -51.29
C VAL H 122 -7.54 -24.02 -52.57
N ARG H 123 -8.29 -25.11 -52.71
CA ARG H 123 -9.17 -25.30 -53.87
C ARG H 123 -10.10 -24.11 -54.01
N SER H 124 -10.53 -23.57 -52.88
CA SER H 124 -11.44 -22.42 -52.83
C SER H 124 -10.88 -21.17 -53.47
N GLN H 125 -9.56 -21.02 -53.35
CA GLN H 125 -8.84 -19.83 -53.79
C GLN H 125 -8.48 -19.87 -55.27
N LEU H 126 -7.95 -21.00 -55.72
CA LEU H 126 -7.46 -21.15 -57.09
C LEU H 126 -8.57 -21.35 -58.12
N LYS H 127 -9.61 -22.09 -57.73
CA LYS H 127 -10.72 -22.43 -58.63
C LYS H 127 -10.19 -23.09 -59.91
N ASN H 128 -10.58 -22.57 -61.08
CA ASN H 128 -10.12 -23.13 -62.36
C ASN H 128 -8.82 -22.52 -62.94
N ASN H 129 -8.05 -21.85 -62.08
CA ASN H 129 -6.65 -21.48 -62.39
C ASN H 129 -5.68 -22.65 -62.17
N ALA H 130 -6.18 -23.71 -61.53
CA ALA H 130 -5.40 -24.91 -61.33
C ALA H 130 -6.22 -26.19 -61.61
N LYS H 131 -5.52 -27.25 -61.98
CA LYS H 131 -6.11 -28.57 -62.20
C LYS H 131 -5.99 -29.41 -60.92
N GLU H 132 -7.12 -29.87 -60.39
CA GLU H 132 -7.07 -30.86 -59.32
C GLU H 132 -6.57 -32.19 -59.88
N ILE H 133 -5.33 -32.55 -59.55
CA ILE H 133 -4.75 -33.84 -59.91
C ILE H 133 -5.24 -35.00 -59.03
N GLY H 134 -5.72 -34.68 -57.81
CA GLY H 134 -6.02 -35.71 -56.82
C GLY H 134 -4.74 -35.96 -56.05
N ASN H 135 -4.83 -36.67 -54.94
CA ASN H 135 -3.67 -36.85 -54.05
C ASN H 135 -3.26 -35.52 -53.41
N GLY H 136 -4.22 -34.60 -53.32
CA GLY H 136 -4.01 -33.35 -52.63
C GLY H 136 -3.13 -32.38 -53.40
N CYS H 137 -2.93 -32.65 -54.69
CA CYS H 137 -2.10 -31.76 -55.49
C CYS H 137 -2.90 -30.91 -56.47
N PHE H 138 -2.40 -29.69 -56.71
CA PHE H 138 -2.95 -28.79 -57.73
C PHE H 138 -1.87 -28.47 -58.75
N GLU H 139 -2.22 -28.61 -60.02
CA GLU H 139 -1.31 -28.20 -61.08
C GLU H 139 -1.78 -26.85 -61.61
N PHE H 140 -0.92 -25.84 -61.50
CA PHE H 140 -1.27 -24.50 -61.98
C PHE H 140 -1.30 -24.42 -63.49
N TYR H 141 -2.30 -23.72 -64.02
CA TYR H 141 -2.39 -23.44 -65.44
C TYR H 141 -1.55 -22.23 -65.83
N HIS H 142 -0.76 -21.73 -64.88
CA HIS H 142 0.08 -20.58 -65.12
C HIS H 142 1.37 -20.67 -64.30
N LYS H 143 2.29 -19.74 -64.54
CA LYS H 143 3.51 -19.62 -63.78
C LYS H 143 3.23 -19.17 -62.36
N CYS H 144 3.72 -19.93 -61.39
CA CYS H 144 3.53 -19.54 -60.01
C CYS H 144 4.84 -19.59 -59.24
N ASP H 145 5.45 -18.41 -59.10
CA ASP H 145 6.74 -18.26 -58.42
C ASP H 145 6.60 -18.28 -56.89
N ASN H 146 7.73 -18.10 -56.19
CA ASN H 146 7.76 -18.12 -54.72
C ASN H 146 6.86 -17.07 -54.06
N THR H 147 6.73 -15.89 -54.65
CA THR H 147 5.80 -14.90 -54.11
C THR H 147 4.32 -15.27 -54.38
N CYS H 148 4.05 -15.82 -55.57
CA CYS H 148 2.73 -16.39 -55.88
C CYS H 148 2.38 -17.55 -54.92
N MET H 149 3.32 -18.47 -54.74
CA MET H 149 3.13 -19.63 -53.84
C MET H 149 2.68 -19.19 -52.44
N GLU H 150 3.32 -18.15 -51.91
CA GLU H 150 3.03 -17.68 -50.56
C GLU H 150 1.74 -16.92 -50.44
N SER H 151 1.33 -16.26 -51.52
CA SER H 151 0.01 -15.63 -51.56
C SER H 151 -1.08 -16.71 -51.38
N VAL H 152 -0.81 -17.92 -51.87
CA VAL H 152 -1.74 -19.02 -51.71
C VAL H 152 -1.70 -19.51 -50.28
N LYS H 153 -0.50 -19.61 -49.72
CA LYS H 153 -0.31 -20.18 -48.38
C LYS H 153 -0.96 -19.37 -47.26
N ASN H 154 -1.07 -18.05 -47.42
CA ASN H 154 -1.79 -17.24 -46.41
C ASN H 154 -3.11 -16.62 -46.90
N GLY H 155 -3.74 -17.25 -47.88
CA GLY H 155 -5.09 -16.89 -48.27
C GLY H 155 -5.26 -15.64 -49.12
N THR H 156 -4.17 -15.09 -49.66
CA THR H 156 -4.26 -13.85 -50.43
C THR H 156 -3.94 -14.05 -51.92
N TYR H 157 -4.35 -15.20 -52.46
CA TYR H 157 -4.16 -15.46 -53.88
C TYR H 157 -5.03 -14.53 -54.71
N ASP H 158 -4.46 -13.97 -55.77
CA ASP H 158 -5.19 -13.07 -56.67
C ASP H 158 -5.71 -13.82 -57.89
N TYR H 159 -6.98 -14.24 -57.83
CA TYR H 159 -7.56 -15.02 -58.92
C TYR H 159 -7.57 -14.30 -60.28
N PRO H 160 -8.10 -13.05 -60.34
CA PRO H 160 -8.23 -12.36 -61.63
C PRO H 160 -6.88 -12.12 -62.32
N LYS H 161 -5.87 -11.81 -61.51
CA LYS H 161 -4.51 -11.55 -61.97
C LYS H 161 -4.00 -12.58 -62.97
N TYR H 162 -4.39 -13.84 -62.80
CA TYR H 162 -3.86 -14.93 -63.62
C TYR H 162 -4.85 -15.62 -64.57
N SER H 163 -6.11 -15.19 -64.54
CA SER H 163 -7.21 -15.89 -65.24
C SER H 163 -7.02 -16.07 -66.74
N GLU H 164 -6.53 -15.01 -67.40
CA GLU H 164 -6.28 -15.09 -68.84
C GLU H 164 -5.21 -16.10 -69.20
N GLU H 165 -4.07 -15.99 -68.50
CA GLU H 165 -2.94 -16.87 -68.74
C GLU H 165 -3.38 -18.31 -68.57
N ALA H 166 -4.10 -18.55 -67.48
CA ALA H 166 -4.59 -19.86 -67.14
C ALA H 166 -5.55 -20.41 -68.18
N LYS H 167 -6.52 -19.59 -68.59
CA LYS H 167 -7.57 -20.06 -69.50
C LYS H 167 -7.04 -20.35 -70.91
N LEU H 168 -5.98 -19.66 -71.31
CA LEU H 168 -5.25 -19.97 -72.54
C LEU H 168 -4.68 -21.39 -72.52
N ASN H 169 -3.96 -21.72 -71.44
CA ASN H 169 -3.34 -23.04 -71.28
C ASN H 169 -4.34 -24.18 -71.05
N ARG H 170 -5.58 -23.81 -70.75
CA ARG H 170 -6.60 -24.77 -70.37
C ARG H 170 -7.15 -25.56 -71.58
N GLU H 171 -6.65 -25.24 -72.79
CA GLU H 171 -6.87 -26.08 -73.99
C GLU H 171 -6.06 -27.37 -73.90
N GLY I 4 26.53 2.64 -52.87
CA GLY I 4 27.95 2.73 -52.40
C GLY I 4 28.26 1.70 -51.34
N ASP I 5 29.44 1.07 -51.43
CA ASP I 5 29.81 -0.06 -50.58
C ASP I 5 30.15 0.37 -49.19
N THR I 6 30.52 -0.58 -48.32
CA THR I 6 30.62 -0.24 -46.88
C THR I 6 31.26 -1.21 -45.88
N LEU I 7 32.11 -0.67 -44.99
CA LEU I 7 32.66 -1.40 -43.84
C LEU I 7 32.15 -0.68 -42.62
N CYS I 8 31.55 -1.39 -41.66
CA CYS I 8 31.11 -0.75 -40.39
C CYS I 8 31.73 -1.32 -39.12
N ILE I 9 32.01 -0.46 -38.16
CA ILE I 9 32.53 -0.88 -36.86
C ILE I 9 31.37 -1.00 -35.87
N GLY I 10 31.35 -2.06 -35.05
CA GLY I 10 30.29 -2.22 -34.05
C GLY I 10 30.64 -3.11 -32.87
N TYR I 11 29.62 -3.52 -32.13
CA TYR I 11 29.82 -4.29 -30.92
C TYR I 11 28.67 -5.25 -30.59
N HIS I 12 28.97 -6.30 -29.83
CA HIS I 12 28.03 -7.36 -29.46
C HIS I 12 26.79 -6.85 -28.75
N ALA I 13 25.65 -7.45 -29.07
CA ALA I 13 24.45 -7.33 -28.26
C ALA I 13 23.85 -8.72 -28.12
N ASN I 14 23.08 -9.00 -27.06
CA ASN I 14 22.50 -10.36 -26.89
C ASN I 14 21.18 -10.50 -26.11
N ASN I 15 20.81 -11.77 -25.86
CA ASN I 15 19.73 -12.19 -24.94
C ASN I 15 19.66 -11.47 -23.58
N SER I 16 20.81 -11.33 -22.91
CA SER I 16 20.94 -11.01 -21.48
C SER I 16 19.97 -9.98 -20.92
N THR I 17 19.57 -10.19 -19.66
CA THR I 17 18.76 -9.20 -18.91
C THR I 17 19.37 -8.82 -17.58
N ASP I 18 20.57 -9.35 -17.31
CA ASP I 18 21.39 -8.91 -16.16
C ASP I 18 21.57 -7.39 -16.11
N THR I 19 21.38 -6.81 -14.92
CA THR I 19 21.65 -5.38 -14.72
C THR I 19 22.77 -5.18 -13.72
N VAL I 20 23.52 -4.12 -13.89
CA VAL I 20 24.47 -3.72 -12.87
C VAL I 20 24.24 -2.26 -12.55
N ASP I 21 24.82 -1.81 -11.43
CA ASP I 21 24.84 -0.39 -11.12
C ASP I 21 26.23 0.14 -11.34
N THR I 22 26.33 1.42 -11.68
CA THR I 22 27.59 2.13 -11.69
C THR I 22 27.45 3.35 -10.79
N VAL I 23 28.52 4.11 -10.56
CA VAL I 23 28.34 5.34 -9.75
C VAL I 23 27.42 6.33 -10.45
N LEU I 24 27.48 6.37 -11.79
CA LEU I 24 26.71 7.35 -12.54
C LEU I 24 25.32 6.88 -12.90
N GLU I 25 25.12 5.56 -12.99
CA GLU I 25 23.85 5.04 -13.50
C GLU I 25 23.42 3.76 -12.81
N LYS I 26 22.12 3.68 -12.52
CA LYS I 26 21.53 2.47 -11.94
C LYS I 26 20.94 1.61 -13.02
N ASN I 27 21.01 0.29 -12.82
CA ASN I 27 20.22 -0.60 -13.68
C ASN I 27 20.63 -0.57 -15.15
N VAL I 28 21.90 -0.80 -15.40
CA VAL I 28 22.37 -0.83 -16.76
C VAL I 28 22.48 -2.28 -17.22
N THR I 29 21.75 -2.61 -18.29
CA THR I 29 21.77 -3.97 -18.86
C THR I 29 23.06 -4.21 -19.58
N VAL I 30 23.71 -5.34 -19.26
CA VAL I 30 25.04 -5.67 -19.76
C VAL I 30 24.98 -7.05 -20.40
N THR I 31 25.94 -7.33 -21.27
CA THR I 31 25.93 -8.57 -22.07
C THR I 31 26.44 -9.73 -21.25
N HIS I 32 27.40 -9.46 -20.38
CA HIS I 32 28.03 -10.46 -19.53
C HIS I 32 28.36 -9.86 -18.18
N SER I 33 28.46 -10.71 -17.17
CA SER I 33 28.34 -10.22 -15.82
C SER I 33 28.65 -11.34 -14.88
N VAL I 34 29.30 -11.04 -13.77
CA VAL I 34 29.54 -12.06 -12.72
C VAL I 34 29.19 -11.59 -11.27
N ASN I 35 28.44 -12.42 -10.52
CA ASN I 35 28.10 -12.08 -9.12
C ASN I 35 29.29 -12.29 -8.21
N LEU I 36 29.55 -11.31 -7.37
CA LEU I 36 30.72 -11.32 -6.49
C LEU I 36 30.35 -11.67 -5.02
N LEU I 37 29.05 -11.92 -4.78
CA LEU I 37 28.49 -12.12 -3.46
C LEU I 37 27.92 -13.53 -3.36
N GLU I 38 28.48 -14.34 -2.46
CA GLU I 38 27.98 -15.68 -2.25
C GLU I 38 26.73 -15.63 -1.36
N ASP I 39 25.60 -16.11 -1.87
CA ASP I 39 24.33 -16.11 -1.12
C ASP I 39 23.68 -17.47 -0.96
N LYS I 40 24.42 -18.53 -1.32
CA LYS I 40 23.98 -19.91 -1.18
C LYS I 40 24.82 -20.69 -0.14
N HIS I 41 24.13 -21.46 0.70
CA HIS I 41 24.75 -22.39 1.66
C HIS I 41 24.09 -23.75 1.46
N ASN I 42 24.69 -24.79 2.04
CA ASN I 42 24.21 -26.15 1.79
C ASN I 42 23.25 -26.73 2.83
N GLY I 43 22.92 -25.94 3.85
CA GLY I 43 21.96 -26.37 4.85
C GLY I 43 22.42 -27.52 5.74
N LYS I 44 23.73 -27.73 5.82
CA LYS I 44 24.33 -28.81 6.62
C LYS I 44 25.49 -28.37 7.50
N LEU I 45 25.69 -29.05 8.62
CA LEU I 45 26.88 -28.86 9.47
C LEU I 45 27.96 -29.88 9.09
N CYS I 46 29.14 -29.40 8.69
CA CYS I 46 30.09 -30.28 8.00
C CYS I 46 31.41 -30.36 8.70
N LYS I 47 32.29 -31.20 8.16
CA LYS I 47 33.62 -31.37 8.69
C LYS I 47 34.47 -30.21 8.26
N LEU I 48 35.26 -29.72 9.20
CA LEU I 48 36.07 -28.54 8.95
C LEU I 48 37.52 -28.98 8.92
N ARG I 49 38.17 -28.73 7.80
CA ARG I 49 39.51 -29.27 7.55
C ARG I 49 39.47 -30.79 7.73
N GLY I 50 38.49 -31.44 7.12
CA GLY I 50 38.33 -32.91 7.15
C GLY I 50 38.18 -33.62 8.50
N VAL I 51 37.91 -32.87 9.57
CA VAL I 51 37.56 -33.47 10.87
C VAL I 51 36.20 -32.97 11.39
N ALA I 52 35.38 -33.93 11.84
CA ALA I 52 34.02 -33.70 12.28
C ALA I 52 33.91 -32.93 13.59
N PRO I 53 32.82 -32.17 13.76
CA PRO I 53 32.59 -31.51 15.03
C PRO I 53 32.16 -32.52 16.09
N LEU I 54 32.21 -32.13 17.35
CA LEU I 54 31.58 -32.87 18.44
C LEU I 54 30.13 -32.40 18.57
N HIS I 55 29.19 -33.32 18.38
CA HIS I 55 27.79 -32.96 18.43
C HIS I 55 27.18 -33.44 19.75
N LEU I 56 26.67 -32.49 20.55
CA LEU I 56 26.20 -32.82 21.90
C LEU I 56 24.73 -33.29 22.04
N GLY I 57 23.86 -32.83 21.15
CA GLY I 57 22.46 -33.27 21.15
C GLY I 57 21.69 -32.77 22.36
N LYS I 58 21.28 -33.71 23.22
CA LYS I 58 20.54 -33.41 24.46
C LYS I 58 21.30 -32.58 25.49
N CYS I 59 22.62 -32.44 25.35
CA CYS I 59 23.44 -31.92 26.43
C CYS I 59 24.24 -30.64 26.15
N ASN I 60 24.43 -29.89 27.25
CA ASN I 60 25.48 -28.89 27.46
C ASN I 60 26.86 -29.50 27.34
N ILE I 61 27.82 -28.62 27.20
CA ILE I 61 29.19 -28.96 27.50
C ILE I 61 29.33 -29.40 28.97
N ALA I 62 28.71 -28.65 29.87
CA ALA I 62 28.72 -28.99 31.28
C ALA I 62 28.28 -30.42 31.51
N GLY I 63 27.13 -30.75 30.95
CA GLY I 63 26.56 -32.07 31.11
C GLY I 63 27.50 -33.12 30.53
N TRP I 64 28.11 -32.78 29.41
CA TRP I 64 28.97 -33.72 28.74
C TRP I 64 30.30 -33.99 29.47
N ILE I 65 31.03 -32.97 29.93
CA ILE I 65 32.28 -33.28 30.68
C ILE I 65 32.06 -33.72 32.11
N LEU I 66 31.00 -33.27 32.76
CA LEU I 66 30.72 -33.81 34.08
C LEU I 66 30.22 -35.25 34.00
N GLY I 67 29.57 -35.60 32.90
CA GLY I 67 29.03 -36.95 32.74
C GLY I 67 27.65 -37.10 33.35
N ASN I 68 26.79 -36.14 33.08
CA ASN I 68 25.38 -36.23 33.39
C ASN I 68 24.84 -37.54 32.82
N PRO I 69 23.96 -38.23 33.58
CA PRO I 69 23.53 -39.56 33.15
C PRO I 69 22.87 -39.63 31.76
N GLU I 70 22.28 -38.52 31.32
CA GLU I 70 21.62 -38.48 30.02
C GLU I 70 22.60 -38.34 28.85
N CYS I 71 23.88 -38.12 29.14
CA CYS I 71 24.84 -37.75 28.09
C CYS I 71 25.76 -38.85 27.59
N GLU I 72 25.51 -40.09 28.00
CA GLU I 72 26.37 -41.17 27.52
C GLU I 72 25.70 -42.01 26.44
N SER I 73 24.88 -41.34 25.61
CA SER I 73 24.44 -41.91 24.34
C SER I 73 25.43 -41.40 23.30
N LEU I 74 26.29 -40.51 23.75
CA LEU I 74 27.28 -39.87 22.90
C LEU I 74 28.55 -40.72 22.77
N SER I 75 28.84 -41.15 21.54
CA SER I 75 30.15 -41.70 21.17
C SER I 75 31.21 -40.56 21.27
N THR I 76 32.21 -40.83 22.09
CA THR I 76 33.18 -39.83 22.50
C THR I 76 34.43 -40.04 21.62
N ALA I 77 34.62 -39.13 20.67
CA ALA I 77 35.73 -39.21 19.71
C ALA I 77 36.97 -38.52 20.27
N SER I 78 38.14 -38.88 19.76
CA SER I 78 39.38 -38.31 20.28
C SER I 78 39.80 -37.01 19.59
N SER I 79 38.91 -36.46 18.78
CA SER I 79 39.28 -35.35 17.92
C SER I 79 38.03 -34.61 17.50
N TRP I 80 38.04 -33.29 17.56
CA TRP I 80 37.02 -32.49 16.90
C TRP I 80 37.50 -31.12 16.46
N SER I 81 36.79 -30.55 15.48
CA SER I 81 37.17 -29.25 14.92
C SER I 81 36.37 -28.07 15.49
N TYR I 82 35.23 -28.36 16.13
CA TYR I 82 34.41 -27.35 16.78
C TYR I 82 33.31 -28.10 17.47
N ILE I 83 32.47 -27.42 18.25
CA ILE I 83 31.45 -28.10 19.04
C ILE I 83 30.08 -27.63 18.65
N VAL I 84 29.13 -28.54 18.58
CA VAL I 84 27.75 -28.16 18.26
C VAL I 84 26.81 -28.48 19.41
N GLU I 85 26.13 -27.45 19.92
CA GLU I 85 24.98 -27.65 20.80
C GLU I 85 23.69 -27.32 20.06
N THR I 86 22.58 -27.89 20.50
CA THR I 86 21.28 -27.60 19.88
C THR I 86 20.45 -26.69 20.79
N SER I 87 19.34 -26.18 20.26
CA SER I 87 18.36 -25.42 21.06
C SER I 87 17.69 -26.30 22.13
N SER I 88 17.87 -27.61 22.00
CA SER I 88 17.33 -28.57 22.94
C SER I 88 18.41 -29.11 23.91
N SER I 89 19.59 -28.45 23.92
CA SER I 89 20.75 -28.86 24.72
C SER I 89 20.60 -28.35 26.13
N ASP I 90 20.14 -29.24 27.00
CA ASP I 90 19.40 -28.86 28.18
C ASP I 90 19.90 -29.55 29.42
N ASN I 91 20.39 -30.77 29.26
CA ASN I 91 20.95 -31.51 30.36
C ASN I 91 22.40 -31.07 30.60
N GLY I 92 22.60 -30.40 31.73
CA GLY I 92 23.91 -29.90 32.13
C GLY I 92 24.16 -30.25 33.58
N THR I 93 24.32 -29.26 34.44
CA THR I 93 24.53 -29.53 35.87
C THR I 93 23.21 -29.87 36.55
N CYS I 94 22.97 -31.14 36.82
CA CYS I 94 21.65 -31.54 37.34
C CYS I 94 21.52 -31.25 38.83
N TYR I 95 22.62 -31.26 39.56
CA TYR I 95 22.61 -30.69 40.91
C TYR I 95 23.00 -29.20 40.87
N PRO I 96 22.11 -28.31 41.34
CA PRO I 96 22.25 -26.87 41.12
C PRO I 96 23.44 -26.29 41.83
N GLY I 97 24.11 -25.31 41.18
CA GLY I 97 25.27 -24.62 41.73
C GLY I 97 25.95 -23.79 40.66
N ASP I 98 27.07 -23.11 41.00
CA ASP I 98 27.88 -22.45 39.96
C ASP I 98 28.93 -23.37 39.35
N PHE I 99 29.11 -23.20 38.04
CA PHE I 99 30.20 -23.80 37.32
C PHE I 99 31.19 -22.64 37.07
N ILE I 100 32.28 -22.62 37.84
CA ILE I 100 33.24 -21.52 37.85
C ILE I 100 34.07 -21.55 36.59
N ASP I 101 34.22 -20.38 35.98
CA ASP I 101 34.95 -20.21 34.75
C ASP I 101 34.45 -21.15 33.67
N TYR I 102 33.13 -21.26 33.58
CA TYR I 102 32.49 -22.17 32.64
C TYR I 102 32.77 -21.79 31.19
N GLU I 103 32.48 -20.56 30.83
CA GLU I 103 32.70 -20.07 29.48
C GLU I 103 34.15 -20.25 29.02
N GLU I 104 35.10 -20.05 29.92
CA GLU I 104 36.50 -20.22 29.61
C GLU I 104 36.79 -21.66 29.33
N LEU I 105 36.15 -22.57 30.09
CA LEU I 105 36.27 -24.00 29.81
C LEU I 105 35.75 -24.29 28.40
N ARG I 106 34.58 -23.75 28.05
CA ARG I 106 34.01 -24.12 26.76
C ARG I 106 34.88 -23.57 25.65
N GLU I 107 35.50 -22.41 25.90
CA GLU I 107 36.45 -21.91 24.94
C GLU I 107 37.64 -22.82 24.77
N GLN I 108 38.15 -23.35 25.87
CA GLN I 108 39.37 -24.11 25.82
C GLN I 108 39.20 -25.51 25.25
N LEU I 109 37.95 -25.96 25.24
CA LEU I 109 37.56 -27.30 24.86
C LEU I 109 37.04 -27.29 23.44
N SER I 110 36.97 -26.09 22.86
CA SER I 110 36.48 -25.82 21.50
C SER I 110 36.90 -26.79 20.44
N SER I 111 38.14 -27.24 20.54
CA SER I 111 38.83 -27.92 19.45
C SER I 111 40.05 -28.56 20.06
N VAL I 112 40.15 -29.86 19.92
CA VAL I 112 41.25 -30.59 20.49
C VAL I 112 41.70 -31.55 19.43
N SER I 113 43.01 -31.75 19.31
CA SER I 113 43.56 -32.67 18.31
C SER I 113 43.73 -34.04 18.90
N SER I 114 43.55 -34.14 20.21
CA SER I 114 43.67 -35.41 20.89
C SER I 114 42.94 -35.24 22.21
N PHE I 115 42.19 -36.26 22.63
CA PHE I 115 41.30 -36.20 23.77
C PHE I 115 41.00 -37.60 24.27
N GLU I 116 41.42 -37.90 25.49
CA GLU I 116 41.25 -39.24 26.01
C GLU I 116 40.75 -39.21 27.45
N ARG I 117 39.68 -39.94 27.71
CA ARG I 117 39.10 -40.02 29.04
C ARG I 117 39.66 -41.21 29.81
N PHE I 118 40.04 -41.00 31.06
CA PHE I 118 40.63 -42.08 31.86
C PHE I 118 40.32 -41.94 33.33
N GLU I 119 40.51 -43.01 34.08
CA GLU I 119 40.11 -43.05 35.49
C GLU I 119 41.30 -42.64 36.37
N ILE I 120 41.39 -41.37 36.76
CA ILE I 120 42.51 -40.92 37.60
C ILE I 120 42.47 -41.55 38.97
N PHE I 121 41.26 -41.59 39.54
CA PHE I 121 41.08 -42.19 40.86
C PHE I 121 40.09 -43.34 40.76
N PRO I 122 40.61 -44.56 40.49
CA PRO I 122 39.75 -45.73 40.32
C PRO I 122 38.81 -45.95 41.51
N LYS I 123 37.52 -46.06 41.22
CA LYS I 123 36.47 -46.08 42.23
C LYS I 123 36.68 -47.23 43.20
N THR I 124 37.07 -48.35 42.62
CA THR I 124 37.16 -49.58 43.35
C THR I 124 38.23 -49.58 44.47
N SER I 125 39.31 -48.82 44.29
CA SER I 125 40.45 -48.88 45.21
C SER I 125 40.92 -47.54 45.80
N SER I 126 40.27 -46.43 45.45
CA SER I 126 40.79 -45.13 45.83
C SER I 126 40.29 -44.62 47.18
N TRP I 127 39.16 -45.12 47.62
CA TRP I 127 38.55 -44.56 48.84
C TRP I 127 38.15 -45.63 49.86
N PRO I 128 39.15 -46.24 50.53
CA PRO I 128 38.82 -47.31 51.45
C PRO I 128 38.19 -46.85 52.76
N ASN I 129 38.35 -45.58 53.12
CA ASN I 129 37.84 -45.10 54.40
C ASN I 129 36.59 -44.23 54.29
N HIS I 130 36.01 -44.19 53.08
CA HIS I 130 34.87 -43.32 52.81
C HIS I 130 33.88 -44.07 51.95
N ASP I 131 32.63 -43.61 51.97
CA ASP I 131 31.56 -44.32 51.30
C ASP I 131 31.37 -43.79 49.90
N SER I 132 31.65 -44.64 48.91
CA SER I 132 31.63 -44.21 47.51
C SER I 132 30.41 -44.72 46.78
N ASN I 133 29.48 -45.33 47.49
CA ASN I 133 28.28 -45.87 46.84
C ASN I 133 26.98 -45.13 47.11
N LYS I 134 26.84 -44.56 48.30
CA LYS I 134 25.64 -43.82 48.62
C LYS I 134 25.72 -42.37 48.17
N GLY I 135 26.22 -42.06 46.96
CA GLY I 135 26.43 -40.64 46.65
C GLY I 135 25.57 -40.31 45.46
N VAL I 136 24.26 -40.25 45.69
CA VAL I 136 23.31 -40.38 44.61
C VAL I 136 22.11 -39.50 44.98
N THR I 137 21.39 -38.98 43.99
CA THR I 137 20.37 -37.98 44.27
C THR I 137 19.21 -38.01 43.29
N ALA I 138 18.05 -37.54 43.75
CA ALA I 138 16.87 -37.42 42.91
C ALA I 138 17.05 -36.29 41.90
N ALA I 139 18.03 -35.43 42.14
CA ALA I 139 18.32 -34.36 41.20
C ALA I 139 18.96 -34.85 39.91
N CYS I 140 19.60 -36.02 39.95
CA CYS I 140 20.18 -36.64 38.75
C CYS I 140 19.66 -38.08 38.56
N PRO I 141 18.44 -38.23 38.02
CA PRO I 141 17.89 -39.56 37.84
C PRO I 141 18.43 -40.26 36.60
N HIS I 142 18.62 -41.58 36.70
CA HIS I 142 18.96 -42.40 35.52
C HIS I 142 17.77 -43.26 35.13
N ALA I 143 17.94 -44.57 35.15
CA ALA I 143 16.91 -45.49 34.68
C ALA I 143 15.74 -45.52 35.70
N GLY I 144 15.21 -44.33 35.98
CA GLY I 144 14.21 -44.16 37.03
C GLY I 144 14.79 -43.94 38.41
N ALA I 145 16.00 -44.45 38.67
CA ALA I 145 16.54 -44.42 40.02
C ALA I 145 17.37 -43.17 40.25
N LYS I 146 17.58 -42.83 41.53
CA LYS I 146 18.51 -41.80 41.93
C LYS I 146 19.91 -42.13 41.38
N SER I 147 20.60 -41.13 40.85
CA SER I 147 21.92 -41.35 40.25
C SER I 147 22.80 -40.11 40.43
N PHE I 148 23.92 -40.06 39.73
CA PHE I 148 24.86 -38.96 39.85
C PHE I 148 25.69 -38.89 38.58
N TYR I 149 26.61 -37.91 38.52
CA TYR I 149 27.52 -37.78 37.37
C TYR I 149 28.43 -39.00 37.27
N LYS I 150 28.70 -39.44 36.04
CA LYS I 150 29.57 -40.58 35.83
C LYS I 150 31.03 -40.21 36.16
N ASN I 151 31.41 -38.95 36.00
CA ASN I 151 32.83 -38.61 36.06
C ASN I 151 33.28 -38.11 37.43
N LEU I 152 32.34 -37.89 38.32
CA LEU I 152 32.66 -37.54 39.70
C LEU I 152 32.06 -38.56 40.64
N ILE I 153 32.55 -38.60 41.88
CA ILE I 153 31.95 -39.41 42.91
C ILE I 153 31.72 -38.55 44.12
N TRP I 154 30.52 -38.66 44.68
CA TRP I 154 30.13 -37.91 45.84
C TRP I 154 30.44 -38.69 47.13
N LEU I 155 31.65 -38.58 47.64
CA LEU I 155 32.01 -39.32 48.85
C LEU I 155 31.24 -38.81 50.06
N VAL I 156 30.84 -39.74 50.90
CA VAL I 156 30.03 -39.52 52.10
C VAL I 156 30.66 -40.35 53.21
N LYS I 157 30.40 -39.99 54.48
CA LYS I 157 31.00 -40.70 55.62
C LYS I 157 30.69 -42.20 55.63
N LYS I 158 31.65 -42.97 56.15
CA LYS I 158 31.48 -44.39 56.36
C LYS I 158 31.20 -44.62 57.84
N GLY I 159 30.01 -45.14 58.12
CA GLY I 159 29.59 -45.32 59.50
C GLY I 159 29.52 -43.99 60.18
N ASN I 160 30.36 -43.78 61.19
CA ASN I 160 30.33 -42.52 61.95
C ASN I 160 31.55 -41.63 61.84
N SER I 161 32.36 -41.88 60.81
CA SER I 161 33.63 -41.23 60.69
C SER I 161 33.87 -40.71 59.28
N TYR I 162 34.41 -39.48 59.20
CA TYR I 162 34.96 -38.97 57.95
C TYR I 162 36.41 -38.58 58.24
N PRO I 163 37.33 -39.54 58.06
CA PRO I 163 38.73 -39.24 58.36
C PRO I 163 39.31 -38.34 57.28
N LYS I 164 40.29 -37.52 57.65
CA LYS I 164 41.00 -36.64 56.72
C LYS I 164 41.43 -37.46 55.52
N LEU I 165 40.92 -37.08 54.36
CA LEU I 165 41.18 -37.77 53.10
C LEU I 165 42.35 -37.06 52.40
N SER I 166 43.23 -37.81 51.75
CA SER I 166 44.39 -37.21 51.10
C SER I 166 44.78 -38.03 49.88
N LYS I 167 44.83 -37.43 48.71
CA LYS I 167 44.99 -38.17 47.48
C LYS I 167 45.66 -37.33 46.40
N SER I 168 46.66 -37.89 45.71
CA SER I 168 47.40 -37.23 44.66
C SER I 168 47.41 -37.94 43.31
N TYR I 169 47.62 -37.19 42.25
CA TYR I 169 47.86 -37.76 40.95
C TYR I 169 48.97 -36.96 40.25
N ILE I 170 50.02 -37.65 39.80
CA ILE I 170 51.07 -37.04 38.96
C ILE I 170 50.70 -37.18 37.49
N ASN I 171 50.75 -36.10 36.72
CA ASN I 171 50.46 -36.15 35.28
C ASN I 171 51.56 -36.78 34.44
N ASP I 172 51.41 -38.07 34.17
CA ASP I 172 52.37 -38.80 33.33
C ASP I 172 51.87 -38.96 31.88
N LYS I 173 50.82 -38.22 31.51
CA LYS I 173 50.21 -38.38 30.20
C LYS I 173 50.95 -37.69 29.03
N GLY I 174 51.89 -36.79 29.34
CA GLY I 174 52.67 -36.12 28.30
C GLY I 174 51.92 -34.99 27.62
N LYS I 175 50.60 -34.96 27.78
CA LYS I 175 49.77 -33.84 27.35
C LYS I 175 49.25 -33.25 28.65
N GLU I 176 48.49 -32.15 28.55
CA GLU I 176 47.81 -31.68 29.76
C GLU I 176 46.56 -32.50 30.09
N VAL I 177 46.23 -32.61 31.37
CA VAL I 177 44.99 -33.27 31.73
C VAL I 177 44.03 -32.39 32.48
N LEU I 178 42.79 -32.42 32.02
CA LEU I 178 41.72 -31.63 32.58
C LEU I 178 41.10 -32.40 33.75
N VAL I 179 41.11 -31.82 34.94
CA VAL I 179 40.43 -32.46 36.04
C VAL I 179 39.37 -31.56 36.62
N LEU I 180 38.20 -32.14 36.87
CA LEU I 180 37.11 -31.42 37.45
C LEU I 180 36.74 -32.01 38.78
N TRP I 181 36.21 -31.17 39.67
CA TRP I 181 35.74 -31.62 40.97
C TRP I 181 34.61 -30.73 41.42
N GLY I 182 33.94 -31.11 42.49
CA GLY I 182 32.90 -30.23 42.98
C GLY I 182 32.97 -30.07 44.48
N ILE I 183 32.40 -28.99 45.00
CA ILE I 183 32.25 -28.94 46.44
C ILE I 183 30.79 -28.69 46.84
N HIS I 184 30.33 -29.45 47.83
CA HIS I 184 28.91 -29.50 48.13
C HIS I 184 28.58 -28.66 49.34
N HIS I 185 27.52 -27.87 49.25
CA HIS I 185 27.12 -27.00 50.34
C HIS I 185 25.77 -27.43 50.86
N PRO I 186 25.76 -28.14 52.00
CA PRO I 186 24.51 -28.55 52.57
C PRO I 186 23.57 -27.43 52.96
N SER I 187 22.32 -27.85 53.11
CA SER I 187 21.19 -27.04 53.43
C SER I 187 21.20 -26.58 54.89
N THR I 188 21.54 -27.51 55.79
CA THR I 188 21.42 -27.30 57.22
C THR I 188 22.57 -28.02 57.95
N SER I 189 22.82 -27.63 59.18
CA SER I 189 23.77 -28.31 60.08
C SER I 189 23.49 -29.80 60.23
N ALA I 190 22.20 -30.11 60.34
CA ALA I 190 21.73 -31.49 60.42
C ALA I 190 22.14 -32.29 59.18
N ASP I 191 22.05 -31.68 58.00
CA ASP I 191 22.47 -32.36 56.78
C ASP I 191 23.99 -32.50 56.70
N GLN I 192 24.70 -31.43 57.03
CA GLN I 192 26.17 -31.45 57.02
C GLN I 192 26.67 -32.61 57.86
N GLN I 193 26.20 -32.67 59.09
CA GLN I 193 26.67 -33.67 60.02
C GLN I 193 26.24 -35.06 59.57
N SER I 194 25.03 -35.14 59.03
CA SER I 194 24.47 -36.37 58.54
C SER I 194 25.29 -36.95 57.38
N LEU I 195 25.79 -36.07 56.50
CA LEU I 195 26.55 -36.51 55.33
C LEU I 195 28.05 -36.71 55.57
N TYR I 196 28.65 -35.82 56.37
CA TYR I 196 30.12 -35.78 56.53
C TYR I 196 30.60 -35.88 57.98
N GLN I 197 29.67 -35.94 58.93
CA GLN I 197 29.97 -35.96 60.37
C GLN I 197 30.52 -34.63 60.89
N ASN I 198 31.67 -34.21 60.37
CA ASN I 198 32.37 -33.05 60.89
C ASN I 198 31.66 -31.78 60.50
N ALA I 199 31.07 -31.11 61.48
CA ALA I 199 30.79 -29.68 61.32
C ALA I 199 32.19 -29.04 61.12
N ASP I 200 32.29 -27.91 60.47
CA ASP I 200 33.62 -27.36 60.30
C ASP I 200 34.56 -28.26 59.47
N ALA I 201 34.04 -28.81 58.37
CA ALA I 201 34.89 -29.45 57.39
C ALA I 201 35.61 -28.37 56.53
N TYR I 202 36.65 -28.78 55.80
CA TYR I 202 37.28 -27.94 54.77
C TYR I 202 37.76 -28.83 53.61
N VAL I 203 38.06 -28.20 52.47
CA VAL I 203 38.64 -28.87 51.30
C VAL I 203 39.84 -28.06 50.86
N PHE I 204 40.92 -28.73 50.47
CA PHE I 204 42.01 -28.03 49.77
C PHE I 204 42.40 -28.73 48.46
N VAL I 205 42.61 -27.98 47.39
CA VAL I 205 43.05 -28.56 46.12
C VAL I 205 44.27 -27.80 45.66
N GLY I 206 45.32 -28.50 45.21
CA GLY I 206 46.60 -27.81 44.88
C GLY I 206 47.37 -28.39 43.70
N THR I 207 48.05 -27.52 42.95
CA THR I 207 49.01 -27.96 41.94
C THR I 207 50.25 -27.10 42.08
N SER I 208 51.06 -27.00 41.03
CA SER I 208 52.18 -26.08 41.07
C SER I 208 51.72 -24.63 40.92
N LYS I 209 50.57 -24.42 40.28
CA LYS I 209 50.09 -23.07 39.99
C LYS I 209 48.74 -22.77 40.68
N TYR I 210 48.02 -23.82 41.05
CA TYR I 210 46.70 -23.68 41.59
C TYR I 210 46.75 -23.98 43.08
N SER I 211 46.00 -23.21 43.86
CA SER I 211 45.88 -23.43 45.28
C SER I 211 44.60 -22.79 45.79
N LYS I 212 43.70 -23.58 46.36
CA LYS I 212 42.47 -23.04 46.91
C LYS I 212 41.88 -23.88 48.06
N LYS I 213 41.50 -23.20 49.16
CA LYS I 213 40.82 -23.87 50.25
C LYS I 213 39.37 -23.55 50.17
N PHE I 214 38.53 -24.54 50.45
CA PHE I 214 37.10 -24.34 50.33
C PHE I 214 36.46 -24.73 51.64
N LYS I 215 35.51 -23.90 52.09
CA LYS I 215 34.70 -24.25 53.25
C LYS I 215 33.21 -24.28 52.91
N PRO I 216 32.44 -25.17 53.56
CA PRO I 216 31.00 -25.29 53.27
C PRO I 216 30.25 -24.04 53.70
N GLU I 217 29.42 -23.53 52.79
CA GLU I 217 28.51 -22.43 53.04
C GLU I 217 27.09 -22.97 53.27
N ILE I 218 26.79 -23.23 54.55
CA ILE I 218 25.58 -23.94 54.96
C ILE I 218 24.38 -23.01 55.14
N ALA I 219 23.36 -23.18 54.31
CA ALA I 219 22.16 -22.34 54.36
C ALA I 219 21.10 -22.88 53.39
N ILE I 220 19.85 -22.49 53.58
CA ILE I 220 18.84 -22.91 52.64
C ILE I 220 18.62 -21.92 51.48
N ARG I 221 18.89 -22.39 50.27
CA ARG I 221 18.61 -21.65 49.04
C ARG I 221 17.21 -22.00 48.59
N PRO I 222 16.62 -21.20 47.68
CA PRO I 222 15.37 -21.63 47.04
C PRO I 222 15.57 -22.94 46.27
N LYS I 223 14.53 -23.78 46.31
CA LYS I 223 14.53 -25.10 45.66
C LYS I 223 14.78 -25.06 44.15
N VAL I 224 15.73 -25.86 43.70
CA VAL I 224 15.96 -26.11 42.29
C VAL I 224 16.13 -27.63 42.14
N ARG I 225 15.34 -28.19 41.21
CA ARG I 225 15.30 -29.64 40.99
C ARG I 225 15.25 -30.31 42.36
N ASP I 226 14.43 -29.74 43.24
CA ASP I 226 14.10 -30.28 44.57
C ASP I 226 15.20 -30.14 45.65
N GLN I 227 16.21 -29.33 45.36
CA GLN I 227 17.37 -29.21 46.25
C GLN I 227 17.46 -27.83 46.87
N GLU I 228 17.74 -27.79 48.18
CA GLU I 228 17.96 -26.52 48.88
C GLU I 228 19.44 -26.23 49.20
N GLY I 229 20.27 -27.26 49.14
CA GLY I 229 21.72 -27.06 49.10
C GLY I 229 22.21 -26.70 47.68
N ARG I 230 23.54 -26.59 47.52
CA ARG I 230 24.16 -26.35 46.22
C ARG I 230 25.48 -27.10 46.05
N MET I 231 25.89 -27.33 44.80
CA MET I 231 27.22 -27.85 44.44
C MET I 231 27.95 -26.95 43.49
N ASN I 232 29.18 -26.58 43.80
CA ASN I 232 29.93 -25.77 42.87
C ASN I 232 30.93 -26.60 42.12
N TYR I 233 31.17 -26.28 40.85
CA TYR I 233 31.96 -27.15 40.02
C TYR I 233 33.19 -26.41 39.64
N TYR I 234 34.33 -27.08 39.73
CA TYR I 234 35.64 -26.48 39.46
C TYR I 234 36.48 -27.33 38.55
N TRP I 235 37.42 -26.69 37.86
CA TRP I 235 38.29 -27.45 36.97
C TRP I 235 39.65 -26.77 36.88
N THR I 236 40.69 -27.54 36.53
CA THR I 236 41.98 -26.97 36.24
C THR I 236 42.70 -27.85 35.23
N LEU I 237 43.67 -27.27 34.54
CA LEU I 237 44.47 -28.05 33.61
C LEU I 237 45.80 -28.35 34.30
N VAL I 238 46.11 -29.62 34.52
CA VAL I 238 47.40 -29.99 35.10
C VAL I 238 48.42 -30.22 34.00
N GLU I 239 49.52 -29.50 34.05
CA GLU I 239 50.58 -29.62 33.04
C GLU I 239 51.32 -30.97 33.15
N PRO I 240 51.96 -31.40 32.04
CA PRO I 240 52.78 -32.59 32.05
C PRO I 240 53.79 -32.55 33.18
N GLY I 241 53.86 -33.59 34.00
CA GLY I 241 54.87 -33.66 35.01
C GLY I 241 54.45 -33.07 36.33
N ASP I 242 53.37 -32.33 36.32
CA ASP I 242 52.88 -31.70 37.54
C ASP I 242 51.97 -32.65 38.26
N LYS I 243 51.63 -32.32 39.49
CA LYS I 243 50.85 -33.16 40.36
C LYS I 243 49.68 -32.38 40.95
N ILE I 244 48.52 -33.01 41.08
CA ILE I 244 47.37 -32.37 41.74
C ILE I 244 47.00 -33.12 43.02
N THR I 245 46.89 -32.42 44.16
CA THR I 245 46.50 -33.12 45.39
C THR I 245 45.20 -32.63 45.98
N PHE I 246 44.42 -33.57 46.51
CA PHE I 246 43.15 -33.30 47.15
C PHE I 246 43.26 -33.62 48.65
N GLU I 247 42.70 -32.74 49.47
CA GLU I 247 42.71 -32.95 50.91
C GLU I 247 41.31 -32.51 51.36
N ALA I 248 40.70 -33.23 52.28
CA ALA I 248 39.31 -32.94 52.64
C ALA I 248 38.85 -33.65 53.91
N THR I 249 38.04 -32.94 54.73
CA THR I 249 37.35 -33.57 55.88
C THR I 249 35.85 -33.52 55.67
N GLY I 250 35.42 -33.30 54.44
CA GLY I 250 34.02 -33.41 54.06
C GLY I 250 33.73 -32.56 52.85
N ASN I 251 32.53 -32.69 52.30
CA ASN I 251 32.03 -31.80 51.23
C ASN I 251 32.72 -31.87 49.89
N LEU I 252 33.70 -32.78 49.75
CA LEU I 252 34.39 -32.94 48.47
C LEU I 252 33.69 -33.95 47.57
N VAL I 253 33.22 -33.52 46.41
CA VAL I 253 32.87 -34.45 45.35
C VAL I 253 34.03 -34.65 44.40
N VAL I 254 34.55 -35.85 44.49
CA VAL I 254 35.87 -36.22 44.04
C VAL I 254 35.92 -36.60 42.56
N PRO I 255 37.07 -36.36 41.89
CA PRO I 255 37.13 -36.75 40.49
C PRO I 255 37.15 -38.25 40.36
N ARG I 256 36.55 -38.79 39.29
CA ARG I 256 36.71 -40.21 38.97
C ARG I 256 37.38 -40.43 37.59
N TYR I 257 36.84 -39.78 36.58
CA TYR I 257 37.47 -39.70 35.29
C TYR I 257 38.01 -38.28 35.04
N ALA I 258 39.16 -38.19 34.38
CA ALA I 258 39.75 -36.90 33.94
C ALA I 258 40.08 -37.01 32.45
N PHE I 259 40.65 -35.96 31.88
CA PHE I 259 40.81 -35.94 30.42
C PHE I 259 42.20 -35.55 29.95
N ALA I 260 42.87 -36.44 29.24
CA ALA I 260 44.14 -36.10 28.65
C ALA I 260 43.88 -35.44 27.30
N MET I 261 44.50 -34.30 27.03
CA MET I 261 44.17 -33.58 25.82
C MET I 261 45.23 -32.63 25.27
N GLU I 262 45.12 -32.35 23.97
CA GLU I 262 45.99 -31.41 23.28
C GLU I 262 45.10 -30.34 22.65
N ARG I 263 45.08 -29.13 23.21
CA ARG I 263 44.25 -28.03 22.69
C ARG I 263 44.70 -27.62 21.33
N ASN I 264 43.78 -27.03 20.57
CA ASN I 264 44.10 -26.67 19.21
C ASN I 264 44.57 -25.22 18.97
N ALA I 265 43.61 -24.30 19.01
CA ALA I 265 43.79 -22.95 18.52
C ALA I 265 42.37 -22.42 18.57
N GLY I 266 42.06 -21.38 17.80
CA GLY I 266 40.75 -20.71 17.90
C GLY I 266 39.70 -21.46 17.11
N SER I 267 38.92 -22.30 17.79
CA SER I 267 37.69 -22.74 17.18
C SER I 267 36.55 -22.23 18.00
N GLY I 268 35.36 -22.77 17.82
CA GLY I 268 34.22 -22.22 18.51
C GLY I 268 33.13 -23.23 18.74
N ILE I 269 32.03 -22.74 19.30
CA ILE I 269 30.86 -23.54 19.57
C ILE I 269 29.77 -22.90 18.74
N ILE I 270 29.06 -23.68 17.94
CA ILE I 270 27.85 -23.13 17.36
C ILE I 270 26.64 -23.81 17.98
N ILE I 271 25.62 -23.01 18.31
CA ILE I 271 24.35 -23.59 18.76
C ILE I 271 23.37 -23.60 17.55
N SER I 272 22.87 -24.78 17.16
CA SER I 272 22.08 -24.86 15.93
C SER I 272 21.33 -26.16 15.82
N ASP I 273 20.22 -26.14 15.09
CA ASP I 273 19.47 -27.35 14.85
C ASP I 273 19.64 -27.89 13.44
N THR I 274 20.53 -27.27 12.67
CA THR I 274 20.93 -27.77 11.36
C THR I 274 21.56 -29.16 11.55
N PRO I 275 21.18 -30.16 10.71
CA PRO I 275 21.69 -31.53 10.90
C PRO I 275 23.15 -31.65 10.49
N VAL I 276 23.87 -32.56 11.13
CA VAL I 276 25.30 -32.73 10.86
C VAL I 276 25.48 -33.84 9.82
N HIS I 277 26.34 -33.59 8.82
CA HIS I 277 26.56 -34.50 7.71
C HIS I 277 28.02 -34.87 7.46
N ASP I 278 28.22 -36.07 6.92
CA ASP I 278 29.50 -36.47 6.39
C ASP I 278 29.64 -35.63 5.13
N CYS I 279 30.63 -34.74 5.10
CA CYS I 279 30.52 -33.56 4.28
C CYS I 279 31.74 -32.72 4.58
N ASN I 280 32.37 -32.20 3.54
CA ASN I 280 33.61 -31.43 3.72
C ASN I 280 33.44 -29.91 3.44
N THR I 281 33.96 -29.04 4.30
CA THR I 281 33.90 -27.58 4.09
C THR I 281 35.11 -26.82 4.67
N THR I 282 35.31 -25.58 4.22
CA THR I 282 36.38 -24.72 4.78
C THR I 282 35.80 -23.48 5.47
N CYS I 283 34.48 -23.34 5.37
CA CYS I 283 33.76 -22.26 6.05
C CYS I 283 32.37 -22.76 6.51
N GLN I 284 32.07 -22.60 7.80
CA GLN I 284 30.88 -23.17 8.40
C GLN I 284 30.09 -22.09 9.16
N THR I 285 28.77 -22.10 9.01
CA THR I 285 27.91 -21.13 9.70
C THR I 285 26.82 -21.93 10.36
N PRO I 286 26.08 -21.33 11.31
CA PRO I 286 24.97 -22.04 11.97
C PRO I 286 23.83 -22.50 11.04
N LYS I 287 23.73 -21.91 9.84
CA LYS I 287 22.66 -22.27 8.89
C LYS I 287 23.10 -23.37 7.95
N GLY I 288 24.39 -23.44 7.70
CA GLY I 288 24.97 -24.37 6.73
C GLY I 288 26.37 -23.92 6.27
N ALA I 289 27.01 -24.78 5.49
CA ALA I 289 28.38 -24.53 5.01
C ALA I 289 28.40 -23.75 3.72
N ILE I 290 29.48 -23.00 3.55
CA ILE I 290 29.70 -22.16 2.39
C ILE I 290 30.93 -22.68 1.65
N ASN I 291 30.73 -23.17 0.42
CA ASN I 291 31.82 -23.58 -0.45
C ASN I 291 31.90 -22.51 -1.50
N THR I 292 32.87 -21.61 -1.35
CA THR I 292 33.01 -20.54 -2.32
C THR I 292 34.41 -19.93 -2.51
N SER I 293 34.58 -19.47 -3.74
CA SER I 293 35.75 -18.78 -4.19
C SER I 293 35.60 -17.27 -3.96
N LEU I 294 34.37 -16.82 -3.75
CA LEU I 294 34.04 -15.40 -3.75
C LEU I 294 34.43 -14.67 -2.46
N PRO I 295 34.73 -13.36 -2.56
CA PRO I 295 35.24 -12.65 -1.41
C PRO I 295 34.16 -12.22 -0.41
N PHE I 296 32.87 -12.20 -0.79
CA PHE I 296 31.83 -11.71 0.15
C PHE I 296 30.65 -12.66 0.33
N GLN I 297 30.03 -12.65 1.51
CA GLN I 297 28.83 -13.45 1.73
C GLN I 297 27.78 -12.72 2.59
N ASN I 298 26.51 -13.05 2.41
CA ASN I 298 25.47 -12.42 3.24
C ASN I 298 24.61 -13.47 3.95
N ILE I 299 25.22 -14.61 4.19
CA ILE I 299 24.54 -15.71 4.82
C ILE I 299 24.46 -15.55 6.34
N HIS I 300 25.58 -15.20 6.98
CA HIS I 300 25.63 -15.11 8.45
C HIS I 300 26.93 -14.39 8.93
N PRO I 301 26.80 -13.46 9.90
CA PRO I 301 27.97 -12.81 10.43
C PRO I 301 28.85 -13.75 11.25
N ILE I 302 28.27 -14.78 11.89
CA ILE I 302 29.15 -15.58 12.76
C ILE I 302 29.53 -16.93 12.13
N THR I 303 30.75 -17.01 11.60
CA THR I 303 31.22 -18.15 10.82
C THR I 303 32.42 -18.76 11.52
N ILE I 304 32.81 -19.97 11.11
CA ILE I 304 34.06 -20.59 11.58
C ILE I 304 34.82 -21.17 10.40
N GLY I 305 36.12 -20.93 10.37
CA GLY I 305 36.95 -21.42 9.29
C GLY I 305 37.55 -20.26 8.55
N LYS I 306 37.73 -20.46 7.26
CA LYS I 306 38.43 -19.49 6.43
C LYS I 306 37.43 -18.86 5.43
N CYS I 307 36.84 -17.74 5.82
CA CYS I 307 35.54 -17.34 5.29
C CYS I 307 35.52 -16.10 4.40
N PRO I 308 34.53 -15.99 3.51
CA PRO I 308 34.32 -14.70 2.84
C PRO I 308 33.89 -13.64 3.86
N LYS I 309 34.17 -12.38 3.61
CA LYS I 309 33.77 -11.32 4.53
C LYS I 309 32.25 -11.11 4.54
N TYR I 310 31.66 -11.09 5.73
CA TYR I 310 30.23 -10.88 5.82
C TYR I 310 29.81 -9.45 5.39
N VAL I 311 28.83 -9.35 4.47
CA VAL I 311 28.25 -8.03 4.13
C VAL I 311 26.72 -8.00 4.19
N LYS I 312 26.16 -6.79 4.21
CA LYS I 312 24.73 -6.54 4.37
C LYS I 312 24.03 -6.43 3.02
N SER I 313 24.79 -6.43 1.93
CA SER I 313 24.20 -6.27 0.59
C SER I 313 23.48 -7.51 0.08
N THR I 314 22.63 -7.32 -0.94
CA THR I 314 21.77 -8.38 -1.46
C THR I 314 22.23 -8.81 -2.84
N LYS I 315 22.89 -7.91 -3.58
CA LYS I 315 23.52 -8.23 -4.88
C LYS I 315 24.81 -7.43 -5.07
N LEU I 316 25.84 -8.05 -5.63
CA LEU I 316 27.10 -7.38 -5.92
C LEU I 316 27.57 -7.86 -7.27
N ARG I 317 26.92 -7.36 -8.31
CA ARG I 317 27.11 -7.86 -9.68
C ARG I 317 28.11 -6.99 -10.46
N LEU I 318 29.21 -7.62 -10.84
CA LEU I 318 30.28 -7.01 -11.60
C LEU I 318 30.02 -7.19 -13.05
N ALA I 319 30.06 -6.10 -13.81
CA ALA I 319 29.95 -6.13 -15.27
C ALA I 319 31.24 -6.70 -15.90
N THR I 320 31.12 -7.65 -16.81
CA THR I 320 32.29 -8.10 -17.55
C THR I 320 32.19 -7.76 -19.05
N GLY I 321 30.98 -7.89 -19.59
CA GLY I 321 30.67 -7.51 -20.97
C GLY I 321 30.38 -6.04 -21.06
N LEU I 322 29.73 -5.64 -22.14
CA LEU I 322 29.50 -4.21 -22.35
C LEU I 322 28.02 -3.85 -22.22
N ARG I 323 27.72 -2.54 -22.26
CA ARG I 323 26.35 -2.10 -22.21
C ARG I 323 25.62 -2.84 -23.30
N ASN I 324 24.42 -3.33 -23.00
CA ASN I 324 23.67 -4.16 -23.96
C ASN I 324 22.55 -3.37 -24.67
N VAL I 325 22.70 -3.12 -25.97
CA VAL I 325 21.78 -2.25 -26.68
C VAL I 325 21.15 -2.99 -27.86
N LEU J 2 33.37 9.06 -20.22
CA LEU J 2 32.57 8.57 -21.41
C LEU J 2 33.17 9.10 -22.70
N PHE J 3 33.16 8.24 -23.71
CA PHE J 3 33.88 8.51 -24.97
C PHE J 3 32.95 8.81 -26.16
N GLY J 4 31.64 8.76 -25.91
CA GLY J 4 30.62 9.25 -26.84
C GLY J 4 30.22 8.33 -27.96
N ALA J 5 30.68 7.07 -27.90
CA ALA J 5 30.44 6.08 -28.98
C ALA J 5 29.25 5.12 -28.77
N ILE J 6 29.38 4.23 -27.78
CA ILE J 6 28.29 3.35 -27.38
C ILE J 6 27.08 4.14 -26.84
N ALA J 7 25.89 3.81 -27.33
CA ALA J 7 24.69 4.62 -27.15
C ALA J 7 24.96 6.12 -27.36
N GLY J 8 25.83 6.43 -28.33
CA GLY J 8 26.26 7.79 -28.58
C GLY J 8 26.02 8.12 -30.02
N PHE J 9 27.12 8.24 -30.77
CA PHE J 9 27.06 8.49 -32.20
C PHE J 9 26.88 7.20 -32.96
N ILE J 10 27.15 6.09 -32.29
CA ILE J 10 26.76 4.79 -32.78
C ILE J 10 25.64 4.33 -31.90
N GLU J 11 24.40 4.60 -32.31
CA GLU J 11 23.26 4.59 -31.36
C GLU J 11 22.79 3.24 -30.81
N GLY J 12 23.13 2.15 -31.48
CA GLY J 12 22.66 0.83 -31.06
C GLY J 12 23.69 -0.28 -31.18
N GLY J 13 23.38 -1.43 -30.60
CA GLY J 13 24.23 -2.61 -30.69
C GLY J 13 23.73 -3.60 -31.74
N TRP J 14 24.54 -4.63 -32.00
CA TRP J 14 24.17 -5.63 -33.02
C TRP J 14 23.93 -7.02 -32.47
N THR J 15 22.68 -7.47 -32.42
CA THR J 15 22.40 -8.86 -32.03
C THR J 15 22.92 -9.86 -33.08
N GLY J 16 23.18 -9.34 -34.28
CA GLY J 16 23.68 -10.12 -35.41
C GLY J 16 25.13 -10.55 -35.32
N MET J 17 25.95 -9.76 -34.63
CA MET J 17 27.37 -10.11 -34.45
C MET J 17 27.59 -10.94 -33.20
N VAL J 18 27.85 -12.24 -33.39
CA VAL J 18 27.78 -13.19 -32.28
C VAL J 18 29.14 -13.69 -31.80
N ASP J 19 30.18 -13.45 -32.59
CA ASP J 19 31.49 -14.02 -32.25
C ASP J 19 32.51 -13.03 -31.68
N GLY J 20 32.01 -11.97 -31.04
CA GLY J 20 32.88 -11.00 -30.40
C GLY J 20 32.17 -9.80 -29.84
N TRP J 21 32.92 -8.95 -29.15
CA TRP J 21 32.35 -7.80 -28.48
C TRP J 21 32.29 -6.60 -29.40
N TYR J 22 33.31 -6.45 -30.24
CA TYR J 22 33.37 -5.35 -31.19
C TYR J 22 33.65 -5.88 -32.60
N GLY J 23 33.17 -5.19 -33.64
CA GLY J 23 33.48 -5.62 -34.99
C GLY J 23 32.92 -4.76 -36.09
N TYR J 24 32.64 -5.40 -37.22
CA TYR J 24 32.31 -4.70 -38.43
C TYR J 24 31.09 -5.25 -39.13
N HIS J 25 30.41 -4.41 -39.90
CA HIS J 25 29.42 -4.86 -40.87
C HIS J 25 29.76 -4.25 -42.21
N HIS J 26 30.15 -5.10 -43.15
CA HIS J 26 30.38 -4.65 -44.51
C HIS J 26 29.16 -4.87 -45.43
N GLN J 27 29.15 -4.17 -46.55
CA GLN J 27 28.15 -4.35 -47.60
C GLN J 27 28.75 -3.88 -48.90
N ASN J 28 29.10 -4.83 -49.78
CA ASN J 28 29.65 -4.49 -51.07
C ASN J 28 28.91 -5.25 -52.14
N GLU J 29 29.63 -5.62 -53.19
CA GLU J 29 29.03 -6.26 -54.33
C GLU J 29 28.91 -7.76 -54.15
N GLN J 30 29.81 -8.34 -53.36
CA GLN J 30 29.89 -9.79 -53.21
C GLN J 30 28.98 -10.33 -52.11
N GLY J 31 28.42 -9.42 -51.31
CA GLY J 31 27.54 -9.78 -50.23
C GLY J 31 27.72 -8.86 -49.04
N SER J 32 27.01 -9.16 -47.95
CA SER J 32 27.10 -8.40 -46.72
C SER J 32 27.20 -9.35 -45.53
N GLY J 33 27.62 -8.83 -44.39
CA GLY J 33 27.73 -9.64 -43.18
C GLY J 33 28.50 -8.99 -42.03
N TYR J 34 28.53 -9.68 -40.90
CA TYR J 34 29.17 -9.22 -39.67
C TYR J 34 30.44 -10.01 -39.44
N ALA J 35 31.48 -9.35 -38.96
CA ALA J 35 32.69 -10.02 -38.53
C ALA J 35 33.23 -9.28 -37.33
N ALA J 36 33.45 -10.01 -36.24
CA ALA J 36 33.99 -9.44 -35.02
C ALA J 36 35.47 -9.13 -35.23
N ASP J 37 35.94 -8.02 -34.67
CA ASP J 37 37.38 -7.74 -34.67
C ASP J 37 38.00 -8.65 -33.64
N LEU J 38 38.72 -9.65 -34.10
CA LEU J 38 39.30 -10.62 -33.17
C LEU J 38 40.34 -10.06 -32.19
N LYS J 39 41.30 -9.27 -32.69
CA LYS J 39 42.42 -8.80 -31.87
C LYS J 39 42.01 -7.91 -30.68
N SER J 40 41.13 -6.94 -30.91
CA SER J 40 40.70 -6.03 -29.85
C SER J 40 39.66 -6.68 -28.94
N THR J 41 38.90 -7.63 -29.47
CA THR J 41 37.98 -8.42 -28.65
C THR J 41 38.80 -9.29 -27.72
N GLN J 42 39.79 -9.97 -28.26
CA GLN J 42 40.57 -10.85 -27.43
C GLN J 42 41.31 -10.08 -26.35
N ASN J 43 41.86 -8.92 -26.73
CA ASN J 43 42.55 -8.08 -25.79
C ASN J 43 41.62 -7.69 -24.63
N ALA J 44 40.39 -7.28 -24.96
CA ALA J 44 39.44 -6.83 -23.97
C ALA J 44 39.07 -7.96 -23.02
N ILE J 45 38.78 -9.14 -23.55
CA ILE J 45 38.46 -10.25 -22.66
C ILE J 45 39.60 -10.64 -21.71
N ASP J 46 40.83 -10.47 -22.17
CA ASP J 46 41.98 -10.66 -21.30
C ASP J 46 42.02 -9.66 -20.15
N GLU J 47 41.88 -8.38 -20.46
CA GLU J 47 41.99 -7.35 -19.46
C GLU J 47 40.81 -7.43 -18.47
N ILE J 48 39.59 -7.68 -18.96
CA ILE J 48 38.44 -7.78 -18.07
C ILE J 48 38.55 -9.00 -17.13
N THR J 49 39.05 -10.12 -17.66
CA THR J 49 39.33 -11.29 -16.82
C THR J 49 40.30 -10.90 -15.71
N ASN J 50 41.37 -10.22 -16.09
CA ASN J 50 42.29 -9.70 -15.09
C ASN J 50 41.60 -8.85 -14.03
N LYS J 51 40.73 -7.92 -14.42
CA LYS J 51 40.00 -7.07 -13.48
C LYS J 51 39.22 -7.90 -12.46
N VAL J 52 38.42 -8.86 -12.94
CA VAL J 52 37.67 -9.79 -12.06
C VAL J 52 38.55 -10.64 -11.15
N ASN J 53 39.56 -11.29 -11.70
CA ASN J 53 40.54 -11.99 -10.85
C ASN J 53 41.22 -11.12 -9.78
N SER J 54 41.49 -9.86 -10.10
CA SER J 54 42.14 -8.98 -9.16
C SER J 54 41.26 -8.72 -7.94
N VAL J 55 40.03 -8.32 -8.23
CA VAL J 55 39.05 -8.04 -7.22
C VAL J 55 38.80 -9.25 -6.33
N ILE J 56 38.95 -10.43 -6.90
CA ILE J 56 38.78 -11.67 -6.13
C ILE J 56 40.03 -12.10 -5.37
N GLU J 57 41.17 -12.18 -6.06
CA GLU J 57 42.39 -12.80 -5.50
C GLU J 57 43.21 -11.96 -4.53
N LYS J 58 42.95 -10.66 -4.45
CA LYS J 58 43.68 -9.77 -3.54
C LYS J 58 43.18 -9.92 -2.13
N MET J 59 41.99 -10.51 -2.01
CA MET J 59 41.35 -10.79 -0.71
C MET J 59 42.17 -11.85 0.06
N ASN J 60 43.05 -11.37 0.95
CA ASN J 60 43.85 -12.21 1.85
C ASN J 60 42.90 -12.70 2.91
N THR J 61 42.85 -14.01 3.15
CA THR J 61 41.90 -14.45 4.18
C THR J 61 42.39 -15.39 5.32
N GLN J 62 42.22 -14.92 6.56
CA GLN J 62 42.80 -15.56 7.73
C GLN J 62 41.90 -16.68 8.22
N PHE J 63 42.47 -17.78 8.70
CA PHE J 63 41.62 -18.72 9.39
C PHE J 63 41.24 -18.16 10.75
N THR J 64 39.96 -17.90 10.94
CA THR J 64 39.49 -17.36 12.21
C THR J 64 38.09 -17.86 12.60
N ALA J 65 37.78 -17.78 13.89
CA ALA J 65 36.49 -18.20 14.40
C ALA J 65 35.79 -17.03 15.07
N VAL J 66 34.90 -16.38 14.32
CA VAL J 66 34.20 -15.17 14.76
C VAL J 66 33.56 -15.26 16.14
N GLY J 67 32.76 -16.29 16.36
CA GLY J 67 31.94 -16.37 17.58
C GLY J 67 32.69 -16.42 18.90
N LYS J 68 32.08 -15.90 19.97
CA LYS J 68 32.71 -15.86 21.30
C LYS J 68 31.58 -15.97 22.33
N GLU J 69 31.81 -16.69 23.41
CA GLU J 69 30.72 -16.82 24.35
C GLU J 69 30.98 -16.03 25.64
N PHE J 70 29.98 -15.29 26.07
CA PHE J 70 30.11 -14.57 27.31
C PHE J 70 29.08 -14.84 28.40
N ASN J 71 29.56 -14.75 29.60
CA ASN J 71 28.85 -15.14 30.78
C ASN J 71 27.95 -13.95 31.21
N HIS J 72 27.00 -14.18 32.08
CA HIS J 72 26.02 -13.14 32.44
C HIS J 72 26.60 -11.89 33.18
N LEU J 73 27.85 -11.95 33.62
CA LEU J 73 28.47 -10.78 34.26
C LEU J 73 29.53 -10.17 33.34
N GLU J 74 29.45 -10.47 32.06
CA GLU J 74 30.48 -10.07 31.18
C GLU J 74 29.79 -9.33 30.01
N LYS J 75 28.79 -8.51 30.34
CA LYS J 75 28.02 -7.87 29.25
C LYS J 75 28.79 -6.81 28.55
N ARG J 76 29.63 -6.08 29.28
CA ARG J 76 30.56 -5.12 28.64
C ARG J 76 31.44 -5.73 27.59
N ILE J 77 32.20 -6.81 27.87
CA ILE J 77 33.05 -7.41 26.81
C ILE J 77 32.21 -8.02 25.70
N GLU J 78 31.06 -8.57 26.05
CA GLU J 78 30.16 -9.12 25.05
C GLU J 78 29.77 -8.03 24.11
N ASN J 79 29.52 -6.86 24.67
CA ASN J 79 29.24 -5.68 23.84
C ASN J 79 30.41 -5.08 23.06
N LEU J 80 31.61 -5.13 23.65
CA LEU J 80 32.85 -4.82 22.93
C LEU J 80 32.93 -5.70 21.72
N ASN J 81 32.71 -7.00 21.94
CA ASN J 81 32.82 -7.96 20.91
C ASN J 81 31.81 -7.68 19.75
N LYS J 82 30.58 -7.36 20.13
CA LYS J 82 29.57 -6.96 19.16
C LYS J 82 30.01 -5.73 18.33
N LYS J 83 30.67 -4.78 19.00
CA LYS J 83 31.13 -3.57 18.34
C LYS J 83 32.17 -3.86 17.26
N ILE J 84 33.03 -4.83 17.50
CA ILE J 84 34.03 -5.07 16.49
C ILE J 84 33.41 -5.80 15.31
N ASP J 85 32.47 -6.72 15.58
CA ASP J 85 31.79 -7.40 14.46
C ASP J 85 30.98 -6.43 13.58
N ASP J 86 30.25 -5.52 14.23
CA ASP J 86 29.47 -4.51 13.52
C ASP J 86 30.33 -3.51 12.79
N GLY J 87 31.44 -3.12 13.43
CA GLY J 87 32.42 -2.24 12.80
C GLY J 87 33.01 -2.77 11.50
N PHE J 88 33.30 -4.07 11.48
CA PHE J 88 33.79 -4.72 10.29
C PHE J 88 32.70 -4.87 9.23
N LEU J 89 31.48 -5.11 9.69
CA LEU J 89 30.35 -5.20 8.80
C LEU J 89 30.17 -3.89 8.07
N ASP J 90 30.25 -2.79 8.81
CA ASP J 90 29.99 -1.52 8.17
C ASP J 90 31.08 -1.17 7.17
N ILE J 91 32.34 -1.51 7.46
CA ILE J 91 33.36 -1.16 6.47
C ILE J 91 33.41 -2.10 5.28
N TRP J 92 33.24 -3.39 5.47
CA TRP J 92 33.16 -4.30 4.30
C TRP J 92 31.93 -4.08 3.42
N THR J 93 30.78 -3.78 4.01
CA THR J 93 29.59 -3.50 3.22
C THR J 93 29.81 -2.24 2.38
N TYR J 94 30.31 -1.16 2.98
CA TYR J 94 30.47 0.11 2.27
C TYR J 94 31.48 0.01 1.16
N ASN J 95 32.59 -0.63 1.45
CA ASN J 95 33.65 -0.72 0.43
C ASN J 95 33.25 -1.61 -0.74
N ALA J 96 32.64 -2.76 -0.46
CA ALA J 96 32.13 -3.63 -1.51
C ALA J 96 31.12 -2.94 -2.41
N GLU J 97 30.12 -2.29 -1.82
CA GLU J 97 29.15 -1.57 -2.60
C GLU J 97 29.81 -0.56 -3.52
N LEU J 98 30.68 0.29 -2.96
CA LEU J 98 31.33 1.35 -3.74
C LEU J 98 32.35 0.82 -4.74
N LEU J 99 32.96 -0.29 -4.41
CA LEU J 99 33.89 -0.89 -5.33
C LEU J 99 33.20 -1.31 -6.59
N VAL J 100 32.08 -2.01 -6.41
CA VAL J 100 31.24 -2.42 -7.53
C VAL J 100 30.74 -1.21 -8.35
N LEU J 101 30.19 -0.19 -7.68
CA LEU J 101 29.72 0.99 -8.38
C LEU J 101 30.83 1.62 -9.21
N LEU J 102 32.02 1.77 -8.62
CA LEU J 102 33.13 2.47 -9.29
C LEU J 102 33.67 1.69 -10.48
N GLU J 103 33.90 0.40 -10.28
CA GLU J 103 34.42 -0.45 -11.37
C GLU J 103 33.45 -0.67 -12.54
N ASN J 104 32.18 -0.81 -12.28
CA ASN J 104 31.23 -0.91 -13.35
C ASN J 104 31.29 0.33 -14.25
N GLU J 105 31.21 1.50 -13.63
CA GLU J 105 31.27 2.77 -14.31
C GLU J 105 32.47 2.76 -15.23
N ARG J 106 33.59 2.24 -14.73
CA ARG J 106 34.81 2.27 -15.50
C ARG J 106 34.89 1.21 -16.61
N THR J 107 34.31 0.04 -16.37
CA THR J 107 34.25 -1.01 -17.39
C THR J 107 33.36 -0.60 -18.59
N LEU J 108 32.16 -0.07 -18.33
CA LEU J 108 31.35 0.51 -19.39
C LEU J 108 32.15 1.60 -20.17
N ASP J 109 32.84 2.49 -19.45
CA ASP J 109 33.68 3.49 -20.09
C ASP J 109 34.86 2.89 -20.86
N TYR J 110 35.41 1.81 -20.33
CA TYR J 110 36.44 1.06 -21.04
C TYR J 110 36.02 0.52 -22.41
N HIS J 111 34.84 -0.10 -22.47
CA HIS J 111 34.30 -0.57 -23.73
C HIS J 111 34.04 0.57 -24.72
N ASP J 112 33.46 1.68 -24.21
CA ASP J 112 33.12 2.86 -25.00
C ASP J 112 34.40 3.25 -25.67
N SER J 113 35.48 3.24 -24.90
CA SER J 113 36.81 3.68 -25.40
C SER J 113 37.38 2.75 -26.48
N ASN J 114 37.17 1.45 -26.32
CA ASN J 114 37.61 0.50 -27.35
C ASN J 114 36.89 0.70 -28.69
N VAL J 115 35.57 0.86 -28.63
CA VAL J 115 34.77 1.08 -29.82
C VAL J 115 35.19 2.37 -30.50
N LYS J 116 35.32 3.45 -29.73
CA LYS J 116 35.72 4.75 -30.27
C LYS J 116 37.07 4.63 -30.96
N ASN J 117 37.99 3.88 -30.35
CA ASN J 117 39.32 3.69 -30.95
C ASN J 117 39.32 2.82 -32.22
N LEU J 118 38.36 1.93 -32.31
CA LEU J 118 38.24 1.11 -33.48
C LEU J 118 37.69 1.93 -34.65
N TYR J 119 36.71 2.77 -34.37
CA TYR J 119 36.22 3.75 -35.32
C TYR J 119 37.34 4.67 -35.78
N GLU J 120 38.13 5.25 -34.88
CA GLU J 120 39.18 6.19 -35.28
C GLU J 120 40.33 5.54 -36.05
N LYS J 121 40.56 4.26 -35.79
CA LYS J 121 41.58 3.48 -36.47
C LYS J 121 41.20 3.40 -37.94
N VAL J 122 39.91 3.36 -38.19
CA VAL J 122 39.38 3.27 -39.54
C VAL J 122 39.31 4.61 -40.24
N ARG J 123 38.73 5.62 -39.62
CA ARG J 123 38.70 6.96 -40.20
C ARG J 123 40.12 7.45 -40.56
N SER J 124 41.07 7.08 -39.73
CA SER J 124 42.45 7.44 -39.91
C SER J 124 43.02 6.95 -41.25
N GLN J 125 42.59 5.76 -41.66
CA GLN J 125 43.15 5.02 -42.78
C GLN J 125 42.53 5.52 -44.09
N LEU J 126 41.20 5.66 -44.09
CA LEU J 126 40.44 5.94 -45.30
C LEU J 126 40.53 7.36 -45.71
N LYS J 127 40.56 8.25 -44.72
CA LYS J 127 40.59 9.70 -44.95
C LYS J 127 39.43 10.13 -45.86
N ASN J 128 39.70 10.88 -46.91
CA ASN J 128 38.65 11.29 -47.85
C ASN J 128 38.38 10.35 -49.02
N ASN J 129 38.77 9.08 -48.91
CA ASN J 129 38.36 8.05 -49.88
C ASN J 129 36.98 7.53 -49.51
N ALA J 130 36.50 7.95 -48.35
CA ALA J 130 35.20 7.53 -47.86
C ALA J 130 34.48 8.70 -47.21
N LYS J 131 33.16 8.61 -47.21
CA LYS J 131 32.29 9.62 -46.60
C LYS J 131 31.86 9.15 -45.21
N GLU J 132 32.14 9.94 -44.19
CA GLU J 132 31.63 9.65 -42.84
C GLU J 132 30.15 9.91 -42.74
N ILE J 133 29.37 8.84 -42.72
CA ILE J 133 27.91 8.95 -42.74
C ILE J 133 27.40 9.30 -41.36
N GLY J 134 28.21 9.03 -40.35
CA GLY J 134 27.75 9.08 -38.95
C GLY J 134 27.06 7.77 -38.63
N ASN J 135 26.87 7.51 -37.34
CA ASN J 135 26.38 6.19 -36.90
C ASN J 135 27.44 5.12 -37.03
N GLY J 136 28.69 5.56 -37.17
CA GLY J 136 29.81 4.67 -37.23
C GLY J 136 29.96 3.95 -38.53
N CYS J 137 29.34 4.49 -39.59
CA CYS J 137 29.48 3.92 -40.93
C CYS J 137 30.29 4.81 -41.87
N PHE J 138 31.07 4.16 -42.73
CA PHE J 138 31.75 4.84 -43.83
C PHE J 138 31.16 4.40 -45.19
N GLU J 139 30.96 5.35 -46.11
CA GLU J 139 30.58 5.02 -47.47
C GLU J 139 31.76 5.27 -48.39
N PHE J 140 32.22 4.21 -49.04
CA PHE J 140 33.37 4.33 -49.90
C PHE J 140 33.04 5.12 -51.18
N TYR J 141 33.97 5.98 -51.58
CA TYR J 141 33.89 6.64 -52.89
C TYR J 141 34.41 5.79 -54.03
N HIS J 142 34.66 4.51 -53.76
CA HIS J 142 35.16 3.58 -54.74
C HIS J 142 34.68 2.17 -54.47
N LYS J 143 34.91 1.28 -55.41
CA LYS J 143 34.64 -0.13 -55.20
C LYS J 143 35.57 -0.73 -54.14
N CYS J 144 34.98 -1.38 -53.16
CA CYS J 144 35.75 -2.04 -52.11
C CYS J 144 35.29 -3.48 -51.91
N ASP J 145 36.04 -4.41 -52.51
CA ASP J 145 35.74 -5.83 -52.48
C ASP J 145 36.22 -6.49 -51.17
N ASN J 146 35.95 -7.79 -51.04
CA ASN J 146 36.35 -8.53 -49.85
C ASN J 146 37.81 -8.37 -49.47
N THR J 147 38.71 -8.35 -50.45
CA THR J 147 40.15 -8.19 -50.15
C THR J 147 40.48 -6.77 -49.73
N CYS J 148 39.85 -5.79 -50.36
CA CYS J 148 39.93 -4.40 -49.92
C CYS J 148 39.38 -4.20 -48.50
N MET J 149 38.21 -4.79 -48.23
CA MET J 149 37.59 -4.73 -46.92
C MET J 149 38.53 -5.22 -45.85
N GLU J 150 39.26 -6.29 -46.12
CA GLU J 150 40.11 -6.92 -45.12
C GLU J 150 41.41 -6.16 -44.91
N SER J 151 41.81 -5.42 -45.93
CA SER J 151 42.96 -4.55 -45.81
C SER J 151 42.66 -3.42 -44.86
N VAL J 152 41.39 -3.05 -44.75
CA VAL J 152 40.98 -2.06 -43.78
C VAL J 152 40.94 -2.65 -42.38
N LYS J 153 40.33 -3.82 -42.24
CA LYS J 153 40.17 -4.50 -40.98
C LYS J 153 41.48 -4.73 -40.26
N ASN J 154 42.56 -4.94 -40.99
CA ASN J 154 43.86 -5.15 -40.31
C ASN J 154 44.90 -4.06 -40.62
N GLY J 155 44.41 -2.87 -40.88
CA GLY J 155 45.27 -1.71 -40.85
C GLY J 155 46.19 -1.51 -42.01
N THR J 156 46.02 -2.30 -43.08
CA THR J 156 46.92 -2.23 -44.23
C THR J 156 46.23 -1.67 -45.47
N TYR J 157 45.28 -0.76 -45.27
CA TYR J 157 44.55 -0.15 -46.39
C TYR J 157 45.48 0.72 -47.20
N ASP J 158 45.39 0.61 -48.51
CA ASP J 158 46.24 1.35 -49.44
C ASP J 158 45.54 2.61 -49.93
N TYR J 159 45.73 3.71 -49.24
CA TYR J 159 45.09 4.97 -49.64
C TYR J 159 45.41 5.49 -51.09
N PRO J 160 46.70 5.59 -51.48
CA PRO J 160 46.98 6.13 -52.82
C PRO J 160 46.34 5.29 -53.95
N LYS J 161 46.39 3.96 -53.84
CA LYS J 161 45.85 3.01 -54.83
C LYS J 161 44.50 3.44 -55.36
N TYR J 162 43.67 4.04 -54.49
CA TYR J 162 42.25 4.32 -54.78
C TYR J 162 41.91 5.81 -54.85
N SER J 163 42.91 6.66 -54.64
CA SER J 163 42.66 8.10 -54.52
C SER J 163 42.01 8.76 -55.74
N GLU J 164 42.44 8.42 -56.96
CA GLU J 164 41.88 8.98 -58.20
C GLU J 164 40.43 8.59 -58.40
N GLU J 165 40.16 7.29 -58.30
CA GLU J 165 38.78 6.78 -58.45
C GLU J 165 37.85 7.50 -57.48
N ALA J 166 38.32 7.61 -56.23
CA ALA J 166 37.55 8.20 -55.14
C ALA J 166 37.28 9.67 -55.40
N LYS J 167 38.32 10.42 -55.76
CA LYS J 167 38.17 11.85 -55.99
C LYS J 167 37.32 12.20 -57.22
N LEU J 168 37.31 11.35 -58.24
CA LEU J 168 36.38 11.49 -59.34
C LEU J 168 34.94 11.46 -58.83
N ASN J 169 34.57 10.41 -58.09
CA ASN J 169 33.19 10.21 -57.62
C ASN J 169 32.78 11.26 -56.59
N ARG J 170 33.76 11.99 -56.06
CA ARG J 170 33.55 12.91 -54.93
C ARG J 170 33.02 14.26 -55.40
N GLU J 171 33.15 14.54 -56.70
CA GLU J 171 32.73 15.81 -57.29
C GLU J 171 31.92 15.56 -58.57
N THR K 6 29.73 31.65 -37.53
CA THR K 6 30.45 30.86 -36.48
C THR K 6 29.56 30.19 -35.40
N LEU K 7 29.80 28.89 -35.15
CA LEU K 7 29.25 28.13 -34.03
C LEU K 7 30.39 27.64 -33.12
N CYS K 8 30.25 27.89 -31.81
CA CYS K 8 31.26 27.47 -30.82
C CYS K 8 30.73 26.55 -29.72
N ILE K 9 31.56 25.57 -29.33
CA ILE K 9 31.25 24.67 -28.21
C ILE K 9 31.99 25.21 -27.00
N GLY K 10 31.31 25.20 -25.86
CA GLY K 10 31.87 25.70 -24.60
C GLY K 10 31.21 25.15 -23.35
N TYR K 11 31.59 25.71 -22.20
CA TYR K 11 31.20 25.18 -20.90
C TYR K 11 31.06 26.29 -19.87
N HIS K 12 30.21 26.04 -18.87
CA HIS K 12 29.89 26.97 -17.79
C HIS K 12 31.10 27.42 -16.97
N ALA K 13 31.09 28.69 -16.58
CA ALA K 13 31.98 29.21 -15.55
C ALA K 13 31.14 30.15 -14.67
N ASN K 14 31.57 30.42 -13.45
CA ASN K 14 30.75 31.27 -12.57
C ASN K 14 31.47 31.99 -11.43
N ASN K 15 30.65 32.56 -10.55
CA ASN K 15 31.06 33.15 -9.28
C ASN K 15 31.97 32.32 -8.39
N SER K 16 31.67 31.02 -8.28
CA SER K 16 32.21 30.12 -7.24
C SER K 16 33.68 30.30 -6.84
N THR K 17 33.97 30.10 -5.56
CA THR K 17 35.35 30.04 -5.06
C THR K 17 35.66 28.77 -4.27
N ASP K 18 34.71 27.85 -4.19
CA ASP K 18 34.94 26.51 -3.63
C ASP K 18 36.13 25.83 -4.32
N THR K 19 36.99 25.21 -3.52
CA THR K 19 38.05 24.40 -4.07
C THR K 19 37.91 22.94 -3.64
N VAL K 20 38.40 22.03 -4.47
CA VAL K 20 38.49 20.64 -4.08
C VAL K 20 39.89 20.18 -4.38
N ASP K 21 40.24 19.02 -3.87
CA ASP K 21 41.48 18.36 -4.19
C ASP K 21 41.20 17.14 -5.03
N THR K 22 42.15 16.76 -5.87
CA THR K 22 42.09 15.49 -6.59
C THR K 22 43.38 14.78 -6.33
N VAL K 23 43.55 13.52 -6.74
CA VAL K 23 44.86 12.86 -6.55
C VAL K 23 45.99 13.62 -7.25
N LEU K 24 45.69 14.21 -8.40
CA LEU K 24 46.70 14.86 -9.26
C LEU K 24 46.91 16.35 -8.98
N GLU K 25 45.92 16.98 -8.40
CA GLU K 25 45.99 18.40 -8.15
C GLU K 25 45.30 18.85 -6.87
N LYS K 26 45.91 19.79 -6.16
CA LYS K 26 45.31 20.41 -4.98
C LYS K 26 44.68 21.75 -5.34
N ASN K 27 43.64 22.12 -4.61
CA ASN K 27 43.03 23.45 -4.77
C ASN K 27 42.49 23.81 -6.13
N VAL K 28 41.64 22.95 -6.68
CA VAL K 28 41.11 23.21 -7.99
C VAL K 28 39.74 23.82 -7.78
N THR K 29 39.55 25.04 -8.27
CA THR K 29 38.27 25.75 -8.15
C THR K 29 37.24 25.11 -9.06
N VAL K 30 36.08 24.80 -8.49
CA VAL K 30 35.00 24.16 -9.25
C VAL K 30 33.73 25.00 -9.22
N THR K 31 32.84 24.80 -10.20
CA THR K 31 31.60 25.60 -10.35
C THR K 31 30.57 25.21 -9.29
N HIS K 32 30.54 23.93 -8.93
CA HIS K 32 29.54 23.36 -8.03
C HIS K 32 30.19 22.22 -7.27
N SER K 33 29.65 21.94 -6.10
CA SER K 33 30.41 21.23 -5.11
C SER K 33 29.54 20.93 -3.89
N VAL K 34 29.77 19.78 -3.26
CA VAL K 34 28.99 19.44 -2.08
C VAL K 34 29.89 18.84 -1.02
N ASN K 35 29.70 19.25 0.24
CA ASN K 35 30.51 18.78 1.39
C ASN K 35 30.02 17.47 1.95
N LEU K 36 30.92 16.53 2.14
CA LEU K 36 30.52 15.16 2.48
C LEU K 36 30.70 14.86 4.01
N LEU K 37 31.20 15.86 4.71
CA LEU K 37 31.58 15.75 6.10
C LEU K 37 30.70 16.63 6.96
N GLU K 38 30.00 16.03 7.92
CA GLU K 38 29.15 16.79 8.83
C GLU K 38 29.99 17.39 9.94
N ASP K 39 30.01 18.71 10.07
CA ASP K 39 30.80 19.37 11.09
C ASP K 39 29.98 20.25 12.03
N LYS K 40 28.66 20.19 11.93
CA LYS K 40 27.80 21.01 12.76
C LYS K 40 27.02 20.10 13.72
N HIS K 41 26.93 20.52 14.99
CA HIS K 41 25.99 19.91 15.94
C HIS K 41 25.09 20.99 16.58
N ASN K 42 24.03 20.59 17.28
CA ASN K 42 23.08 21.58 17.74
C ASN K 42 23.34 22.04 19.17
N GLY K 43 24.37 21.50 19.81
CA GLY K 43 24.77 21.87 21.15
C GLY K 43 23.82 21.48 22.24
N LYS K 44 22.95 20.50 21.97
CA LYS K 44 21.91 20.04 22.91
C LYS K 44 21.91 18.51 23.11
N LEU K 45 21.51 18.05 24.29
CA LEU K 45 21.28 16.62 24.52
C LEU K 45 19.80 16.31 24.30
N CYS K 46 19.52 15.45 23.34
CA CYS K 46 18.17 15.32 22.83
C CYS K 46 17.55 13.94 23.02
N LYS K 47 16.28 13.81 22.66
CA LYS K 47 15.60 12.53 22.74
C LYS K 47 16.11 11.65 21.60
N LEU K 48 16.41 10.40 21.90
CA LEU K 48 16.90 9.44 20.92
C LEU K 48 15.78 8.47 20.59
N ARG K 49 15.38 8.43 19.31
CA ARG K 49 14.19 7.68 18.87
C ARG K 49 13.02 8.15 19.71
N GLY K 50 12.89 9.46 19.87
CA GLY K 50 11.74 10.06 20.54
C GLY K 50 11.51 9.74 22.00
N VAL K 51 12.52 9.18 22.68
CA VAL K 51 12.45 8.99 24.13
C VAL K 51 13.62 9.66 24.85
N ALA K 52 13.30 10.41 25.90
CA ALA K 52 14.26 11.22 26.61
C ALA K 52 15.27 10.40 27.39
N PRO K 53 16.46 10.95 27.60
CA PRO K 53 17.41 10.32 28.49
C PRO K 53 17.00 10.45 29.95
N LEU K 54 17.63 9.70 30.85
CA LEU K 54 17.52 9.94 32.27
C LEU K 54 18.66 10.89 32.60
N HIS K 55 18.34 12.03 33.22
CA HIS K 55 19.35 13.02 33.56
C HIS K 55 19.54 13.08 35.06
N LEU K 56 20.76 12.80 35.53
CA LEU K 56 21.00 12.65 36.96
C LEU K 56 21.34 13.94 37.75
N GLY K 57 21.88 14.95 37.07
CA GLY K 57 22.23 16.23 37.75
C GLY K 57 23.32 16.04 38.80
N LYS K 58 22.97 16.30 40.07
CA LYS K 58 23.87 16.18 41.23
C LYS K 58 24.45 14.79 41.48
N CYS K 59 23.86 13.73 40.90
CA CYS K 59 24.16 12.33 41.35
C CYS K 59 24.79 11.43 40.33
N ASN K 60 25.61 10.50 40.83
CA ASN K 60 25.95 9.22 40.23
C ASN K 60 24.75 8.34 39.95
N ILE K 61 25.01 7.29 39.18
CA ILE K 61 24.09 6.18 39.14
C ILE K 61 23.97 5.52 40.50
N ALA K 62 25.10 5.34 41.17
CA ALA K 62 25.11 4.78 42.52
C ALA K 62 24.16 5.49 43.48
N GLY K 63 24.36 6.82 43.65
CA GLY K 63 23.48 7.64 44.47
C GLY K 63 22.01 7.59 44.04
N TRP K 64 21.77 7.52 42.75
CA TRP K 64 20.42 7.43 42.27
C TRP K 64 19.71 6.10 42.58
N ILE K 65 20.29 4.94 42.30
CA ILE K 65 19.56 3.73 42.63
C ILE K 65 19.58 3.40 44.12
N LEU K 66 20.62 3.78 44.83
CA LEU K 66 20.59 3.54 46.26
C LEU K 66 19.58 4.48 46.96
N GLY K 67 19.38 5.64 46.38
CA GLY K 67 18.49 6.62 46.97
C GLY K 67 19.23 7.47 47.97
N ASN K 68 20.37 8.00 47.57
CA ASN K 68 21.11 8.99 48.35
C ASN K 68 20.16 10.16 48.62
N PRO K 69 20.15 10.71 49.85
CA PRO K 69 19.18 11.75 50.19
C PRO K 69 19.16 12.99 49.28
N GLU K 70 20.25 13.27 48.59
CA GLU K 70 20.32 14.42 47.70
C GLU K 70 19.69 14.15 46.33
N CYS K 71 19.35 12.90 46.04
CA CYS K 71 18.96 12.49 44.70
C CYS K 71 17.44 12.35 44.49
N GLU K 72 16.63 12.77 45.44
CA GLU K 72 15.17 12.71 45.20
C GLU K 72 14.52 14.06 44.83
N SER K 73 15.29 14.88 44.10
CA SER K 73 14.76 16.07 43.41
C SER K 73 14.47 15.58 42.00
N LEU K 74 14.93 14.34 41.72
CA LEU K 74 14.76 13.69 40.43
C LEU K 74 13.40 13.02 40.27
N SER K 75 12.60 13.55 39.33
CA SER K 75 11.37 12.89 38.87
C SER K 75 11.83 11.61 38.15
N THR K 76 11.26 10.49 38.63
CA THR K 76 11.68 9.16 38.25
C THR K 76 10.73 8.63 37.13
N ALA K 77 11.24 8.61 35.89
CA ALA K 77 10.49 8.19 34.69
C ALA K 77 10.59 6.67 34.51
N SER K 78 9.60 6.10 33.85
CA SER K 78 9.56 4.67 33.70
C SER K 78 10.32 4.24 32.44
N SER K 79 11.02 5.16 31.79
CA SER K 79 11.53 4.90 30.46
C SER K 79 12.65 5.83 30.13
N TRP K 80 13.74 5.32 29.58
CA TRP K 80 14.82 6.18 29.06
C TRP K 80 15.66 5.55 27.95
N SER K 81 16.32 6.38 27.15
CA SER K 81 17.05 5.88 26.00
C SER K 81 18.55 5.85 26.24
N TYR K 82 19.01 6.59 27.24
CA TYR K 82 20.41 6.61 27.67
C TYR K 82 20.50 7.40 28.96
N ILE K 83 21.65 7.39 29.58
CA ILE K 83 21.80 8.07 30.85
C ILE K 83 22.79 9.22 30.73
N VAL K 84 22.47 10.36 31.36
CA VAL K 84 23.36 11.49 31.41
C VAL K 84 23.81 11.73 32.87
N GLU K 85 25.11 11.75 33.11
CA GLU K 85 25.71 12.35 34.33
C GLU K 85 26.49 13.61 33.99
N THR K 86 26.62 14.54 34.92
CA THR K 86 27.36 15.76 34.64
C THR K 86 28.73 15.65 35.27
N SER K 87 29.62 16.61 34.99
CA SER K 87 30.94 16.70 35.66
C SER K 87 30.78 17.04 37.17
N SER K 88 29.59 17.48 37.59
CA SER K 88 29.26 17.80 38.98
C SER K 88 28.48 16.66 39.68
N SER K 89 28.44 15.48 39.04
CA SER K 89 27.64 14.33 39.53
C SER K 89 28.44 13.57 40.56
N ASP K 90 28.11 13.86 41.80
CA ASP K 90 29.07 13.78 42.87
C ASP K 90 28.53 13.05 44.07
N ASN K 91 27.21 13.08 44.23
CA ASN K 91 26.56 12.40 45.32
C ASN K 91 26.27 10.96 44.89
N GLY K 92 26.93 10.03 45.57
CA GLY K 92 26.89 8.61 45.24
C GLY K 92 26.79 7.80 46.52
N THR K 93 27.72 6.88 46.76
CA THR K 93 27.70 6.13 48.01
C THR K 93 28.21 7.03 49.13
N CYS K 94 27.34 7.55 49.99
CA CYS K 94 27.81 8.48 51.01
C CYS K 94 28.43 7.76 52.20
N TYR K 95 28.01 6.52 52.47
CA TYR K 95 28.79 5.70 53.37
C TYR K 95 29.88 4.94 52.57
N PRO K 96 31.15 5.12 52.92
CA PRO K 96 32.22 4.61 52.07
C PRO K 96 32.30 3.07 51.98
N GLY K 97 32.62 2.55 50.80
CA GLY K 97 32.79 1.09 50.59
C GLY K 97 32.88 0.75 49.12
N ASP K 98 33.00 -0.54 48.78
CA ASP K 98 32.92 -0.94 47.39
C ASP K 98 31.48 -1.15 46.94
N PHE K 99 31.23 -0.74 45.70
CA PHE K 99 30.03 -1.11 44.97
C PHE K 99 30.44 -2.21 43.98
N ILE K 100 30.00 -3.44 44.23
CA ILE K 100 30.51 -4.59 43.51
C ILE K 100 29.82 -4.66 42.16
N ASP K 101 30.59 -4.97 41.12
CA ASP K 101 30.12 -4.96 39.76
C ASP K 101 29.31 -3.70 39.42
N TYR K 102 29.84 -2.56 39.84
CA TYR K 102 29.22 -1.27 39.56
C TYR K 102 29.13 -0.99 38.07
N GLU K 103 30.24 -1.12 37.35
CA GLU K 103 30.25 -0.75 35.96
C GLU K 103 29.29 -1.61 35.14
N GLU K 104 29.15 -2.87 35.54
CA GLU K 104 28.19 -3.76 34.90
C GLU K 104 26.75 -3.36 35.22
N LEU K 105 26.51 -2.90 36.43
CA LEU K 105 25.20 -2.36 36.73
C LEU K 105 24.91 -1.16 35.82
N ARG K 106 25.85 -0.22 35.67
CA ARG K 106 25.55 0.99 34.92
C ARG K 106 25.26 0.58 33.48
N GLU K 107 25.94 -0.46 33.00
CA GLU K 107 25.73 -0.89 31.65
C GLU K 107 24.36 -1.46 31.49
N GLN K 108 23.96 -2.27 32.46
CA GLN K 108 22.70 -2.93 32.36
C GLN K 108 21.51 -2.01 32.54
N LEU K 109 21.74 -0.82 33.09
CA LEU K 109 20.72 0.10 33.48
C LEU K 109 20.59 1.22 32.45
N SER K 110 21.52 1.22 31.49
CA SER K 110 21.66 2.16 30.38
C SER K 110 20.35 2.65 29.75
N SER K 111 19.46 1.69 29.56
CA SER K 111 18.31 1.87 28.72
C SER K 111 17.30 0.81 29.11
N VAL K 112 16.10 1.28 29.49
CA VAL K 112 15.10 0.37 29.95
C VAL K 112 13.81 0.87 29.34
N SER K 113 13.00 -0.07 28.88
CA SER K 113 11.76 0.33 28.26
C SER K 113 10.66 0.42 29.28
N SER K 114 10.98 -0.01 30.49
CA SER K 114 10.00 -0.04 31.54
C SER K 114 10.80 -0.13 32.86
N PHE K 115 10.42 0.68 33.83
CA PHE K 115 11.14 0.79 35.10
C PHE K 115 10.22 1.27 36.21
N GLU K 116 9.99 0.43 37.21
CA GLU K 116 9.08 0.79 38.29
C GLU K 116 9.66 0.48 39.67
N ARG K 117 9.65 1.47 40.55
CA ARG K 117 10.17 1.35 41.90
C ARG K 117 9.08 0.93 42.87
N PHE K 118 9.34 -0.09 43.69
CA PHE K 118 8.30 -0.55 44.61
C PHE K 118 8.89 -1.06 45.91
N GLU K 119 8.06 -1.18 46.94
CA GLU K 119 8.54 -1.52 48.29
C GLU K 119 8.53 -3.05 48.48
N ILE K 120 9.65 -3.75 48.26
CA ILE K 120 9.64 -5.23 48.41
C ILE K 120 9.43 -5.63 49.84
N PHE K 121 10.11 -4.94 50.74
CA PHE K 121 9.99 -5.21 52.15
C PHE K 121 9.49 -3.94 52.84
N PRO K 122 8.15 -3.78 52.98
CA PRO K 122 7.58 -2.58 53.58
C PRO K 122 8.15 -2.36 54.98
N LYS K 123 8.65 -1.15 55.21
CA LYS K 123 9.36 -0.80 56.44
C LYS K 123 8.50 -1.03 57.68
N THR K 124 7.23 -0.67 57.53
CA THR K 124 6.29 -0.65 58.63
C THR K 124 6.02 -2.04 59.22
N SER K 125 6.12 -3.10 58.40
CA SER K 125 5.70 -4.44 58.83
C SER K 125 6.71 -5.56 58.62
N SER K 126 7.89 -5.27 58.10
CA SER K 126 8.81 -6.34 57.71
C SER K 126 9.77 -6.81 58.79
N TRP K 127 10.04 -5.94 59.77
CA TRP K 127 11.10 -6.20 60.72
C TRP K 127 10.67 -5.98 62.17
N PRO K 128 9.75 -6.84 62.68
CA PRO K 128 9.22 -6.65 64.02
C PRO K 128 10.20 -6.98 65.13
N ASN K 129 11.29 -7.68 64.82
CA ASN K 129 12.24 -8.08 65.84
C ASN K 129 13.56 -7.33 65.79
N HIS K 130 13.63 -6.33 64.93
CA HIS K 130 14.85 -5.54 64.74
C HIS K 130 14.52 -4.06 64.64
N ASP K 131 15.50 -3.21 64.91
CA ASP K 131 15.28 -1.78 64.96
C ASP K 131 15.50 -1.14 63.59
N SER K 132 14.43 -0.57 63.05
CA SER K 132 14.47 -0.03 61.70
C SER K 132 14.51 1.49 61.68
N ASN K 133 14.64 2.09 62.84
CA ASN K 133 14.60 3.55 62.92
C ASN K 133 15.91 4.22 63.27
N LYS K 134 16.76 3.54 64.04
CA LYS K 134 18.03 4.14 64.41
C LYS K 134 19.08 3.78 63.40
N GLY K 135 18.83 3.83 62.12
CA GLY K 135 19.83 3.34 61.18
C GLY K 135 20.28 4.46 60.27
N VAL K 136 21.03 5.40 60.85
CA VAL K 136 21.15 6.72 60.31
C VAL K 136 22.56 7.22 60.63
N THR K 137 23.14 8.07 59.79
CA THR K 137 24.56 8.41 59.96
C THR K 137 24.93 9.84 59.53
N ALA K 138 25.96 10.41 60.15
CA ALA K 138 26.46 11.72 59.77
C ALA K 138 27.07 11.70 58.37
N ALA K 139 27.41 10.51 57.89
CA ALA K 139 27.97 10.36 56.57
C ALA K 139 26.96 10.63 55.46
N CYS K 140 25.65 10.50 55.75
CA CYS K 140 24.54 10.77 54.79
C CYS K 140 23.53 11.78 55.35
N PRO K 141 23.92 13.06 55.38
CA PRO K 141 23.03 14.04 55.98
C PRO K 141 21.89 14.45 55.04
N HIS K 142 20.71 14.68 55.60
CA HIS K 142 19.60 15.28 54.86
C HIS K 142 19.37 16.71 55.31
N ALA K 143 18.19 17.02 55.86
CA ALA K 143 17.84 18.40 56.16
C ALA K 143 18.60 18.90 57.39
N GLY K 144 19.93 18.81 57.32
CA GLY K 144 20.80 19.06 58.48
C GLY K 144 21.04 17.84 59.35
N ALA K 145 20.12 16.88 59.36
CA ALA K 145 20.17 15.76 60.32
C ALA K 145 20.83 14.53 59.73
N LYS K 146 21.33 13.67 60.60
CA LYS K 146 21.77 12.35 60.19
C LYS K 146 20.67 11.65 59.38
N SER K 147 21.04 11.02 58.29
CA SER K 147 20.07 10.32 57.45
C SER K 147 20.68 9.05 56.86
N PHE K 148 20.00 8.47 55.88
CA PHE K 148 20.45 7.26 55.21
C PHE K 148 19.87 7.23 53.79
N TYR K 149 20.22 6.20 53.02
CA TYR K 149 19.64 5.98 51.71
C TYR K 149 18.17 5.71 51.86
N LYS K 150 17.37 6.20 50.92
CA LYS K 150 15.94 5.96 50.94
C LYS K 150 15.62 4.52 50.57
N ASN K 151 16.43 3.88 49.75
CA ASN K 151 16.06 2.55 49.21
C ASN K 151 16.51 1.34 50.03
N LEU K 152 17.32 1.58 51.07
CA LEU K 152 17.81 0.54 51.97
C LEU K 152 17.47 0.94 53.36
N ILE K 153 17.48 -0.02 54.27
CA ILE K 153 17.29 0.25 55.69
C ILE K 153 18.38 -0.43 56.45
N TRP K 154 18.97 0.30 57.40
CA TRP K 154 20.08 -0.19 58.16
C TRP K 154 19.55 -0.80 59.47
N LEU K 155 19.24 -2.09 59.44
CA LEU K 155 18.73 -2.71 60.67
C LEU K 155 19.78 -2.83 61.74
N VAL K 156 19.33 -2.61 62.97
CA VAL K 156 20.19 -2.58 64.15
C VAL K 156 19.44 -3.36 65.24
N LYS K 157 20.15 -3.86 66.26
CA LYS K 157 19.54 -4.66 67.33
C LYS K 157 18.45 -3.91 68.05
N LYS K 158 17.46 -4.67 68.50
CA LYS K 158 16.39 -4.14 69.32
C LYS K 158 16.66 -4.53 70.77
N GLY K 159 16.84 -3.53 71.62
CA GLY K 159 17.26 -3.80 73.00
C GLY K 159 18.58 -4.54 73.05
N ASN K 160 18.56 -5.77 73.52
CA ASN K 160 19.81 -6.51 73.66
C ASN K 160 19.95 -7.75 72.80
N SER K 161 19.08 -7.86 71.81
CA SER K 161 18.98 -9.06 71.01
C SER K 161 19.00 -8.73 69.50
N TYR K 162 19.76 -9.53 68.75
CA TYR K 162 19.62 -9.57 67.31
C TYR K 162 19.30 -11.01 66.96
N PRO K 163 17.99 -11.35 66.88
CA PRO K 163 17.63 -12.71 66.52
C PRO K 163 17.88 -12.95 65.03
N LYS K 164 18.14 -14.22 64.68
CA LYS K 164 18.32 -14.64 63.31
C LYS K 164 17.14 -14.12 62.51
N LEU K 165 17.45 -13.32 61.50
CA LEU K 165 16.45 -12.69 60.65
C LEU K 165 16.30 -13.56 59.43
N SER K 166 15.07 -13.70 58.94
CA SER K 166 14.82 -14.49 57.75
C SER K 166 13.67 -13.94 56.89
N LYS K 167 13.92 -13.63 55.61
CA LYS K 167 12.95 -12.93 54.81
C LYS K 167 13.06 -13.26 53.32
N SER K 168 11.93 -13.49 52.68
CA SER K 168 11.88 -13.82 51.26
C SER K 168 10.98 -12.92 50.46
N TYR K 169 11.28 -12.82 49.17
CA TYR K 169 10.38 -12.21 48.24
C TYR K 169 10.34 -13.11 47.01
N ILE K 170 9.13 -13.42 46.53
CA ILE K 170 8.95 -14.09 45.22
C ILE K 170 8.65 -13.07 44.13
N ASN K 171 9.40 -13.11 43.01
CA ASN K 171 9.17 -12.19 41.89
C ASN K 171 7.89 -12.52 41.12
N ASP K 172 6.84 -11.80 41.46
CA ASP K 172 5.59 -11.91 40.71
C ASP K 172 5.37 -10.81 39.64
N LYS K 173 6.37 -9.96 39.42
CA LYS K 173 6.15 -8.79 38.59
C LYS K 173 6.05 -9.08 37.08
N GLY K 174 6.46 -10.28 36.65
CA GLY K 174 6.50 -10.60 35.22
C GLY K 174 7.69 -10.07 34.43
N LYS K 175 8.41 -9.10 35.01
CA LYS K 175 9.66 -8.59 34.44
C LYS K 175 10.74 -9.07 35.41
N GLU K 176 12.01 -8.73 35.17
CA GLU K 176 12.99 -9.00 36.19
C GLU K 176 12.98 -7.87 37.19
N VAL K 177 13.38 -8.15 38.43
CA VAL K 177 13.53 -7.11 39.41
C VAL K 177 14.94 -7.00 40.01
N LEU K 178 15.41 -5.75 40.04
CA LEU K 178 16.73 -5.45 40.53
C LEU K 178 16.60 -5.21 42.04
N VAL K 179 17.38 -5.95 42.82
CA VAL K 179 17.36 -5.70 44.25
C VAL K 179 18.76 -5.45 44.71
N LEU K 180 18.94 -4.40 45.51
CA LEU K 180 20.23 -4.07 46.08
C LEU K 180 20.20 -4.20 47.59
N TRP K 181 21.35 -4.53 48.16
CA TRP K 181 21.51 -4.61 49.62
C TRP K 181 22.94 -4.23 49.97
N GLY K 182 23.19 -4.06 51.25
CA GLY K 182 24.54 -3.72 51.66
C GLY K 182 24.99 -4.59 52.80
N ILE K 183 26.29 -4.77 52.92
CA ILE K 183 26.77 -5.32 54.16
C ILE K 183 27.75 -4.35 54.88
N HIS K 184 27.57 -4.23 56.18
CA HIS K 184 28.31 -3.26 56.98
C HIS K 184 29.47 -3.90 57.72
N HIS K 185 30.64 -3.28 57.60
CA HIS K 185 31.82 -3.72 58.33
C HIS K 185 32.23 -2.75 59.43
N PRO K 186 31.87 -3.04 60.70
CA PRO K 186 32.26 -2.10 61.74
C PRO K 186 33.77 -1.90 61.88
N SER K 187 34.07 -0.84 62.60
CA SER K 187 35.42 -0.39 62.91
C SER K 187 36.13 -1.26 63.96
N THR K 188 35.39 -1.64 64.99
CA THR K 188 35.90 -2.32 66.18
C THR K 188 34.91 -3.34 66.71
N SER K 189 35.39 -4.30 67.49
CA SER K 189 34.52 -5.23 68.25
C SER K 189 33.44 -4.54 69.07
N ALA K 190 33.85 -3.44 69.68
CA ALA K 190 32.95 -2.70 70.53
C ALA K 190 31.80 -2.17 69.71
N ASP K 191 32.10 -1.72 68.48
CA ASP K 191 31.04 -1.23 67.60
C ASP K 191 30.15 -2.35 67.06
N GLN K 192 30.75 -3.45 66.59
CA GLN K 192 30.00 -4.62 66.14
C GLN K 192 28.98 -5.05 67.17
N GLN K 193 29.47 -5.18 68.43
CA GLN K 193 28.65 -5.67 69.51
C GLN K 193 27.59 -4.65 69.86
N SER K 194 27.97 -3.39 69.80
CA SER K 194 27.08 -2.29 70.08
C SER K 194 25.93 -2.15 69.06
N LEU K 195 26.21 -2.49 67.80
CA LEU K 195 25.21 -2.39 66.76
C LEU K 195 24.36 -3.65 66.60
N TYR K 196 24.97 -4.83 66.70
CA TYR K 196 24.33 -6.09 66.34
C TYR K 196 24.37 -7.18 67.42
N GLN K 197 24.95 -6.85 68.58
CA GLN K 197 25.12 -7.77 69.72
C GLN K 197 26.05 -8.93 69.44
N ASN K 198 25.74 -9.74 68.43
CA ASN K 198 26.53 -10.92 68.16
C ASN K 198 27.86 -10.59 67.50
N ALA K 199 28.96 -10.81 68.23
CA ALA K 199 30.25 -11.01 67.56
C ALA K 199 30.01 -12.24 66.69
N ASP K 200 30.82 -12.46 65.67
CA ASP K 200 30.56 -13.65 64.85
C ASP K 200 29.13 -13.69 64.17
N ALA K 201 28.72 -12.56 63.61
CA ALA K 201 27.52 -12.51 62.79
C ALA K 201 27.87 -13.02 61.38
N TYR K 202 26.85 -13.38 60.60
CA TYR K 202 27.01 -13.73 59.20
C TYR K 202 25.79 -13.25 58.46
N VAL K 203 25.88 -13.20 57.13
CA VAL K 203 24.75 -12.91 56.26
C VAL K 203 24.73 -13.93 55.14
N PHE K 204 23.55 -14.38 54.77
CA PHE K 204 23.42 -15.14 53.53
C PHE K 204 22.34 -14.55 52.59
N VAL K 205 22.61 -14.51 51.29
CA VAL K 205 21.64 -14.06 50.28
C VAL K 205 21.57 -15.11 49.16
N GLY K 206 20.37 -15.52 48.76
CA GLY K 206 20.23 -16.59 47.77
C GLY K 206 19.07 -16.43 46.79
N THR K 207 19.22 -16.95 45.56
CA THR K 207 18.15 -17.07 44.57
C THR K 207 18.33 -18.42 43.93
N SER K 208 17.87 -18.57 42.70
CA SER K 208 18.10 -19.80 41.96
C SER K 208 19.52 -19.90 41.40
N LYS K 209 20.10 -18.73 41.12
CA LYS K 209 21.41 -18.67 40.52
C LYS K 209 22.43 -17.97 41.42
N TYR K 210 21.96 -17.24 42.42
CA TYR K 210 22.86 -16.47 43.25
C TYR K 210 22.93 -17.09 44.64
N SER K 211 24.14 -17.18 45.21
CA SER K 211 24.32 -17.73 46.54
C SER K 211 25.62 -17.18 47.10
N LYS K 212 25.54 -16.47 48.21
CA LYS K 212 26.74 -15.92 48.82
C LYS K 212 26.61 -15.69 50.33
N LYS K 213 27.60 -16.14 51.06
CA LYS K 213 27.73 -15.87 52.50
C LYS K 213 28.67 -14.68 52.73
N PHE K 214 28.32 -13.83 53.68
CA PHE K 214 29.14 -12.71 54.00
C PHE K 214 29.44 -12.72 55.49
N LYS K 215 30.68 -12.37 55.84
CA LYS K 215 31.07 -12.16 57.24
C LYS K 215 31.68 -10.77 57.41
N PRO K 216 31.41 -10.14 58.56
CA PRO K 216 31.96 -8.83 58.85
C PRO K 216 33.46 -8.83 58.91
N GLU K 217 34.07 -7.89 58.22
CA GLU K 217 35.50 -7.69 58.28
C GLU K 217 35.82 -6.51 59.20
N ILE K 218 36.07 -6.79 60.47
CA ILE K 218 36.19 -5.73 61.51
C ILE K 218 37.62 -5.19 61.68
N ALA K 219 37.80 -3.90 61.41
CA ALA K 219 39.12 -3.27 61.44
C ALA K 219 38.96 -1.78 61.19
N ILE K 220 39.96 -1.02 61.56
CA ILE K 220 39.89 0.38 61.27
C ILE K 220 40.53 0.83 59.93
N ARG K 221 39.71 1.37 59.05
CA ARG K 221 40.18 1.92 57.78
C ARG K 221 40.48 3.39 57.97
N PRO K 222 41.27 4.01 57.07
CA PRO K 222 41.37 5.47 57.06
C PRO K 222 40.02 6.17 56.89
N LYS K 223 39.82 7.24 57.66
CA LYS K 223 38.56 7.97 57.70
C LYS K 223 38.11 8.48 56.35
N VAL K 224 36.87 8.19 55.99
CA VAL K 224 36.27 8.81 54.82
C VAL K 224 34.89 9.31 55.26
N ARG K 225 34.55 10.56 54.88
CA ARG K 225 33.34 11.23 55.36
C ARG K 225 33.11 10.88 56.85
N ASP K 226 34.21 10.94 57.60
CA ASP K 226 34.21 10.71 59.05
C ASP K 226 34.02 9.26 59.52
N GLN K 227 34.12 8.28 58.60
CA GLN K 227 33.87 6.85 58.93
C GLN K 227 35.11 6.01 58.85
N GLU K 228 35.35 5.22 59.88
CA GLU K 228 36.45 4.24 59.87
C GLU K 228 36.06 2.79 59.54
N GLY K 229 34.75 2.47 59.66
CA GLY K 229 34.13 1.31 59.04
C GLY K 229 33.88 1.48 57.53
N ARG K 230 33.25 0.47 56.92
CA ARG K 230 32.84 0.52 55.52
C ARG K 230 31.53 -0.25 55.29
N MET K 231 30.87 0.06 54.18
CA MET K 231 29.73 -0.69 53.67
C MET K 231 29.93 -1.16 52.24
N ASN K 232 29.67 -2.43 51.98
CA ASN K 232 29.73 -2.89 50.61
C ASN K 232 28.34 -3.03 50.02
N TYR K 233 28.21 -2.66 48.75
CA TYR K 233 26.93 -2.64 48.10
C TYR K 233 26.86 -3.75 47.07
N TYR K 234 25.78 -4.50 47.11
CA TYR K 234 25.58 -5.61 46.22
C TYR K 234 24.25 -5.53 45.53
N TRP K 235 24.16 -6.17 44.36
CA TRP K 235 22.90 -6.24 43.63
C TRP K 235 22.73 -7.52 42.85
N THR K 236 21.51 -7.89 42.55
CA THR K 236 21.29 -8.99 41.62
C THR K 236 19.97 -8.81 40.89
N LEU K 237 19.84 -9.43 39.71
CA LEU K 237 18.57 -9.39 39.00
C LEU K 237 17.79 -10.67 39.23
N VAL K 238 16.65 -10.59 39.93
CA VAL K 238 15.81 -11.77 40.16
C VAL K 238 14.82 -12.01 39.02
N GLU K 239 14.91 -13.18 38.40
CA GLU K 239 14.09 -13.55 37.22
C GLU K 239 12.65 -13.69 37.58
N PRO K 240 11.73 -13.53 36.62
CA PRO K 240 10.33 -13.70 36.92
C PRO K 240 10.06 -15.09 37.46
N GLY K 241 9.31 -15.18 38.56
CA GLY K 241 9.02 -16.46 39.17
C GLY K 241 10.04 -16.96 40.17
N ASP K 242 11.23 -16.38 40.19
CA ASP K 242 12.24 -16.81 41.12
C ASP K 242 12.01 -16.11 42.43
N LYS K 243 12.72 -16.57 43.44
CA LYS K 243 12.63 -16.02 44.78
C LYS K 243 14.02 -15.55 45.34
N ILE K 244 14.05 -14.47 46.13
CA ILE K 244 15.29 -14.09 46.79
C ILE K 244 15.09 -14.16 48.30
N THR K 245 16.01 -14.84 49.01
CA THR K 245 15.91 -14.86 50.48
C THR K 245 17.13 -14.26 51.17
N PHE K 246 16.86 -13.58 52.28
CA PHE K 246 17.89 -12.98 53.09
C PHE K 246 17.93 -13.68 54.43
N GLU K 247 19.13 -13.94 54.94
CA GLU K 247 19.25 -14.53 56.26
C GLU K 247 20.43 -13.83 56.95
N ALA K 248 20.26 -13.47 58.21
CA ALA K 248 21.28 -12.67 58.87
C ALA K 248 21.21 -12.67 60.41
N THR K 249 22.38 -12.65 61.05
CA THR K 249 22.51 -12.39 62.49
C THR K 249 23.26 -11.09 62.81
N GLY K 250 23.34 -10.19 61.83
CA GLY K 250 23.86 -8.84 62.03
C GLY K 250 24.39 -8.32 60.70
N ASN K 251 24.79 -7.05 60.65
CA ASN K 251 25.52 -6.46 59.52
C ASN K 251 24.81 -6.36 58.16
N LEU K 252 23.55 -6.78 58.10
CA LEU K 252 22.83 -6.67 56.85
C LEU K 252 22.12 -5.33 56.76
N VAL K 253 22.42 -4.53 55.74
CA VAL K 253 21.56 -3.40 55.45
C VAL K 253 20.63 -3.85 54.36
N VAL K 254 19.35 -3.81 54.71
CA VAL K 254 18.30 -4.58 54.07
C VAL K 254 17.66 -3.79 52.94
N PRO K 255 17.14 -4.47 51.88
CA PRO K 255 16.45 -3.70 50.84
C PRO K 255 15.15 -3.14 51.37
N ARG K 256 14.77 -1.97 50.88
CA ARG K 256 13.45 -1.43 51.17
C ARG K 256 12.65 -1.25 49.88
N TYR K 257 13.26 -0.61 48.88
CA TYR K 257 12.68 -0.50 47.54
C TYR K 257 13.50 -1.27 46.57
N ALA K 258 12.86 -1.94 45.63
CA ALA K 258 13.54 -2.62 44.53
C ALA K 258 13.00 -2.08 43.21
N PHE K 259 13.45 -2.64 42.07
CA PHE K 259 13.02 -2.09 40.80
C PHE K 259 12.60 -3.16 39.82
N ALA K 260 11.35 -3.09 39.36
CA ALA K 260 10.87 -3.96 38.27
C ALA K 260 11.24 -3.33 36.94
N MET K 261 11.89 -4.09 36.05
CA MET K 261 12.34 -3.48 34.81
C MET K 261 12.46 -4.38 33.61
N GLU K 262 12.45 -3.77 32.44
CA GLU K 262 12.64 -4.45 31.17
C GLU K 262 13.84 -3.79 30.46
N ARG K 263 15.00 -4.48 30.42
CA ARG K 263 16.24 -3.97 29.79
C ARG K 263 16.04 -3.81 28.28
N ASN K 264 16.87 -2.95 27.68
CA ASN K 264 16.66 -2.64 26.27
C ASN K 264 17.55 -3.39 25.27
N ALA K 265 18.82 -2.98 25.23
CA ALA K 265 19.78 -3.35 24.23
C ALA K 265 20.91 -2.39 24.53
N GLY K 266 21.78 -2.16 23.54
CA GLY K 266 22.99 -1.39 23.81
C GLY K 266 22.73 0.10 23.81
N SER K 267 22.60 0.70 24.99
CA SER K 267 22.72 2.14 25.05
C SER K 267 23.94 2.48 25.87
N GLY K 268 24.10 3.74 26.30
CA GLY K 268 25.29 4.04 27.08
C GLY K 268 25.03 5.17 28.01
N ILE K 269 26.08 5.65 28.66
CA ILE K 269 25.98 6.72 29.62
C ILE K 269 26.83 7.79 29.03
N ILE K 270 26.34 9.01 28.88
CA ILE K 270 27.26 10.06 28.55
C ILE K 270 27.47 10.96 29.79
N ILE K 271 28.73 11.37 30.05
CA ILE K 271 28.98 12.39 31.06
C ILE K 271 29.20 13.72 30.33
N SER K 272 28.41 14.76 30.64
CA SER K 272 28.45 16.01 29.91
C SER K 272 27.65 17.12 30.60
N ASP K 273 28.08 18.37 30.38
CA ASP K 273 27.35 19.53 30.92
C ASP K 273 26.53 20.24 29.86
N THR K 274 26.42 19.64 28.68
CA THR K 274 25.52 20.15 27.66
C THR K 274 24.07 20.06 28.19
N PRO K 275 23.27 21.12 28.02
CA PRO K 275 21.91 21.04 28.57
C PRO K 275 21.00 20.05 27.85
N VAL K 276 20.02 19.50 28.53
CA VAL K 276 19.07 18.59 27.88
C VAL K 276 17.86 19.38 27.35
N HIS K 277 17.40 19.02 26.15
CA HIS K 277 16.26 19.69 25.49
C HIS K 277 15.16 18.79 24.97
N ASP K 278 13.94 19.33 24.98
CA ASP K 278 12.82 18.73 24.26
C ASP K 278 13.16 18.90 22.79
N CYS K 279 13.49 17.80 22.11
CA CYS K 279 14.34 17.86 20.95
C CYS K 279 14.56 16.43 20.47
N ASN K 280 14.42 16.19 19.17
CA ASN K 280 14.47 14.85 18.61
C ASN K 280 15.77 14.60 17.80
N THR K 281 16.46 13.50 18.04
CA THR K 281 17.64 13.13 17.24
C THR K 281 17.82 11.62 17.02
N THR K 282 18.63 11.27 16.03
CA THR K 282 18.97 9.85 15.76
C THR K 282 20.48 9.55 15.99
N CYS K 283 21.25 10.59 16.28
CA CYS K 283 22.66 10.48 16.64
C CYS K 283 23.07 11.51 17.72
N GLN K 284 23.53 11.03 18.86
CA GLN K 284 23.84 11.87 19.99
C GLN K 284 25.33 11.82 20.38
N THR K 285 25.91 12.99 20.67
CA THR K 285 27.28 13.03 21.16
C THR K 285 27.28 13.87 22.43
N PRO K 286 28.35 13.76 23.23
CA PRO K 286 28.51 14.59 24.44
C PRO K 286 28.53 16.11 24.20
N LYS K 287 28.77 16.55 22.96
CA LYS K 287 28.74 17.96 22.62
C LYS K 287 27.38 18.46 22.12
N GLY K 288 26.59 17.54 21.58
CA GLY K 288 25.34 17.90 20.96
C GLY K 288 24.93 16.86 19.97
N ALA K 289 23.72 16.99 19.45
CA ALA K 289 23.13 16.03 18.52
C ALA K 289 23.50 16.39 17.11
N ILE K 290 23.57 15.37 16.25
CA ILE K 290 23.86 15.49 14.82
C ILE K 290 22.66 15.04 14.01
N ASN K 291 22.08 15.94 13.24
CA ASN K 291 20.97 15.61 12.36
C ASN K 291 21.53 15.65 10.98
N THR K 292 21.92 14.49 10.47
CA THR K 292 22.54 14.46 9.14
C THR K 292 22.26 13.22 8.27
N SER K 293 22.32 13.51 6.98
CA SER K 293 22.25 12.58 5.89
C SER K 293 23.64 12.07 5.51
N LEU K 294 24.67 12.80 5.91
CA LEU K 294 26.05 12.58 5.43
C LEU K 294 26.76 11.41 6.08
N PRO K 295 27.72 10.82 5.35
CA PRO K 295 28.35 9.59 5.85
C PRO K 295 29.46 9.77 6.86
N PHE K 296 30.04 10.97 6.93
CA PHE K 296 31.14 11.18 7.88
C PHE K 296 30.95 12.40 8.77
N GLN K 297 31.48 12.34 9.99
CA GLN K 297 31.44 13.49 10.90
C GLN K 297 32.77 13.64 11.62
N ASN K 298 33.15 14.86 11.98
CA ASN K 298 34.34 15.07 12.79
C ASN K 298 34.06 15.76 14.12
N ILE K 299 32.84 15.58 14.64
CA ILE K 299 32.40 16.19 15.89
C ILE K 299 32.95 15.47 17.10
N HIS K 300 32.77 14.16 17.15
CA HIS K 300 33.16 13.39 18.33
C HIS K 300 33.22 11.93 17.97
N PRO K 301 34.26 11.22 18.48
CA PRO K 301 34.38 9.76 18.29
C PRO K 301 33.37 8.94 19.12
N ILE K 302 32.89 9.44 20.26
CA ILE K 302 31.97 8.60 21.04
C ILE K 302 30.54 9.05 20.96
N THR K 303 29.77 8.35 20.11
CA THR K 303 28.39 8.73 19.76
C THR K 303 27.42 7.64 20.20
N ILE K 304 26.12 7.96 20.29
CA ILE K 304 25.10 6.93 20.58
C ILE K 304 24.01 7.10 19.56
N GLY K 305 23.61 6.01 18.95
CA GLY K 305 22.53 6.04 17.99
C GLY K 305 22.97 5.51 16.67
N LYS K 306 22.41 6.06 15.60
CA LYS K 306 22.69 5.58 14.26
C LYS K 306 23.48 6.64 13.49
N CYS K 307 24.80 6.53 13.58
CA CYS K 307 25.67 7.69 13.38
C CYS K 307 26.53 7.71 12.08
N PRO K 308 26.89 8.91 11.60
CA PRO K 308 27.93 8.94 10.57
C PRO K 308 29.25 8.44 11.18
N LYS K 309 30.16 7.94 10.33
CA LYS K 309 31.46 7.43 10.81
C LYS K 309 32.39 8.57 11.20
N TYR K 310 33.03 8.45 12.35
CA TYR K 310 33.87 9.55 12.83
C TYR K 310 35.18 9.54 12.08
N VAL K 311 35.64 10.68 11.62
CA VAL K 311 36.91 10.82 10.90
C VAL K 311 37.67 12.01 11.43
N LYS K 312 38.93 12.07 11.07
CA LYS K 312 39.85 13.11 11.56
C LYS K 312 39.98 14.30 10.61
N SER K 313 39.42 14.21 9.41
CA SER K 313 39.51 15.28 8.43
C SER K 313 38.79 16.56 8.81
N THR K 314 39.16 17.66 8.15
CA THR K 314 38.56 18.96 8.39
C THR K 314 37.60 19.38 7.26
N LYS K 315 37.83 18.86 6.05
CA LYS K 315 36.96 19.10 4.91
C LYS K 315 36.94 17.86 4.00
N LEU K 316 35.76 17.54 3.45
CA LEU K 316 35.61 16.44 2.51
C LEU K 316 34.70 16.90 1.35
N ARG K 317 35.23 17.77 0.49
CA ARG K 317 34.42 18.42 -0.50
C ARG K 317 34.46 17.67 -1.83
N LEU K 318 33.28 17.19 -2.25
CA LEU K 318 33.09 16.48 -3.50
C LEU K 318 32.80 17.47 -4.62
N ALA K 319 33.50 17.38 -5.74
CA ALA K 319 33.18 18.19 -6.91
C ALA K 319 31.93 17.65 -7.53
N THR K 320 31.01 18.52 -7.92
CA THR K 320 29.87 18.12 -8.77
C THR K 320 29.88 18.80 -10.14
N GLY K 321 30.23 20.08 -10.16
CA GLY K 321 30.41 20.85 -11.38
C GLY K 321 31.77 20.65 -11.98
N LEU K 322 32.18 21.53 -12.88
CA LEU K 322 33.42 21.32 -13.61
C LEU K 322 34.49 22.29 -13.19
N ARG K 323 35.70 22.12 -13.70
CA ARG K 323 36.77 23.07 -13.41
C ARG K 323 36.28 24.45 -13.79
N ASN K 324 36.51 25.41 -12.93
CA ASN K 324 35.97 26.74 -13.13
C ASN K 324 37.01 27.69 -13.73
N VAL K 325 36.84 28.05 -14.99
CA VAL K 325 37.85 28.86 -15.66
C VAL K 325 37.30 30.21 -16.17
N PRO K 326 37.26 31.26 -15.29
CA PRO K 326 36.88 32.63 -15.68
C PRO K 326 38.09 33.53 -15.95
N LEU L 2 41.92 12.70 -18.73
CA LEU L 2 41.60 14.07 -19.28
C LEU L 2 41.40 14.06 -20.79
N PHE L 3 40.45 14.86 -21.27
CA PHE L 3 39.98 14.76 -22.66
C PHE L 3 40.39 15.94 -23.51
N GLY L 4 41.05 16.91 -22.88
CA GLY L 4 41.70 18.00 -23.61
C GLY L 4 40.86 19.22 -23.97
N ALA L 5 39.61 19.27 -23.54
CA ALA L 5 38.69 20.39 -23.90
C ALA L 5 38.62 21.53 -22.88
N ILE L 6 38.11 21.24 -21.68
CA ILE L 6 38.05 22.22 -20.59
C ILE L 6 39.43 22.66 -20.15
N ALA L 7 39.65 23.98 -20.18
CA ALA L 7 40.96 24.60 -19.98
C ALA L 7 41.99 23.95 -20.88
N GLY L 8 41.58 23.60 -22.09
CA GLY L 8 42.44 22.93 -23.06
C GLY L 8 42.40 23.67 -24.38
N PHE L 9 41.75 23.07 -25.38
CA PHE L 9 41.59 23.74 -26.64
C PHE L 9 40.42 24.72 -26.63
N ILE L 10 39.55 24.60 -25.62
CA ILE L 10 38.54 25.61 -25.32
C ILE L 10 38.98 26.25 -24.01
N GLU L 11 39.78 27.30 -24.11
CA GLU L 11 40.57 27.77 -22.97
C GLU L 11 39.86 28.42 -21.78
N GLY L 12 38.63 28.89 -21.98
CA GLY L 12 37.91 29.57 -20.90
C GLY L 12 36.47 29.16 -20.76
N GLY L 13 35.87 29.45 -19.61
CA GLY L 13 34.43 29.25 -19.38
C GLY L 13 33.62 30.50 -19.66
N TRP L 14 32.29 30.37 -19.62
CA TRP L 14 31.38 31.49 -19.91
C TRP L 14 30.52 31.89 -18.71
N THR L 15 30.81 33.04 -18.09
CA THR L 15 29.93 33.55 -17.05
C THR L 15 28.58 33.98 -17.63
N GLY L 16 28.56 34.26 -18.94
CA GLY L 16 27.35 34.65 -19.65
C GLY L 16 26.28 33.57 -19.80
N MET L 17 26.68 32.30 -19.83
CA MET L 17 25.73 31.20 -19.98
C MET L 17 25.26 30.70 -18.61
N VAL L 18 24.02 31.04 -18.25
CA VAL L 18 23.56 30.87 -16.86
C VAL L 18 22.56 29.73 -16.65
N ASP L 19 21.98 29.22 -17.73
CA ASP L 19 20.91 28.23 -17.61
C ASP L 19 21.35 26.78 -17.87
N GLY L 20 22.63 26.50 -17.68
CA GLY L 20 23.14 25.14 -17.87
C GLY L 20 24.64 25.01 -17.71
N TRP L 21 25.13 23.78 -17.81
CA TRP L 21 26.54 23.49 -17.62
C TRP L 21 27.34 23.55 -18.91
N TYR L 22 26.72 23.11 -20.00
CA TYR L 22 27.35 23.17 -21.32
C TYR L 22 26.40 23.85 -22.30
N GLY L 23 26.95 24.49 -23.32
CA GLY L 23 26.09 25.07 -24.36
C GLY L 23 26.80 25.72 -25.52
N TYR L 24 26.12 26.68 -26.13
CA TYR L 24 26.56 27.28 -27.38
C TYR L 24 26.57 28.79 -27.30
N HIS L 25 27.40 29.39 -28.13
CA HIS L 25 27.28 30.81 -28.43
C HIS L 25 27.23 31.00 -29.95
N HIS L 26 26.09 31.46 -30.46
CA HIS L 26 25.99 31.76 -31.88
C HIS L 26 26.18 33.24 -32.16
N GLN L 27 26.51 33.53 -33.41
CA GLN L 27 26.57 34.89 -33.90
C GLN L 27 26.29 34.86 -35.38
N ASN L 28 25.11 35.35 -35.76
CA ASN L 28 24.74 35.46 -37.16
C ASN L 28 24.23 36.86 -37.48
N GLU L 29 23.31 36.92 -38.42
CA GLU L 29 22.81 38.19 -38.90
C GLU L 29 21.70 38.73 -38.00
N GLN L 30 20.99 37.83 -37.34
CA GLN L 30 19.79 38.19 -36.57
C GLN L 30 20.12 38.59 -35.15
N GLY L 31 21.37 38.35 -34.74
CA GLY L 31 21.82 38.66 -33.39
C GLY L 31 22.76 37.60 -32.87
N SER L 32 23.15 37.74 -31.60
CA SER L 32 24.04 36.78 -30.97
C SER L 32 23.53 36.48 -29.58
N GLY L 33 24.02 35.38 -28.98
CA GLY L 33 23.66 35.01 -27.62
C GLY L 33 24.09 33.63 -27.19
N TYR L 34 23.79 33.31 -25.92
CA TYR L 34 24.12 32.03 -25.31
C TYR L 34 22.89 31.18 -25.15
N ALA L 35 23.02 29.88 -25.36
CA ALA L 35 21.96 28.93 -25.03
C ALA L 35 22.62 27.66 -24.52
N ALA L 36 22.18 27.20 -23.36
CA ALA L 36 22.68 25.95 -22.79
C ALA L 36 22.11 24.77 -23.56
N ASP L 37 22.91 23.72 -23.73
CA ASP L 37 22.41 22.47 -24.31
C ASP L 37 21.59 21.80 -23.22
N LEU L 38 20.27 21.77 -23.40
CA LEU L 38 19.41 21.24 -22.35
C LEU L 38 19.56 19.73 -22.11
N LYS L 39 19.64 18.94 -23.18
CA LYS L 39 19.65 17.47 -23.06
C LYS L 39 20.88 16.90 -22.35
N SER L 40 22.06 17.38 -22.72
CA SER L 40 23.30 16.90 -22.14
C SER L 40 23.59 17.54 -20.77
N THR L 41 23.09 18.75 -20.56
CA THR L 41 23.13 19.32 -19.23
C THR L 41 22.22 18.50 -18.31
N GLN L 42 20.99 18.25 -18.73
CA GLN L 42 20.04 17.51 -17.89
C GLN L 42 20.60 16.13 -17.54
N ASN L 43 21.15 15.46 -18.54
CA ASN L 43 21.71 14.15 -18.35
C ASN L 43 22.83 14.16 -17.32
N ALA L 44 23.70 15.17 -17.40
CA ALA L 44 24.81 15.28 -16.46
C ALA L 44 24.33 15.51 -15.04
N ILE L 45 23.39 16.43 -14.85
CA ILE L 45 22.92 16.68 -13.51
C ILE L 45 22.27 15.42 -12.93
N ASP L 46 21.66 14.61 -13.78
CA ASP L 46 21.10 13.32 -13.32
C ASP L 46 22.20 12.39 -12.82
N GLU L 47 23.24 12.24 -13.62
CA GLU L 47 24.29 11.30 -13.30
C GLU L 47 25.12 11.74 -12.09
N ILE L 48 25.39 13.02 -11.97
CA ILE L 48 26.13 13.54 -10.80
C ILE L 48 25.27 13.46 -9.51
N THR L 49 23.97 13.70 -9.64
CA THR L 49 23.07 13.49 -8.51
C THR L 49 23.17 12.05 -8.05
N ASN L 50 23.14 11.13 -9.00
CA ASN L 50 23.34 9.72 -8.70
C ASN L 50 24.67 9.39 -7.99
N LYS L 51 25.76 10.00 -8.44
CA LYS L 51 27.03 9.78 -7.80
C LYS L 51 27.04 10.23 -6.33
N VAL L 52 26.57 11.44 -6.07
CA VAL L 52 26.43 11.94 -4.72
C VAL L 52 25.54 11.04 -3.90
N ASN L 53 24.37 10.68 -4.43
CA ASN L 53 23.45 9.83 -3.68
C ASN L 53 24.04 8.47 -3.32
N SER L 54 24.88 7.93 -4.21
CA SER L 54 25.50 6.63 -4.00
C SER L 54 26.51 6.64 -2.87
N VAL L 55 27.44 7.59 -2.95
CA VAL L 55 28.39 7.81 -1.89
C VAL L 55 27.69 7.97 -0.49
N ILE L 56 26.50 8.61 -0.44
CA ILE L 56 25.79 8.82 0.79
C ILE L 56 25.00 7.58 1.22
N GLU L 57 24.19 7.05 0.31
CA GLU L 57 23.19 6.07 0.68
C GLU L 57 23.72 4.67 0.93
N LYS L 58 24.90 4.36 0.43
CA LYS L 58 25.50 3.03 0.59
C LYS L 58 26.05 2.78 1.99
N MET L 59 26.20 3.87 2.75
CA MET L 59 26.65 3.81 4.14
C MET L 59 25.56 3.16 4.96
N ASN L 60 25.71 1.86 5.23
CA ASN L 60 24.80 1.13 6.14
C ASN L 60 25.14 1.52 7.56
N THR L 61 24.15 1.86 8.39
CA THR L 61 24.58 2.28 9.73
C THR L 61 23.85 1.63 10.90
N GLN L 62 24.62 0.94 11.73
CA GLN L 62 24.07 0.19 12.89
C GLN L 62 23.78 1.06 14.09
N PHE L 63 22.68 0.80 14.80
CA PHE L 63 22.54 1.46 16.11
C PHE L 63 23.62 0.91 17.03
N THR L 64 24.52 1.79 17.48
CA THR L 64 25.52 1.38 18.45
C THR L 64 25.89 2.50 19.43
N ALA L 65 26.37 2.07 20.62
CA ALA L 65 26.86 2.95 21.65
C ALA L 65 28.37 2.78 21.84
N VAL L 66 29.16 3.63 21.21
CA VAL L 66 30.62 3.50 21.18
C VAL L 66 31.23 3.42 22.59
N GLY L 67 30.81 4.29 23.51
CA GLY L 67 31.51 4.39 24.80
C GLY L 67 31.43 3.19 25.70
N LYS L 68 32.44 2.98 26.52
CA LYS L 68 32.48 1.85 27.46
C LYS L 68 33.22 2.32 28.69
N GLU L 69 32.80 1.89 29.87
CA GLU L 69 33.46 2.30 31.09
C GLU L 69 34.25 1.17 31.76
N PHE L 70 35.50 1.49 32.15
CA PHE L 70 36.34 0.51 32.78
C PHE L 70 36.92 0.91 34.11
N ASN L 71 37.10 -0.10 34.92
CA ASN L 71 37.49 0.10 36.27
C ASN L 71 39.06 0.20 36.33
N HIS L 72 39.62 0.62 37.48
CA HIS L 72 41.07 0.84 37.57
C HIS L 72 41.94 -0.43 37.44
N LEU L 73 41.32 -1.62 37.55
CA LEU L 73 42.03 -2.87 37.34
C LEU L 73 41.65 -3.48 36.01
N GLU L 74 41.29 -2.63 35.05
CA GLU L 74 40.83 -3.08 33.77
C GLU L 74 41.44 -2.27 32.67
N LYS L 75 42.69 -1.83 32.89
CA LYS L 75 43.37 -1.00 31.94
C LYS L 75 43.53 -1.72 30.61
N ARG L 76 43.92 -2.99 30.67
CA ARG L 76 44.12 -3.80 29.49
C ARG L 76 42.92 -3.77 28.56
N ILE L 77 41.72 -4.11 29.04
CA ILE L 77 40.59 -4.11 28.10
C ILE L 77 40.19 -2.70 27.73
N GLU L 78 40.28 -1.76 28.66
CA GLU L 78 40.13 -0.33 28.29
C GLU L 78 41.05 0.05 27.12
N ASN L 79 42.30 -0.43 27.14
CA ASN L 79 43.21 -0.23 26.02
C ASN L 79 42.79 -0.96 24.76
N LEU L 80 42.27 -2.16 24.92
CA LEU L 80 41.82 -2.99 23.81
C LEU L 80 40.72 -2.23 23.13
N ASN L 81 39.82 -1.70 23.97
CA ASN L 81 38.74 -0.92 23.44
C ASN L 81 39.22 0.33 22.69
N LYS L 82 40.16 1.09 23.24
CA LYS L 82 40.75 2.24 22.57
C LYS L 82 41.38 1.84 21.24
N LYS L 83 41.98 0.65 21.17
CA LYS L 83 42.56 0.14 19.92
C LYS L 83 41.53 -0.04 18.82
N ILE L 84 40.39 -0.59 19.16
CA ILE L 84 39.46 -0.78 18.12
C ILE L 84 38.91 0.58 17.65
N ASP L 85 38.59 1.50 18.60
CA ASP L 85 38.13 2.84 18.19
C ASP L 85 39.12 3.56 17.28
N ASP L 86 40.41 3.58 17.67
CA ASP L 86 41.47 4.16 16.82
C ASP L 86 41.64 3.47 15.45
N GLY L 87 41.49 2.14 15.45
CA GLY L 87 41.59 1.36 14.25
C GLY L 87 40.57 1.88 13.29
N PHE L 88 39.32 1.89 13.71
CA PHE L 88 38.25 2.38 12.84
C PHE L 88 38.49 3.82 12.36
N LEU L 89 38.97 4.65 13.27
CA LEU L 89 39.25 6.02 12.95
C LEU L 89 40.25 6.01 11.81
N ASP L 90 41.24 5.13 11.88
CA ASP L 90 42.26 5.22 10.86
C ASP L 90 41.78 4.71 9.51
N ILE L 91 40.92 3.70 9.49
CA ILE L 91 40.46 3.31 8.17
C ILE L 91 39.40 4.20 7.63
N TRP L 92 38.41 4.60 8.42
CA TRP L 92 37.46 5.55 7.88
C TRP L 92 38.12 6.87 7.45
N THR L 93 39.10 7.39 8.19
CA THR L 93 39.75 8.64 7.75
C THR L 93 40.44 8.50 6.40
N TYR L 94 41.22 7.43 6.24
CA TYR L 94 41.95 7.20 5.00
C TYR L 94 41.09 6.92 3.78
N ASN L 95 40.07 6.09 3.94
CA ASN L 95 39.11 5.84 2.88
C ASN L 95 38.32 7.06 2.47
N ALA L 96 37.80 7.85 3.43
CA ALA L 96 37.04 9.04 3.08
C ALA L 96 37.89 10.03 2.28
N GLU L 97 39.12 10.27 2.75
CA GLU L 97 39.99 11.22 2.08
C GLU L 97 40.27 10.78 0.67
N LEU L 98 40.65 9.52 0.49
CA LEU L 98 40.92 9.05 -0.85
C LEU L 98 39.69 9.00 -1.74
N LEU L 99 38.56 8.61 -1.19
CA LEU L 99 37.36 8.50 -1.98
C LEU L 99 37.10 9.88 -2.57
N VAL L 100 37.14 10.92 -1.74
CA VAL L 100 36.94 12.26 -2.23
C VAL L 100 37.97 12.65 -3.34
N LEU L 101 39.26 12.37 -3.10
CA LEU L 101 40.26 12.68 -4.12
C LEU L 101 40.01 11.97 -5.44
N LEU L 102 39.72 10.66 -5.38
CA LEU L 102 39.49 9.88 -6.62
C LEU L 102 38.26 10.32 -7.37
N GLU L 103 37.14 10.46 -6.66
CA GLU L 103 35.93 10.89 -7.31
C GLU L 103 35.96 12.29 -7.91
N ASN L 104 36.73 13.19 -7.30
CA ASN L 104 36.80 14.55 -7.80
C ASN L 104 37.52 14.60 -9.13
N GLU L 105 38.66 13.95 -9.15
CA GLU L 105 39.41 13.72 -10.34
C GLU L 105 38.55 13.18 -11.48
N ARG L 106 37.68 12.24 -11.17
CA ARG L 106 36.86 11.65 -12.20
C ARG L 106 35.67 12.50 -12.61
N THR L 107 35.10 13.26 -11.68
CA THR L 107 34.00 14.18 -11.97
C THR L 107 34.47 15.28 -12.91
N LEU L 108 35.64 15.86 -12.63
CA LEU L 108 36.21 16.85 -13.52
C LEU L 108 36.47 16.29 -14.95
N ASP L 109 36.94 15.06 -15.03
CA ASP L 109 37.20 14.43 -16.31
C ASP L 109 35.91 14.06 -17.00
N TYR L 110 34.87 13.75 -16.21
CA TYR L 110 33.56 13.48 -16.76
C TYR L 110 33.08 14.68 -17.55
N HIS L 111 33.20 15.86 -16.94
CA HIS L 111 32.76 17.10 -17.54
C HIS L 111 33.54 17.42 -18.80
N ASP L 112 34.85 17.26 -18.73
CA ASP L 112 35.74 17.44 -19.87
C ASP L 112 35.24 16.59 -21.05
N SER L 113 34.93 15.33 -20.75
CA SER L 113 34.44 14.37 -21.72
C SER L 113 33.12 14.81 -22.37
N ASN L 114 32.19 15.32 -21.55
CA ASN L 114 30.92 15.83 -22.08
C ASN L 114 31.12 16.96 -23.06
N VAL L 115 31.99 17.90 -22.71
CA VAL L 115 32.27 19.06 -23.54
C VAL L 115 32.90 18.63 -24.87
N LYS L 116 33.91 17.78 -24.80
CA LYS L 116 34.57 17.22 -25.98
C LYS L 116 33.57 16.51 -26.90
N ASN L 117 32.66 15.74 -26.32
CA ASN L 117 31.65 15.03 -27.10
C ASN L 117 30.60 15.95 -27.74
N LEU L 118 30.36 17.09 -27.12
CA LEU L 118 29.44 18.05 -27.66
C LEU L 118 30.08 18.74 -28.85
N TYR L 119 31.35 19.08 -28.71
CA TYR L 119 32.13 19.61 -29.81
C TYR L 119 32.18 18.64 -30.99
N GLU L 120 32.46 17.38 -30.73
CA GLU L 120 32.58 16.40 -31.81
C GLU L 120 31.25 16.09 -32.49
N LYS L 121 30.17 16.21 -31.72
CA LYS L 121 28.82 16.01 -32.24
C LYS L 121 28.53 17.05 -33.34
N VAL L 122 29.10 18.24 -33.15
CA VAL L 122 28.93 19.34 -34.09
C VAL L 122 29.88 19.26 -35.29
N ARG L 123 31.18 19.07 -35.05
CA ARG L 123 32.14 18.88 -36.16
C ARG L 123 31.66 17.77 -37.09
N SER L 124 31.10 16.72 -36.49
CA SER L 124 30.62 15.56 -37.22
C SER L 124 29.55 15.91 -38.26
N GLN L 125 28.75 16.92 -37.93
CA GLN L 125 27.57 17.31 -38.71
C GLN L 125 27.90 18.26 -39.85
N LEU L 126 28.69 19.28 -39.55
CA LEU L 126 29.02 20.35 -40.49
C LEU L 126 30.07 19.96 -41.51
N LYS L 127 31.05 19.17 -41.07
CA LYS L 127 32.16 18.74 -41.92
C LYS L 127 32.84 19.95 -42.56
N ASN L 128 33.00 19.94 -43.87
CA ASN L 128 33.65 21.07 -44.55
C ASN L 128 32.70 22.19 -45.05
N ASN L 129 31.50 22.25 -44.45
CA ASN L 129 30.63 23.42 -44.58
C ASN L 129 31.00 24.52 -43.57
N ALA L 130 31.89 24.20 -42.63
CA ALA L 130 32.41 25.16 -41.68
C ALA L 130 33.92 25.03 -41.49
N LYS L 131 34.55 26.14 -41.08
CA LYS L 131 35.98 26.18 -40.76
C LYS L 131 36.19 26.00 -39.24
N GLU L 132 36.98 25.00 -38.86
CA GLU L 132 37.37 24.89 -37.47
C GLU L 132 38.37 25.99 -37.16
N ILE L 133 37.91 27.00 -36.43
CA ILE L 133 38.79 28.08 -35.96
C ILE L 133 39.70 27.67 -34.79
N GLY L 134 39.28 26.66 -34.02
CA GLY L 134 39.93 26.34 -32.76
C GLY L 134 39.25 27.17 -31.67
N ASN L 135 39.49 26.83 -30.42
CA ASN L 135 38.77 27.46 -29.31
C ASN L 135 37.29 27.04 -29.31
N GLY L 136 37.02 25.91 -29.92
CA GLY L 136 35.69 25.34 -29.90
C GLY L 136 34.75 26.08 -30.81
N CYS L 137 35.28 26.90 -31.72
CA CYS L 137 34.43 27.68 -32.64
C CYS L 137 34.44 27.16 -34.06
N PHE L 138 33.30 27.27 -34.74
CA PHE L 138 33.18 26.92 -36.15
C PHE L 138 32.74 28.16 -36.91
N GLU L 139 33.39 28.46 -38.03
CA GLU L 139 32.94 29.56 -38.89
C GLU L 139 32.25 28.95 -40.08
N PHE L 140 30.99 29.32 -40.28
CA PHE L 140 30.24 28.80 -41.41
C PHE L 140 30.68 29.40 -42.73
N TYR L 141 30.79 28.55 -43.75
CA TYR L 141 31.11 29.00 -45.11
C TYR L 141 29.84 29.46 -45.83
N HIS L 142 28.75 29.57 -45.08
CA HIS L 142 27.46 29.97 -45.65
C HIS L 142 26.65 30.72 -44.59
N LYS L 143 25.54 31.31 -45.04
CA LYS L 143 24.53 31.93 -44.17
C LYS L 143 23.88 30.90 -43.25
N CYS L 144 23.91 31.14 -41.95
CA CYS L 144 23.24 30.25 -41.02
C CYS L 144 22.39 31.05 -40.06
N ASP L 145 21.10 31.10 -40.36
CA ASP L 145 20.10 31.82 -39.59
C ASP L 145 19.68 31.03 -38.35
N ASN L 146 18.76 31.61 -37.57
CA ASN L 146 18.29 30.99 -36.34
C ASN L 146 17.70 29.58 -36.48
N THR L 147 17.00 29.32 -37.57
CA THR L 147 16.47 27.97 -37.82
C THR L 147 17.59 27.00 -38.21
N CYS L 148 18.55 27.49 -39.00
CA CYS L 148 19.75 26.73 -39.34
C CYS L 148 20.54 26.39 -38.08
N MET L 149 20.77 27.39 -37.23
CA MET L 149 21.48 27.23 -35.93
C MET L 149 20.89 26.13 -35.08
N GLU L 150 19.57 26.07 -35.01
CA GLU L 150 18.89 25.09 -34.18
C GLU L 150 18.85 23.68 -34.79
N SER L 151 18.87 23.59 -36.12
CA SER L 151 19.05 22.29 -36.77
C SER L 151 20.39 21.67 -36.33
N VAL L 152 21.40 22.51 -36.06
CA VAL L 152 22.70 22.04 -35.62
C VAL L 152 22.59 21.61 -34.18
N LYS L 153 21.92 22.43 -33.37
CA LYS L 153 21.81 22.19 -31.92
C LYS L 153 21.10 20.89 -31.54
N ASN L 154 20.17 20.43 -32.35
CA ASN L 154 19.56 19.12 -32.09
C ASN L 154 19.85 18.02 -33.13
N GLY L 155 20.99 18.14 -33.81
CA GLY L 155 21.52 17.05 -34.62
C GLY L 155 20.87 16.84 -35.97
N THR L 156 20.06 17.79 -36.41
CA THR L 156 19.35 17.65 -37.70
C THR L 156 19.84 18.62 -38.79
N TYR L 157 21.14 18.89 -38.80
CA TYR L 157 21.74 19.77 -39.81
C TYR L 157 21.70 19.07 -41.16
N ASP L 158 21.33 19.82 -42.18
CA ASP L 158 21.26 19.31 -43.54
C ASP L 158 22.55 19.68 -44.27
N TYR L 159 23.49 18.75 -44.33
CA TYR L 159 24.75 19.00 -45.00
C TYR L 159 24.64 19.31 -46.52
N PRO L 160 23.92 18.46 -47.31
CA PRO L 160 23.85 18.70 -48.77
C PRO L 160 23.20 20.04 -49.15
N LYS L 161 22.17 20.42 -48.40
CA LYS L 161 21.44 21.68 -48.57
C LYS L 161 22.34 22.89 -48.81
N TYR L 162 23.49 22.93 -48.13
CA TYR L 162 24.35 24.10 -48.16
C TYR L 162 25.70 23.91 -48.87
N SER L 163 25.97 22.69 -49.34
CA SER L 163 27.31 22.31 -49.81
C SER L 163 27.86 23.19 -50.95
N GLU L 164 26.99 23.55 -51.89
CA GLU L 164 27.40 24.39 -53.01
C GLU L 164 27.81 25.79 -52.58
N GLU L 165 26.95 26.40 -51.76
CA GLU L 165 27.18 27.74 -51.26
C GLU L 165 28.49 27.78 -50.49
N ALA L 166 28.68 26.77 -49.66
CA ALA L 166 29.87 26.64 -48.82
C ALA L 166 31.12 26.50 -49.67
N LYS L 167 31.08 25.60 -50.65
CA LYS L 167 32.28 25.27 -51.42
C LYS L 167 32.74 26.42 -52.32
N LEU L 168 31.78 27.24 -52.76
CA LEU L 168 32.07 28.48 -53.48
C LEU L 168 32.90 29.44 -52.63
N ASN L 169 32.46 29.67 -51.40
CA ASN L 169 33.15 30.56 -50.47
C ASN L 169 34.49 30.02 -50.00
N ARG L 170 34.73 28.74 -50.25
CA ARG L 170 35.87 28.04 -49.67
C ARG L 170 37.23 28.27 -50.37
N GLU L 171 37.32 28.92 -51.52
CA GLU L 171 38.68 29.26 -52.01
C GLU L 171 38.85 30.42 -53.02
N GLU L 172 38.39 30.23 -54.27
CA GLU L 172 38.59 31.17 -55.38
C GLU L 172 39.87 32.01 -55.29
#